data_7WLS
#
_entry.id   7WLS
#
_cell.length_a   207.883
_cell.length_b   135.977
_cell.length_c   157.819
_cell.angle_alpha   90.000
_cell.angle_beta   98.210
_cell.angle_gamma   90.000
#
_symmetry.space_group_name_H-M   'C 1 2 1'
#
loop_
_entity.id
_entity.type
_entity.pdbx_description
1 polymer 'Efflux pump membrane transporter'
2 non-polymer UNDECYL-MALTOSIDE
3 non-polymer 'TETRAETHYLENE GLYCOL'
#
_entity_poly.entity_id   1
_entity_poly.type   'polypeptide(L)'
_entity_poly.pdbx_seq_one_letter_code
;MAKFFIDRPIFAWVIAIILMLAGVAAIFTLPIAQYPTIAPPSIQITANYPGASAKTVEDTVTQVIEQQMSGLDNFLYMSS
TSDDSGNATITITFAPGTNPDIAQVQVQNKLSLATPILPQVVQQLGLSVTKSSSSFLLVLAFNSEDGSMNKYDLANYVAS
HVKDPISRINGVGTVTLFGSQYAMRIWLDPTKLTNYGLTPVDVTSAISAQNVQIAGGQLGGTPAVPGTVLQATITEATLL
QTPEQFGNILLKVNQDGSQVRLKDVAQIGLGGETYNFDTKYNGQPTAALGIQLATNANALATAKAVRAKIDEMSAYFPHG
LVVKYPYDTTPFVRLSIEEVVKTLLEGIVLVFLVMYLFLQNLRATIIPTIAVPVVLLGTFAIMSMVGFSINVLSMFGLVL
AIGLLVDDAIVVVENVERVMAEEGLPPKEATRKAMGQITGALVGVALVLSAVFVPVAFSGGSVGAIYRQFSLTIVSAMVL
SVLVALILTPALCATILKPIPQGHHEEKKGFFGWFNRTFNSSRDKYHVGVHHVIKRSGRWLIIYLAVIVAVGLLFVRLPK
SFLPDEDQGLMFVIVQTPSGSTQETTARTLANISDYLLTQEKDIVESAFTVNGFSFAGRGQNSGLVFVKLKDYSQRQSSD
QKVQALIGRMFGRYAGYKDALVIPFNPPSIPELGTAAGFDFELTDNAGLGHDALMAARNQLLGMAAKDPTLRGVRPNGLN
DTPQYKVDIDREKANALGVTADAIDQTFSIAWASKYVNNFLDTDGRIKKVYVQSDAPFRMTPEDMNIWYVRNGSGGMVPF
SAFATGHWTYGSPKLERYNGISAMEIQGQAAPGKSTGQAMTAMETLAKKLPTGIGYSWTGLSFQEIQSGSQAPILYAISI
LVVFLCLAALYESWSIPFSVIMVVPLGVIGALLAATLRGLENDVFFQVGLLTTVGLSAKNAILIVEFARELQQTENMGPI
EAALEAARLRLRPILMTSLAFILGVMPLAISNGAGSASQHAIGTGVIGGMITATFLAIFMIPMFFVKVRAVFSGEKEDAD
EALRLHHHHHH
;
_entity_poly.pdbx_strand_id   A,B,C
#
# COMPACT_ATOMS: atom_id res chain seq x y z
N MET A 1 -8.03 -42.48 -11.49
CA MET A 1 -7.12 -42.74 -10.39
C MET A 1 -7.30 -44.15 -9.89
N ALA A 2 -6.54 -44.50 -8.83
CA ALA A 2 -6.58 -45.84 -8.28
C ALA A 2 -6.23 -46.83 -9.40
N LYS A 3 -7.24 -47.40 -10.07
CA LYS A 3 -6.97 -48.36 -11.12
C LYS A 3 -6.07 -47.75 -12.18
N PHE A 4 -6.31 -46.47 -12.50
CA PHE A 4 -5.56 -45.77 -13.54
C PHE A 4 -4.09 -45.65 -13.17
N PHE A 5 -3.80 -45.19 -11.97
CA PHE A 5 -2.41 -45.09 -11.54
C PHE A 5 -1.82 -46.46 -11.18
N ILE A 6 -2.65 -47.47 -10.90
CA ILE A 6 -2.13 -48.85 -10.78
C ILE A 6 -1.51 -49.30 -12.10
N ASP A 7 -2.18 -49.04 -13.22
CA ASP A 7 -1.60 -49.39 -14.51
C ASP A 7 -0.52 -48.41 -14.98
N ARG A 8 -0.33 -47.26 -14.33
CA ARG A 8 0.69 -46.28 -14.71
C ARG A 8 1.56 -45.91 -13.50
N PRO A 9 2.49 -46.78 -13.10
CA PRO A 9 3.35 -46.42 -11.97
C PRO A 9 4.18 -45.17 -12.23
N ILE A 10 4.65 -44.96 -13.46
CA ILE A 10 5.56 -43.84 -13.72
C ILE A 10 4.83 -42.49 -13.68
N PHE A 11 3.60 -42.44 -14.21
CA PHE A 11 2.81 -41.21 -14.09
C PHE A 11 2.60 -40.86 -12.62
N ALA A 12 2.30 -41.87 -11.79
CA ALA A 12 2.15 -41.67 -10.36
C ALA A 12 3.46 -41.16 -9.75
N TRP A 13 4.60 -41.74 -10.14
CA TRP A 13 5.87 -41.24 -9.64
C TRP A 13 6.11 -39.78 -10.06
N VAL A 14 5.76 -39.44 -11.29
CA VAL A 14 5.97 -38.09 -11.79
C VAL A 14 5.11 -37.09 -11.02
N ILE A 15 3.85 -37.45 -10.73
CA ILE A 15 3.04 -36.54 -9.93
C ILE A 15 3.64 -36.39 -8.55
N ALA A 16 4.05 -37.51 -7.93
CA ALA A 16 4.68 -37.40 -6.61
C ALA A 16 5.89 -36.49 -6.64
N ILE A 17 6.74 -36.61 -7.67
CA ILE A 17 7.98 -35.84 -7.75
C ILE A 17 7.68 -34.37 -8.04
N ILE A 18 6.71 -34.06 -8.90
CA ILE A 18 6.37 -32.66 -9.11
C ILE A 18 5.84 -32.03 -7.82
N LEU A 19 4.95 -32.74 -7.11
CA LEU A 19 4.47 -32.21 -5.83
C LEU A 19 5.64 -32.02 -4.88
N MET A 20 6.51 -33.03 -4.76
CA MET A 20 7.69 -32.89 -3.91
C MET A 20 8.60 -31.74 -4.33
N LEU A 21 8.79 -31.58 -5.62
CA LEU A 21 9.76 -30.63 -6.14
C LEU A 21 9.28 -29.22 -5.86
N ALA A 22 7.98 -28.97 -6.06
CA ALA A 22 7.40 -27.71 -5.62
C ALA A 22 7.59 -27.54 -4.12
N GLY A 23 7.48 -28.64 -3.37
CA GLY A 23 7.72 -28.55 -1.94
C GLY A 23 9.14 -28.09 -1.59
N VAL A 24 10.14 -28.66 -2.27
CA VAL A 24 11.53 -28.29 -2.00
C VAL A 24 11.76 -26.83 -2.36
N ALA A 25 11.22 -26.38 -3.50
CA ALA A 25 11.29 -24.96 -3.84
C ALA A 25 10.71 -24.09 -2.72
N ALA A 26 9.53 -24.48 -2.20
CA ALA A 26 8.91 -23.72 -1.12
C ALA A 26 9.81 -23.66 0.11
N ILE A 27 10.42 -24.79 0.48
CA ILE A 27 11.30 -24.79 1.64
C ILE A 27 12.45 -23.84 1.43
N PHE A 28 13.04 -23.87 0.24
CA PHE A 28 14.17 -22.98 -0.01
C PHE A 28 13.75 -21.51 -0.04
N THR A 29 12.48 -21.22 -0.27
CA THR A 29 12.06 -19.82 -0.33
C THR A 29 11.19 -19.37 0.84
N LEU A 30 10.68 -20.28 1.66
CA LEU A 30 9.73 -19.84 2.68
C LEU A 30 10.43 -19.05 3.77
N PRO A 31 9.77 -18.03 4.32
CA PRO A 31 10.31 -17.36 5.50
C PRO A 31 10.30 -18.28 6.69
N ILE A 32 11.21 -18.03 7.62
CA ILE A 32 11.29 -18.80 8.85
C ILE A 32 11.08 -17.83 10.00
N ALA A 33 10.18 -18.17 10.91
CA ALA A 33 9.88 -17.34 12.05
C ALA A 33 9.55 -18.27 13.19
N GLN A 34 9.64 -17.76 14.43
CA GLN A 34 9.18 -18.63 15.50
C GLN A 34 7.66 -18.71 15.56
N TYR A 35 6.96 -17.60 15.35
CA TYR A 35 5.52 -17.59 15.39
C TYR A 35 4.98 -16.86 14.17
N PRO A 36 3.75 -17.15 13.77
CA PRO A 36 3.15 -16.33 12.73
C PRO A 36 2.98 -14.91 13.22
N THR A 37 2.74 -14.02 12.27
CA THR A 37 2.53 -12.61 12.60
C THR A 37 1.29 -12.44 13.44
N ILE A 38 1.48 -12.06 14.70
CA ILE A 38 0.39 -11.87 15.64
C ILE A 38 0.39 -10.48 16.25
N ALA A 39 1.55 -9.94 16.61
CA ALA A 39 1.58 -8.68 17.36
C ALA A 39 1.07 -7.52 16.49
N PRO A 40 0.40 -6.53 17.11
CA PRO A 40 -0.06 -5.39 16.34
C PRO A 40 1.11 -4.54 15.87
N PRO A 41 1.00 -3.93 14.69
CA PRO A 41 2.08 -3.05 14.23
C PRO A 41 2.13 -1.75 15.02
N SER A 42 3.34 -1.21 15.16
CA SER A 42 3.49 0.04 15.90
C SER A 42 4.43 0.96 15.13
N ILE A 43 4.27 2.25 15.40
CA ILE A 43 5.04 3.31 14.78
C ILE A 43 5.53 4.24 15.89
N GLN A 44 6.82 4.51 15.93
CA GLN A 44 7.43 5.32 16.97
C GLN A 44 7.86 6.66 16.38
N ILE A 45 7.49 7.76 17.06
CA ILE A 45 8.04 9.10 16.81
C ILE A 45 9.04 9.35 17.93
N THR A 46 10.26 9.71 17.57
CA THR A 46 11.24 10.09 18.59
C THR A 46 11.75 11.49 18.26
N ALA A 47 11.88 12.31 19.30
CA ALA A 47 12.40 13.66 19.18
C ALA A 47 13.35 13.86 20.35
N ASN A 48 14.31 14.80 20.20
CA ASN A 48 15.28 15.03 21.26
C ASN A 48 15.50 16.51 21.55
N TYR A 49 15.51 16.84 22.84
CA TYR A 49 15.67 18.20 23.35
C TYR A 49 16.78 18.16 24.39
N PRO A 50 18.03 18.10 23.97
CA PRO A 50 19.12 17.84 24.93
C PRO A 50 19.22 18.93 25.99
N GLY A 51 19.54 18.51 27.21
CA GLY A 51 19.60 19.41 28.33
C GLY A 51 18.26 19.83 28.88
N ALA A 52 17.16 19.39 28.27
CA ALA A 52 15.84 19.74 28.74
C ALA A 52 15.37 18.69 29.71
N SER A 53 14.46 19.10 30.60
CA SER A 53 13.85 18.23 31.59
C SER A 53 12.63 17.50 31.02
N ALA A 54 12.26 16.40 31.67
CA ALA A 54 11.10 15.64 31.24
C ALA A 54 9.89 16.55 31.12
N LYS A 55 9.74 17.50 32.05
CA LYS A 55 8.56 18.35 31.96
C LYS A 55 8.66 19.32 30.78
N THR A 56 9.82 19.91 30.56
CA THR A 56 9.95 20.75 29.37
C THR A 56 9.65 19.92 28.12
N VAL A 57 10.18 18.70 28.07
CA VAL A 57 9.97 17.85 26.90
C VAL A 57 8.48 17.63 26.69
N GLU A 58 7.75 17.32 27.77
CA GLU A 58 6.32 17.08 27.65
C GLU A 58 5.56 18.32 27.19
N ASP A 59 5.90 19.49 27.73
CA ASP A 59 5.14 20.71 27.44
C ASP A 59 5.43 21.28 26.06
N THR A 60 6.66 21.13 25.57
CA THR A 60 7.05 21.79 24.33
C THR A 60 7.14 20.85 23.13
N VAL A 61 7.16 19.52 23.36
CA VAL A 61 7.26 18.54 22.28
C VAL A 61 6.12 17.51 22.37
N THR A 62 6.09 16.76 23.47
CA THR A 62 5.21 15.61 23.51
C THR A 62 3.74 16.02 23.42
N GLN A 63 3.31 17.01 24.18
CA GLN A 63 1.92 17.43 24.05
C GLN A 63 1.65 18.05 22.68
N VAL A 64 2.65 18.67 22.07
CA VAL A 64 2.46 19.31 20.79
C VAL A 64 2.25 18.27 19.69
N ILE A 65 3.03 17.20 19.73
CA ILE A 65 2.89 16.13 18.76
C ILE A 65 1.60 15.35 18.98
N GLU A 66 1.30 15.02 20.24
CA GLU A 66 0.11 14.25 20.57
C GLU A 66 -1.15 14.98 20.14
N GLN A 67 -1.19 16.29 20.28
CA GLN A 67 -2.43 16.96 19.91
C GLN A 67 -2.73 16.85 18.42
N GLN A 68 -1.77 16.40 17.60
CA GLN A 68 -2.01 16.20 16.18
C GLN A 68 -2.20 14.77 15.76
N MET A 69 -2.00 13.80 16.66
CA MET A 69 -2.14 12.37 16.33
C MET A 69 -3.62 11.99 16.31
N SER A 70 -4.37 12.59 15.38
CA SER A 70 -5.77 12.26 15.17
C SER A 70 -5.97 11.97 13.69
N GLY A 71 -7.07 11.30 13.37
CA GLY A 71 -7.33 10.94 11.99
C GLY A 71 -6.51 9.78 11.45
N LEU A 72 -6.02 8.91 12.32
CA LEU A 72 -5.25 7.72 11.95
C LEU A 72 -6.16 6.50 11.81
N ASP A 73 -6.12 5.84 10.65
CA ASP A 73 -6.87 4.62 10.45
C ASP A 73 -6.30 3.53 11.34
N ASN A 74 -7.19 2.68 11.87
CA ASN A 74 -6.80 1.51 12.67
C ASN A 74 -6.01 1.88 13.93
N PHE A 75 -6.23 3.07 14.50
CA PHE A 75 -5.62 3.38 15.78
C PHE A 75 -6.05 2.35 16.81
N LEU A 76 -5.08 1.77 17.51
CA LEU A 76 -5.36 0.84 18.60
C LEU A 76 -5.12 1.51 19.95
N TYR A 77 -3.92 2.00 20.18
CA TYR A 77 -3.66 2.79 21.38
C TYR A 77 -2.37 3.56 21.14
N MET A 78 -2.03 4.42 22.12
CA MET A 78 -0.87 5.31 22.09
C MET A 78 -0.21 5.37 23.46
N SER A 79 1.11 5.38 23.47
CA SER A 79 1.87 5.41 24.71
C SER A 79 3.09 6.31 24.50
N SER A 80 3.21 7.37 25.32
CA SER A 80 4.25 8.40 25.19
C SER A 80 5.07 8.50 26.45
N THR A 81 6.34 8.81 26.29
CA THR A 81 7.19 9.03 27.45
C THR A 81 8.13 10.20 27.18
N SER A 82 8.32 11.04 28.21
CA SER A 82 9.17 12.23 28.16
C SER A 82 10.18 12.14 29.30
N ASP A 83 11.48 12.24 29.00
CA ASP A 83 12.46 12.04 30.07
C ASP A 83 13.54 13.12 30.10
N ASP A 84 14.28 13.13 31.21
CA ASP A 84 15.29 14.15 31.43
C ASP A 84 16.48 13.98 30.50
N SER A 85 16.60 12.86 29.80
CA SER A 85 17.62 12.78 28.77
C SER A 85 17.20 13.58 27.58
N GLY A 86 16.10 14.32 27.67
CA GLY A 86 15.68 15.14 26.55
C GLY A 86 14.93 14.41 25.47
N ASN A 87 14.42 13.22 25.76
CA ASN A 87 13.84 12.35 24.76
C ASN A 87 12.33 12.35 24.89
N ALA A 88 11.67 12.54 23.75
CA ALA A 88 10.24 12.30 23.64
C ALA A 88 10.08 11.11 22.73
N THR A 89 9.35 10.07 23.20
CA THR A 89 9.06 8.89 22.39
C THR A 89 7.56 8.65 22.42
N ILE A 90 6.93 8.71 21.26
CA ILE A 90 5.50 8.53 21.14
C ILE A 90 5.26 7.31 20.26
N THR A 91 4.83 6.19 20.85
CA THR A 91 4.56 4.99 20.09
C THR A 91 3.06 4.88 19.91
N ILE A 92 2.64 4.67 18.66
CA ILE A 92 1.24 4.52 18.27
C ILE A 92 1.08 3.10 17.71
N THR A 93 0.23 2.31 18.33
CA THR A 93 -0.04 0.95 17.92
C THR A 93 -1.38 0.86 17.19
N PHE A 94 -1.41 0.14 16.08
CA PHE A 94 -2.57 -0.05 15.23
C PHE A 94 -3.06 -1.49 15.32
N ALA A 95 -4.23 -1.74 14.73
CA ALA A 95 -4.83 -3.07 14.72
C ALA A 95 -3.96 -4.04 13.90
N PRO A 96 -3.94 -5.33 14.25
CA PRO A 96 -3.19 -6.30 13.43
C PRO A 96 -3.68 -6.28 11.98
N GLY A 97 -2.72 -6.43 11.07
CA GLY A 97 -3.10 -6.35 9.69
C GLY A 97 -3.16 -4.96 9.12
N THR A 98 -2.91 -3.95 9.94
CA THR A 98 -2.80 -2.60 9.41
C THR A 98 -1.53 -2.50 8.59
N ASN A 99 -1.63 -1.87 7.43
CA ASN A 99 -0.45 -1.76 6.63
C ASN A 99 0.56 -0.81 7.25
N PRO A 100 1.73 -1.29 7.69
CA PRO A 100 2.70 -0.39 8.33
C PRO A 100 3.10 0.77 7.43
N ASP A 101 3.12 0.57 6.11
CA ASP A 101 3.45 1.67 5.22
C ASP A 101 2.41 2.77 5.33
N ILE A 102 1.12 2.43 5.29
CA ILE A 102 0.08 3.45 5.38
C ILE A 102 0.01 4.07 6.78
N ALA A 103 0.23 3.27 7.84
CA ALA A 103 0.29 3.84 9.19
C ALA A 103 1.41 4.87 9.31
N GLN A 104 2.62 4.54 8.76
CA GLN A 104 3.73 5.50 8.81
C GLN A 104 3.44 6.73 7.97
N VAL A 105 2.87 6.57 6.77
CA VAL A 105 2.49 7.72 5.96
C VAL A 105 1.50 8.59 6.74
N GLN A 106 0.50 8.00 7.41
CA GLN A 106 -0.48 8.81 8.17
C GLN A 106 0.16 9.54 9.38
N VAL A 107 0.99 8.83 10.15
CA VAL A 107 1.62 9.41 11.34
C VAL A 107 2.56 10.55 10.98
N GLN A 108 3.42 10.34 9.97
CA GLN A 108 4.32 11.38 9.48
C GLN A 108 3.51 12.56 8.98
N ASN A 109 2.39 12.27 8.33
CA ASN A 109 1.55 13.32 7.79
C ASN A 109 1.05 14.26 8.92
N LYS A 110 0.58 13.69 10.03
CA LYS A 110 0.09 14.52 11.13
C LYS A 110 1.22 15.17 11.94
N LEU A 111 2.38 14.48 12.07
CA LEU A 111 3.53 15.06 12.77
C LEU A 111 3.96 16.34 12.10
N SER A 112 3.81 16.41 10.78
CA SER A 112 4.12 17.65 10.07
C SER A 112 3.29 18.82 10.57
N LEU A 113 2.05 18.59 11.04
CA LEU A 113 1.29 19.73 11.58
C LEU A 113 1.93 20.27 12.88
N ALA A 114 2.50 19.38 13.71
CA ALA A 114 3.09 19.81 14.98
C ALA A 114 4.46 20.42 14.80
N THR A 115 5.22 20.00 13.79
CA THR A 115 6.61 20.46 13.71
C THR A 115 6.79 21.98 13.78
N PRO A 116 5.97 22.82 13.12
CA PRO A 116 6.20 24.27 13.20
C PRO A 116 6.18 24.81 14.60
N ILE A 117 5.55 24.09 15.52
CA ILE A 117 5.35 24.52 16.88
C ILE A 117 6.39 23.92 17.84
N LEU A 118 7.25 23.03 17.34
CA LEU A 118 8.32 22.47 18.15
C LEU A 118 9.43 23.48 18.35
N PRO A 119 10.20 23.36 19.44
CA PRO A 119 11.33 24.24 19.63
C PRO A 119 12.34 24.05 18.52
N GLN A 120 12.99 25.16 18.14
CA GLN A 120 13.86 25.13 16.98
C GLN A 120 14.90 24.02 17.12
N VAL A 121 15.39 23.79 18.35
CA VAL A 121 16.43 22.79 18.58
C VAL A 121 15.93 21.41 18.22
N VAL A 122 14.72 21.08 18.70
CA VAL A 122 14.16 19.77 18.40
C VAL A 122 14.08 19.63 16.89
N GLN A 123 13.64 20.69 16.21
CA GLN A 123 13.55 20.61 14.76
C GLN A 123 14.92 20.35 14.15
N GLN A 124 15.93 21.09 14.59
CA GLN A 124 17.26 20.98 14.00
C GLN A 124 17.87 19.60 14.21
N LEU A 125 17.73 19.04 15.39
CA LEU A 125 18.38 17.76 15.61
C LEU A 125 17.67 16.61 14.89
N GLY A 126 16.45 16.81 14.40
CA GLY A 126 15.80 15.82 13.55
C GLY A 126 14.82 14.90 14.27
N LEU A 127 13.58 14.92 13.82
CA LEU A 127 12.63 13.96 14.32
C LEU A 127 12.72 12.67 13.49
N SER A 128 12.35 11.55 14.11
CA SER A 128 12.32 10.31 13.35
C SER A 128 10.98 9.62 13.55
N VAL A 129 10.37 9.20 12.44
CA VAL A 129 9.14 8.44 12.44
C VAL A 129 9.50 7.07 11.91
N THR A 130 9.59 6.08 12.78
CA THR A 130 10.03 4.78 12.36
C THR A 130 8.92 3.81 12.67
N LYS A 131 8.95 2.69 11.98
CA LYS A 131 8.05 1.59 12.19
C LYS A 131 8.90 0.44 12.75
N SER A 132 9.06 0.48 14.06
CA SER A 132 9.96 -0.42 14.75
C SER A 132 9.32 -0.83 16.06
N SER A 133 9.55 -2.08 16.43
CA SER A 133 9.08 -2.63 17.69
C SER A 133 9.81 -1.96 18.84
N SER A 134 9.33 -2.21 20.05
CA SER A 134 9.95 -1.58 21.20
C SER A 134 11.21 -2.30 21.72
N SER A 135 11.54 -3.48 21.20
CA SER A 135 12.66 -4.30 21.65
C SER A 135 13.78 -4.30 20.64
N PHE A 136 14.93 -4.85 21.04
CA PHE A 136 16.09 -4.93 20.15
C PHE A 136 16.12 -6.30 19.51
N LEU A 137 16.14 -6.32 18.16
CA LEU A 137 16.39 -7.55 17.43
C LEU A 137 17.73 -8.14 17.80
N LEU A 138 18.77 -7.30 17.80
CA LEU A 138 20.09 -7.80 18.15
C LEU A 138 20.93 -6.60 18.55
N VAL A 139 22.08 -6.86 19.17
CA VAL A 139 22.96 -5.80 19.65
C VAL A 139 24.42 -6.13 19.26
N LEU A 140 25.06 -5.18 18.59
CA LEU A 140 26.44 -5.30 18.14
C LEU A 140 27.33 -4.53 19.09
N ALA A 141 28.51 -5.11 19.39
CA ALA A 141 29.49 -4.51 20.30
C ALA A 141 30.84 -4.39 19.58
N PHE A 142 31.39 -3.18 19.54
CA PHE A 142 32.67 -2.91 18.89
C PHE A 142 33.71 -2.63 19.95
N ASN A 143 34.83 -3.37 19.89
CA ASN A 143 35.83 -3.42 20.94
C ASN A 143 37.22 -3.17 20.37
N SER A 144 38.09 -2.65 21.25
CA SER A 144 39.50 -2.41 20.95
C SER A 144 40.30 -3.34 21.84
N GLU A 145 40.66 -4.51 21.30
CA GLU A 145 41.29 -5.54 22.10
C GLU A 145 42.74 -5.17 22.44
N ASP A 146 43.38 -4.36 21.59
CA ASP A 146 44.72 -3.83 21.83
C ASP A 146 44.74 -2.52 22.59
N GLY A 147 43.56 -1.96 22.90
CA GLY A 147 43.45 -0.73 23.65
C GLY A 147 43.65 0.55 22.85
N SER A 148 43.76 0.44 21.51
CA SER A 148 44.09 1.59 20.68
C SER A 148 42.95 2.59 20.54
N MET A 149 41.70 2.19 20.80
CA MET A 149 40.56 3.09 20.69
C MET A 149 39.83 3.14 22.01
N ASN A 150 39.45 4.35 22.41
CA ASN A 150 38.74 4.54 23.65
C ASN A 150 37.23 4.52 23.39
N LYS A 151 36.48 4.80 24.46
CA LYS A 151 35.04 5.03 24.46
C LYS A 151 34.60 5.88 23.27
N TYR A 152 35.11 7.11 23.20
CA TYR A 152 34.69 8.05 22.16
C TYR A 152 35.16 7.60 20.80
N ASP A 153 36.37 7.03 20.72
CA ASP A 153 36.91 6.56 19.44
C ASP A 153 36.08 5.42 18.86
N LEU A 154 35.66 4.47 19.70
CA LEU A 154 34.84 3.37 19.21
C LEU A 154 33.47 3.86 18.80
N ALA A 155 32.84 4.69 19.65
CA ALA A 155 31.55 5.23 19.24
C ALA A 155 31.67 5.99 17.93
N ASN A 156 32.74 6.77 17.77
CA ASN A 156 32.95 7.53 16.55
C ASN A 156 33.15 6.64 15.34
N TYR A 157 33.98 5.58 15.47
CA TYR A 157 34.20 4.69 14.32
C TYR A 157 32.90 4.06 13.87
N VAL A 158 32.13 3.55 14.81
CA VAL A 158 30.86 2.93 14.47
C VAL A 158 29.94 3.94 13.80
N ALA A 159 29.85 5.15 14.37
CA ALA A 159 28.96 6.15 13.80
C ALA A 159 29.37 6.54 12.39
N SER A 160 30.68 6.60 12.12
CA SER A 160 31.20 7.11 10.87
C SER A 160 31.33 6.05 9.78
N HIS A 161 31.25 4.76 10.12
CA HIS A 161 31.50 3.68 9.16
C HIS A 161 30.50 2.54 9.14
N VAL A 162 29.75 2.30 10.21
CA VAL A 162 28.88 1.13 10.31
C VAL A 162 27.40 1.55 10.34
N LYS A 163 27.05 2.52 11.18
CA LYS A 163 25.65 2.77 11.52
C LYS A 163 24.81 3.16 10.29
N ASP A 164 25.25 4.12 9.49
CA ASP A 164 24.38 4.57 8.40
C ASP A 164 24.09 3.44 7.41
N PRO A 165 25.08 2.73 6.87
CA PRO A 165 24.75 1.60 6.00
C PRO A 165 23.92 0.52 6.68
N ILE A 166 24.16 0.21 7.95
CA ILE A 166 23.33 -0.79 8.61
C ILE A 166 21.92 -0.27 8.70
N SER A 167 21.77 1.02 8.95
CA SER A 167 20.46 1.60 9.07
C SER A 167 19.73 1.53 7.76
N ARG A 168 20.43 1.31 6.67
CA ARG A 168 19.74 1.23 5.38
C ARG A 168 19.37 -0.19 4.94
N ILE A 169 19.75 -1.24 5.69
CA ILE A 169 19.40 -2.61 5.35
C ILE A 169 17.89 -2.80 5.45
N ASN A 170 17.31 -3.49 4.45
CA ASN A 170 15.88 -3.78 4.52
C ASN A 170 15.55 -4.62 5.74
N GLY A 171 14.47 -4.27 6.44
CA GLY A 171 14.09 -4.98 7.63
C GLY A 171 14.66 -4.40 8.91
N VAL A 172 15.75 -3.65 8.84
CA VAL A 172 16.20 -2.92 10.02
C VAL A 172 15.23 -1.77 10.20
N GLY A 173 14.46 -1.80 11.28
CA GLY A 173 13.50 -0.76 11.57
C GLY A 173 14.15 0.49 12.08
N THR A 174 15.08 0.32 13.00
CA THR A 174 15.79 1.48 13.51
C THR A 174 17.09 1.02 14.18
N VAL A 175 17.99 1.99 14.40
CA VAL A 175 19.35 1.75 14.88
C VAL A 175 19.69 2.72 16.03
N THR A 176 20.20 2.20 17.16
CA THR A 176 20.60 3.06 18.29
C THR A 176 22.08 2.93 18.63
N LEU A 177 22.80 4.04 18.65
CA LEU A 177 24.19 4.03 19.06
C LEU A 177 24.26 4.60 20.46
N PHE A 178 24.73 3.80 21.43
CA PHE A 178 24.90 4.32 22.79
C PHE A 178 26.23 5.06 22.80
N GLY A 179 26.19 6.27 22.24
CA GLY A 179 27.37 7.00 21.85
C GLY A 179 27.01 7.78 20.61
N SER A 180 28.05 8.30 19.94
CA SER A 180 27.83 9.10 18.73
C SER A 180 29.14 9.21 17.97
N GLN A 181 29.03 9.75 16.76
CA GLN A 181 30.20 10.29 16.10
C GLN A 181 30.79 11.38 16.99
N TYR A 182 32.04 11.74 16.69
CA TYR A 182 32.70 12.84 17.38
C TYR A 182 31.85 14.10 17.29
N ALA A 183 31.96 14.93 18.31
CA ALA A 183 31.39 16.26 18.30
C ALA A 183 32.51 17.20 18.67
N MET A 184 32.57 18.35 17.99
CA MET A 184 33.53 19.36 18.41
C MET A 184 33.00 19.99 19.69
N ARG A 185 33.77 19.86 20.77
CA ARG A 185 33.33 20.20 22.11
C ARG A 185 34.06 21.41 22.65
N ILE A 186 33.29 22.39 23.07
CA ILE A 186 33.79 23.67 23.54
C ILE A 186 33.32 23.87 24.95
N TRP A 187 34.24 23.72 25.90
CA TRP A 187 33.94 23.74 27.32
C TRP A 187 34.30 25.12 27.87
N LEU A 188 33.28 25.93 28.14
CA LEU A 188 33.50 27.29 28.55
C LEU A 188 34.01 27.34 29.97
N ASP A 189 34.78 28.39 30.28
CA ASP A 189 35.24 28.75 31.62
C ASP A 189 34.64 30.09 32.01
N PRO A 190 33.78 30.15 33.03
CA PRO A 190 33.09 31.41 33.32
C PRO A 190 34.00 32.49 33.85
N THR A 191 35.01 32.16 34.67
CA THR A 191 35.87 33.21 35.21
C THR A 191 36.63 33.89 34.07
N LYS A 192 37.09 33.09 33.11
CA LYS A 192 37.76 33.64 31.93
C LYS A 192 36.79 34.43 31.08
N LEU A 193 35.54 33.97 30.95
CA LEU A 193 34.56 34.77 30.24
C LEU A 193 34.36 36.12 30.90
N THR A 194 34.33 36.14 32.23
CA THR A 194 34.18 37.40 32.95
C THR A 194 35.36 38.31 32.70
N ASN A 195 36.58 37.76 32.64
CA ASN A 195 37.76 38.60 32.43
C ASN A 195 37.61 39.49 31.19
N TYR A 196 37.14 38.93 30.07
CA TYR A 196 37.05 39.66 28.79
C TYR A 196 35.68 40.27 28.51
N GLY A 197 34.79 40.29 29.49
CA GLY A 197 33.49 40.89 29.27
C GLY A 197 32.66 40.15 28.25
N LEU A 198 32.76 38.82 28.24
CA LEU A 198 32.11 37.97 27.26
C LEU A 198 31.09 37.07 27.95
N THR A 199 30.08 36.67 27.21
CA THR A 199 29.02 35.80 27.68
C THR A 199 29.04 34.53 26.84
N PRO A 200 28.34 33.45 27.21
CA PRO A 200 28.33 32.30 26.30
C PRO A 200 27.75 32.62 24.93
N VAL A 201 26.77 33.55 24.86
CA VAL A 201 26.16 33.89 23.58
C VAL A 201 27.19 34.48 22.64
N ASP A 202 28.09 35.29 23.18
CA ASP A 202 29.20 35.76 22.35
C ASP A 202 29.89 34.57 21.70
N VAL A 203 30.11 33.51 22.49
CA VAL A 203 30.81 32.35 21.96
C VAL A 203 29.99 31.64 20.89
N THR A 204 28.70 31.38 21.16
CA THR A 204 27.83 30.68 20.19
C THR A 204 27.72 31.48 18.89
N SER A 205 27.58 32.81 19.00
CA SER A 205 27.48 33.68 17.83
C SER A 205 28.75 33.65 16.99
N ALA A 206 29.92 33.75 17.65
CA ALA A 206 31.18 33.70 16.91
C ALA A 206 31.38 32.33 16.24
N ILE A 207 30.99 31.25 16.90
CA ILE A 207 31.10 29.97 16.21
C ILE A 207 30.22 29.98 14.98
N SER A 208 29.00 30.47 15.12
CA SER A 208 28.13 30.46 13.95
C SER A 208 28.61 31.43 12.85
N ALA A 209 29.40 32.43 13.16
CA ALA A 209 29.82 33.33 12.08
C ALA A 209 31.15 32.90 11.46
N GLN A 210 32.00 32.25 12.25
CA GLN A 210 33.33 31.88 11.80
C GLN A 210 33.44 30.40 11.47
N ASN A 211 32.45 29.59 11.79
CA ASN A 211 32.41 28.22 11.32
C ASN A 211 31.36 28.09 10.21
N VAL A 212 31.71 28.45 8.97
CA VAL A 212 30.72 28.61 7.89
C VAL A 212 31.26 28.13 6.54
N GLN A 213 30.36 27.64 5.68
CA GLN A 213 30.67 27.36 4.28
C GLN A 213 29.92 28.34 3.39
N ILE A 214 30.65 29.17 2.66
CA ILE A 214 30.07 30.32 1.97
C ILE A 214 30.12 30.11 0.47
N ALA A 215 28.95 30.27 -0.17
CA ALA A 215 28.84 30.20 -1.62
C ALA A 215 29.64 31.28 -2.29
N GLY A 216 30.54 30.89 -3.18
CA GLY A 216 31.39 31.90 -3.74
C GLY A 216 31.03 32.32 -5.14
N GLY A 217 30.08 31.63 -5.77
CA GLY A 217 29.83 32.01 -7.16
C GLY A 217 31.03 31.71 -8.05
N GLN A 218 31.17 32.48 -9.14
CA GLN A 218 32.26 32.16 -10.05
C GLN A 218 32.93 33.37 -10.66
N LEU A 219 34.23 33.20 -10.86
CA LEU A 219 34.94 34.06 -11.78
C LEU A 219 34.30 33.84 -13.14
N GLY A 220 34.05 34.94 -13.85
CA GLY A 220 33.45 34.80 -15.15
C GLY A 220 32.16 34.00 -15.16
N GLY A 221 31.32 34.15 -14.11
CA GLY A 221 30.25 33.20 -13.96
C GLY A 221 29.03 33.71 -14.69
N THR A 222 27.94 32.96 -14.55
CA THR A 222 26.88 33.56 -15.34
C THR A 222 25.88 34.38 -14.56
N PRO A 223 25.38 35.43 -15.24
CA PRO A 223 25.52 35.89 -16.63
C PRO A 223 26.78 36.76 -16.76
N ALA A 224 27.71 36.50 -17.65
CA ALA A 224 28.95 37.26 -17.71
C ALA A 224 28.91 38.33 -18.79
N VAL A 225 29.83 39.30 -18.70
CA VAL A 225 29.94 40.31 -19.76
C VAL A 225 30.43 39.66 -21.04
N PRO A 226 29.93 40.10 -22.20
CA PRO A 226 30.35 39.48 -23.47
C PRO A 226 31.85 39.42 -23.58
N GLY A 227 32.34 38.27 -24.02
CA GLY A 227 33.74 38.07 -24.21
C GLY A 227 34.46 37.35 -23.10
N THR A 228 33.86 37.24 -21.93
CA THR A 228 34.53 36.50 -20.87
C THR A 228 34.79 35.06 -21.32
N VAL A 229 36.05 34.64 -21.21
CA VAL A 229 36.45 33.32 -21.68
C VAL A 229 37.20 32.52 -20.62
N LEU A 230 37.08 32.91 -19.37
CA LEU A 230 37.55 32.07 -18.28
C LEU A 230 36.55 32.13 -17.14
N GLN A 231 36.29 30.97 -16.54
CA GLN A 231 35.46 30.86 -15.35
C GLN A 231 35.97 29.74 -14.44
N ALA A 232 35.83 29.95 -13.14
CA ALA A 232 36.23 28.92 -12.18
C ALA A 232 35.56 29.23 -10.85
N THR A 233 35.27 28.19 -10.10
CA THR A 233 34.54 28.43 -8.86
C THR A 233 35.40 29.14 -7.82
N ILE A 234 34.76 30.01 -7.05
CA ILE A 234 35.43 30.74 -5.96
C ILE A 234 35.07 30.08 -4.63
N THR A 235 36.08 29.89 -3.80
CA THR A 235 35.95 29.30 -2.48
C THR A 235 36.18 30.41 -1.46
N GLU A 236 35.18 30.80 -0.67
CA GLU A 236 35.63 31.78 0.30
C GLU A 236 35.92 31.14 1.64
N ALA A 237 34.88 30.75 2.35
CA ALA A 237 35.02 30.34 3.73
C ALA A 237 34.56 28.90 3.86
N THR A 238 35.23 28.16 4.74
CA THR A 238 34.98 26.72 4.85
C THR A 238 34.69 26.35 6.30
N LEU A 239 34.10 25.16 6.50
CA LEU A 239 33.93 24.71 7.87
C LEU A 239 35.28 24.49 8.52
N LEU A 240 35.36 24.76 9.81
CA LEU A 240 36.56 24.46 10.56
C LEU A 240 36.67 22.96 10.76
N GLN A 241 37.87 22.48 11.01
CA GLN A 241 37.97 21.04 11.04
C GLN A 241 38.53 20.48 12.33
N THR A 242 39.51 21.12 12.94
CA THR A 242 40.16 20.56 14.11
C THR A 242 39.90 21.46 15.31
N PRO A 243 40.02 20.94 16.53
CA PRO A 243 39.81 21.83 17.68
C PRO A 243 40.78 23.01 17.66
N GLU A 244 41.97 22.85 17.06
CA GLU A 244 42.87 24.00 16.99
C GLU A 244 42.23 25.14 16.21
N GLN A 245 41.60 24.84 15.07
CA GLN A 245 40.98 25.92 14.30
C GLN A 245 39.88 26.62 15.09
N PHE A 246 39.03 25.85 15.78
CA PHE A 246 38.00 26.47 16.61
C PHE A 246 38.60 27.33 17.71
N GLY A 247 39.70 26.86 18.33
CA GLY A 247 40.33 27.64 19.36
C GLY A 247 40.80 29.01 18.88
N ASN A 248 41.02 29.16 17.57
CA ASN A 248 41.40 30.46 17.03
C ASN A 248 40.23 31.33 16.56
N ILE A 249 38.99 31.01 16.90
CA ILE A 249 37.87 31.91 16.57
C ILE A 249 38.01 33.21 17.36
N LEU A 250 37.64 34.33 16.74
CA LEU A 250 37.88 35.65 17.34
C LEU A 250 36.66 36.14 18.12
N LEU A 251 36.85 36.49 19.39
CA LEU A 251 35.78 36.92 20.28
C LEU A 251 35.72 38.41 20.57
N LYS A 252 36.84 39.11 20.63
CA LYS A 252 36.85 40.50 21.09
C LYS A 252 38.05 41.24 20.51
N VAL A 253 37.90 42.56 20.32
CA VAL A 253 39.06 43.43 20.21
C VAL A 253 39.05 44.30 21.46
N ASN A 254 40.00 44.04 22.34
CA ASN A 254 40.05 44.73 23.61
C ASN A 254 40.96 45.97 23.52
N GLN A 255 40.96 46.77 24.60
CA GLN A 255 41.43 48.15 24.49
C GLN A 255 42.90 48.24 24.06
N ASP A 256 43.76 47.36 24.59
CA ASP A 256 45.20 47.46 24.31
C ASP A 256 45.59 47.00 22.92
N GLY A 257 44.65 46.57 22.08
CA GLY A 257 44.90 46.10 20.73
C GLY A 257 44.87 44.59 20.55
N SER A 258 45.03 43.82 21.64
CA SER A 258 44.91 42.37 21.59
C SER A 258 43.52 41.95 21.13
N GLN A 259 43.46 40.76 20.57
CA GLN A 259 42.19 40.16 20.19
C GLN A 259 42.03 38.90 21.03
N VAL A 260 40.84 38.73 21.61
CA VAL A 260 40.55 37.55 22.42
C VAL A 260 40.14 36.41 21.53
N ARG A 261 40.56 35.20 21.85
CA ARG A 261 40.18 34.05 21.02
C ARG A 261 39.56 32.96 21.89
N LEU A 262 38.80 32.09 21.24
CA LEU A 262 38.05 31.06 21.97
C LEU A 262 38.95 30.14 22.79
N LYS A 263 40.17 29.86 22.33
CA LYS A 263 41.09 29.06 23.14
C LYS A 263 41.28 29.65 24.52
N ASP A 264 41.14 30.99 24.66
CA ASP A 264 41.37 31.74 25.88
C ASP A 264 40.22 31.62 26.86
N VAL A 265 39.07 31.11 26.43
CA VAL A 265 37.89 31.01 27.27
C VAL A 265 37.33 29.61 27.32
N ALA A 266 37.97 28.62 26.70
CA ALA A 266 37.34 27.32 26.66
C ALA A 266 38.37 26.24 26.39
N GLN A 267 37.98 25.00 26.68
CA GLN A 267 38.74 23.81 26.27
C GLN A 267 38.08 23.22 25.04
N ILE A 268 38.86 22.90 24.02
CA ILE A 268 38.31 22.44 22.75
C ILE A 268 38.79 21.01 22.50
N GLY A 269 37.87 20.12 22.17
CA GLY A 269 38.28 18.76 21.81
C GLY A 269 37.14 17.95 21.24
N LEU A 270 37.49 16.80 20.67
CA LEU A 270 36.44 15.94 20.12
C LEU A 270 35.95 15.01 21.20
N GLY A 271 34.63 14.90 21.34
CA GLY A 271 34.02 14.05 22.35
C GLY A 271 32.71 13.58 21.85
N GLY A 272 31.76 13.36 22.76
CA GLY A 272 30.44 12.92 22.37
C GLY A 272 29.42 14.04 22.17
N GLU A 273 28.52 13.82 21.20
CA GLU A 273 27.33 14.66 21.07
C GLU A 273 26.58 14.68 22.38
N THR A 274 26.66 13.57 23.09
CA THR A 274 25.99 13.34 24.36
C THR A 274 26.94 12.60 25.29
N TYR A 275 26.89 12.90 26.57
CA TYR A 275 27.63 12.14 27.56
C TYR A 275 26.68 11.29 28.41
N ASN A 276 25.58 10.86 27.80
CA ASN A 276 24.54 10.16 28.52
C ASN A 276 24.89 8.71 28.82
N PHE A 277 25.74 8.07 28.03
CA PHE A 277 25.86 6.61 28.12
C PHE A 277 27.24 6.15 28.54
N ASP A 278 27.25 4.92 29.05
CA ASP A 278 28.48 4.18 29.30
C ASP A 278 28.22 2.70 29.06
N THR A 279 28.89 2.09 28.07
CA THR A 279 28.63 0.70 27.74
C THR A 279 29.88 -0.14 28.01
N LYS A 280 29.67 -1.37 28.43
CA LYS A 280 30.76 -2.32 28.64
C LYS A 280 30.41 -3.66 27.99
N TYR A 281 31.39 -4.28 27.32
CA TYR A 281 31.30 -5.66 26.87
C TYR A 281 32.29 -6.44 27.74
N ASN A 282 31.77 -7.36 28.55
CA ASN A 282 32.59 -8.13 29.49
C ASN A 282 33.51 -7.21 30.31
N GLY A 283 32.98 -6.05 30.74
CA GLY A 283 33.73 -5.14 31.59
C GLY A 283 34.73 -4.24 30.89
N GLN A 284 34.90 -4.34 29.58
CA GLN A 284 35.80 -3.53 28.79
C GLN A 284 35.01 -2.50 28.00
N PRO A 285 35.66 -1.42 27.56
CA PRO A 285 34.93 -0.41 26.80
C PRO A 285 34.34 -1.00 25.53
N THR A 286 33.17 -0.49 25.13
CA THR A 286 32.54 -0.98 23.93
C THR A 286 31.72 0.14 23.32
N ALA A 287 31.45 0.01 22.04
CA ALA A 287 30.44 0.82 21.35
C ALA A 287 29.32 -0.10 20.90
N ALA A 288 28.09 0.23 21.27
CA ALA A 288 26.94 -0.67 21.11
C ALA A 288 25.97 -0.14 20.07
N LEU A 289 25.53 -1.03 19.20
CA LEU A 289 24.57 -0.71 18.17
C LEU A 289 23.37 -1.61 18.43
N GLY A 290 22.27 -1.00 18.81
CA GLY A 290 21.05 -1.76 18.94
C GLY A 290 20.29 -1.77 17.63
N ILE A 291 20.06 -2.96 17.08
CA ILE A 291 19.30 -3.11 15.85
C ILE A 291 17.89 -3.51 16.22
N GLN A 292 16.93 -2.66 15.86
CA GLN A 292 15.52 -2.96 16.04
C GLN A 292 14.86 -3.32 14.71
N LEU A 293 14.15 -4.45 14.71
CA LEU A 293 13.54 -4.99 13.51
C LEU A 293 12.32 -4.17 13.13
N ALA A 294 12.20 -3.88 11.84
CA ALA A 294 11.06 -3.14 11.31
C ALA A 294 9.79 -3.97 11.42
N THR A 295 8.65 -3.28 11.42
CA THR A 295 7.36 -3.90 11.58
C THR A 295 7.08 -4.88 10.45
N ASN A 296 6.70 -6.11 10.85
CA ASN A 296 6.40 -7.21 9.94
C ASN A 296 7.60 -7.56 9.09
N ALA A 297 8.79 -7.32 9.57
CA ALA A 297 9.97 -7.78 8.87
C ALA A 297 10.40 -9.10 9.47
N ASN A 298 11.22 -9.81 8.71
CA ASN A 298 11.64 -11.14 9.12
C ASN A 298 12.92 -11.05 9.94
N ALA A 299 12.87 -11.53 11.19
CA ALA A 299 14.03 -11.44 12.07
C ALA A 299 15.22 -12.22 11.51
N LEU A 300 14.99 -13.46 11.01
CA LEU A 300 16.15 -14.24 10.57
C LEU A 300 16.79 -13.63 9.34
N ALA A 301 15.95 -13.24 8.37
CA ALA A 301 16.46 -12.60 7.18
C ALA A 301 17.28 -11.35 7.52
N THR A 302 16.70 -10.45 8.34
CA THR A 302 17.37 -9.19 8.66
C THR A 302 18.64 -9.44 9.44
N ALA A 303 18.59 -10.31 10.42
CA ALA A 303 19.80 -10.57 11.21
C ALA A 303 20.91 -11.12 10.31
N LYS A 304 20.58 -12.06 9.42
CA LYS A 304 21.56 -12.61 8.51
C LYS A 304 22.14 -11.55 7.58
N ALA A 305 21.29 -10.62 7.12
CA ALA A 305 21.77 -9.55 6.25
C ALA A 305 22.70 -8.60 6.99
N VAL A 306 22.35 -8.21 8.22
CA VAL A 306 23.21 -7.30 8.93
C VAL A 306 24.50 -8.01 9.31
N ARG A 307 24.43 -9.29 9.68
CA ARG A 307 25.67 -9.96 10.00
C ARG A 307 26.54 -10.04 8.77
N ALA A 308 25.92 -10.22 7.59
CA ALA A 308 26.67 -10.21 6.33
C ALA A 308 27.31 -8.85 6.04
N LYS A 309 26.57 -7.76 6.27
CA LYS A 309 27.10 -6.43 5.99
C LYS A 309 28.24 -6.11 6.93
N ILE A 310 28.14 -6.55 8.17
CA ILE A 310 29.22 -6.40 9.15
C ILE A 310 30.43 -7.22 8.72
N ASP A 311 30.18 -8.45 8.23
CA ASP A 311 31.29 -9.26 7.73
C ASP A 311 31.99 -8.57 6.57
N GLU A 312 31.19 -7.95 5.70
CA GLU A 312 31.73 -7.16 4.60
C GLU A 312 32.59 -5.99 5.11
N MET A 313 32.07 -5.23 6.08
CA MET A 313 32.78 -4.07 6.59
C MET A 313 34.00 -4.44 7.41
N SER A 314 34.08 -5.68 7.90
CA SER A 314 35.21 -6.08 8.72
C SER A 314 36.53 -5.94 7.97
N ALA A 315 36.49 -5.88 6.64
CA ALA A 315 37.68 -5.73 5.81
C ALA A 315 38.42 -4.43 6.06
N TYR A 316 37.74 -3.42 6.64
CA TYR A 316 38.30 -2.08 6.79
C TYR A 316 38.41 -1.67 8.25
N PHE A 317 38.31 -2.64 9.15
CA PHE A 317 38.42 -2.32 10.57
C PHE A 317 39.83 -1.83 10.87
N PRO A 318 39.97 -0.83 11.73
CA PRO A 318 41.29 -0.47 12.23
C PRO A 318 41.91 -1.65 12.97
N HIS A 319 43.23 -1.59 13.14
CA HIS A 319 43.90 -2.64 13.89
C HIS A 319 43.33 -2.74 15.31
N GLY A 320 43.00 -3.97 15.72
CA GLY A 320 42.47 -4.20 17.06
C GLY A 320 40.97 -4.11 17.20
N LEU A 321 40.25 -3.70 16.15
CA LEU A 321 38.80 -3.56 16.26
C LEU A 321 38.13 -4.91 16.03
N VAL A 322 37.30 -5.31 16.99
CA VAL A 322 36.61 -6.58 17.03
C VAL A 322 35.14 -6.29 17.18
N VAL A 323 34.31 -7.21 16.70
CA VAL A 323 32.86 -7.06 16.78
C VAL A 323 32.31 -8.34 17.42
N LYS A 324 31.51 -8.18 18.46
CA LYS A 324 30.80 -9.29 19.09
C LYS A 324 29.31 -9.00 18.97
N TYR A 325 28.49 -10.00 19.32
CA TYR A 325 27.02 -9.89 19.26
C TYR A 325 26.44 -10.20 20.63
N PRO A 326 26.49 -9.25 21.57
CA PRO A 326 26.05 -9.55 22.93
C PRO A 326 24.62 -10.04 23.05
N TYR A 327 23.70 -9.48 22.28
CA TYR A 327 22.31 -9.88 22.35
C TYR A 327 21.83 -10.16 20.94
N ASP A 328 21.25 -11.35 20.75
CA ASP A 328 20.81 -11.78 19.43
C ASP A 328 19.80 -12.91 19.65
N THR A 329 18.55 -12.67 19.30
CA THR A 329 17.51 -13.66 19.47
C THR A 329 17.33 -14.57 18.27
N THR A 330 17.85 -14.20 17.13
CA THR A 330 17.62 -15.05 15.97
C THR A 330 18.37 -16.37 16.07
N PRO A 331 19.55 -16.46 16.71
CA PRO A 331 20.11 -17.81 16.94
C PRO A 331 19.14 -18.71 17.65
N PHE A 332 18.39 -18.18 18.61
CA PHE A 332 17.42 -19.00 19.32
C PHE A 332 16.32 -19.47 18.38
N VAL A 333 15.72 -18.55 17.62
CA VAL A 333 14.64 -18.92 16.71
C VAL A 333 15.14 -19.90 15.66
N ARG A 334 16.30 -19.61 15.07
CA ARG A 334 16.88 -20.50 14.09
C ARG A 334 17.12 -21.87 14.71
N LEU A 335 17.67 -21.92 15.91
CA LEU A 335 17.96 -23.21 16.49
C LEU A 335 16.69 -23.97 16.89
N SER A 336 15.63 -23.28 17.30
CA SER A 336 14.39 -23.98 17.62
C SER A 336 13.73 -24.54 16.35
N ILE A 337 13.71 -23.79 15.25
CA ILE A 337 13.19 -24.36 14.00
C ILE A 337 14.05 -25.54 13.58
N GLU A 338 15.37 -25.41 13.70
CA GLU A 338 16.27 -26.51 13.41
C GLU A 338 15.94 -27.73 14.29
N GLU A 339 15.65 -27.51 15.57
CA GLU A 339 15.37 -28.63 16.47
C GLU A 339 14.05 -29.33 16.14
N VAL A 340 13.01 -28.57 15.81
CA VAL A 340 11.76 -29.22 15.45
C VAL A 340 11.94 -30.00 14.15
N VAL A 341 12.78 -29.51 13.22
CA VAL A 341 13.09 -30.31 12.04
C VAL A 341 13.77 -31.61 12.44
N LYS A 342 14.73 -31.54 13.38
CA LYS A 342 15.41 -32.76 13.81
C LYS A 342 14.43 -33.76 14.43
N THR A 343 13.47 -33.28 15.22
CA THR A 343 12.44 -34.19 15.76
C THR A 343 11.55 -34.77 14.68
N LEU A 344 11.21 -33.97 13.65
CA LEU A 344 10.42 -34.52 12.54
C LEU A 344 11.11 -35.72 11.91
N LEU A 345 12.42 -35.60 11.67
CA LEU A 345 13.11 -36.70 11.03
C LEU A 345 13.27 -37.90 11.98
N GLU A 346 13.52 -37.64 13.27
CA GLU A 346 13.51 -38.75 14.22
C GLU A 346 12.16 -39.49 14.23
N GLY A 347 11.04 -38.75 14.18
CA GLY A 347 9.74 -39.39 14.11
C GLY A 347 9.51 -40.16 12.83
N ILE A 348 10.06 -39.68 11.72
CA ILE A 348 9.99 -40.47 10.48
C ILE A 348 10.64 -41.83 10.66
N VAL A 349 11.87 -41.85 11.17
CA VAL A 349 12.54 -43.13 11.37
C VAL A 349 11.73 -44.01 12.31
N LEU A 350 11.18 -43.40 13.39
CA LEU A 350 10.44 -44.17 14.37
C LEU A 350 9.17 -44.78 13.78
N VAL A 351 8.45 -44.03 12.95
CA VAL A 351 7.27 -44.60 12.29
C VAL A 351 7.71 -45.76 11.41
N PHE A 352 8.81 -45.57 10.67
CA PHE A 352 9.32 -46.70 9.89
C PHE A 352 9.48 -47.92 10.79
N LEU A 353 10.11 -47.74 11.95
CA LEU A 353 10.41 -48.92 12.77
C LEU A 353 9.13 -49.53 13.37
N VAL A 354 8.17 -48.72 13.79
CA VAL A 354 6.93 -49.25 14.36
C VAL A 354 6.17 -50.07 13.31
N MET A 355 5.97 -49.50 12.13
CA MET A 355 5.21 -50.27 11.14
C MET A 355 6.05 -51.38 10.52
N TYR A 356 7.38 -51.34 10.68
CA TYR A 356 8.20 -52.51 10.37
C TYR A 356 7.91 -53.63 11.35
N LEU A 357 7.86 -53.29 12.64
CA LEU A 357 7.50 -54.29 13.64
C LEU A 357 6.13 -54.90 13.36
N PHE A 358 5.16 -54.09 13.00
CA PHE A 358 3.80 -54.63 12.86
C PHE A 358 3.54 -55.33 11.53
N LEU A 359 4.32 -55.03 10.48
CA LEU A 359 4.15 -55.70 9.21
C LEU A 359 5.18 -56.79 8.98
N GLN A 360 6.45 -56.54 9.32
CA GLN A 360 7.57 -57.50 9.20
C GLN A 360 7.79 -57.92 7.75
N ASN A 361 7.28 -57.12 6.84
CA ASN A 361 7.51 -57.23 5.40
C ASN A 361 8.16 -55.94 4.94
N LEU A 362 9.48 -55.98 4.78
CA LEU A 362 10.25 -54.75 4.51
C LEU A 362 9.63 -53.98 3.34
N ARG A 363 9.26 -54.69 2.27
CA ARG A 363 8.64 -54.04 1.12
C ARG A 363 7.35 -53.32 1.55
N ALA A 364 6.51 -54.02 2.32
CA ALA A 364 5.22 -53.49 2.73
C ALA A 364 5.36 -52.23 3.60
N THR A 365 6.43 -52.13 4.41
CA THR A 365 6.57 -50.94 5.25
C THR A 365 7.29 -49.82 4.54
N ILE A 366 8.11 -50.15 3.53
CA ILE A 366 8.70 -49.12 2.68
C ILE A 366 7.61 -48.39 1.89
N ILE A 367 6.53 -49.07 1.50
CA ILE A 367 5.50 -48.35 0.75
C ILE A 367 4.97 -47.13 1.54
N PRO A 368 4.42 -47.28 2.76
CA PRO A 368 3.98 -46.08 3.50
C PRO A 368 5.14 -45.12 3.81
N THR A 369 6.34 -45.67 4.05
CA THR A 369 7.50 -44.81 4.30
C THR A 369 7.77 -43.93 3.09
N ILE A 370 7.55 -44.44 1.88
CA ILE A 370 7.61 -43.57 0.71
C ILE A 370 6.47 -42.56 0.74
N ALA A 371 5.28 -42.98 1.17
CA ALA A 371 4.15 -42.05 1.19
C ALA A 371 4.43 -40.79 2.00
N VAL A 372 5.15 -40.92 3.11
CA VAL A 372 5.29 -39.77 4.03
C VAL A 372 6.02 -38.59 3.37
N PRO A 373 7.22 -38.75 2.80
CA PRO A 373 7.90 -37.59 2.19
C PRO A 373 7.09 -36.88 1.11
N VAL A 374 6.36 -37.63 0.27
CA VAL A 374 5.55 -36.96 -0.73
C VAL A 374 4.57 -36.01 -0.06
N VAL A 375 3.90 -36.49 1.01
CA VAL A 375 2.88 -35.69 1.71
C VAL A 375 3.50 -34.47 2.39
N LEU A 376 4.61 -34.65 3.13
CA LEU A 376 5.17 -33.50 3.83
C LEU A 376 5.64 -32.43 2.85
N LEU A 377 6.29 -32.86 1.76
CA LEU A 377 6.82 -31.89 0.82
C LEU A 377 5.70 -31.15 0.10
N GLY A 378 4.65 -31.88 -0.24
CA GLY A 378 3.49 -31.20 -0.77
C GLY A 378 2.88 -30.22 0.20
N THR A 379 2.94 -30.53 1.50
CA THR A 379 2.42 -29.57 2.45
C THR A 379 3.24 -28.30 2.42
N PHE A 380 4.56 -28.42 2.28
CA PHE A 380 5.37 -27.21 2.14
C PHE A 380 4.93 -26.41 0.93
N ALA A 381 4.67 -27.08 -0.20
CA ALA A 381 4.22 -26.35 -1.38
C ALA A 381 2.87 -25.66 -1.15
N ILE A 382 1.95 -26.34 -0.46
CA ILE A 382 0.64 -25.74 -0.18
C ILE A 382 0.79 -24.53 0.73
N MET A 383 1.63 -24.64 1.76
CA MET A 383 1.90 -23.52 2.65
C MET A 383 2.43 -22.34 1.85
N SER A 384 3.29 -22.62 0.88
CA SER A 384 3.80 -21.57 0.02
C SER A 384 2.66 -20.89 -0.74
N MET A 385 1.73 -21.68 -1.27
CA MET A 385 0.58 -21.08 -1.96
C MET A 385 -0.30 -20.25 -1.00
N VAL A 386 -0.35 -20.65 0.26
CA VAL A 386 -1.34 -20.13 1.19
C VAL A 386 -0.89 -18.93 2.01
N GLY A 387 0.40 -18.60 1.99
CA GLY A 387 0.89 -17.48 2.77
C GLY A 387 1.39 -17.86 4.14
N PHE A 388 1.58 -19.13 4.42
CA PHE A 388 2.14 -19.58 5.67
C PHE A 388 3.66 -19.50 5.62
N SER A 389 4.27 -19.71 6.79
CA SER A 389 5.72 -19.65 6.93
C SER A 389 6.20 -20.88 7.67
N ILE A 390 7.47 -21.21 7.45
CA ILE A 390 8.07 -22.25 8.28
C ILE A 390 8.22 -21.63 9.65
N ASN A 391 7.35 -22.03 10.57
CA ASN A 391 7.41 -21.49 11.90
C ASN A 391 7.05 -22.64 12.81
N VAL A 392 7.10 -22.38 14.11
CA VAL A 392 6.95 -23.45 15.10
C VAL A 392 5.58 -24.13 14.99
N LEU A 393 4.52 -23.37 14.71
CA LEU A 393 3.18 -23.96 14.62
C LEU A 393 3.05 -24.87 13.40
N SER A 394 3.47 -24.40 12.24
CA SER A 394 3.39 -25.23 11.05
C SER A 394 4.26 -26.47 11.17
N MET A 395 5.46 -26.33 11.74
CA MET A 395 6.32 -27.48 11.95
C MET A 395 5.67 -28.48 12.90
N PHE A 396 5.01 -27.98 13.93
CA PHE A 396 4.25 -28.87 14.81
C PHE A 396 3.16 -29.60 14.03
N GLY A 397 2.50 -28.88 13.11
CA GLY A 397 1.52 -29.52 12.26
C GLY A 397 2.11 -30.68 11.48
N LEU A 398 3.27 -30.46 10.85
CA LEU A 398 3.91 -31.54 10.10
C LEU A 398 4.23 -32.72 11.01
N VAL A 399 4.80 -32.43 12.18
CA VAL A 399 5.19 -33.49 13.11
C VAL A 399 3.98 -34.29 13.58
N LEU A 400 2.89 -33.61 13.94
CA LEU A 400 1.69 -34.33 14.38
C LEU A 400 1.00 -35.02 13.23
N ALA A 401 1.22 -34.57 12.00
CA ALA A 401 0.58 -35.20 10.86
C ALA A 401 1.28 -36.47 10.39
N ILE A 402 2.57 -36.67 10.72
CA ILE A 402 3.26 -37.87 10.24
C ILE A 402 2.56 -39.14 10.73
N GLY A 403 2.09 -39.13 11.97
CA GLY A 403 1.48 -40.34 12.50
C GLY A 403 0.10 -40.63 11.96
N LEU A 404 -0.48 -39.68 11.23
CA LEU A 404 -1.82 -39.83 10.68
C LEU A 404 -1.82 -39.99 9.17
N LEU A 405 -0.94 -39.29 8.46
CA LEU A 405 -0.90 -39.40 7.01
C LEU A 405 -0.35 -40.75 6.56
N VAL A 406 0.34 -41.48 7.44
CA VAL A 406 0.79 -42.82 7.09
C VAL A 406 -0.31 -43.84 7.28
N ASP A 407 -1.39 -43.47 7.98
CA ASP A 407 -2.43 -44.45 8.29
C ASP A 407 -3.07 -44.97 7.00
N ASP A 408 -3.35 -44.09 6.04
CA ASP A 408 -3.98 -44.54 4.79
C ASP A 408 -3.04 -45.41 3.98
N ALA A 409 -1.74 -45.09 3.97
CA ALA A 409 -0.80 -45.96 3.29
C ALA A 409 -0.79 -47.35 3.92
N ILE A 410 -0.80 -47.41 5.26
CA ILE A 410 -0.87 -48.70 5.93
C ILE A 410 -2.16 -49.43 5.57
N VAL A 411 -3.26 -48.67 5.46
CA VAL A 411 -4.55 -49.25 5.09
C VAL A 411 -4.49 -49.89 3.71
N VAL A 412 -3.94 -49.16 2.73
CA VAL A 412 -3.87 -49.67 1.36
C VAL A 412 -2.97 -50.90 1.30
N VAL A 413 -1.80 -50.83 1.93
CA VAL A 413 -0.90 -51.98 1.88
C VAL A 413 -1.55 -53.19 2.53
N GLU A 414 -2.25 -52.98 3.66
CA GLU A 414 -2.89 -54.11 4.33
C GLU A 414 -4.07 -54.67 3.54
N ASN A 415 -4.82 -53.84 2.81
CA ASN A 415 -5.93 -54.35 2.02
C ASN A 415 -5.42 -55.17 0.84
N VAL A 416 -4.31 -54.74 0.22
CA VAL A 416 -3.74 -55.56 -0.85
C VAL A 416 -3.13 -56.83 -0.29
N GLU A 417 -2.37 -56.74 0.82
CA GLU A 417 -1.88 -57.92 1.51
C GLU A 417 -3.03 -58.89 1.86
N ARG A 418 -4.21 -58.36 2.19
CA ARG A 418 -5.37 -59.21 2.41
C ARG A 418 -5.80 -59.85 1.11
N VAL A 419 -6.23 -59.03 0.14
CA VAL A 419 -6.89 -59.58 -1.04
C VAL A 419 -5.96 -60.61 -1.65
N MET A 420 -4.67 -60.26 -1.75
CA MET A 420 -3.69 -61.12 -2.37
C MET A 420 -3.24 -62.27 -1.46
N ALA A 421 -3.80 -62.40 -0.25
CA ALA A 421 -3.63 -63.63 0.52
C ALA A 421 -4.89 -64.49 0.59
N GLU A 422 -6.04 -63.84 0.77
CA GLU A 422 -7.36 -64.45 0.93
C GLU A 422 -8.00 -64.88 -0.38
N GLU A 423 -7.77 -64.14 -1.47
CA GLU A 423 -8.35 -64.48 -2.77
C GLU A 423 -7.34 -64.99 -3.79
N GLY A 424 -6.05 -64.82 -3.55
CA GLY A 424 -5.04 -65.29 -4.48
C GLY A 424 -5.00 -64.61 -5.83
N LEU A 425 -5.17 -63.31 -5.86
CA LEU A 425 -5.07 -62.55 -7.09
C LEU A 425 -3.66 -61.98 -7.23
N PRO A 426 -3.25 -61.66 -8.47
CA PRO A 426 -1.96 -60.99 -8.68
C PRO A 426 -1.96 -59.63 -7.99
N PRO A 427 -0.79 -59.05 -7.72
CA PRO A 427 -0.78 -57.76 -7.04
C PRO A 427 -1.60 -56.73 -7.79
N LYS A 428 -1.60 -56.77 -9.13
CA LYS A 428 -2.33 -55.74 -9.86
C LYS A 428 -3.84 -55.84 -9.62
N GLU A 429 -4.41 -57.03 -9.84
CA GLU A 429 -5.85 -57.18 -9.63
C GLU A 429 -6.21 -57.11 -8.15
N ALA A 430 -5.37 -57.69 -7.28
CA ALA A 430 -5.59 -57.54 -5.85
C ALA A 430 -5.70 -56.08 -5.47
N THR A 431 -4.78 -55.25 -6.00
CA THR A 431 -4.77 -53.81 -5.71
C THR A 431 -5.99 -53.13 -6.30
N ARG A 432 -6.37 -53.50 -7.53
CA ARG A 432 -7.58 -52.95 -8.16
C ARG A 432 -8.79 -53.17 -7.24
N LYS A 433 -8.99 -54.40 -6.82
CA LYS A 433 -10.15 -54.71 -5.99
C LYS A 433 -10.05 -54.01 -4.63
N ALA A 434 -8.86 -54.00 -4.03
CA ALA A 434 -8.70 -53.35 -2.75
C ALA A 434 -9.07 -51.89 -2.84
N MET A 435 -8.57 -51.21 -3.87
CA MET A 435 -8.91 -49.80 -4.04
C MET A 435 -10.41 -49.61 -4.20
N GLY A 436 -11.02 -50.41 -5.09
CA GLY A 436 -12.46 -50.32 -5.26
C GLY A 436 -13.22 -50.50 -3.97
N GLN A 437 -12.65 -51.28 -3.03
CA GLN A 437 -13.33 -51.52 -1.76
C GLN A 437 -13.10 -50.44 -0.72
N ILE A 438 -11.97 -49.72 -0.77
CA ILE A 438 -11.56 -48.92 0.38
C ILE A 438 -11.57 -47.42 0.13
N THR A 439 -11.81 -46.97 -1.10
CA THR A 439 -11.79 -45.53 -1.37
C THR A 439 -12.70 -44.77 -0.39
N GLY A 440 -13.88 -45.32 -0.09
CA GLY A 440 -14.81 -44.62 0.78
C GLY A 440 -14.25 -44.38 2.18
N ALA A 441 -13.62 -45.41 2.78
CA ALA A 441 -13.04 -45.26 4.12
C ALA A 441 -11.88 -44.26 4.13
N LEU A 442 -11.01 -44.31 3.10
CA LEU A 442 -9.93 -43.33 3.03
C LEU A 442 -10.49 -41.90 3.10
N VAL A 443 -11.46 -41.60 2.23
CA VAL A 443 -12.08 -40.28 2.23
C VAL A 443 -12.73 -40.01 3.59
N GLY A 444 -13.29 -41.04 4.22
CA GLY A 444 -13.97 -40.83 5.49
C GLY A 444 -13.06 -40.28 6.57
N VAL A 445 -11.92 -40.95 6.81
CA VAL A 445 -11.01 -40.51 7.89
C VAL A 445 -10.43 -39.13 7.57
N ALA A 446 -10.00 -38.92 6.31
CA ALA A 446 -9.48 -37.60 5.97
C ALA A 446 -10.54 -36.55 6.27
N LEU A 447 -11.80 -36.84 5.88
CA LEU A 447 -12.90 -35.92 6.13
C LEU A 447 -13.05 -35.61 7.60
N VAL A 448 -12.98 -36.64 8.46
CA VAL A 448 -13.28 -36.39 9.87
C VAL A 448 -12.20 -35.54 10.54
N LEU A 449 -10.91 -35.77 10.24
CA LEU A 449 -9.91 -34.82 10.79
C LEU A 449 -10.15 -33.43 10.26
N SER A 450 -10.43 -33.32 8.96
CA SER A 450 -10.73 -32.01 8.41
C SER A 450 -11.90 -31.37 9.16
N ALA A 451 -12.92 -32.15 9.50
CA ALA A 451 -14.03 -31.60 10.27
C ALA A 451 -13.56 -31.08 11.62
N VAL A 452 -12.58 -31.76 12.24
CA VAL A 452 -12.00 -31.25 13.49
C VAL A 452 -11.35 -29.90 13.29
N PHE A 453 -10.56 -29.75 12.22
CA PHE A 453 -9.64 -28.62 12.16
C PHE A 453 -10.09 -27.47 11.27
N VAL A 454 -11.15 -27.59 10.48
CA VAL A 454 -11.60 -26.46 9.68
C VAL A 454 -12.42 -25.46 10.48
N PRO A 455 -13.22 -25.82 11.50
CA PRO A 455 -13.96 -24.74 12.17
C PRO A 455 -13.03 -23.72 12.83
N VAL A 456 -11.82 -24.12 13.22
CA VAL A 456 -10.87 -23.15 13.77
C VAL A 456 -10.27 -22.28 12.68
N ALA A 457 -10.29 -22.75 11.43
CA ALA A 457 -9.81 -21.95 10.30
C ALA A 457 -10.49 -20.58 10.28
N PHE A 458 -11.66 -20.46 10.91
CA PHE A 458 -12.42 -19.22 10.94
C PHE A 458 -12.43 -18.53 12.30
N SER A 459 -11.60 -18.97 13.24
CA SER A 459 -11.40 -18.21 14.48
C SER A 459 -10.62 -16.92 14.24
N GLY A 460 -11.00 -15.86 14.96
CA GLY A 460 -10.37 -14.57 14.86
C GLY A 460 -9.28 -14.35 15.90
N GLY A 461 -8.64 -13.17 15.81
CA GLY A 461 -7.64 -12.77 16.79
C GLY A 461 -6.28 -13.44 16.61
N SER A 462 -5.35 -13.07 17.49
CA SER A 462 -4.04 -13.71 17.47
C SER A 462 -4.15 -15.20 17.78
N VAL A 463 -5.17 -15.60 18.54
CA VAL A 463 -5.43 -17.02 18.72
C VAL A 463 -5.77 -17.68 17.38
N GLY A 464 -6.54 -16.98 16.54
CA GLY A 464 -6.79 -17.49 15.19
C GLY A 464 -5.53 -17.55 14.35
N ALA A 465 -4.68 -16.54 14.49
CA ALA A 465 -3.43 -16.51 13.75
C ALA A 465 -2.57 -17.73 14.12
N ILE A 466 -2.53 -18.08 15.41
CA ILE A 466 -1.73 -19.23 15.82
C ILE A 466 -2.44 -20.56 15.58
N TYR A 467 -3.77 -20.58 15.54
CA TYR A 467 -4.48 -21.79 15.17
C TYR A 467 -4.27 -22.18 13.72
N ARG A 468 -4.49 -21.23 12.80
CA ARG A 468 -4.53 -21.56 11.37
C ARG A 468 -3.25 -22.23 10.89
N GLN A 469 -2.09 -21.66 11.23
CA GLN A 469 -0.84 -22.27 10.78
C GLN A 469 -0.82 -23.76 11.07
N PHE A 470 -1.35 -24.11 12.23
CA PHE A 470 -1.32 -25.49 12.67
C PHE A 470 -2.46 -26.29 12.05
N SER A 471 -3.68 -25.79 12.16
CA SER A 471 -4.83 -26.57 11.74
C SER A 471 -4.78 -26.77 10.23
N LEU A 472 -4.54 -25.71 9.44
CA LEU A 472 -4.50 -25.91 8.00
C LEU A 472 -3.21 -26.59 7.53
N THR A 473 -2.09 -26.54 8.26
CA THR A 473 -1.02 -27.46 7.89
C THR A 473 -1.50 -28.91 8.04
N ILE A 474 -2.16 -29.24 9.17
CA ILE A 474 -2.71 -30.60 9.36
C ILE A 474 -3.70 -30.95 8.24
N VAL A 475 -4.61 -30.02 7.95
CA VAL A 475 -5.71 -30.31 7.03
C VAL A 475 -5.17 -30.53 5.63
N SER A 476 -4.27 -29.66 5.16
CA SER A 476 -3.68 -29.86 3.86
C SER A 476 -2.82 -31.14 3.83
N ALA A 477 -2.12 -31.45 4.92
CA ALA A 477 -1.38 -32.70 4.97
C ALA A 477 -2.31 -33.91 4.83
N MET A 478 -3.48 -33.86 5.49
CA MET A 478 -4.42 -34.98 5.41
C MET A 478 -4.99 -35.13 4.01
N VAL A 479 -5.36 -34.03 3.36
CA VAL A 479 -5.88 -34.14 2.01
C VAL A 479 -4.82 -34.73 1.09
N LEU A 480 -3.57 -34.28 1.21
CA LEU A 480 -2.52 -34.88 0.40
C LEU A 480 -2.34 -36.37 0.75
N SER A 481 -2.53 -36.75 2.02
CA SER A 481 -2.38 -38.17 2.35
C SER A 481 -3.44 -39.03 1.64
N VAL A 482 -4.70 -38.59 1.65
CA VAL A 482 -5.72 -39.38 0.96
C VAL A 482 -5.47 -39.36 -0.56
N LEU A 483 -4.97 -38.24 -1.10
CA LEU A 483 -4.68 -38.23 -2.53
C LEU A 483 -3.50 -39.14 -2.88
N VAL A 484 -2.45 -39.15 -2.06
CA VAL A 484 -1.33 -40.06 -2.28
C VAL A 484 -1.78 -41.50 -2.11
N ALA A 485 -2.66 -41.75 -1.12
CA ALA A 485 -3.17 -43.09 -0.89
C ALA A 485 -3.97 -43.56 -2.09
N LEU A 486 -4.45 -42.64 -2.93
CA LEU A 486 -5.18 -43.04 -4.12
C LEU A 486 -4.33 -42.95 -5.39
N ILE A 487 -3.08 -42.48 -5.31
CA ILE A 487 -2.30 -42.33 -6.52
C ILE A 487 -0.97 -43.08 -6.45
N LEU A 488 -0.11 -42.74 -5.51
CA LEU A 488 1.21 -43.39 -5.52
C LEU A 488 1.20 -44.74 -4.83
N THR A 489 0.58 -44.80 -3.64
CA THR A 489 0.58 -46.03 -2.86
C THR A 489 -0.07 -47.21 -3.57
N PRO A 490 -1.21 -47.07 -4.28
CA PRO A 490 -1.74 -48.24 -5.02
C PRO A 490 -0.75 -48.78 -6.05
N ALA A 491 -0.10 -47.88 -6.80
CA ALA A 491 0.90 -48.29 -7.79
C ALA A 491 2.08 -48.99 -7.11
N LEU A 492 2.48 -48.49 -5.94
CA LEU A 492 3.58 -49.15 -5.23
C LEU A 492 3.16 -50.51 -4.72
N CYS A 493 1.91 -50.66 -4.27
CA CYS A 493 1.43 -51.97 -3.89
C CYS A 493 1.47 -52.90 -5.09
N ALA A 494 1.13 -52.36 -6.27
CA ALA A 494 1.10 -53.18 -7.48
C ALA A 494 2.49 -53.59 -7.95
N THR A 495 3.48 -52.75 -7.74
CA THR A 495 4.81 -52.99 -8.31
C THR A 495 5.85 -53.48 -7.30
N ILE A 496 5.57 -53.44 -6.00
CA ILE A 496 6.55 -53.76 -4.96
C ILE A 496 6.23 -55.08 -4.28
N LEU A 497 4.99 -55.22 -3.82
CA LEU A 497 4.60 -56.41 -3.06
C LEU A 497 4.73 -57.68 -3.91
N LYS A 498 5.19 -58.76 -3.27
CA LYS A 498 5.27 -60.05 -3.95
C LYS A 498 4.26 -61.02 -3.35
N PRO A 499 3.67 -61.89 -4.18
CA PRO A 499 2.67 -62.86 -3.69
C PRO A 499 3.26 -63.90 -2.75
N GLY A 513 9.60 -62.76 16.55
CA GLY A 513 8.62 -63.81 16.72
C GLY A 513 8.10 -63.95 18.15
N TRP A 514 9.03 -63.80 19.10
CA TRP A 514 8.66 -63.69 20.51
C TRP A 514 7.60 -62.62 20.71
N PHE A 515 7.74 -61.51 19.98
CA PHE A 515 6.74 -60.45 19.98
C PHE A 515 5.39 -60.98 19.50
N ASN A 516 5.35 -61.74 18.41
CA ASN A 516 4.07 -62.23 17.91
C ASN A 516 3.43 -63.21 18.88
N ARG A 517 4.22 -64.12 19.45
CA ARG A 517 3.70 -65.07 20.45
C ARG A 517 3.02 -64.32 21.59
N THR A 518 3.69 -63.27 22.08
CA THR A 518 3.11 -62.52 23.19
C THR A 518 1.99 -61.61 22.72
N PHE A 519 2.07 -61.09 21.50
CA PHE A 519 0.99 -60.23 21.03
C PHE A 519 -0.29 -61.03 20.98
N ASN A 520 -0.19 -62.26 20.51
CA ASN A 520 -1.39 -63.06 20.37
C ASN A 520 -1.98 -63.40 21.72
N SER A 521 -1.12 -63.72 22.71
CA SER A 521 -1.64 -63.87 24.08
C SER A 521 -2.39 -62.62 24.57
N SER A 522 -1.78 -61.45 24.40
CA SER A 522 -2.40 -60.22 24.88
C SER A 522 -3.71 -59.93 24.14
N ARG A 523 -3.76 -60.20 22.84
CA ARG A 523 -4.98 -59.91 22.09
C ARG A 523 -6.12 -60.83 22.51
N ASP A 524 -5.82 -62.11 22.79
CA ASP A 524 -6.87 -62.99 23.31
C ASP A 524 -7.43 -62.41 24.61
N LYS A 525 -6.52 -62.00 25.49
CA LYS A 525 -6.92 -61.31 26.71
C LYS A 525 -7.84 -60.13 26.38
N TYR A 526 -7.51 -59.39 25.32
CA TYR A 526 -8.31 -58.21 24.95
C TYR A 526 -9.72 -58.60 24.57
N HIS A 527 -9.88 -59.64 23.75
CA HIS A 527 -11.23 -60.10 23.39
C HIS A 527 -12.05 -60.36 24.63
N VAL A 528 -11.44 -61.08 25.57
CA VAL A 528 -12.14 -61.42 26.82
C VAL A 528 -12.54 -60.18 27.60
N GLY A 529 -11.62 -59.22 27.69
CA GLY A 529 -11.92 -58.00 28.43
C GLY A 529 -13.11 -57.25 27.85
N VAL A 530 -13.17 -57.17 26.52
CA VAL A 530 -14.27 -56.45 25.87
C VAL A 530 -15.59 -57.17 26.15
N HIS A 531 -15.63 -58.50 26.03
CA HIS A 531 -16.89 -59.18 26.37
C HIS A 531 -17.28 -58.86 27.81
N HIS A 532 -16.30 -58.80 28.73
CA HIS A 532 -16.62 -58.42 30.11
C HIS A 532 -17.32 -57.06 30.13
N VAL A 533 -16.75 -56.09 29.41
CA VAL A 533 -17.24 -54.71 29.44
C VAL A 533 -18.65 -54.62 28.85
N ILE A 534 -19.01 -55.50 27.90
CA ILE A 534 -20.27 -55.24 27.19
C ILE A 534 -21.41 -55.56 28.15
N LYS A 535 -21.28 -56.64 28.91
CA LYS A 535 -22.43 -57.34 29.50
C LYS A 535 -22.90 -56.44 30.63
N ARG A 536 -22.05 -56.32 31.66
CA ARG A 536 -22.15 -55.31 32.72
C ARG A 536 -21.89 -53.97 32.01
N SER A 537 -22.94 -53.44 31.39
CA SER A 537 -22.94 -52.17 30.68
C SER A 537 -23.49 -50.97 31.44
N GLY A 538 -24.45 -51.16 32.35
CA GLY A 538 -24.87 -50.06 33.22
C GLY A 538 -23.80 -49.58 34.17
N ARG A 539 -22.69 -50.30 34.29
CA ARG A 539 -21.67 -50.02 35.30
C ARG A 539 -20.54 -49.14 34.77
N TRP A 540 -19.87 -49.57 33.70
CA TRP A 540 -18.83 -48.74 33.11
C TRP A 540 -19.31 -47.37 32.61
N LEU A 541 -20.55 -47.21 32.14
CA LEU A 541 -20.93 -45.83 31.81
C LEU A 541 -20.99 -44.92 33.05
N ILE A 542 -21.07 -45.49 34.26
CA ILE A 542 -20.85 -44.70 35.46
C ILE A 542 -19.41 -44.21 35.52
N ILE A 543 -18.45 -45.08 35.16
CA ILE A 543 -17.06 -44.64 35.06
C ILE A 543 -16.86 -43.62 33.95
N TYR A 544 -17.59 -43.76 32.84
CA TYR A 544 -17.56 -42.76 31.78
C TYR A 544 -17.95 -41.39 32.32
N LEU A 545 -19.02 -41.32 33.12
CA LEU A 545 -19.37 -40.02 33.71
C LEU A 545 -18.36 -39.57 34.77
N ALA A 546 -17.76 -40.52 35.49
CA ALA A 546 -16.64 -40.19 36.38
C ALA A 546 -15.52 -39.53 35.61
N VAL A 547 -15.18 -40.09 34.45
CA VAL A 547 -14.15 -39.50 33.60
C VAL A 547 -14.59 -38.12 33.11
N ILE A 548 -15.89 -37.95 32.84
CA ILE A 548 -16.34 -36.63 32.39
C ILE A 548 -16.11 -35.58 33.50
N VAL A 549 -16.47 -35.91 34.76
CA VAL A 549 -16.20 -34.91 35.81
C VAL A 549 -14.70 -34.73 36.01
N ALA A 550 -13.92 -35.81 35.86
CA ALA A 550 -12.46 -35.70 35.91
C ALA A 550 -11.95 -34.72 34.84
N VAL A 551 -12.50 -34.81 33.64
CA VAL A 551 -12.12 -33.90 32.57
C VAL A 551 -12.44 -32.48 32.99
N GLY A 552 -13.65 -32.23 33.49
CA GLY A 552 -14.00 -30.86 33.88
C GLY A 552 -13.12 -30.30 34.98
N LEU A 553 -12.87 -31.09 36.03
CA LEU A 553 -12.05 -30.63 37.14
C LEU A 553 -10.61 -30.34 36.72
N LEU A 554 -9.95 -31.29 36.05
CA LEU A 554 -8.58 -31.01 35.63
C LEU A 554 -8.54 -29.83 34.68
N PHE A 555 -9.62 -29.62 33.92
CA PHE A 555 -9.65 -28.54 32.94
C PHE A 555 -9.67 -27.18 33.59
N VAL A 556 -10.57 -26.97 34.56
CA VAL A 556 -10.61 -25.64 35.17
C VAL A 556 -9.50 -25.46 36.22
N ARG A 557 -9.04 -26.55 36.83
CA ARG A 557 -7.91 -26.46 37.74
C ARG A 557 -6.63 -26.05 37.05
N LEU A 558 -6.51 -26.27 35.73
CA LEU A 558 -5.27 -26.05 34.98
C LEU A 558 -5.05 -24.57 34.76
N PRO A 559 -3.94 -23.98 35.24
CA PRO A 559 -3.72 -22.53 35.06
C PRO A 559 -3.61 -22.16 33.59
N LYS A 560 -4.14 -21.00 33.24
CA LYS A 560 -4.33 -20.61 31.83
C LYS A 560 -3.44 -19.44 31.44
N SER A 561 -3.01 -19.46 30.18
CA SER A 561 -2.03 -18.51 29.66
C SER A 561 -2.05 -18.55 28.13
N PHE A 562 -1.18 -17.73 27.51
CA PHE A 562 -1.10 -17.59 26.05
C PHE A 562 -0.03 -18.46 25.42
N LEU A 563 1.25 -18.27 25.77
CA LEU A 563 2.24 -19.19 25.22
C LEU A 563 3.47 -19.16 26.09
N PRO A 564 4.25 -20.25 26.14
CA PRO A 564 5.30 -20.37 27.15
C PRO A 564 6.50 -19.47 26.88
N ASP A 565 7.25 -19.23 27.97
CA ASP A 565 8.50 -18.50 27.90
C ASP A 565 9.66 -19.47 27.70
N GLU A 566 10.35 -19.32 26.59
CA GLU A 566 11.48 -20.15 26.21
C GLU A 566 12.81 -19.61 26.73
N ASP A 567 13.73 -20.52 27.01
CA ASP A 567 15.12 -20.21 27.22
C ASP A 567 15.76 -19.85 25.87
N GLN A 568 16.03 -18.57 25.66
CA GLN A 568 16.53 -18.09 24.38
C GLN A 568 18.05 -18.00 24.34
N GLY A 569 18.72 -18.52 25.36
CA GLY A 569 20.14 -18.22 25.54
C GLY A 569 20.41 -16.77 25.95
N LEU A 570 19.38 -16.06 26.42
CA LEU A 570 19.47 -14.63 26.70
C LEU A 570 18.73 -14.30 27.98
N MET A 571 19.21 -13.25 28.66
CA MET A 571 18.59 -12.74 29.87
C MET A 571 18.86 -11.25 30.03
N PHE A 572 17.94 -10.56 30.68
CA PHE A 572 18.10 -9.17 31.02
C PHE A 572 18.25 -9.04 32.53
N VAL A 573 19.05 -8.07 32.95
CA VAL A 573 19.07 -7.61 34.33
C VAL A 573 18.83 -6.11 34.27
N ILE A 574 17.67 -5.68 34.72
CA ILE A 574 17.34 -4.27 34.66
C ILE A 574 17.70 -3.66 36.00
N VAL A 575 18.33 -2.49 35.96
CA VAL A 575 18.97 -1.86 37.11
C VAL A 575 18.44 -0.44 37.27
N GLN A 576 17.97 -0.12 38.48
CA GLN A 576 17.56 1.24 38.79
C GLN A 576 18.23 1.62 40.11
N THR A 577 19.19 2.53 40.05
CA THR A 577 19.85 2.98 41.27
C THR A 577 18.99 4.06 41.91
N PRO A 578 19.16 4.29 43.22
CA PRO A 578 18.28 5.22 43.93
C PRO A 578 18.34 6.63 43.35
N SER A 579 17.24 7.37 43.57
CA SER A 579 17.04 8.65 42.92
C SER A 579 18.18 9.63 43.21
N GLY A 580 18.53 10.41 42.20
CA GLY A 580 19.59 11.38 42.32
C GLY A 580 20.98 10.85 42.03
N SER A 581 21.13 9.54 41.87
CA SER A 581 22.42 8.93 41.62
C SER A 581 22.98 9.32 40.27
N THR A 582 24.31 9.28 40.17
CA THR A 582 25.01 9.66 38.96
C THR A 582 25.48 8.43 38.23
N GLN A 583 26.05 8.67 37.04
CA GLN A 583 26.49 7.58 36.17
C GLN A 583 27.50 6.67 36.87
N GLU A 584 28.31 7.20 37.78
CA GLU A 584 29.38 6.43 38.41
C GLU A 584 28.85 5.41 39.41
N THR A 585 27.89 5.79 40.23
CA THR A 585 27.36 4.84 41.21
C THR A 585 26.55 3.74 40.53
N THR A 586 25.74 4.12 39.53
CA THR A 586 25.06 3.14 38.71
C THR A 586 26.07 2.24 38.03
N ALA A 587 27.22 2.80 37.65
CA ALA A 587 28.31 2.02 37.09
C ALA A 587 28.80 0.96 38.06
N ARG A 588 28.87 1.29 39.35
CA ARG A 588 29.27 0.29 40.34
C ARG A 588 28.27 -0.87 40.40
N THR A 589 26.96 -0.56 40.38
CA THR A 589 25.96 -1.64 40.43
C THR A 589 26.07 -2.56 39.19
N LEU A 590 26.16 -1.94 38.00
CA LEU A 590 26.29 -2.69 36.76
C LEU A 590 27.56 -3.52 36.76
N ALA A 591 28.65 -2.95 37.28
CA ALA A 591 29.90 -3.68 37.33
C ALA A 591 29.78 -4.86 38.27
N ASN A 592 29.06 -4.69 39.38
CA ASN A 592 28.81 -5.82 40.27
C ASN A 592 28.09 -6.95 39.56
N ILE A 593 27.01 -6.63 38.85
CA ILE A 593 26.24 -7.67 38.15
C ILE A 593 27.10 -8.37 37.10
N SER A 594 27.84 -7.59 36.31
CA SER A 594 28.64 -8.15 35.24
C SER A 594 29.79 -9.01 35.80
N ASP A 595 30.46 -8.53 36.85
CA ASP A 595 31.51 -9.30 37.49
C ASP A 595 30.96 -10.60 38.03
N TYR A 596 29.81 -10.53 38.72
CA TYR A 596 29.20 -11.74 39.24
C TYR A 596 28.95 -12.73 38.11
N LEU A 597 28.33 -12.28 37.02
CA LEU A 597 27.97 -13.20 35.94
C LEU A 597 29.20 -13.80 35.29
N LEU A 598 30.25 -13.00 35.08
CA LEU A 598 31.42 -13.46 34.33
C LEU A 598 32.47 -14.18 35.16
N THR A 599 32.33 -14.21 36.49
CA THR A 599 33.23 -15.01 37.31
C THR A 599 32.53 -16.17 38.00
N GLN A 600 31.40 -15.92 38.66
CA GLN A 600 30.70 -17.00 39.37
C GLN A 600 29.93 -17.91 38.42
N GLU A 601 29.31 -17.34 37.40
CA GLU A 601 28.57 -18.10 36.38
C GLU A 601 29.43 -18.35 35.14
N LYS A 602 30.73 -18.56 35.35
CA LYS A 602 31.68 -18.60 34.24
C LYS A 602 31.35 -19.74 33.28
N ASP A 603 30.93 -20.90 33.80
CA ASP A 603 30.69 -22.09 32.98
C ASP A 603 29.41 -21.98 32.14
N ILE A 604 28.61 -20.94 32.36
CA ILE A 604 27.32 -20.81 31.69
C ILE A 604 27.14 -19.48 30.98
N VAL A 605 27.85 -18.41 31.34
CA VAL A 605 27.61 -17.11 30.73
C VAL A 605 28.72 -16.85 29.71
N GLU A 606 28.32 -16.57 28.48
CA GLU A 606 29.25 -16.26 27.41
C GLU A 606 29.70 -14.81 27.49
N SER A 607 28.76 -13.89 27.71
CA SER A 607 29.10 -12.47 27.80
C SER A 607 28.11 -11.73 28.67
N ALA A 608 28.55 -10.57 29.15
CA ALA A 608 27.67 -9.64 29.85
C ALA A 608 27.93 -8.27 29.27
N PHE A 609 26.89 -7.66 28.70
CA PHE A 609 26.99 -6.34 28.12
C PHE A 609 26.09 -5.42 28.91
N THR A 610 26.64 -4.32 29.40
CA THR A 610 25.89 -3.43 30.26
C THR A 610 25.84 -2.05 29.62
N VAL A 611 24.66 -1.44 29.66
CA VAL A 611 24.44 -0.09 29.20
C VAL A 611 24.05 0.70 30.42
N ASN A 612 24.73 1.82 30.61
CA ASN A 612 24.53 2.74 31.72
C ASN A 612 23.93 4.01 31.16
N GLY A 613 22.82 4.44 31.74
CA GLY A 613 22.07 5.55 31.21
C GLY A 613 20.82 5.15 30.46
N PHE A 614 20.64 3.86 30.19
CA PHE A 614 19.48 3.36 29.46
C PHE A 614 19.00 2.04 30.03
N SER A 615 17.69 1.92 30.17
CA SER A 615 17.03 0.64 30.19
C SER A 615 15.71 0.83 29.49
N PHE A 616 14.94 -0.25 29.41
CA PHE A 616 13.57 -0.12 28.97
C PHE A 616 12.77 0.77 29.92
N ALA A 617 13.23 0.91 31.19
CA ALA A 617 12.52 1.71 32.18
C ALA A 617 12.66 3.23 31.99
N GLY A 618 13.67 3.69 31.27
CA GLY A 618 13.82 5.13 31.05
C GLY A 618 15.27 5.52 30.85
N ARG A 619 15.46 6.78 30.55
CA ARG A 619 16.80 7.30 30.33
C ARG A 619 17.15 8.29 31.45
N GLY A 620 18.32 8.07 32.05
CA GLY A 620 18.76 8.87 33.19
C GLY A 620 19.99 8.26 33.80
N GLN A 621 20.65 9.05 34.64
CA GLN A 621 21.91 8.60 35.24
C GLN A 621 21.74 7.42 36.19
N ASN A 622 20.53 7.16 36.64
CA ASN A 622 20.25 6.09 37.58
C ASN A 622 19.49 4.97 36.90
N SER A 623 19.85 4.65 35.65
CA SER A 623 19.13 3.65 34.90
C SER A 623 20.11 2.81 34.09
N GLY A 624 19.84 1.49 33.98
CA GLY A 624 20.70 0.64 33.18
C GLY A 624 20.09 -0.71 32.90
N LEU A 625 20.65 -1.39 31.86
CA LEU A 625 20.35 -2.78 31.55
C LEU A 625 21.61 -3.61 31.46
N VAL A 626 21.45 -4.90 31.64
CA VAL A 626 22.50 -5.88 31.42
C VAL A 626 21.95 -6.90 30.43
N PHE A 627 22.64 -7.06 29.29
CA PHE A 627 22.32 -8.05 28.26
C PHE A 627 23.19 -9.28 28.48
N VAL A 628 22.58 -10.42 28.79
CA VAL A 628 23.31 -11.62 29.17
C VAL A 628 23.12 -12.68 28.08
N LYS A 629 24.23 -13.14 27.51
CA LYS A 629 24.21 -14.21 26.52
C LYS A 629 24.72 -15.45 27.23
N LEU A 630 24.05 -16.56 27.02
CA LEU A 630 24.40 -17.84 27.64
C LEU A 630 25.15 -18.69 26.63
N LYS A 631 25.95 -19.63 27.13
CA LYS A 631 26.62 -20.54 26.22
C LYS A 631 25.59 -21.34 25.40
N ASP A 632 26.06 -21.89 24.28
CA ASP A 632 25.18 -22.64 23.40
C ASP A 632 24.40 -23.69 24.19
N TYR A 633 23.21 -24.07 23.70
CA TYR A 633 22.35 -25.01 24.43
C TYR A 633 23.09 -26.30 24.73
N SER A 634 24.02 -26.71 23.86
CA SER A 634 24.73 -27.97 24.02
C SER A 634 25.63 -27.99 25.24
N GLN A 635 25.88 -26.85 25.86
CA GLN A 635 26.79 -26.78 27.00
C GLN A 635 26.08 -26.84 28.34
N ARG A 636 24.76 -26.73 28.36
CA ARG A 636 24.08 -26.49 29.62
C ARG A 636 22.82 -27.34 29.74
N GLN A 637 22.97 -28.65 29.54
CA GLN A 637 21.88 -29.57 29.84
C GLN A 637 21.53 -29.48 31.33
N SER A 638 20.32 -29.94 31.66
CA SER A 638 19.80 -30.08 33.03
C SER A 638 19.26 -28.76 33.58
N SER A 639 18.48 -28.84 34.65
CA SER A 639 17.76 -27.69 35.15
C SER A 639 18.67 -26.63 35.78
N ASP A 640 19.79 -27.05 36.41
CA ASP A 640 20.68 -26.10 37.07
C ASP A 640 21.19 -25.03 36.12
N GLN A 641 21.24 -25.34 34.84
CA GLN A 641 21.94 -24.50 33.88
C GLN A 641 21.01 -23.88 32.84
N LYS A 642 19.75 -23.67 33.20
CA LYS A 642 18.79 -23.03 32.31
C LYS A 642 18.63 -21.57 32.70
N VAL A 643 18.04 -20.79 31.80
CA VAL A 643 17.87 -19.37 32.04
C VAL A 643 16.97 -19.11 33.25
N GLN A 644 15.92 -19.91 33.43
CA GLN A 644 15.03 -19.69 34.57
C GLN A 644 15.75 -19.92 35.89
N ALA A 645 16.65 -20.90 35.96
CA ALA A 645 17.44 -21.11 37.16
C ALA A 645 18.37 -19.90 37.41
N LEU A 646 18.96 -19.35 36.36
CA LEU A 646 19.80 -18.17 36.51
C LEU A 646 18.97 -16.99 37.00
N ILE A 647 17.73 -16.87 36.52
CA ILE A 647 16.84 -15.82 36.98
C ILE A 647 16.56 -15.98 38.47
N GLY A 648 16.32 -17.21 38.91
CA GLY A 648 16.13 -17.45 40.34
C GLY A 648 17.35 -17.09 41.16
N ARG A 649 18.54 -17.46 40.67
CA ARG A 649 19.78 -17.15 41.41
C ARG A 649 20.02 -15.65 41.48
N MET A 650 19.69 -14.91 40.43
CA MET A 650 19.82 -13.46 40.45
C MET A 650 18.89 -12.87 41.49
N PHE A 651 17.63 -13.32 41.49
CA PHE A 651 16.71 -12.89 42.53
C PHE A 651 17.28 -13.15 43.92
N GLY A 652 17.88 -14.31 44.14
CA GLY A 652 18.43 -14.60 45.46
C GLY A 652 19.57 -13.68 45.83
N ARG A 653 20.55 -13.54 44.93
CA ARG A 653 21.72 -12.71 45.24
C ARG A 653 21.35 -11.25 45.45
N TYR A 654 20.45 -10.71 44.63
CA TYR A 654 20.16 -9.28 44.67
C TYR A 654 18.88 -8.95 45.42
N ALA A 655 18.30 -9.93 46.13
CA ALA A 655 17.17 -9.66 47.00
C ALA A 655 17.56 -8.72 48.14
N GLY A 656 18.71 -8.96 48.77
CA GLY A 656 19.13 -8.10 49.87
C GLY A 656 20.01 -6.96 49.39
N TYR A 657 19.96 -6.70 48.09
CA TYR A 657 20.80 -5.67 47.51
C TYR A 657 20.07 -4.36 47.66
N LYS A 658 20.32 -3.73 48.81
CA LYS A 658 20.24 -2.29 48.88
C LYS A 658 21.27 -1.74 47.90
N ASP A 659 21.24 -0.44 47.70
CA ASP A 659 22.01 0.35 46.73
C ASP A 659 21.39 0.33 45.33
N ALA A 660 20.40 -0.52 45.04
CA ALA A 660 19.76 -0.54 43.72
C ALA A 660 18.63 -1.57 43.59
N LEU A 661 17.69 -1.29 42.68
CA LEU A 661 16.69 -2.26 42.25
C LEU A 661 17.27 -3.08 41.09
N VAL A 662 17.46 -4.37 41.32
CA VAL A 662 18.04 -5.30 40.36
C VAL A 662 17.02 -6.40 40.09
N ILE A 663 16.51 -6.44 38.88
CA ILE A 663 15.46 -7.40 38.53
C ILE A 663 15.97 -8.21 37.35
N PRO A 664 16.16 -9.51 37.51
CA PRO A 664 16.45 -10.34 36.35
C PRO A 664 15.13 -10.74 35.70
N PHE A 665 15.18 -10.88 34.39
CA PHE A 665 14.01 -11.39 33.70
C PHE A 665 14.46 -11.94 32.36
N ASN A 666 13.54 -12.77 31.75
CA ASN A 666 13.62 -13.50 30.52
C ASN A 666 13.04 -12.65 29.40
N PRO A 667 13.61 -12.78 28.20
CA PRO A 667 13.13 -12.03 27.03
C PRO A 667 11.68 -12.32 26.71
N PRO A 668 11.00 -11.40 25.99
CA PRO A 668 9.53 -11.42 25.96
C PRO A 668 8.89 -12.53 25.13
N SER A 669 9.63 -13.19 24.22
CA SER A 669 9.09 -14.26 23.35
C SER A 669 8.22 -13.69 22.23
N ILE A 670 7.91 -12.41 22.32
CA ILE A 670 7.35 -11.61 21.24
C ILE A 670 7.96 -10.23 21.39
N PRO A 671 9.14 -9.98 20.83
CA PRO A 671 9.80 -8.69 21.08
C PRO A 671 8.98 -7.49 20.66
N GLU A 672 7.99 -7.68 19.81
CA GLU A 672 7.13 -6.57 19.42
C GLU A 672 6.28 -6.14 20.60
N LEU A 673 6.34 -4.83 20.93
CA LEU A 673 5.64 -4.27 22.09
C LEU A 673 5.87 -5.05 23.38
N GLY A 674 7.06 -5.63 23.52
CA GLY A 674 7.41 -6.52 24.59
C GLY A 674 8.40 -5.93 25.57
N THR A 675 9.68 -6.23 25.36
CA THR A 675 10.89 -5.84 26.08
C THR A 675 11.05 -6.69 27.32
N ALA A 676 10.03 -7.47 27.71
CA ALA A 676 10.13 -8.32 28.89
C ALA A 676 8.93 -9.27 29.00
N ALA A 677 9.23 -10.48 29.45
CA ALA A 677 8.24 -11.51 29.70
C ALA A 677 7.48 -11.21 30.98
N GLY A 678 6.15 -11.16 30.90
CA GLY A 678 5.34 -10.88 32.10
C GLY A 678 4.07 -10.13 31.73
N PHE A 679 3.60 -9.30 32.67
CA PHE A 679 2.38 -8.52 32.48
C PHE A 679 2.74 -7.04 32.46
N ASP A 680 1.91 -6.28 31.76
CA ASP A 680 2.16 -4.88 31.42
C ASP A 680 0.85 -4.11 31.58
N PHE A 681 0.79 -3.20 32.56
CA PHE A 681 -0.41 -2.54 33.08
C PHE A 681 -0.25 -1.03 33.04
N GLU A 682 -1.35 -0.30 32.81
CA GLU A 682 -1.30 1.15 32.77
C GLU A 682 -2.28 1.62 33.82
N LEU A 683 -1.77 2.40 34.77
CA LEU A 683 -2.61 3.18 35.64
C LEU A 683 -2.79 4.52 34.97
N THR A 684 -4.01 5.03 34.98
CA THR A 684 -4.29 6.24 34.22
C THR A 684 -5.03 7.26 35.08
N ASP A 685 -4.81 8.52 34.74
CA ASP A 685 -5.43 9.65 35.42
C ASP A 685 -6.55 10.13 34.52
N ASN A 686 -7.74 9.55 34.74
CA ASN A 686 -8.87 9.79 33.85
C ASN A 686 -9.48 11.17 34.05
N ALA A 687 -9.55 11.65 35.29
CA ALA A 687 -10.33 12.84 35.57
C ALA A 687 -9.49 14.08 35.79
N GLY A 688 -8.16 13.98 35.66
CA GLY A 688 -7.28 15.10 35.94
C GLY A 688 -7.03 15.22 37.42
N LEU A 689 -6.72 14.10 38.08
CA LEU A 689 -6.45 14.08 39.52
C LEU A 689 -5.09 14.70 39.85
N GLY A 690 -4.24 14.85 38.85
CA GLY A 690 -2.92 15.41 39.06
C GLY A 690 -1.84 14.34 39.09
N HIS A 691 -0.61 14.78 38.83
CA HIS A 691 0.52 13.87 38.87
C HIS A 691 0.66 13.23 40.26
N ASP A 692 0.50 14.04 41.32
CA ASP A 692 0.78 13.55 42.66
C ASP A 692 -0.19 12.43 43.06
N ALA A 693 -1.47 12.59 42.75
CA ALA A 693 -2.45 11.54 43.07
C ALA A 693 -2.12 10.24 42.37
N LEU A 694 -1.74 10.33 41.09
CA LEU A 694 -1.36 9.16 40.31
C LEU A 694 -0.14 8.45 40.92
N MET A 695 0.84 9.23 41.39
CA MET A 695 2.02 8.66 42.02
C MET A 695 1.66 7.91 43.30
N ALA A 696 0.75 8.48 44.09
CA ALA A 696 0.31 7.81 45.32
C ALA A 696 -0.38 6.49 44.99
N ALA A 697 -1.25 6.49 43.98
CA ALA A 697 -1.92 5.26 43.58
C ALA A 697 -0.92 4.23 43.09
N ARG A 698 0.08 4.68 42.34
CA ARG A 698 1.15 3.80 41.89
C ARG A 698 1.83 3.12 43.07
N ASN A 699 2.17 3.90 44.10
CA ASN A 699 2.86 3.35 45.27
C ASN A 699 2.01 2.36 46.03
N GLN A 700 0.71 2.65 46.13
CA GLN A 700 -0.22 1.73 46.78
C GLN A 700 -0.21 0.37 46.06
N LEU A 701 -0.40 0.38 44.74
CA LEU A 701 -0.42 -0.88 44.01
C LEU A 701 0.93 -1.58 44.08
N LEU A 702 2.02 -0.82 44.05
CA LEU A 702 3.34 -1.43 44.13
C LEU A 702 3.59 -2.09 45.48
N GLY A 703 3.15 -1.44 46.57
CA GLY A 703 3.31 -2.04 47.88
C GLY A 703 2.49 -3.30 48.04
N MET A 704 1.27 -3.31 47.48
CA MET A 704 0.46 -4.53 47.55
C MET A 704 1.08 -5.64 46.71
N ALA A 705 1.45 -5.32 45.46
CA ALA A 705 1.99 -6.30 44.52
C ALA A 705 3.32 -6.89 44.99
N ALA A 706 4.15 -6.10 45.67
CA ALA A 706 5.40 -6.64 46.17
C ALA A 706 5.17 -7.68 47.27
N LYS A 707 3.98 -7.73 47.86
CA LYS A 707 3.62 -8.72 48.88
C LYS A 707 2.77 -9.86 48.36
N ASP A 708 2.29 -9.80 47.13
CA ASP A 708 1.34 -10.79 46.63
C ASP A 708 2.06 -12.10 46.33
N PRO A 709 1.64 -13.24 46.92
CA PRO A 709 2.34 -14.50 46.64
C PRO A 709 2.24 -14.94 45.19
N THR A 710 1.19 -14.52 44.48
CA THR A 710 1.03 -14.88 43.08
C THR A 710 2.08 -14.26 42.17
N LEU A 711 2.66 -13.12 42.58
CA LEU A 711 3.49 -12.27 41.73
C LEU A 711 4.95 -12.26 42.16
N ARG A 712 5.82 -12.00 41.19
CA ARG A 712 7.26 -11.92 41.39
C ARG A 712 7.83 -10.92 40.40
N GLY A 713 8.82 -10.16 40.84
CA GLY A 713 9.44 -9.14 40.01
C GLY A 713 8.54 -7.97 39.63
N VAL A 714 7.54 -7.64 40.45
CA VAL A 714 6.71 -6.47 40.15
C VAL A 714 7.61 -5.23 40.16
N ARG A 715 7.63 -4.52 39.05
CA ARG A 715 8.55 -3.46 38.74
C ARG A 715 7.78 -2.19 38.42
N PRO A 716 8.10 -1.07 39.02
CA PRO A 716 7.34 0.16 38.76
C PRO A 716 7.71 0.78 37.42
N ASN A 717 7.72 -0.05 36.38
CA ASN A 717 7.92 0.45 35.03
C ASN A 717 9.25 1.17 34.95
N GLY A 718 9.21 2.46 35.31
CA GLY A 718 10.26 3.43 35.07
C GLY A 718 10.87 4.08 36.30
N LEU A 719 10.72 5.39 36.43
CA LEU A 719 11.44 6.15 37.45
C LEU A 719 10.50 6.86 38.43
N ASN A 720 10.74 6.66 39.71
CA ASN A 720 9.91 7.39 40.67
C ASN A 720 10.42 8.83 40.85
N ASP A 721 9.55 9.70 41.38
CA ASP A 721 9.87 11.12 41.49
C ASP A 721 11.19 11.35 42.22
N THR A 722 11.83 12.45 41.88
CA THR A 722 13.13 12.70 42.46
C THR A 722 13.24 14.19 42.77
N PRO A 723 14.05 14.56 43.75
CA PRO A 723 14.34 15.98 43.90
C PRO A 723 15.02 16.52 42.66
N GLN A 724 14.67 17.75 42.33
CA GLN A 724 15.25 18.54 41.25
C GLN A 724 15.32 19.97 41.75
N TYR A 725 16.06 20.80 41.05
CA TYR A 725 16.46 22.12 41.53
C TYR A 725 15.84 23.21 40.69
N LYS A 726 15.12 24.13 41.31
CA LYS A 726 14.47 25.21 40.60
C LYS A 726 15.29 26.48 40.77
N VAL A 727 15.51 27.19 39.65
CA VAL A 727 16.27 28.44 39.61
C VAL A 727 15.29 29.57 39.38
N ASP A 728 15.16 30.44 40.39
CA ASP A 728 14.32 31.64 40.34
C ASP A 728 15.17 32.85 40.04
N ILE A 729 14.97 33.47 38.90
CA ILE A 729 15.69 34.71 38.61
C ILE A 729 14.74 35.89 38.85
N ASP A 730 15.19 36.86 39.65
CA ASP A 730 14.35 38.00 40.00
C ASP A 730 14.41 38.95 38.82
N ARG A 731 13.43 38.85 37.92
CA ARG A 731 13.43 39.70 36.74
C ARG A 731 13.39 41.18 37.12
N GLU A 732 12.77 41.53 38.24
CA GLU A 732 12.77 42.93 38.66
C GLU A 732 14.22 43.42 38.85
N LYS A 733 14.95 42.83 39.81
CA LYS A 733 16.35 43.22 40.02
C LYS A 733 17.17 43.06 38.76
N ALA A 734 16.89 42.03 37.96
CA ALA A 734 17.62 41.82 36.73
C ALA A 734 17.46 43.01 35.79
N ASN A 735 16.22 43.46 35.59
CA ASN A 735 16.02 44.59 34.70
C ASN A 735 16.58 45.88 35.30
N ALA A 736 16.49 46.05 36.63
CA ALA A 736 17.02 47.25 37.29
C ALA A 736 18.52 47.39 37.08
N LEU A 737 19.23 46.28 36.98
CA LEU A 737 20.67 46.27 36.75
C LEU A 737 21.04 46.29 35.29
N GLY A 738 20.05 46.33 34.40
CA GLY A 738 20.30 46.41 32.97
C GLY A 738 20.45 45.11 32.19
N VAL A 739 20.03 43.97 32.75
CA VAL A 739 20.14 42.69 32.05
C VAL A 739 18.75 42.23 31.64
N THR A 740 18.64 41.76 30.39
CA THR A 740 17.39 41.32 29.81
C THR A 740 17.10 39.87 30.24
N ALA A 741 15.81 39.52 30.26
CA ALA A 741 15.51 38.12 30.55
C ALA A 741 16.19 37.21 29.56
N ASP A 742 16.23 37.63 28.28
CA ASP A 742 16.86 36.83 27.24
C ASP A 742 18.34 36.62 27.54
N ALA A 743 19.04 37.68 27.94
CA ALA A 743 20.46 37.48 28.22
C ALA A 743 20.66 36.43 29.30
N ILE A 744 19.89 36.53 30.40
CA ILE A 744 20.09 35.65 31.54
C ILE A 744 19.72 34.21 31.20
N ASP A 745 18.54 34.01 30.60
CA ASP A 745 18.09 32.66 30.27
C ASP A 745 19.06 31.98 29.33
N GLN A 746 19.51 32.70 28.29
CA GLN A 746 20.40 32.09 27.31
C GLN A 746 21.76 31.80 27.91
N THR A 747 22.29 32.71 28.73
CA THR A 747 23.54 32.40 29.44
C THR A 747 23.41 31.10 30.20
N PHE A 748 22.36 31.00 31.02
CA PHE A 748 22.18 29.82 31.84
C PHE A 748 22.08 28.57 31.00
N SER A 749 21.26 28.64 29.95
CA SER A 749 20.96 27.43 29.17
C SER A 749 22.17 26.97 28.39
N ILE A 750 22.90 27.90 27.77
CA ILE A 750 24.08 27.50 27.03
C ILE A 750 25.08 26.88 27.97
N ALA A 751 25.29 27.52 29.13
CA ALA A 751 26.29 27.05 30.08
C ALA A 751 25.92 25.70 30.66
N TRP A 752 24.65 25.50 31.03
CA TRP A 752 24.24 24.34 31.81
C TRP A 752 23.70 23.20 30.97
N ALA A 753 22.72 23.49 30.09
CA ALA A 753 22.10 22.47 29.26
C ALA A 753 22.97 22.03 28.10
N SER A 754 23.91 22.88 27.66
CA SER A 754 24.74 22.75 26.47
C SER A 754 23.91 23.20 25.28
N LYS A 755 24.57 23.54 24.17
CA LYS A 755 23.90 24.04 22.98
C LYS A 755 24.61 23.51 21.73
N TYR A 756 23.83 22.93 20.84
CA TYR A 756 24.30 22.56 19.51
C TYR A 756 24.34 23.82 18.65
N VAL A 757 25.52 24.16 18.12
CA VAL A 757 25.64 25.43 17.40
C VAL A 757 25.47 25.18 15.91
N ASN A 758 26.35 24.36 15.33
CA ASN A 758 26.28 24.08 13.90
C ASN A 758 27.24 22.91 13.59
N ASN A 759 27.40 22.58 12.31
CA ASN A 759 28.22 21.45 11.90
C ASN A 759 29.62 21.89 11.45
N PHE A 760 30.54 20.93 11.56
CA PHE A 760 31.91 21.07 11.13
C PHE A 760 32.30 19.82 10.37
N LEU A 761 33.36 19.91 9.59
CA LEU A 761 33.78 18.79 8.77
C LEU A 761 34.94 18.11 9.46
N ASP A 762 34.68 17.00 10.15
CA ASP A 762 35.80 16.37 10.83
C ASP A 762 36.88 15.94 9.81
N THR A 763 38.03 15.58 10.33
CA THR A 763 39.15 15.23 9.48
C THR A 763 38.92 13.91 8.75
N ASP A 764 37.85 13.18 9.04
CA ASP A 764 37.57 11.98 8.27
C ASP A 764 36.58 12.25 7.15
N GLY A 765 36.25 13.51 6.92
CA GLY A 765 35.38 13.91 5.86
C GLY A 765 33.92 13.86 6.17
N ARG A 766 33.53 13.49 7.38
CA ARG A 766 32.12 13.36 7.69
C ARG A 766 31.61 14.61 8.41
N ILE A 767 30.44 15.11 8.00
CA ILE A 767 29.84 16.24 8.68
C ILE A 767 29.44 15.79 10.09
N LYS A 768 29.76 16.62 11.09
CA LYS A 768 29.53 16.28 12.48
C LYS A 768 29.19 17.55 13.26
N LYS A 769 28.84 17.38 14.53
CA LYS A 769 28.24 18.44 15.34
C LYS A 769 29.27 19.26 16.13
N VAL A 770 28.86 20.49 16.50
CA VAL A 770 29.63 21.39 17.36
C VAL A 770 28.75 21.85 18.52
N TYR A 771 29.16 21.52 19.75
CA TYR A 771 28.43 21.88 20.97
C TYR A 771 29.23 22.82 21.86
N VAL A 772 28.50 23.68 22.56
CA VAL A 772 29.07 24.57 23.57
C VAL A 772 28.40 24.28 24.91
N GLN A 773 29.23 24.11 25.95
CA GLN A 773 28.73 23.88 27.29
C GLN A 773 29.81 24.32 28.26
N SER A 774 29.42 24.54 29.51
CA SER A 774 30.41 24.81 30.53
C SER A 774 31.32 23.60 30.74
N ASP A 775 32.59 23.88 31.02
CA ASP A 775 33.43 22.78 31.48
C ASP A 775 32.86 22.24 32.80
N ALA A 776 32.97 20.93 33.01
CA ALA A 776 32.29 20.31 34.13
C ALA A 776 32.54 20.98 35.48
N PRO A 777 33.77 21.36 35.85
CA PRO A 777 33.99 21.90 37.20
C PRO A 777 33.15 23.13 37.54
N PHE A 778 32.58 23.83 36.56
CA PHE A 778 31.88 25.08 36.79
C PHE A 778 30.37 24.95 36.69
N ARG A 779 29.84 23.73 36.59
CA ARG A 779 28.38 23.53 36.48
C ARG A 779 27.94 22.30 37.28
N MET A 780 28.53 22.07 38.45
CA MET A 780 28.23 20.85 39.17
C MET A 780 27.24 21.04 40.29
N THR A 781 27.34 22.17 40.99
CA THR A 781 26.66 22.37 42.24
C THR A 781 26.04 23.76 42.29
N PRO A 782 24.96 23.96 43.05
CA PRO A 782 24.25 25.25 42.99
C PRO A 782 25.11 26.45 43.26
N GLU A 783 26.23 26.27 43.95
CA GLU A 783 27.16 27.39 44.15
C GLU A 783 27.93 27.73 42.89
N ASP A 784 27.92 26.82 41.90
CA ASP A 784 28.61 27.10 40.66
C ASP A 784 27.86 28.13 39.84
N MET A 785 26.54 28.13 39.93
CA MET A 785 25.78 29.08 39.13
C MET A 785 26.06 30.53 39.56
N ASN A 786 26.60 30.76 40.75
CA ASN A 786 26.98 32.11 41.15
C ASN A 786 28.19 32.63 40.38
N ILE A 787 29.04 31.72 39.89
CA ILE A 787 30.25 32.10 39.16
C ILE A 787 29.90 32.79 37.83
N TRP A 788 28.73 32.51 37.29
CA TRP A 788 28.41 32.92 35.94
C TRP A 788 28.02 34.39 35.90
N TYR A 789 28.61 35.13 34.96
CA TYR A 789 28.33 36.54 34.76
C TYR A 789 27.57 36.74 33.46
N VAL A 790 26.52 37.54 33.50
CA VAL A 790 25.91 38.08 32.30
C VAL A 790 26.48 39.48 32.11
N ARG A 791 26.20 40.11 30.97
CA ARG A 791 26.51 41.53 30.91
C ARG A 791 25.28 42.34 30.55
N ASN A 792 25.28 43.58 31.04
CA ASN A 792 24.14 44.46 30.93
C ASN A 792 24.22 45.30 29.67
N GLY A 793 23.22 46.17 29.48
CA GLY A 793 23.18 47.03 28.31
C GLY A 793 24.33 47.99 28.22
N SER A 794 25.12 48.13 29.30
CA SER A 794 26.23 49.05 29.41
C SER A 794 27.60 48.41 29.20
N GLY A 795 27.67 47.13 28.90
CA GLY A 795 28.94 46.49 28.71
C GLY A 795 29.61 46.02 29.98
N GLY A 796 28.90 46.05 31.11
CA GLY A 796 29.45 45.58 32.36
C GLY A 796 28.94 44.21 32.77
N MET A 797 29.79 43.47 33.46
CA MET A 797 29.45 42.10 33.89
C MET A 797 28.75 42.16 35.22
N VAL A 798 27.63 41.44 35.31
CA VAL A 798 26.83 41.34 36.52
C VAL A 798 26.74 39.87 36.88
N PRO A 799 27.00 39.49 38.12
CA PRO A 799 26.93 38.07 38.48
C PRO A 799 25.49 37.59 38.72
N PHE A 800 25.28 36.29 38.53
CA PHE A 800 23.96 35.72 38.77
C PHE A 800 23.51 35.92 40.21
N SER A 801 24.44 35.90 41.15
CA SER A 801 24.07 36.14 42.54
C SER A 801 23.32 37.44 42.73
N ALA A 802 23.46 38.39 41.81
CA ALA A 802 22.75 39.67 41.92
C ALA A 802 21.25 39.52 41.71
N PHE A 803 20.82 38.56 40.90
CA PHE A 803 19.43 38.50 40.49
C PHE A 803 18.83 37.12 40.51
N ALA A 804 19.55 36.09 40.96
CA ALA A 804 19.03 34.74 40.88
C ALA A 804 19.25 34.00 42.18
N THR A 805 18.20 33.36 42.65
CA THR A 805 18.17 32.43 43.76
C THR A 805 17.72 31.05 43.26
N GLY A 806 17.68 30.09 44.16
CA GLY A 806 17.23 28.77 43.77
C GLY A 806 16.89 27.95 44.99
N HIS A 807 16.04 26.95 44.78
CA HIS A 807 15.58 26.14 45.90
C HIS A 807 15.29 24.74 45.40
N TRP A 808 15.27 23.78 46.33
CA TRP A 808 15.00 22.39 45.96
C TRP A 808 13.50 22.15 45.89
N THR A 809 13.11 21.28 44.96
CA THR A 809 11.74 20.91 44.73
C THR A 809 11.72 19.45 44.26
N TYR A 810 10.53 18.92 43.99
CA TYR A 810 10.37 17.56 43.49
C TYR A 810 9.81 17.59 42.09
N GLY A 811 10.10 16.53 41.34
CA GLY A 811 9.51 16.42 40.03
C GLY A 811 9.82 15.06 39.45
N SER A 812 9.13 14.75 38.34
CA SER A 812 9.39 13.42 37.82
C SER A 812 10.50 13.43 36.78
N PRO A 813 11.45 12.49 36.84
CA PRO A 813 12.43 12.35 35.75
C PRO A 813 11.90 11.66 34.52
N LYS A 814 10.67 11.11 34.57
CA LYS A 814 10.02 10.48 33.43
C LYS A 814 8.52 10.69 33.59
N LEU A 815 7.88 11.29 32.59
CA LEU A 815 6.45 11.53 32.55
C LEU A 815 5.87 10.68 31.46
N GLU A 816 4.68 10.13 31.68
CA GLU A 816 4.07 9.22 30.71
C GLU A 816 2.66 9.69 30.39
N ARG A 817 2.31 9.52 29.14
CA ARG A 817 0.98 9.77 28.64
C ARG A 817 0.49 8.46 28.07
N TYR A 818 -0.78 8.15 28.28
CA TYR A 818 -1.38 6.99 27.64
C TYR A 818 -2.68 7.47 27.01
N ASN A 819 -2.76 7.42 25.69
CA ASN A 819 -3.91 7.94 24.95
C ASN A 819 -4.19 9.40 25.30
N GLY A 820 -3.12 10.16 25.57
CA GLY A 820 -3.23 11.59 25.80
C GLY A 820 -3.40 12.01 27.24
N ILE A 821 -3.62 11.08 28.17
CA ILE A 821 -3.83 11.43 29.55
C ILE A 821 -2.65 10.93 30.37
N SER A 822 -2.32 11.68 31.45
CA SER A 822 -1.19 11.29 32.28
C SER A 822 -1.41 9.90 32.87
N ALA A 823 -0.33 9.12 32.94
CA ALA A 823 -0.44 7.71 33.26
C ALA A 823 0.89 7.20 33.83
N MET A 824 0.83 5.99 34.39
CA MET A 824 2.01 5.31 34.90
C MET A 824 1.93 3.82 34.60
N GLU A 825 3.05 3.26 34.13
CA GLU A 825 3.05 1.86 33.76
C GLU A 825 3.50 0.99 34.93
N ILE A 826 3.10 -0.29 34.89
CA ILE A 826 3.52 -1.31 35.83
C ILE A 826 3.84 -2.59 35.07
N GLN A 827 4.96 -3.23 35.40
CA GLN A 827 5.31 -4.50 34.80
C GLN A 827 5.72 -5.52 35.85
N GLY A 828 5.53 -6.77 35.51
CA GLY A 828 5.91 -7.80 36.45
C GLY A 828 5.92 -9.17 35.83
N GLN A 829 6.22 -10.14 36.66
CA GLN A 829 6.35 -11.53 36.26
C GLN A 829 5.49 -12.37 37.20
N ALA A 830 5.23 -13.61 36.81
CA ALA A 830 4.50 -14.53 37.66
C ALA A 830 5.45 -15.23 38.62
N ALA A 831 4.94 -15.62 39.79
CA ALA A 831 5.73 -16.34 40.77
C ALA A 831 6.12 -17.70 40.20
N PRO A 832 7.16 -18.37 40.74
CA PRO A 832 7.67 -19.56 40.05
C PRO A 832 6.84 -20.81 40.27
N GLY A 833 5.51 -20.68 40.28
CA GLY A 833 4.64 -21.83 40.14
C GLY A 833 3.31 -21.52 39.51
N LYS A 834 3.13 -20.29 39.05
CA LYS A 834 1.82 -19.76 38.71
C LYS A 834 1.89 -19.15 37.32
N SER A 835 0.75 -19.14 36.63
CA SER A 835 0.68 -18.71 35.24
C SER A 835 0.53 -17.19 35.15
N THR A 836 0.63 -16.69 33.92
CA THR A 836 0.40 -15.27 33.69
C THR A 836 -1.08 -14.90 33.81
N GLY A 837 -1.99 -15.86 33.59
CA GLY A 837 -3.40 -15.60 33.85
C GLY A 837 -3.70 -15.41 35.33
N GLN A 838 -3.10 -16.26 36.17
CA GLN A 838 -3.22 -16.11 37.61
C GLN A 838 -2.55 -14.81 38.07
N ALA A 839 -1.44 -14.44 37.42
CA ALA A 839 -0.77 -13.19 37.75
C ALA A 839 -1.67 -12.00 37.42
N MET A 840 -2.34 -12.05 36.26
CA MET A 840 -3.28 -10.99 35.89
C MET A 840 -4.51 -10.97 36.81
N THR A 841 -4.95 -12.14 37.28
CA THR A 841 -6.05 -12.18 38.24
C THR A 841 -5.64 -11.50 39.55
N ALA A 842 -4.43 -11.82 40.02
CA ALA A 842 -3.92 -11.20 41.24
C ALA A 842 -3.78 -9.68 41.05
N MET A 843 -3.27 -9.26 39.89
CA MET A 843 -3.11 -7.85 39.61
C MET A 843 -4.47 -7.15 39.51
N GLU A 844 -5.48 -7.82 38.96
CA GLU A 844 -6.84 -7.29 38.93
C GLU A 844 -7.38 -7.08 40.34
N THR A 845 -7.22 -8.10 41.19
CA THR A 845 -7.76 -8.01 42.55
C THR A 845 -7.05 -6.90 43.32
N LEU A 846 -5.75 -6.72 43.10
CA LEU A 846 -5.06 -5.63 43.77
C LEU A 846 -5.44 -4.28 43.18
N ALA A 847 -5.51 -4.19 41.85
CA ALA A 847 -5.83 -2.94 41.18
C ALA A 847 -7.19 -2.42 41.59
N LYS A 848 -8.12 -3.32 41.92
CA LYS A 848 -9.42 -2.87 42.40
C LYS A 848 -9.29 -2.02 43.63
N LYS A 849 -8.23 -2.25 44.41
CA LYS A 849 -8.06 -1.68 45.73
C LYS A 849 -7.33 -0.34 45.69
N LEU A 850 -7.47 0.41 44.61
CA LEU A 850 -6.80 1.68 44.38
C LEU A 850 -7.78 2.85 44.45
N PRO A 851 -7.29 4.09 44.54
CA PRO A 851 -8.20 5.22 44.75
C PRO A 851 -9.14 5.49 43.59
N THR A 852 -10.28 6.09 43.93
CA THR A 852 -11.24 6.52 42.93
C THR A 852 -10.70 7.67 42.09
N GLY A 853 -11.04 7.63 40.78
CA GLY A 853 -10.60 8.58 39.79
C GLY A 853 -9.38 8.14 39.00
N ILE A 854 -8.68 7.14 39.51
CA ILE A 854 -7.56 6.53 38.81
C ILE A 854 -8.05 5.29 38.07
N GLY A 855 -7.98 5.33 36.75
CA GLY A 855 -8.38 4.21 35.91
C GLY A 855 -7.22 3.30 35.55
N TYR A 856 -7.52 2.33 34.68
CA TYR A 856 -6.62 1.26 34.33
C TYR A 856 -6.77 0.97 32.83
N SER A 857 -5.73 0.37 32.26
CA SER A 857 -5.76 -0.21 30.91
C SER A 857 -4.68 -1.28 30.80
N TRP A 858 -4.85 -2.17 29.85
CA TRP A 858 -3.80 -3.12 29.55
C TRP A 858 -3.21 -2.79 28.19
N THR A 859 -1.97 -3.19 28.01
CA THR A 859 -1.21 -2.93 26.79
C THR A 859 -0.30 -4.11 26.50
N GLY A 860 0.29 -4.11 25.30
CA GLY A 860 1.27 -5.12 24.95
C GLY A 860 0.70 -6.53 25.05
N LEU A 861 1.51 -7.42 25.62
CA LEU A 861 1.18 -8.84 25.71
C LEU A 861 -0.17 -9.04 26.37
N SER A 862 -0.54 -8.13 27.25
CA SER A 862 -1.74 -8.27 28.04
C SER A 862 -2.97 -7.67 27.39
N PHE A 863 -2.86 -6.96 26.26
CA PHE A 863 -4.05 -6.27 25.75
C PHE A 863 -5.15 -7.23 25.33
N GLN A 864 -4.81 -8.39 24.76
CA GLN A 864 -5.79 -9.37 24.27
C GLN A 864 -5.70 -10.78 24.86
N GLU A 865 -4.63 -11.13 25.58
CA GLU A 865 -4.62 -12.42 26.26
C GLU A 865 -5.86 -12.58 27.15
N ILE A 866 -6.30 -11.52 27.84
CA ILE A 866 -7.46 -11.71 28.72
C ILE A 866 -8.70 -11.97 27.90
N GLN A 867 -8.91 -11.21 26.82
CA GLN A 867 -10.14 -11.38 26.04
C GLN A 867 -9.96 -12.43 24.94
N SER A 868 -9.61 -13.62 25.39
CA SER A 868 -9.47 -14.78 24.53
C SER A 868 -10.61 -15.76 24.76
N GLY A 869 -11.58 -15.36 25.59
CA GLY A 869 -12.60 -16.22 26.15
C GLY A 869 -13.32 -17.11 25.18
N SER A 870 -14.16 -16.53 24.32
CA SER A 870 -15.05 -17.35 23.51
C SER A 870 -14.31 -17.84 22.28
N GLN A 871 -13.12 -18.40 22.49
CA GLN A 871 -12.36 -19.01 21.40
C GLN A 871 -12.09 -20.48 21.64
N ALA A 872 -11.45 -20.87 22.75
CA ALA A 872 -11.07 -22.28 22.89
C ALA A 872 -12.25 -23.19 23.19
N PRO A 873 -13.05 -22.97 24.24
CA PRO A 873 -14.18 -23.89 24.50
C PRO A 873 -15.21 -23.92 23.40
N ILE A 874 -15.55 -22.76 22.82
CA ILE A 874 -16.55 -22.75 21.75
C ILE A 874 -16.01 -23.48 20.51
N LEU A 875 -14.72 -23.30 20.18
CA LEU A 875 -14.17 -24.07 19.07
C LEU A 875 -14.20 -25.56 19.39
N TYR A 876 -13.96 -25.95 20.64
CA TYR A 876 -14.09 -27.35 21.01
C TYR A 876 -15.52 -27.84 20.76
N ALA A 877 -16.52 -27.08 21.20
CA ALA A 877 -17.91 -27.50 21.02
C ALA A 877 -18.26 -27.61 19.55
N ILE A 878 -17.92 -26.59 18.76
CA ILE A 878 -18.20 -26.58 17.33
C ILE A 878 -17.48 -27.75 16.66
N SER A 879 -16.22 -27.97 17.03
CA SER A 879 -15.44 -29.03 16.42
C SER A 879 -16.11 -30.36 16.68
N ILE A 880 -16.56 -30.57 17.92
CA ILE A 880 -17.20 -31.85 18.23
C ILE A 880 -18.53 -32.00 17.49
N LEU A 881 -19.29 -30.90 17.37
CA LEU A 881 -20.53 -30.92 16.60
C LEU A 881 -20.29 -31.25 15.14
N VAL A 882 -19.27 -30.62 14.55
CA VAL A 882 -19.02 -30.81 13.13
C VAL A 882 -18.53 -32.23 12.87
N VAL A 883 -17.70 -32.77 13.76
CA VAL A 883 -17.27 -34.14 13.56
C VAL A 883 -18.45 -35.08 13.75
N PHE A 884 -19.36 -34.77 14.67
CA PHE A 884 -20.56 -35.59 14.78
C PHE A 884 -21.33 -35.64 13.46
N LEU A 885 -21.60 -34.47 12.86
CA LEU A 885 -22.37 -34.43 11.63
C LEU A 885 -21.63 -35.10 10.47
N CYS A 886 -20.32 -34.91 10.41
CA CYS A 886 -19.54 -35.57 9.37
C CYS A 886 -19.58 -37.07 9.55
N LEU A 887 -19.54 -37.54 10.80
CA LEU A 887 -19.70 -38.97 11.04
C LEU A 887 -21.09 -39.44 10.61
N ALA A 888 -22.12 -38.62 10.90
CA ALA A 888 -23.47 -38.96 10.48
C ALA A 888 -23.59 -39.11 8.97
N ALA A 889 -22.98 -38.21 8.21
CA ALA A 889 -22.93 -38.39 6.76
C ALA A 889 -22.13 -39.63 6.38
N LEU A 890 -21.04 -39.89 7.10
CA LEU A 890 -20.22 -41.05 6.78
C LEU A 890 -21.04 -42.34 6.91
N TYR A 891 -21.79 -42.48 8.00
CA TYR A 891 -22.51 -43.70 8.33
C TYR A 891 -24.00 -43.68 7.98
N GLU A 892 -24.54 -42.58 7.47
CA GLU A 892 -25.99 -42.45 7.26
C GLU A 892 -26.74 -42.75 8.55
N SER A 893 -26.29 -42.16 9.64
CA SER A 893 -26.90 -42.47 10.92
C SER A 893 -26.82 -41.29 11.87
N TRP A 894 -27.94 -40.98 12.49
CA TRP A 894 -27.99 -40.00 13.55
C TRP A 894 -27.72 -40.63 14.91
N SER A 895 -27.49 -41.93 14.97
CA SER A 895 -27.29 -42.65 16.22
C SER A 895 -25.95 -43.35 16.34
N ILE A 896 -25.39 -43.88 15.25
CA ILE A 896 -24.07 -44.50 15.34
C ILE A 896 -23.02 -43.50 15.80
N PRO A 897 -22.99 -42.26 15.30
CA PRO A 897 -21.90 -41.33 15.67
C PRO A 897 -21.75 -41.10 17.17
N PHE A 898 -22.79 -41.30 17.96
CA PHE A 898 -22.64 -41.19 19.42
C PHE A 898 -21.50 -42.09 19.89
N SER A 899 -21.50 -43.34 19.41
CA SER A 899 -20.50 -44.31 19.83
C SER A 899 -19.08 -43.89 19.48
N VAL A 900 -18.93 -42.96 18.54
CA VAL A 900 -17.61 -42.39 18.27
C VAL A 900 -17.36 -41.13 19.11
N ILE A 901 -18.33 -40.22 19.15
CA ILE A 901 -18.16 -39.00 19.94
C ILE A 901 -17.71 -39.35 21.33
N MET A 902 -18.32 -40.38 21.90
CA MET A 902 -18.12 -40.65 23.30
C MET A 902 -16.69 -41.09 23.60
N VAL A 903 -15.84 -41.21 22.57
CA VAL A 903 -14.42 -41.41 22.80
C VAL A 903 -13.73 -40.09 23.19
N VAL A 904 -14.33 -38.93 22.86
CA VAL A 904 -13.64 -37.65 23.06
C VAL A 904 -13.26 -37.43 24.52
N PRO A 905 -14.17 -37.54 25.50
CA PRO A 905 -13.74 -37.38 26.91
C PRO A 905 -12.69 -38.39 27.33
N LEU A 906 -12.66 -39.57 26.69
CA LEU A 906 -11.63 -40.56 26.98
C LEU A 906 -10.24 -40.15 26.49
N GLY A 907 -10.14 -39.41 25.37
CA GLY A 907 -8.84 -38.91 24.96
C GLY A 907 -8.47 -37.61 25.67
N VAL A 908 -9.49 -36.81 25.99
CA VAL A 908 -9.21 -35.53 26.63
C VAL A 908 -8.69 -35.77 28.04
N ILE A 909 -9.24 -36.76 28.75
CA ILE A 909 -8.81 -36.94 30.13
C ILE A 909 -7.30 -37.19 30.17
N GLY A 910 -6.82 -38.12 29.34
CA GLY A 910 -5.40 -38.41 29.28
C GLY A 910 -4.57 -37.21 28.86
N ALA A 911 -5.15 -36.32 28.04
CA ALA A 911 -4.44 -35.09 27.71
C ALA A 911 -4.31 -34.19 28.93
N LEU A 912 -5.41 -34.01 29.67
CA LEU A 912 -5.39 -33.12 30.83
C LEU A 912 -4.58 -33.74 31.94
N LEU A 913 -4.78 -35.02 32.20
CA LEU A 913 -4.00 -35.75 33.18
C LEU A 913 -2.51 -35.53 32.96
N ALA A 914 -2.01 -35.95 31.78
CA ALA A 914 -0.61 -35.69 31.47
C ALA A 914 -0.25 -34.22 31.69
N ALA A 915 -1.11 -33.30 31.21
CA ALA A 915 -0.84 -31.87 31.33
C ALA A 915 -0.69 -31.35 32.78
N THR A 916 -1.59 -31.76 33.69
CA THR A 916 -1.45 -31.39 35.09
C THR A 916 -0.22 -32.03 35.72
N LEU A 917 0.02 -33.31 35.44
CA LEU A 917 1.28 -33.92 35.83
C LEU A 917 2.41 -33.27 35.05
N ARG A 918 3.59 -33.18 35.66
CA ARG A 918 4.68 -32.45 35.01
C ARG A 918 4.42 -30.94 34.98
N GLY A 919 3.22 -30.53 35.42
CA GLY A 919 2.86 -29.13 35.56
C GLY A 919 2.79 -28.18 34.38
N LEU A 920 2.17 -28.58 33.28
CA LEU A 920 2.04 -27.67 32.15
C LEU A 920 0.76 -26.85 32.28
N GLU A 921 0.53 -25.93 31.33
CA GLU A 921 -0.56 -24.96 31.44
C GLU A 921 -1.51 -25.06 30.26
N ASN A 922 -2.67 -24.41 30.42
CA ASN A 922 -3.69 -24.32 29.37
C ASN A 922 -3.38 -23.15 28.45
N ASP A 923 -2.34 -23.35 27.65
CA ASP A 923 -1.84 -22.40 26.67
C ASP A 923 -2.28 -22.79 25.25
N VAL A 924 -1.86 -21.99 24.27
CA VAL A 924 -2.27 -22.21 22.88
C VAL A 924 -1.83 -23.58 22.42
N PHE A 925 -0.61 -23.98 22.80
CA PHE A 925 -0.10 -25.29 22.40
C PHE A 925 -0.97 -26.41 22.92
N PHE A 926 -1.37 -26.31 24.18
CA PHE A 926 -2.29 -27.28 24.75
C PHE A 926 -3.61 -27.27 23.98
N GLN A 927 -4.06 -26.10 23.52
CA GLN A 927 -5.34 -26.00 22.81
C GLN A 927 -5.27 -26.72 21.46
N VAL A 928 -4.25 -26.44 20.65
CA VAL A 928 -4.17 -27.22 19.43
C VAL A 928 -3.96 -28.70 19.75
N GLY A 929 -3.26 -29.00 20.85
CA GLY A 929 -3.13 -30.39 21.26
C GLY A 929 -4.45 -31.08 21.53
N LEU A 930 -5.36 -30.41 22.24
CA LEU A 930 -6.66 -31.01 22.51
C LEU A 930 -7.45 -31.20 21.22
N LEU A 931 -7.37 -30.24 20.30
CA LEU A 931 -8.02 -30.47 19.02
C LEU A 931 -7.48 -31.73 18.32
N THR A 932 -6.14 -31.85 18.24
CA THR A 932 -5.56 -33.03 17.63
C THR A 932 -5.98 -34.30 18.37
N THR A 933 -6.10 -34.26 19.71
CA THR A 933 -6.49 -35.46 20.44
C THR A 933 -7.93 -35.87 20.13
N VAL A 934 -8.83 -34.89 19.98
CA VAL A 934 -10.18 -35.19 19.49
C VAL A 934 -10.07 -35.97 18.19
N GLY A 935 -9.28 -35.45 17.25
CA GLY A 935 -9.11 -36.14 15.98
C GLY A 935 -8.58 -37.55 16.17
N LEU A 936 -7.56 -37.70 17.01
CA LEU A 936 -6.89 -38.99 17.18
C LEU A 936 -7.82 -40.04 17.78
N SER A 937 -8.59 -39.64 18.80
CA SER A 937 -9.50 -40.59 19.42
C SER A 937 -10.66 -40.94 18.49
N ALA A 938 -11.22 -39.94 17.77
CA ALA A 938 -12.25 -40.29 16.80
C ALA A 938 -11.70 -41.27 15.78
N LYS A 939 -10.41 -41.13 15.44
CA LYS A 939 -9.78 -42.04 14.48
C LYS A 939 -9.83 -43.47 14.98
N ASN A 940 -9.42 -43.71 16.22
CA ASN A 940 -9.44 -45.09 16.74
C ASN A 940 -10.86 -45.62 16.85
N ALA A 941 -11.77 -44.80 17.38
CA ALA A 941 -13.17 -45.20 17.49
C ALA A 941 -13.74 -45.54 16.12
N ILE A 942 -13.31 -44.82 15.08
CA ILE A 942 -13.76 -45.14 13.73
C ILE A 942 -13.22 -46.48 13.29
N LEU A 943 -11.93 -46.78 13.56
CA LEU A 943 -11.45 -48.10 13.16
C LEU A 943 -12.33 -49.22 13.75
N ILE A 944 -12.76 -49.09 15.01
CA ILE A 944 -13.62 -50.17 15.53
C ILE A 944 -15.02 -50.12 14.92
N VAL A 945 -15.65 -48.95 14.89
CA VAL A 945 -17.06 -48.89 14.50
C VAL A 945 -17.25 -49.16 13.00
N GLU A 946 -16.38 -48.62 12.14
CA GLU A 946 -16.42 -48.89 10.69
C GLU A 946 -16.51 -50.40 10.40
N PHE A 947 -15.55 -51.16 10.93
CA PHE A 947 -15.49 -52.58 10.65
C PHE A 947 -16.62 -53.35 11.35
N ALA A 948 -17.02 -52.92 12.55
CA ALA A 948 -18.17 -53.55 13.20
C ALA A 948 -19.43 -53.38 12.35
N ARG A 949 -19.61 -52.19 11.78
CA ARG A 949 -20.74 -51.93 10.90
C ARG A 949 -20.70 -52.84 9.66
N GLU A 950 -19.51 -53.02 9.09
CA GLU A 950 -19.42 -53.90 7.93
C GLU A 950 -19.73 -55.34 8.32
N LEU A 951 -19.19 -55.81 9.45
CA LEU A 951 -19.48 -57.16 9.91
C LEU A 951 -20.97 -57.35 10.17
N GLN A 952 -21.62 -56.33 10.76
CA GLN A 952 -23.05 -56.40 11.02
C GLN A 952 -23.87 -56.41 9.73
N GLN A 953 -23.23 -56.12 8.60
CA GLN A 953 -23.94 -56.15 7.33
C GLN A 953 -23.67 -57.40 6.47
N THR A 954 -22.44 -57.92 6.50
CA THR A 954 -22.05 -59.05 5.66
C THR A 954 -21.99 -60.39 6.39
N GLU A 955 -21.68 -60.42 7.69
CA GLU A 955 -21.72 -61.66 8.46
C GLU A 955 -23.01 -61.82 9.26
N ASN A 956 -23.70 -60.73 9.55
CA ASN A 956 -25.07 -60.75 10.06
C ASN A 956 -25.19 -61.50 11.39
N MET A 957 -24.35 -61.13 12.34
CA MET A 957 -24.54 -61.50 13.73
C MET A 957 -24.88 -60.23 14.51
N GLY A 958 -25.57 -60.41 15.63
CA GLY A 958 -26.05 -59.31 16.43
C GLY A 958 -24.93 -58.38 16.83
N PRO A 959 -25.29 -57.23 17.41
CA PRO A 959 -24.25 -56.23 17.69
C PRO A 959 -23.15 -56.69 18.60
N ILE A 960 -23.41 -57.60 19.55
CA ILE A 960 -22.37 -57.97 20.49
C ILE A 960 -21.34 -58.92 19.84
N GLU A 961 -21.80 -60.00 19.19
CA GLU A 961 -20.85 -60.89 18.52
C GLU A 961 -20.09 -60.17 17.41
N ALA A 962 -20.82 -59.38 16.60
CA ALA A 962 -20.18 -58.62 15.51
C ALA A 962 -19.17 -57.62 16.04
N ALA A 963 -19.53 -56.90 17.10
CA ALA A 963 -18.61 -55.92 17.69
C ALA A 963 -17.38 -56.62 18.25
N LEU A 964 -17.56 -57.76 18.91
CA LEU A 964 -16.42 -58.48 19.47
C LEU A 964 -15.48 -58.90 18.36
N GLU A 965 -16.04 -59.42 17.27
CA GLU A 965 -15.21 -59.81 16.13
C GLU A 965 -14.46 -58.61 15.56
N ALA A 966 -15.15 -57.47 15.42
CA ALA A 966 -14.50 -56.29 14.86
C ALA A 966 -13.34 -55.84 15.73
N ALA A 967 -13.52 -55.85 17.06
CA ALA A 967 -12.41 -55.52 17.95
C ALA A 967 -11.27 -56.52 17.81
N ARG A 968 -11.61 -57.81 17.82
CA ARG A 968 -10.64 -58.88 17.70
C ARG A 968 -9.75 -58.66 16.49
N LEU A 969 -10.34 -58.21 15.37
CA LEU A 969 -9.56 -58.03 14.15
C LEU A 969 -8.90 -56.65 14.03
N ARG A 970 -9.48 -55.59 14.62
CA ARG A 970 -8.95 -54.23 14.50
C ARG A 970 -7.82 -53.92 15.46
N LEU A 971 -7.66 -54.70 16.53
CA LEU A 971 -6.70 -54.34 17.57
C LEU A 971 -5.32 -54.01 16.98
N ARG A 972 -4.80 -54.88 16.11
CA ARG A 972 -3.44 -54.72 15.62
C ARG A 972 -3.23 -53.41 14.85
N PRO A 973 -4.09 -53.01 13.90
CA PRO A 973 -3.96 -51.64 13.39
C PRO A 973 -4.18 -50.54 14.43
N ILE A 974 -5.02 -50.76 15.44
CA ILE A 974 -5.17 -49.73 16.46
C ILE A 974 -3.81 -49.45 17.10
N LEU A 975 -3.12 -50.50 17.56
CA LEU A 975 -1.80 -50.28 18.15
C LEU A 975 -0.79 -49.83 17.10
N MET A 976 -0.89 -50.36 15.87
CA MET A 976 -0.10 -49.90 14.73
C MET A 976 -0.06 -48.38 14.64
N THR A 977 -1.23 -47.80 14.37
CA THR A 977 -1.33 -46.37 14.11
C THR A 977 -1.07 -45.58 15.40
N SER A 978 -1.60 -46.07 16.53
CA SER A 978 -1.41 -45.37 17.78
C SER A 978 0.06 -45.30 18.17
N LEU A 979 0.78 -46.42 18.05
CA LEU A 979 2.18 -46.43 18.43
C LEU A 979 3.03 -45.66 17.43
N ALA A 980 2.69 -45.73 16.13
CA ALA A 980 3.34 -44.86 15.17
C ALA A 980 3.28 -43.40 15.61
N PHE A 981 2.09 -42.94 16.01
CA PHE A 981 1.96 -41.56 16.46
C PHE A 981 2.70 -41.32 17.78
N ILE A 982 2.54 -42.22 18.75
CA ILE A 982 3.13 -42.03 20.07
C ILE A 982 4.64 -41.86 19.96
N LEU A 983 5.31 -42.75 19.22
CA LEU A 983 6.76 -42.60 19.09
C LEU A 983 7.10 -41.48 18.12
N GLY A 984 6.23 -41.24 17.14
CA GLY A 984 6.48 -40.19 16.17
C GLY A 984 6.62 -38.82 16.79
N VAL A 985 5.83 -38.52 17.82
CA VAL A 985 5.93 -37.22 18.50
C VAL A 985 6.81 -37.28 19.74
N MET A 986 7.32 -38.45 20.09
CA MET A 986 8.09 -38.60 21.32
C MET A 986 9.35 -37.75 21.39
N PRO A 987 10.24 -37.73 20.38
CA PRO A 987 11.44 -36.88 20.48
C PRO A 987 11.14 -35.42 20.76
N LEU A 988 9.91 -35.00 20.48
CA LEU A 988 9.48 -33.63 20.72
C LEU A 988 9.12 -33.41 22.19
N ALA A 989 8.41 -34.36 22.80
CA ALA A 989 8.02 -34.24 24.20
C ALA A 989 9.19 -34.42 25.17
N ILE A 990 10.27 -35.07 24.73
CA ILE A 990 11.44 -35.33 25.57
C ILE A 990 12.65 -34.56 25.06
N SER A 991 12.42 -33.44 24.37
CA SER A 991 13.49 -32.61 23.84
C SER A 991 14.08 -31.70 24.92
N ASN A 992 15.40 -31.51 24.86
CA ASN A 992 16.15 -30.62 25.76
C ASN A 992 17.05 -29.75 24.90
N GLY A 993 16.57 -28.58 24.52
CA GLY A 993 17.32 -27.73 23.62
C GLY A 993 16.52 -26.51 23.24
N ALA A 994 16.89 -25.89 22.12
CA ALA A 994 16.17 -24.72 21.66
C ALA A 994 14.71 -25.07 21.37
N GLY A 995 13.79 -24.24 21.88
CA GLY A 995 12.38 -24.47 21.65
C GLY A 995 11.75 -25.57 22.48
N SER A 996 12.37 -25.94 23.60
CA SER A 996 11.89 -27.09 24.37
C SER A 996 10.50 -26.89 24.96
N ALA A 997 10.19 -25.66 25.42
CA ALA A 997 8.90 -25.43 26.07
C ALA A 997 7.75 -25.68 25.11
N SER A 998 7.85 -25.18 23.87
CA SER A 998 6.80 -25.41 22.87
C SER A 998 6.65 -26.90 22.59
N GLN A 999 7.79 -27.55 22.40
CA GLN A 999 7.81 -28.97 22.06
C GLN A 999 7.11 -29.77 23.15
N HIS A 1000 7.46 -29.51 24.42
CA HIS A 1000 6.81 -30.17 25.54
C HIS A 1000 5.32 -29.83 25.55
N ALA A 1001 4.99 -28.55 25.39
CA ALA A 1001 3.61 -28.09 25.50
C ALA A 1001 2.69 -28.85 24.55
N ILE A 1002 3.12 -29.04 23.31
CA ILE A 1002 2.22 -29.73 22.38
C ILE A 1002 2.35 -31.26 22.49
N GLY A 1003 3.59 -31.76 22.60
CA GLY A 1003 3.81 -33.20 22.57
C GLY A 1003 3.23 -33.92 23.77
N THR A 1004 3.43 -33.36 24.98
CA THR A 1004 2.92 -34.01 26.19
C THR A 1004 1.40 -34.11 26.14
N GLY A 1005 0.73 -33.04 25.73
CA GLY A 1005 -0.72 -33.06 25.62
C GLY A 1005 -1.20 -34.12 24.64
N VAL A 1006 -0.61 -34.14 23.44
CA VAL A 1006 -1.12 -35.11 22.46
C VAL A 1006 -0.79 -36.53 22.89
N ILE A 1007 0.38 -36.75 23.48
CA ILE A 1007 0.75 -38.10 23.92
C ILE A 1007 -0.22 -38.58 24.99
N GLY A 1008 -0.48 -37.74 25.99
CA GLY A 1008 -1.45 -38.14 27.00
C GLY A 1008 -2.81 -38.44 26.41
N GLY A 1009 -3.30 -37.53 25.55
CA GLY A 1009 -4.58 -37.75 24.92
C GLY A 1009 -4.66 -39.03 24.11
N MET A 1010 -3.62 -39.31 23.33
CA MET A 1010 -3.55 -40.53 22.53
C MET A 1010 -3.44 -41.77 23.40
N ILE A 1011 -2.70 -41.70 24.51
CA ILE A 1011 -2.61 -42.86 25.41
C ILE A 1011 -3.98 -43.24 25.94
N THR A 1012 -4.73 -42.27 26.46
CA THR A 1012 -6.09 -42.62 26.90
C THR A 1012 -7.11 -42.71 25.76
N ALA A 1013 -6.77 -42.23 24.56
CA ALA A 1013 -7.57 -42.43 23.35
C ALA A 1013 -7.41 -43.81 22.73
N THR A 1014 -6.34 -44.51 23.09
CA THR A 1014 -6.04 -45.84 22.59
C THR A 1014 -6.40 -46.90 23.62
N PHE A 1015 -5.78 -46.84 24.79
CA PHE A 1015 -5.87 -47.91 25.76
C PHE A 1015 -7.09 -47.81 26.65
N LEU A 1016 -7.87 -46.75 26.55
CA LEU A 1016 -9.20 -46.67 27.15
C LEU A 1016 -10.30 -46.82 26.13
N ALA A 1017 -10.05 -46.39 24.89
CA ALA A 1017 -11.09 -46.46 23.87
C ALA A 1017 -11.33 -47.89 23.42
N ILE A 1018 -10.26 -48.69 23.27
CA ILE A 1018 -10.44 -50.02 22.72
C ILE A 1018 -11.38 -50.86 23.59
N PHE A 1019 -11.60 -50.43 24.84
CA PHE A 1019 -12.52 -51.09 25.77
C PHE A 1019 -13.92 -50.50 25.72
N MET A 1020 -14.05 -49.18 25.53
CA MET A 1020 -15.34 -48.54 25.67
C MET A 1020 -16.07 -48.35 24.35
N ILE A 1021 -15.35 -48.25 23.23
CA ILE A 1021 -16.01 -48.13 21.94
C ILE A 1021 -16.88 -49.35 21.64
N PRO A 1022 -16.42 -50.59 21.85
CA PRO A 1022 -17.32 -51.74 21.61
C PRO A 1022 -18.63 -51.64 22.35
N MET A 1023 -18.55 -51.38 23.66
CA MET A 1023 -19.75 -51.30 24.48
C MET A 1023 -20.57 -50.06 24.16
N PHE A 1024 -19.92 -48.99 23.70
CA PHE A 1024 -20.66 -47.83 23.23
C PHE A 1024 -21.51 -48.18 22.03
N PHE A 1025 -20.91 -48.89 21.07
CA PHE A 1025 -21.64 -49.37 19.91
C PHE A 1025 -22.82 -50.22 20.34
N VAL A 1026 -22.58 -51.17 21.25
CA VAL A 1026 -23.66 -52.04 21.70
C VAL A 1026 -24.80 -51.22 22.28
N LYS A 1027 -24.48 -50.27 23.19
CA LYS A 1027 -25.54 -49.52 23.86
C LYS A 1027 -26.31 -48.62 22.88
N VAL A 1028 -25.61 -47.90 22.00
CA VAL A 1028 -26.30 -46.99 21.07
C VAL A 1028 -27.13 -47.80 20.07
N ARG A 1029 -26.62 -48.95 19.60
CA ARG A 1029 -27.43 -49.81 18.75
C ARG A 1029 -28.65 -50.30 19.51
N ALA A 1030 -28.47 -50.55 20.82
CA ALA A 1030 -29.53 -51.04 21.68
C ALA A 1030 -30.65 -50.01 21.83
N VAL A 1031 -30.30 -48.73 22.00
CA VAL A 1031 -31.32 -47.74 22.37
C VAL A 1031 -32.06 -47.20 21.13
N PHE A 1032 -31.39 -47.06 19.99
CA PHE A 1032 -32.07 -46.52 18.79
C PHE A 1032 -32.62 -47.68 17.97
N MET B 1 -13.30 -34.12 -22.56
CA MET B 1 -12.67 -32.85 -22.95
C MET B 1 -12.81 -32.78 -24.46
N ALA B 2 -11.78 -33.27 -25.17
CA ALA B 2 -11.83 -33.28 -26.62
C ALA B 2 -13.04 -34.07 -27.12
N LYS B 3 -13.22 -35.29 -26.60
CA LYS B 3 -14.36 -36.11 -27.00
C LYS B 3 -15.66 -35.51 -26.46
N PHE B 4 -15.56 -34.75 -25.36
CA PHE B 4 -16.72 -34.06 -24.83
C PHE B 4 -17.19 -32.96 -25.77
N PHE B 5 -16.27 -32.14 -26.26
CA PHE B 5 -16.70 -31.05 -27.11
C PHE B 5 -16.97 -31.51 -28.53
N ILE B 6 -16.44 -32.67 -28.93
CA ILE B 6 -16.79 -33.20 -30.25
C ILE B 6 -18.30 -33.40 -30.35
N ASP B 7 -18.90 -34.01 -29.31
CA ASP B 7 -20.34 -34.30 -29.35
C ASP B 7 -21.21 -33.07 -29.19
N ARG B 8 -20.62 -31.91 -28.90
CA ARG B 8 -21.40 -30.71 -28.62
C ARG B 8 -20.70 -29.47 -29.17
N PRO B 9 -20.88 -29.17 -30.46
CA PRO B 9 -20.27 -27.95 -31.03
C PRO B 9 -20.85 -26.62 -30.55
N ILE B 10 -22.10 -26.57 -30.08
CA ILE B 10 -22.70 -25.30 -29.66
C ILE B 10 -21.93 -24.71 -28.48
N PHE B 11 -21.64 -25.54 -27.48
CA PHE B 11 -20.94 -25.12 -26.27
C PHE B 11 -19.54 -24.66 -26.60
N ALA B 12 -18.85 -25.41 -27.47
CA ALA B 12 -17.52 -24.99 -27.90
C ALA B 12 -17.60 -23.65 -28.62
N TRP B 13 -18.64 -23.42 -29.41
CA TRP B 13 -18.75 -22.10 -30.05
C TRP B 13 -19.12 -20.99 -29.08
N VAL B 14 -19.87 -21.29 -28.02
CA VAL B 14 -20.13 -20.27 -26.99
C VAL B 14 -18.81 -19.84 -26.32
N ILE B 15 -17.96 -20.82 -26.01
CA ILE B 15 -16.65 -20.51 -25.43
C ILE B 15 -15.81 -19.72 -26.43
N ALA B 16 -15.83 -20.11 -27.69
CA ALA B 16 -15.08 -19.36 -28.70
C ALA B 16 -15.59 -17.93 -28.81
N ILE B 17 -16.91 -17.75 -28.73
CA ILE B 17 -17.50 -16.42 -28.82
C ILE B 17 -17.07 -15.56 -27.63
N ILE B 18 -17.05 -16.14 -26.42
CA ILE B 18 -16.63 -15.38 -25.23
C ILE B 18 -15.17 -14.95 -25.36
N LEU B 19 -14.30 -15.86 -25.78
CA LEU B 19 -12.91 -15.49 -26.01
C LEU B 19 -12.82 -14.36 -27.03
N MET B 20 -13.56 -14.47 -28.14
CA MET B 20 -13.48 -13.45 -29.19
C MET B 20 -13.96 -12.09 -28.71
N LEU B 21 -15.08 -12.07 -27.98
CA LEU B 21 -15.59 -10.80 -27.46
C LEU B 21 -14.60 -10.17 -26.48
N ALA B 22 -14.12 -10.96 -25.52
CA ALA B 22 -13.15 -10.46 -24.56
C ALA B 22 -11.89 -10.01 -25.25
N GLY B 23 -11.47 -10.73 -26.29
CA GLY B 23 -10.30 -10.31 -27.01
C GLY B 23 -10.48 -8.95 -27.63
N VAL B 24 -11.64 -8.70 -28.24
CA VAL B 24 -11.91 -7.40 -28.82
C VAL B 24 -11.91 -6.30 -27.76
N ALA B 25 -12.55 -6.57 -26.61
CA ALA B 25 -12.50 -5.61 -25.52
C ALA B 25 -11.05 -5.27 -25.16
N ALA B 26 -10.18 -6.28 -25.08
CA ALA B 26 -8.79 -6.02 -24.78
C ALA B 26 -8.10 -5.26 -25.90
N ILE B 27 -8.48 -5.51 -27.16
CA ILE B 27 -7.92 -4.75 -28.28
C ILE B 27 -8.11 -3.28 -28.02
N PHE B 28 -9.27 -2.90 -27.48
CA PHE B 28 -9.57 -1.49 -27.30
C PHE B 28 -9.32 -0.97 -25.88
N THR B 29 -8.90 -1.79 -24.92
CA THR B 29 -8.56 -1.23 -23.61
C THR B 29 -7.09 -1.41 -23.20
N LEU B 30 -6.32 -2.22 -23.90
CA LEU B 30 -4.95 -2.49 -23.46
C LEU B 30 -4.08 -1.24 -23.58
N PRO B 31 -3.12 -1.06 -22.67
CA PRO B 31 -2.16 0.04 -22.78
C PRO B 31 -1.22 -0.14 -23.97
N ILE B 32 -0.64 0.99 -24.40
CA ILE B 32 0.33 1.02 -25.52
C ILE B 32 1.58 1.76 -25.04
N ALA B 33 2.73 1.12 -25.14
CA ALA B 33 4.00 1.72 -24.76
C ALA B 33 5.07 1.09 -25.61
N GLN B 34 6.15 1.82 -25.89
CA GLN B 34 7.20 1.17 -26.69
C GLN B 34 7.79 0.00 -25.94
N TYR B 35 8.07 0.16 -24.65
CA TYR B 35 8.62 -0.96 -23.91
C TYR B 35 7.89 -1.03 -22.57
N PRO B 36 7.82 -2.20 -21.96
CA PRO B 36 7.38 -2.26 -20.58
C PRO B 36 8.49 -1.67 -19.72
N THR B 37 8.15 -1.33 -18.49
CA THR B 37 9.19 -0.89 -17.58
C THR B 37 10.17 -2.03 -17.33
N ILE B 38 11.46 -1.67 -17.25
CA ILE B 38 12.55 -2.63 -17.27
C ILE B 38 13.31 -2.55 -15.96
N ALA B 39 13.89 -1.37 -15.69
CA ALA B 39 14.81 -1.19 -14.59
C ALA B 39 14.08 -1.03 -13.25
N PRO B 40 14.73 -1.41 -12.14
CA PRO B 40 14.08 -1.29 -10.83
C PRO B 40 13.83 0.18 -10.51
N PRO B 41 12.80 0.46 -9.72
CA PRO B 41 12.50 1.88 -9.39
C PRO B 41 13.66 2.58 -8.68
N SER B 42 13.95 3.82 -9.11
CA SER B 42 14.91 4.70 -8.43
C SER B 42 14.26 6.04 -8.17
N ILE B 43 14.52 6.56 -6.98
CA ILE B 43 14.01 7.82 -6.53
C ILE B 43 15.18 8.77 -6.44
N GLN B 44 15.04 9.96 -6.99
CA GLN B 44 16.13 10.91 -6.83
C GLN B 44 15.63 12.19 -6.14
N ILE B 45 16.42 12.66 -5.17
CA ILE B 45 16.29 13.99 -4.58
C ILE B 45 17.27 14.93 -5.30
N THR B 46 16.79 16.10 -5.69
CA THR B 46 17.69 17.14 -6.21
C THR B 46 17.52 18.36 -5.34
N ALA B 47 18.64 19.08 -5.19
CA ALA B 47 18.78 20.28 -4.40
C ALA B 47 19.61 21.27 -5.19
N ASN B 48 19.28 22.55 -5.04
CA ASN B 48 20.09 23.62 -5.63
C ASN B 48 20.57 24.60 -4.56
N TYR B 49 21.86 24.88 -4.56
CA TYR B 49 22.47 25.82 -3.62
C TYR B 49 23.10 26.90 -4.50
N PRO B 50 22.35 27.96 -4.83
CA PRO B 50 22.84 28.89 -5.86
C PRO B 50 24.21 29.39 -5.46
N GLY B 51 25.13 29.31 -6.39
CA GLY B 51 26.50 29.73 -6.21
C GLY B 51 27.38 28.82 -5.38
N ALA B 52 26.88 27.70 -4.86
CA ALA B 52 27.73 26.86 -4.04
C ALA B 52 28.67 26.03 -4.89
N SER B 53 29.84 25.75 -4.33
CA SER B 53 30.80 24.87 -4.99
C SER B 53 30.42 23.43 -4.72
N ALA B 54 31.02 22.52 -5.49
CA ALA B 54 30.82 21.09 -5.28
C ALA B 54 31.09 20.69 -3.84
N LYS B 55 32.17 21.23 -3.23
CA LYS B 55 32.48 20.86 -1.84
C LYS B 55 31.45 21.41 -0.90
N THR B 56 31.05 22.66 -1.12
CA THR B 56 30.02 23.25 -0.26
C THR B 56 28.73 22.47 -0.36
N VAL B 57 28.34 22.04 -1.55
CA VAL B 57 27.12 21.25 -1.66
C VAL B 57 27.27 19.91 -0.95
N GLU B 58 28.42 19.24 -1.11
CA GLU B 58 28.63 17.93 -0.47
C GLU B 58 28.55 18.05 1.04
N ASP B 59 29.10 19.13 1.61
CA ASP B 59 29.20 19.25 3.06
C ASP B 59 27.99 19.90 3.72
N THR B 60 27.23 20.73 3.01
CA THR B 60 26.13 21.37 3.69
C THR B 60 24.79 20.79 3.32
N VAL B 61 24.70 20.06 2.18
CA VAL B 61 23.46 19.46 1.66
C VAL B 61 23.57 17.96 1.48
N THR B 62 24.48 17.49 0.62
CA THR B 62 24.43 16.07 0.26
C THR B 62 24.65 15.19 1.50
N GLN B 63 25.65 15.50 2.32
CA GLN B 63 25.92 14.61 3.44
C GLN B 63 24.79 14.61 4.46
N VAL B 64 24.12 15.73 4.65
CA VAL B 64 23.01 15.74 5.59
C VAL B 64 21.90 14.80 5.11
N ILE B 65 21.45 14.97 3.85
CA ILE B 65 20.35 14.15 3.34
C ILE B 65 20.73 12.68 3.38
N GLU B 66 21.95 12.34 2.97
CA GLU B 66 22.37 10.95 2.99
C GLU B 66 22.35 10.37 4.40
N GLN B 67 22.84 11.13 5.38
CA GLN B 67 22.81 10.65 6.75
C GLN B 67 21.40 10.43 7.25
N GLN B 68 20.42 11.08 6.64
CA GLN B 68 19.03 10.89 7.04
C GLN B 68 18.33 9.81 6.22
N MET B 69 18.98 9.18 5.23
CA MET B 69 18.23 8.28 4.33
C MET B 69 18.30 6.86 4.85
N SER B 70 17.39 6.50 5.75
CA SER B 70 17.32 5.14 6.27
C SER B 70 15.88 4.84 6.64
N GLY B 71 15.62 3.54 6.85
CA GLY B 71 14.28 3.03 7.07
C GLY B 71 13.48 2.97 5.82
N LEU B 72 14.15 2.91 4.68
CA LEU B 72 13.50 2.77 3.38
C LEU B 72 13.43 1.30 3.05
N ASP B 73 12.21 0.78 2.90
CA ASP B 73 12.07 -0.62 2.57
C ASP B 73 12.58 -0.91 1.16
N ASN B 74 13.30 -2.03 1.04
CA ASN B 74 13.79 -2.62 -0.22
C ASN B 74 14.87 -1.81 -0.89
N PHE B 75 15.53 -0.99 -0.14
CA PHE B 75 16.69 -0.27 -0.62
C PHE B 75 17.73 -1.26 -1.16
N LEU B 76 18.17 -1.02 -2.39
CA LEU B 76 19.34 -1.72 -2.91
C LEU B 76 20.61 -0.92 -2.68
N TYR B 77 20.67 0.31 -3.17
CA TYR B 77 21.88 1.12 -2.98
C TYR B 77 21.48 2.55 -3.18
N MET B 78 22.44 3.46 -2.97
CA MET B 78 22.23 4.89 -3.04
C MET B 78 23.47 5.52 -3.67
N SER B 79 23.26 6.47 -4.57
CA SER B 79 24.33 7.08 -5.33
C SER B 79 24.03 8.56 -5.54
N SER B 80 25.00 9.45 -5.19
CA SER B 80 24.78 10.90 -5.18
C SER B 80 25.96 11.65 -5.80
N THR B 81 25.67 12.84 -6.31
CA THR B 81 26.69 13.75 -6.80
C THR B 81 26.44 15.15 -6.27
N SER B 82 27.53 15.90 -6.24
CA SER B 82 27.54 17.29 -5.79
C SER B 82 28.46 18.08 -6.71
N ASP B 83 27.92 19.09 -7.40
CA ASP B 83 28.69 19.78 -8.45
C ASP B 83 28.60 21.33 -8.39
N ASP B 84 29.53 21.91 -9.16
CA ASP B 84 29.87 23.32 -9.19
C ASP B 84 28.76 24.20 -9.70
N SER B 85 27.72 23.63 -10.31
CA SER B 85 26.53 24.39 -10.58
C SER B 85 25.70 24.55 -9.34
N GLY B 86 26.28 24.27 -8.18
CA GLY B 86 25.55 24.32 -6.92
C GLY B 86 24.45 23.29 -6.82
N ASN B 87 24.71 22.10 -7.29
CA ASN B 87 23.63 21.14 -7.42
C ASN B 87 23.96 19.86 -6.67
N ALA B 88 22.96 19.36 -5.93
CA ALA B 88 23.04 18.06 -5.27
C ALA B 88 22.01 17.14 -5.91
N THR B 89 22.44 15.92 -6.21
CA THR B 89 21.54 14.89 -6.73
C THR B 89 21.82 13.58 -5.98
N ILE B 90 20.80 13.05 -5.33
CA ILE B 90 20.87 11.81 -4.57
C ILE B 90 19.85 10.83 -5.15
N THR B 91 20.32 9.71 -5.70
CA THR B 91 19.47 8.70 -6.30
C THR B 91 19.51 7.45 -5.42
N ILE B 92 18.34 7.04 -4.92
CA ILE B 92 18.17 5.83 -4.13
C ILE B 92 17.55 4.75 -5.03
N THR B 93 18.22 3.60 -5.17
CA THR B 93 17.75 2.49 -5.98
C THR B 93 17.18 1.36 -5.12
N PHE B 94 15.96 0.95 -5.44
CA PHE B 94 15.23 -0.08 -4.73
C PHE B 94 15.22 -1.40 -5.52
N ALA B 95 14.95 -2.49 -4.81
CA ALA B 95 15.01 -3.83 -5.39
C ALA B 95 13.87 -4.07 -6.38
N PRO B 96 14.10 -4.91 -7.37
CA PRO B 96 13.04 -5.20 -8.35
C PRO B 96 11.82 -5.77 -7.63
N GLY B 97 10.65 -5.29 -8.06
CA GLY B 97 9.41 -5.60 -7.45
C GLY B 97 8.89 -4.54 -6.50
N THR B 98 9.76 -3.62 -6.01
CA THR B 98 9.30 -2.59 -5.08
C THR B 98 8.21 -1.72 -5.70
N ASN B 99 7.22 -1.37 -4.90
CA ASN B 99 6.20 -0.48 -5.38
C ASN B 99 6.77 0.90 -5.52
N PRO B 100 6.83 1.46 -6.72
CA PRO B 100 7.47 2.79 -6.86
C PRO B 100 6.77 3.85 -6.05
N ASP B 101 5.44 3.79 -5.90
CA ASP B 101 4.76 4.82 -5.10
C ASP B 101 5.26 4.81 -3.65
N ILE B 102 5.38 3.62 -3.07
CA ILE B 102 5.82 3.50 -1.69
C ILE B 102 7.27 3.94 -1.55
N ALA B 103 8.14 3.56 -2.50
CA ALA B 103 9.53 4.02 -2.44
C ALA B 103 9.56 5.56 -2.48
N GLN B 104 8.81 6.17 -3.38
CA GLN B 104 8.86 7.62 -3.44
C GLN B 104 8.36 8.26 -2.16
N VAL B 105 7.25 7.78 -1.61
CA VAL B 105 6.73 8.46 -0.43
C VAL B 105 7.68 8.23 0.76
N GLN B 106 8.26 7.03 0.86
CA GLN B 106 9.23 6.78 1.92
C GLN B 106 10.43 7.69 1.78
N VAL B 107 10.96 7.82 0.59
CA VAL B 107 12.07 8.72 0.41
C VAL B 107 11.68 10.15 0.74
N GLN B 108 10.50 10.59 0.26
CA GLN B 108 10.11 11.97 0.50
C GLN B 108 9.96 12.27 1.99
N ASN B 109 9.44 11.30 2.77
CA ASN B 109 9.26 11.48 4.21
C ASN B 109 10.58 11.51 4.96
N LYS B 110 11.56 10.67 4.57
CA LYS B 110 12.85 10.86 5.24
C LYS B 110 13.42 12.22 4.87
N LEU B 111 13.25 12.63 3.62
CA LEU B 111 13.75 13.95 3.21
C LEU B 111 13.08 15.07 3.98
N SER B 112 11.77 14.95 4.24
CA SER B 112 11.07 15.98 5.02
C SER B 112 11.60 16.04 6.44
N LEU B 113 11.87 14.90 7.06
CA LEU B 113 12.51 14.94 8.37
C LEU B 113 13.89 15.60 8.29
N ALA B 114 14.61 15.43 7.17
CA ALA B 114 15.96 15.97 7.06
C ALA B 114 15.98 17.46 6.80
N THR B 115 14.92 17.99 6.20
CA THR B 115 14.97 19.38 5.70
C THR B 115 15.38 20.43 6.72
N PRO B 116 14.92 20.42 7.97
CA PRO B 116 15.35 21.50 8.87
C PRO B 116 16.86 21.63 9.02
N ILE B 117 17.63 20.56 8.91
CA ILE B 117 19.08 20.65 9.08
C ILE B 117 19.74 21.39 7.91
N LEU B 118 19.07 21.52 6.77
CA LEU B 118 19.73 21.98 5.58
C LEU B 118 19.91 23.50 5.60
N PRO B 119 20.81 24.03 4.76
CA PRO B 119 20.97 25.48 4.65
C PRO B 119 19.64 26.16 4.37
N GLN B 120 19.47 27.35 4.93
CA GLN B 120 18.22 28.08 4.79
C GLN B 120 17.89 28.34 3.33
N VAL B 121 18.89 28.66 2.50
CA VAL B 121 18.65 28.92 1.08
C VAL B 121 18.13 27.67 0.38
N VAL B 122 18.74 26.52 0.69
CA VAL B 122 18.29 25.27 0.08
C VAL B 122 16.85 25.00 0.48
N GLN B 123 16.54 25.21 1.75
CA GLN B 123 15.19 25.03 2.24
C GLN B 123 14.21 25.96 1.53
N GLN B 124 14.60 27.22 1.34
CA GLN B 124 13.67 28.20 0.79
C GLN B 124 13.41 27.91 -0.68
N LEU B 125 14.44 27.49 -1.40
CA LEU B 125 14.26 27.16 -2.80
C LEU B 125 13.43 25.92 -3.00
N GLY B 126 13.46 24.98 -2.06
CA GLY B 126 12.70 23.77 -2.19
C GLY B 126 13.49 22.60 -2.74
N LEU B 127 13.28 21.42 -2.16
CA LEU B 127 13.91 20.21 -2.68
C LEU B 127 12.92 19.43 -3.52
N SER B 128 13.44 18.60 -4.42
CA SER B 128 12.58 17.81 -5.30
C SER B 128 12.81 16.34 -5.03
N VAL B 129 11.72 15.60 -4.91
CA VAL B 129 11.79 14.15 -4.94
C VAL B 129 11.01 13.70 -6.16
N THR B 130 11.68 12.91 -6.99
CA THR B 130 11.04 12.55 -8.24
C THR B 130 11.45 11.12 -8.59
N LYS B 131 10.60 10.41 -9.36
CA LYS B 131 11.00 9.08 -9.82
C LYS B 131 11.91 9.18 -11.03
N SER B 132 13.06 8.56 -10.95
CA SER B 132 14.01 8.69 -12.05
C SER B 132 13.54 7.88 -13.23
N SER B 133 13.32 8.56 -14.36
CA SER B 133 12.93 7.91 -15.60
C SER B 133 13.89 8.36 -16.67
N SER B 134 13.97 7.57 -17.74
CA SER B 134 14.82 7.88 -18.87
C SER B 134 14.01 7.99 -20.14
N SER B 135 12.69 8.08 -20.05
CA SER B 135 11.89 8.00 -21.26
C SER B 135 10.81 9.07 -21.25
N PHE B 136 10.40 9.45 -22.45
CA PHE B 136 9.37 10.46 -22.62
C PHE B 136 8.47 10.02 -23.75
N LEU B 137 7.21 10.44 -23.65
CA LEU B 137 6.31 10.35 -24.79
C LEU B 137 6.71 11.35 -25.86
N LEU B 138 6.73 12.61 -25.49
CA LEU B 138 7.01 13.65 -26.45
C LEU B 138 7.91 14.68 -25.76
N VAL B 139 8.66 15.43 -26.57
CA VAL B 139 9.31 16.64 -26.08
C VAL B 139 9.04 17.75 -27.09
N LEU B 140 8.36 18.80 -26.64
CA LEU B 140 7.94 19.92 -27.47
C LEU B 140 8.96 21.05 -27.34
N ALA B 141 9.22 21.74 -28.43
CA ALA B 141 10.13 22.88 -28.44
C ALA B 141 9.30 24.12 -28.80
N PHE B 142 9.15 25.03 -27.83
CA PHE B 142 8.45 26.28 -28.05
C PHE B 142 9.49 27.29 -28.49
N ASN B 143 9.37 27.73 -29.74
CA ASN B 143 10.43 28.44 -30.44
C ASN B 143 9.90 29.78 -30.87
N SER B 144 10.77 30.78 -30.83
CA SER B 144 10.49 32.11 -31.33
C SER B 144 11.18 32.15 -32.69
N GLU B 145 10.40 32.06 -33.75
CA GLU B 145 11.04 32.04 -35.06
C GLU B 145 11.45 33.43 -35.52
N ASP B 146 10.72 34.47 -35.12
CA ASP B 146 11.07 35.85 -35.48
C ASP B 146 11.90 36.55 -34.41
N GLY B 147 12.30 35.84 -33.36
CA GLY B 147 13.15 36.42 -32.34
C GLY B 147 12.43 37.27 -31.32
N SER B 148 11.09 37.26 -31.31
CA SER B 148 10.33 38.11 -30.39
C SER B 148 10.50 37.69 -28.93
N MET B 149 10.85 36.44 -28.68
CA MET B 149 10.94 35.91 -27.33
C MET B 149 12.29 35.23 -27.15
N ASN B 150 12.92 35.42 -25.99
CA ASN B 150 14.10 34.63 -25.64
C ASN B 150 13.66 33.44 -24.78
N LYS B 151 14.64 32.60 -24.41
CA LYS B 151 14.31 31.37 -23.70
C LYS B 151 13.53 31.64 -22.41
N TYR B 152 13.82 32.77 -21.76
CA TYR B 152 13.08 33.10 -20.56
C TYR B 152 11.63 33.43 -20.92
N ASP B 153 11.43 34.24 -21.95
CA ASP B 153 10.07 34.51 -22.44
C ASP B 153 9.35 33.20 -22.77
N LEU B 154 10.04 32.31 -23.47
CA LEU B 154 9.42 31.07 -23.91
C LEU B 154 9.03 30.18 -22.72
N ALA B 155 9.96 29.96 -21.79
CA ALA B 155 9.64 29.11 -20.63
C ALA B 155 8.56 29.75 -19.77
N ASN B 156 8.61 31.08 -19.64
CA ASN B 156 7.55 31.79 -18.94
C ASN B 156 6.21 31.55 -19.61
N TYR B 157 6.17 31.64 -20.94
CA TYR B 157 4.92 31.42 -21.64
C TYR B 157 4.40 30.02 -21.38
N VAL B 158 5.28 29.02 -21.48
CA VAL B 158 4.83 27.65 -21.30
C VAL B 158 4.22 27.47 -19.93
N ALA B 159 4.92 27.94 -18.89
CA ALA B 159 4.41 27.76 -17.55
C ALA B 159 3.11 28.52 -17.33
N SER B 160 2.92 29.64 -18.03
CA SER B 160 1.72 30.43 -17.81
C SER B 160 0.51 29.91 -18.59
N HIS B 161 0.71 29.27 -19.74
CA HIS B 161 -0.41 28.96 -20.64
C HIS B 161 -0.49 27.52 -21.12
N VAL B 162 0.60 26.76 -21.12
CA VAL B 162 0.62 25.44 -21.73
C VAL B 162 0.65 24.33 -20.68
N LYS B 163 1.47 24.50 -19.62
CA LYS B 163 1.70 23.37 -18.74
C LYS B 163 0.40 22.93 -18.08
N ASP B 164 -0.46 23.90 -17.71
CA ASP B 164 -1.71 23.55 -17.02
C ASP B 164 -2.68 22.81 -17.96
N PRO B 165 -3.07 23.36 -19.13
CA PRO B 165 -3.93 22.58 -20.07
C PRO B 165 -3.39 21.22 -20.48
N ILE B 166 -2.09 21.15 -20.74
CA ILE B 166 -1.42 19.91 -21.11
C ILE B 166 -1.54 18.89 -20.00
N SER B 167 -1.35 19.33 -18.74
CA SER B 167 -1.44 18.40 -17.62
C SER B 167 -2.81 17.73 -17.53
N ARG B 168 -3.86 18.40 -17.99
CA ARG B 168 -5.21 17.85 -17.95
C ARG B 168 -5.56 16.96 -19.14
N ILE B 169 -4.61 16.68 -20.03
CA ILE B 169 -4.88 15.70 -21.07
C ILE B 169 -4.86 14.33 -20.44
N ASN B 170 -5.86 13.52 -20.76
CA ASN B 170 -5.92 12.15 -20.28
C ASN B 170 -4.71 11.36 -20.77
N GLY B 171 -4.07 10.62 -19.86
CA GLY B 171 -2.92 9.81 -20.19
C GLY B 171 -1.58 10.47 -20.00
N VAL B 172 -1.56 11.80 -19.92
CA VAL B 172 -0.33 12.54 -19.63
C VAL B 172 0.06 12.24 -18.18
N GLY B 173 1.31 11.84 -17.98
CA GLY B 173 1.91 11.64 -16.68
C GLY B 173 2.66 12.88 -16.21
N THR B 174 3.94 12.76 -15.93
CA THR B 174 4.75 13.91 -15.57
C THR B 174 4.89 14.90 -16.73
N VAL B 175 4.91 16.19 -16.42
CA VAL B 175 5.17 17.23 -17.40
C VAL B 175 6.32 18.08 -16.87
N THR B 176 7.43 18.09 -17.60
CA THR B 176 8.67 18.75 -17.19
C THR B 176 8.93 19.94 -18.11
N LEU B 177 9.23 21.06 -17.52
CA LEU B 177 9.59 22.25 -18.28
C LEU B 177 11.09 22.38 -18.17
N PHE B 178 11.77 22.08 -19.27
CA PHE B 178 13.19 22.34 -19.41
C PHE B 178 13.31 23.79 -19.82
N GLY B 179 13.62 24.64 -18.85
CA GLY B 179 13.67 26.05 -19.12
C GLY B 179 13.48 26.83 -17.85
N SER B 180 14.26 27.89 -17.70
CA SER B 180 14.13 28.81 -16.59
C SER B 180 13.23 29.98 -16.94
N GLN B 181 12.62 30.58 -15.92
CA GLN B 181 11.70 31.69 -16.19
C GLN B 181 12.02 32.93 -15.36
N TYR B 182 11.16 33.94 -15.47
CA TYR B 182 11.54 35.27 -14.98
C TYR B 182 11.84 35.26 -13.48
N ALA B 183 12.74 36.16 -13.11
CA ALA B 183 13.02 36.49 -11.72
C ALA B 183 13.46 37.94 -11.64
N MET B 184 13.09 38.63 -10.57
CA MET B 184 13.64 39.96 -10.36
C MET B 184 15.11 39.82 -10.02
N ARG B 185 15.95 40.46 -10.82
CA ARG B 185 17.40 40.48 -10.63
C ARG B 185 17.78 41.87 -10.15
N ILE B 186 18.44 41.92 -9.00
CA ILE B 186 19.05 43.14 -8.48
C ILE B 186 20.55 43.00 -8.72
N TRP B 187 21.10 43.82 -9.61
CA TRP B 187 22.51 43.77 -9.98
C TRP B 187 23.24 44.92 -9.28
N LEU B 188 23.88 44.61 -8.15
CA LEU B 188 24.50 45.64 -7.36
C LEU B 188 25.73 46.19 -8.05
N ASP B 189 25.94 47.48 -7.88
CA ASP B 189 27.12 48.20 -8.33
C ASP B 189 27.94 48.59 -7.11
N PRO B 190 29.12 47.97 -6.90
CA PRO B 190 29.86 48.20 -5.65
C PRO B 190 30.24 49.62 -5.40
N THR B 191 30.67 50.33 -6.45
CA THR B 191 31.13 51.70 -6.26
C THR B 191 29.98 52.59 -5.83
N LYS B 192 28.80 52.41 -6.45
CA LYS B 192 27.65 53.19 -6.03
C LYS B 192 27.24 52.82 -4.61
N LEU B 193 27.43 51.56 -4.20
CA LEU B 193 27.23 51.17 -2.81
C LEU B 193 28.19 51.90 -1.86
N THR B 194 29.49 51.92 -2.19
CA THR B 194 30.48 52.52 -1.29
C THR B 194 30.19 54.00 -1.13
N ASN B 195 29.86 54.68 -2.23
CA ASN B 195 29.64 56.12 -2.16
C ASN B 195 28.55 56.45 -1.15
N TYR B 196 27.51 55.64 -1.09
CA TYR B 196 26.48 55.86 -0.09
C TYR B 196 26.73 55.09 1.20
N GLY B 197 27.87 54.42 1.34
CA GLY B 197 28.19 53.70 2.56
C GLY B 197 27.25 52.54 2.83
N LEU B 198 26.91 51.76 1.80
CA LEU B 198 25.96 50.67 1.92
C LEU B 198 26.63 49.34 1.54
N THR B 199 26.06 48.26 2.03
CA THR B 199 26.57 46.93 1.77
C THR B 199 25.51 46.10 1.06
N PRO B 200 25.88 44.99 0.44
CA PRO B 200 24.84 44.13 -0.17
C PRO B 200 23.80 43.67 0.86
N VAL B 201 24.20 43.44 2.12
CA VAL B 201 23.25 42.98 3.12
C VAL B 201 22.20 44.06 3.39
N ASP B 202 22.58 45.33 3.33
CA ASP B 202 21.58 46.39 3.40
C ASP B 202 20.53 46.20 2.30
N VAL B 203 20.97 45.88 1.08
CA VAL B 203 19.99 45.70 0.02
C VAL B 203 19.08 44.50 0.30
N THR B 204 19.67 43.37 0.70
CA THR B 204 18.85 42.18 0.94
C THR B 204 17.84 42.44 2.04
N SER B 205 18.26 43.14 3.11
CA SER B 205 17.37 43.39 4.23
C SER B 205 16.26 44.38 3.86
N ALA B 206 16.59 45.40 3.07
CA ALA B 206 15.56 46.32 2.61
C ALA B 206 14.54 45.58 1.75
N ILE B 207 15.01 44.69 0.89
CA ILE B 207 14.07 43.90 0.09
C ILE B 207 13.23 43.01 0.99
N SER B 208 13.86 42.37 1.97
CA SER B 208 13.12 41.53 2.90
C SER B 208 12.05 42.33 3.64
N ALA B 209 12.30 43.62 3.85
CA ALA B 209 11.42 44.48 4.63
C ALA B 209 10.33 45.19 3.84
N GLN B 210 10.58 45.50 2.57
CA GLN B 210 9.64 46.30 1.77
C GLN B 210 8.85 45.51 0.74
N ASN B 211 9.36 44.37 0.27
CA ASN B 211 8.60 43.48 -0.62
C ASN B 211 7.90 42.43 0.22
N VAL B 212 6.78 42.82 0.83
CA VAL B 212 6.11 41.98 1.82
C VAL B 212 4.63 41.90 1.52
N GLN B 213 4.04 40.77 1.90
CA GLN B 213 2.59 40.57 1.85
C GLN B 213 2.09 40.46 3.29
N ILE B 214 1.26 41.41 3.69
CA ILE B 214 0.91 41.60 5.09
C ILE B 214 -0.57 41.29 5.25
N ALA B 215 -0.88 40.42 6.22
CA ALA B 215 -2.27 40.09 6.54
C ALA B 215 -2.91 41.24 7.29
N GLY B 216 -3.96 41.81 6.71
CA GLY B 216 -4.65 42.94 7.31
C GLY B 216 -5.84 42.65 8.19
N GLY B 217 -6.14 41.39 8.47
CA GLY B 217 -7.35 41.14 9.20
C GLY B 217 -8.56 41.62 8.43
N GLN B 218 -9.56 42.10 9.16
CA GLN B 218 -10.78 42.55 8.52
C GLN B 218 -11.46 43.61 9.37
N LEU B 219 -12.17 44.53 8.71
CA LEU B 219 -13.08 45.43 9.39
C LEU B 219 -14.23 44.62 10.01
N GLY B 220 -14.73 45.10 11.15
CA GLY B 220 -15.82 44.37 11.79
C GLY B 220 -15.51 42.93 12.09
N GLY B 221 -14.22 42.61 12.27
CA GLY B 221 -13.80 41.24 12.49
C GLY B 221 -14.24 40.71 13.85
N THR B 222 -14.22 39.40 13.97
CA THR B 222 -14.60 38.79 15.24
C THR B 222 -13.39 38.70 16.17
N PRO B 223 -13.62 38.91 17.47
CA PRO B 223 -14.89 39.30 18.09
C PRO B 223 -15.16 40.78 17.85
N ALA B 224 -16.39 41.18 17.57
CA ALA B 224 -16.74 42.54 17.21
C ALA B 224 -17.53 43.24 18.30
N VAL B 225 -17.49 44.56 18.29
CA VAL B 225 -18.36 45.27 19.23
C VAL B 225 -19.80 45.12 18.77
N PRO B 226 -20.76 44.98 19.69
CA PRO B 226 -22.16 44.86 19.27
C PRO B 226 -22.62 46.05 18.45
N GLY B 227 -23.44 45.79 17.42
CA GLY B 227 -23.97 46.86 16.62
C GLY B 227 -23.25 47.11 15.32
N THR B 228 -22.08 46.50 15.12
CA THR B 228 -21.35 46.64 13.86
C THR B 228 -22.10 45.88 12.78
N VAL B 229 -22.21 46.51 11.61
CA VAL B 229 -23.06 45.98 10.55
C VAL B 229 -22.27 45.75 9.26
N LEU B 230 -20.94 45.67 9.34
CA LEU B 230 -20.16 45.42 8.14
C LEU B 230 -18.91 44.62 8.48
N GLN B 231 -18.66 43.56 7.73
CA GLN B 231 -17.36 42.92 7.70
C GLN B 231 -16.71 43.27 6.37
N ALA B 232 -15.40 43.17 6.32
CA ALA B 232 -14.72 43.27 5.06
C ALA B 232 -13.27 42.91 5.27
N THR B 233 -12.73 42.09 4.39
CA THR B 233 -11.31 41.76 4.48
C THR B 233 -10.48 43.00 4.12
N ILE B 234 -9.45 43.27 4.93
CA ILE B 234 -8.61 44.46 4.75
C ILE B 234 -7.31 44.01 4.10
N THR B 235 -6.86 44.79 3.12
CA THR B 235 -5.61 44.53 2.41
C THR B 235 -4.64 45.67 2.68
N GLU B 236 -3.48 45.35 3.25
CA GLU B 236 -2.55 46.47 3.41
C GLU B 236 -1.40 46.53 2.45
N ALA B 237 -0.54 45.54 2.57
CA ALA B 237 0.73 45.54 1.89
C ALA B 237 0.80 44.35 0.98
N THR B 238 1.31 44.62 -0.21
CA THR B 238 1.35 43.68 -1.29
C THR B 238 2.78 43.61 -1.80
N LEU B 239 3.10 42.48 -2.42
CA LEU B 239 4.44 42.31 -2.93
C LEU B 239 4.70 43.36 -4.01
N LEU B 240 5.96 43.77 -4.13
CA LEU B 240 6.33 44.61 -5.25
C LEU B 240 6.18 43.81 -6.53
N GLN B 241 5.82 44.50 -7.64
CA GLN B 241 5.53 43.80 -8.88
C GLN B 241 6.39 44.21 -10.06
N THR B 242 6.84 45.44 -10.11
CA THR B 242 7.50 45.99 -11.28
C THR B 242 8.91 46.45 -10.92
N PRO B 243 9.81 46.53 -11.91
CA PRO B 243 11.18 47.01 -11.61
C PRO B 243 11.21 48.37 -10.96
N GLU B 244 10.31 49.29 -11.34
CA GLU B 244 10.30 50.60 -10.72
C GLU B 244 10.06 50.48 -9.22
N GLN B 245 9.09 49.67 -8.81
CA GLN B 245 8.80 49.54 -7.39
C GLN B 245 9.99 48.99 -6.64
N PHE B 246 10.68 47.98 -7.20
CA PHE B 246 11.87 47.47 -6.53
C PHE B 246 12.96 48.51 -6.45
N GLY B 247 13.12 49.33 -7.49
CA GLY B 247 14.12 50.37 -7.46
C GLY B 247 13.82 51.50 -6.51
N ASN B 248 12.54 51.71 -6.17
CA ASN B 248 12.11 52.74 -5.24
C ASN B 248 12.14 52.30 -3.78
N ILE B 249 12.72 51.12 -3.51
CA ILE B 249 12.91 50.69 -2.13
C ILE B 249 13.85 51.66 -1.44
N LEU B 250 13.50 52.04 -0.22
CA LEU B 250 14.26 52.99 0.55
C LEU B 250 15.38 52.26 1.28
N LEU B 251 16.64 52.66 1.02
CA LEU B 251 17.81 52.08 1.65
C LEU B 251 18.42 52.95 2.73
N LYS B 252 18.39 54.28 2.57
CA LYS B 252 19.09 55.19 3.46
C LYS B 252 18.59 56.61 3.27
N VAL B 253 18.65 57.41 4.34
CA VAL B 253 18.39 58.84 4.28
C VAL B 253 19.56 59.59 4.91
N ASN B 254 20.13 60.54 4.16
CA ASN B 254 21.22 61.34 4.69
C ASN B 254 20.66 62.47 5.58
N GLN B 255 21.57 63.06 6.37
CA GLN B 255 21.20 64.13 7.29
C GLN B 255 20.52 65.28 6.58
N ASP B 256 20.95 65.57 5.35
CA ASP B 256 20.38 66.70 4.62
C ASP B 256 18.97 66.41 4.16
N GLY B 257 18.44 65.23 4.45
CA GLY B 257 17.09 64.85 4.14
C GLY B 257 16.92 64.05 2.87
N SER B 258 17.93 64.04 2.00
CA SER B 258 17.85 63.25 0.77
C SER B 258 17.75 61.76 1.08
N GLN B 259 17.01 61.06 0.23
CA GLN B 259 16.80 59.63 0.38
C GLN B 259 17.63 58.85 -0.64
N VAL B 260 18.25 57.79 -0.17
CA VAL B 260 19.00 56.86 -1.01
C VAL B 260 18.09 55.67 -1.32
N ARG B 261 17.92 55.38 -2.60
CA ARG B 261 16.99 54.36 -3.05
C ARG B 261 17.71 53.31 -3.88
N LEU B 262 17.17 52.08 -3.89
CA LEU B 262 17.84 50.96 -4.56
C LEU B 262 18.19 51.26 -6.00
N LYS B 263 17.36 52.04 -6.69
CA LYS B 263 17.65 52.43 -8.07
C LYS B 263 18.94 53.21 -8.15
N ASP B 264 19.33 53.88 -7.07
CA ASP B 264 20.56 54.63 -7.05
C ASP B 264 21.79 53.74 -6.88
N VAL B 265 21.62 52.44 -6.62
CA VAL B 265 22.76 51.61 -6.24
C VAL B 265 22.82 50.29 -7.00
N ALA B 266 21.87 50.02 -7.87
CA ALA B 266 21.91 48.76 -8.59
C ALA B 266 21.05 48.88 -9.83
N GLN B 267 21.25 47.97 -10.75
CA GLN B 267 20.41 47.82 -11.93
C GLN B 267 19.36 46.76 -11.62
N ILE B 268 18.08 47.07 -11.83
CA ILE B 268 17.01 46.19 -11.38
C ILE B 268 16.20 45.80 -12.60
N GLY B 269 15.89 44.52 -12.74
CA GLY B 269 15.00 44.16 -13.83
C GLY B 269 14.71 42.69 -13.92
N LEU B 270 13.80 42.36 -14.82
CA LEU B 270 13.45 40.96 -15.06
C LEU B 270 14.58 40.26 -15.77
N GLY B 271 14.94 39.08 -15.30
CA GLY B 271 15.94 38.24 -15.94
C GLY B 271 15.48 36.85 -15.67
N GLY B 272 16.44 35.93 -15.60
CA GLY B 272 16.16 34.54 -15.33
C GLY B 272 16.52 34.16 -13.89
N GLU B 273 15.90 33.09 -13.40
CA GLU B 273 16.39 32.53 -12.14
C GLU B 273 17.82 32.06 -12.31
N THR B 274 18.12 31.42 -13.43
CA THR B 274 19.46 30.88 -13.63
C THR B 274 19.95 31.18 -15.03
N TYR B 275 21.25 31.41 -15.13
CA TYR B 275 21.90 31.57 -16.42
C TYR B 275 22.85 30.41 -16.70
N ASN B 276 22.75 29.33 -15.92
CA ASN B 276 23.70 28.22 -16.01
C ASN B 276 23.66 27.52 -17.35
N PHE B 277 22.59 27.68 -18.11
CA PHE B 277 22.36 26.89 -19.30
C PHE B 277 21.94 27.82 -20.42
N ASP B 278 21.98 27.30 -21.65
CA ASP B 278 21.32 27.94 -22.78
C ASP B 278 20.85 26.84 -23.72
N THR B 279 19.63 26.98 -24.23
CA THR B 279 19.05 26.05 -25.19
C THR B 279 18.67 26.81 -26.44
N LYS B 280 18.99 26.21 -27.60
CA LYS B 280 18.62 26.72 -28.92
C LYS B 280 17.95 25.61 -29.71
N TYR B 281 16.98 26.00 -30.52
CA TYR B 281 16.37 25.19 -31.57
C TYR B 281 17.24 25.39 -32.81
N ASN B 282 16.71 25.29 -34.02
CA ASN B 282 17.61 25.40 -35.14
C ASN B 282 18.25 26.79 -35.13
N GLY B 283 19.06 27.06 -34.11
CA GLY B 283 19.60 28.37 -33.91
C GLY B 283 18.62 29.36 -33.35
N GLN B 284 17.39 28.98 -33.12
CA GLN B 284 16.47 29.91 -32.52
C GLN B 284 16.44 29.74 -31.00
N PRO B 285 16.06 30.79 -30.28
CA PRO B 285 15.75 30.59 -28.87
C PRO B 285 14.65 29.55 -28.72
N THR B 286 14.75 28.76 -27.66
CA THR B 286 13.81 27.65 -27.50
C THR B 286 13.61 27.35 -26.01
N ALA B 287 12.43 26.81 -25.69
CA ALA B 287 12.14 26.23 -24.39
C ALA B 287 11.54 24.85 -24.58
N ALA B 288 12.03 23.85 -23.84
CA ALA B 288 11.58 22.49 -24.10
C ALA B 288 10.59 22.03 -23.03
N LEU B 289 9.66 21.16 -23.42
CA LEU B 289 8.62 20.63 -22.54
C LEU B 289 8.58 19.13 -22.75
N GLY B 290 8.95 18.36 -21.72
CA GLY B 290 8.91 16.92 -21.79
C GLY B 290 7.62 16.38 -21.23
N ILE B 291 6.94 15.55 -22.01
CA ILE B 291 5.69 14.91 -21.60
C ILE B 291 5.98 13.42 -21.46
N GLN B 292 5.83 12.92 -20.24
CA GLN B 292 5.98 11.52 -19.94
C GLN B 292 4.62 10.87 -19.77
N LEU B 293 4.54 9.59 -20.16
CA LEU B 293 3.27 8.89 -20.28
C LEU B 293 2.77 8.42 -18.92
N ALA B 294 1.48 8.62 -18.68
CA ALA B 294 0.92 8.15 -17.43
C ALA B 294 0.96 6.63 -17.38
N THR B 295 1.04 6.09 -16.18
CA THR B 295 1.06 4.65 -16.02
C THR B 295 -0.19 4.02 -16.65
N ASN B 296 0.04 3.06 -17.55
CA ASN B 296 -0.99 2.26 -18.20
C ASN B 296 -1.96 3.10 -19.04
N ALA B 297 -1.49 4.18 -19.66
CA ALA B 297 -2.19 4.81 -20.76
C ALA B 297 -1.64 4.25 -22.05
N ASN B 298 -2.33 4.51 -23.16
CA ASN B 298 -1.82 4.07 -24.45
C ASN B 298 -1.11 5.26 -25.10
N ALA B 299 0.15 5.05 -25.48
CA ALA B 299 1.00 6.15 -25.92
C ALA B 299 0.43 6.81 -27.15
N LEU B 300 -0.20 6.03 -28.02
CA LEU B 300 -0.65 6.58 -29.30
C LEU B 300 -1.76 7.61 -29.11
N ALA B 301 -2.81 7.27 -28.36
CA ALA B 301 -3.86 8.27 -28.13
C ALA B 301 -3.33 9.44 -27.31
N THR B 302 -2.46 9.17 -26.33
CA THR B 302 -1.98 10.30 -25.55
C THR B 302 -1.24 11.27 -26.43
N ALA B 303 -0.35 10.77 -27.30
CA ALA B 303 0.43 11.67 -28.15
C ALA B 303 -0.44 12.38 -29.16
N LYS B 304 -1.37 11.68 -29.75
CA LYS B 304 -2.31 12.32 -30.66
C LYS B 304 -3.07 13.41 -29.94
N ALA B 305 -3.49 13.15 -28.69
CA ALA B 305 -4.25 14.11 -27.89
C ALA B 305 -3.44 15.36 -27.56
N VAL B 306 -2.16 15.17 -27.20
CA VAL B 306 -1.29 16.29 -26.86
C VAL B 306 -1.06 17.16 -28.07
N ARG B 307 -0.73 16.54 -29.21
CA ARG B 307 -0.53 17.32 -30.43
C ARG B 307 -1.82 18.04 -30.81
N ALA B 308 -2.97 17.42 -30.55
CA ALA B 308 -4.25 18.05 -30.87
C ALA B 308 -4.51 19.28 -30.00
N LYS B 309 -4.27 19.18 -28.68
CA LYS B 309 -4.46 20.34 -27.79
C LYS B 309 -3.47 21.45 -28.10
N ILE B 310 -2.23 21.08 -28.41
CA ILE B 310 -1.25 22.08 -28.79
C ILE B 310 -1.69 22.77 -30.07
N ASP B 311 -2.20 22.00 -31.05
CA ASP B 311 -2.73 22.62 -32.25
C ASP B 311 -3.88 23.56 -31.93
N GLU B 312 -4.78 23.10 -31.05
CA GLU B 312 -5.94 23.89 -30.64
C GLU B 312 -5.52 25.24 -30.08
N MET B 313 -4.57 25.23 -29.13
CA MET B 313 -4.20 26.46 -28.43
C MET B 313 -3.11 27.25 -29.14
N SER B 314 -2.54 26.72 -30.22
CA SER B 314 -1.62 27.51 -31.04
C SER B 314 -2.34 28.62 -31.77
N ALA B 315 -3.69 28.59 -31.80
CA ALA B 315 -4.45 29.68 -32.39
C ALA B 315 -4.24 30.99 -31.64
N TYR B 316 -3.74 30.91 -30.40
CA TYR B 316 -3.59 32.08 -29.53
C TYR B 316 -2.14 32.32 -29.14
N PHE B 317 -1.19 31.71 -29.84
CA PHE B 317 0.21 31.99 -29.55
C PHE B 317 0.51 33.40 -30.05
N PRO B 318 1.27 34.19 -29.30
CA PRO B 318 1.69 35.48 -29.81
C PRO B 318 2.49 35.32 -31.09
N HIS B 319 2.54 36.38 -31.86
CA HIS B 319 3.23 36.34 -33.13
C HIS B 319 4.69 35.92 -32.93
N GLY B 320 5.17 35.10 -33.86
CA GLY B 320 6.52 34.58 -33.85
C GLY B 320 6.72 33.28 -33.11
N LEU B 321 5.71 32.78 -32.38
CA LEU B 321 5.82 31.55 -31.58
C LEU B 321 5.31 30.35 -32.38
N VAL B 322 6.11 29.29 -32.39
CA VAL B 322 5.76 28.03 -33.02
C VAL B 322 6.10 26.90 -32.05
N VAL B 323 5.45 25.74 -32.25
CA VAL B 323 5.74 24.53 -31.49
C VAL B 323 6.27 23.48 -32.45
N LYS B 324 7.43 22.92 -32.14
CA LYS B 324 8.02 21.79 -32.84
C LYS B 324 8.10 20.59 -31.92
N TYR B 325 8.32 19.41 -32.47
CA TYR B 325 8.37 18.18 -31.68
C TYR B 325 9.67 17.43 -31.93
N PRO B 326 10.79 17.94 -31.37
CA PRO B 326 12.10 17.30 -31.60
C PRO B 326 12.19 15.86 -31.16
N TYR B 327 11.36 15.44 -30.21
CA TYR B 327 11.39 14.08 -29.71
C TYR B 327 9.99 13.52 -29.78
N ASP B 328 9.84 12.36 -30.44
CA ASP B 328 8.57 11.65 -30.55
C ASP B 328 8.84 10.19 -30.89
N THR B 329 8.55 9.28 -29.98
CA THR B 329 8.75 7.86 -30.20
C THR B 329 7.53 7.17 -30.77
N THR B 330 6.41 7.83 -30.76
CA THR B 330 5.14 7.18 -31.03
C THR B 330 4.91 6.78 -32.49
N PRO B 331 5.44 7.50 -33.49
CA PRO B 331 5.35 6.98 -34.87
C PRO B 331 5.89 5.57 -34.97
N PHE B 332 6.98 5.31 -34.25
CA PHE B 332 7.62 4.01 -34.37
C PHE B 332 6.81 2.91 -33.69
N VAL B 333 6.13 3.23 -32.58
CA VAL B 333 5.28 2.19 -31.97
C VAL B 333 4.03 1.96 -32.82
N ARG B 334 3.45 3.03 -33.39
CA ARG B 334 2.34 2.85 -34.33
C ARG B 334 2.77 1.93 -35.45
N LEU B 335 4.00 2.11 -35.90
CA LEU B 335 4.51 1.29 -37.00
C LEU B 335 4.73 -0.16 -36.53
N SER B 336 5.22 -0.37 -35.31
CA SER B 336 5.31 -1.75 -34.79
C SER B 336 3.95 -2.43 -34.74
N ILE B 337 2.92 -1.70 -34.30
CA ILE B 337 1.59 -2.29 -34.22
C ILE B 337 1.06 -2.59 -35.62
N GLU B 338 1.26 -1.69 -36.58
CA GLU B 338 0.83 -2.00 -37.93
C GLU B 338 1.58 -3.22 -38.46
N GLU B 339 2.89 -3.31 -38.19
CA GLU B 339 3.65 -4.43 -38.69
C GLU B 339 3.19 -5.76 -38.07
N VAL B 340 2.87 -5.76 -36.78
CA VAL B 340 2.44 -7.01 -36.16
C VAL B 340 1.06 -7.43 -36.67
N VAL B 341 0.15 -6.46 -36.84
CA VAL B 341 -1.16 -6.80 -37.39
C VAL B 341 -1.01 -7.37 -38.78
N LYS B 342 -0.13 -6.77 -39.58
CA LYS B 342 0.15 -7.28 -40.92
C LYS B 342 0.64 -8.73 -40.86
N THR B 343 1.58 -9.02 -39.96
CA THR B 343 2.11 -10.37 -39.84
C THR B 343 1.04 -11.34 -39.39
N LEU B 344 0.20 -10.96 -38.43
CA LEU B 344 -0.83 -11.88 -37.96
C LEU B 344 -1.85 -12.20 -39.07
N LEU B 345 -2.27 -11.18 -39.81
CA LEU B 345 -3.19 -11.42 -40.92
C LEU B 345 -2.53 -12.29 -41.99
N GLU B 346 -1.26 -12.00 -42.31
CA GLU B 346 -0.50 -12.85 -43.22
C GLU B 346 -0.42 -14.29 -42.72
N GLY B 347 -0.22 -14.48 -41.41
CA GLY B 347 -0.13 -15.83 -40.88
C GLY B 347 -1.42 -16.59 -41.06
N ILE B 348 -2.55 -15.92 -40.85
CA ILE B 348 -3.84 -16.57 -41.10
C ILE B 348 -3.95 -16.96 -42.58
N VAL B 349 -3.59 -16.04 -43.49
CA VAL B 349 -3.64 -16.38 -44.92
C VAL B 349 -2.69 -17.53 -45.24
N LEU B 350 -1.53 -17.58 -44.58
CA LEU B 350 -0.59 -18.65 -44.87
C LEU B 350 -1.12 -20.00 -44.41
N VAL B 351 -1.78 -20.05 -43.25
CA VAL B 351 -2.35 -21.35 -42.86
C VAL B 351 -3.43 -21.77 -43.86
N PHE B 352 -4.26 -20.83 -44.31
CA PHE B 352 -5.23 -21.12 -45.36
C PHE B 352 -4.55 -21.75 -46.58
N LEU B 353 -3.50 -21.08 -47.07
CA LEU B 353 -2.88 -21.53 -48.32
C LEU B 353 -2.16 -22.86 -48.14
N VAL B 354 -1.50 -23.06 -47.00
CA VAL B 354 -0.77 -24.31 -46.80
C VAL B 354 -1.73 -25.50 -46.64
N MET B 355 -2.80 -25.33 -45.84
CA MET B 355 -3.80 -26.41 -45.73
C MET B 355 -4.37 -26.72 -47.10
N TYR B 356 -4.68 -25.69 -47.90
CA TYR B 356 -5.20 -26.02 -49.21
C TYR B 356 -4.13 -26.73 -50.06
N LEU B 357 -2.88 -26.27 -50.03
CA LEU B 357 -1.85 -26.88 -50.86
C LEU B 357 -1.71 -28.36 -50.58
N PHE B 358 -1.57 -28.75 -49.31
CA PHE B 358 -1.35 -30.15 -49.02
C PHE B 358 -2.64 -30.96 -49.00
N LEU B 359 -3.79 -30.34 -48.79
CA LEU B 359 -5.04 -31.07 -48.71
C LEU B 359 -6.03 -30.76 -49.83
N GLN B 360 -5.96 -29.58 -50.45
CA GLN B 360 -6.85 -29.24 -51.56
C GLN B 360 -8.31 -29.43 -51.17
N ASN B 361 -8.62 -29.08 -49.93
CA ASN B 361 -9.94 -29.27 -49.32
C ASN B 361 -10.33 -27.96 -48.63
N LEU B 362 -11.14 -27.12 -49.30
CA LEU B 362 -11.56 -25.84 -48.70
C LEU B 362 -12.13 -26.01 -47.29
N ARG B 363 -13.01 -26.99 -47.13
CA ARG B 363 -13.70 -27.23 -45.86
C ARG B 363 -12.72 -27.48 -44.71
N ALA B 364 -11.63 -28.21 -44.99
CA ALA B 364 -10.64 -28.45 -43.94
C ALA B 364 -9.77 -27.24 -43.69
N THR B 365 -9.56 -26.38 -44.70
CA THR B 365 -8.74 -25.19 -44.50
C THR B 365 -9.44 -24.17 -43.63
N ILE B 366 -10.78 -24.08 -43.70
CA ILE B 366 -11.43 -23.03 -42.92
C ILE B 366 -11.32 -23.26 -41.41
N ILE B 367 -11.19 -24.51 -40.95
CA ILE B 367 -11.11 -24.75 -39.51
C ILE B 367 -9.90 -24.06 -38.87
N PRO B 368 -8.65 -24.24 -39.37
CA PRO B 368 -7.54 -23.49 -38.74
C PRO B 368 -7.73 -21.99 -38.81
N THR B 369 -8.34 -21.46 -39.88
CA THR B 369 -8.49 -20.01 -39.98
C THR B 369 -9.58 -19.48 -39.05
N ILE B 370 -10.47 -20.33 -38.56
CA ILE B 370 -11.27 -19.90 -37.44
C ILE B 370 -10.46 -19.98 -36.16
N ALA B 371 -9.80 -21.13 -35.94
CA ALA B 371 -9.17 -21.38 -34.64
C ALA B 371 -8.08 -20.35 -34.33
N VAL B 372 -7.22 -20.02 -35.32
CA VAL B 372 -6.10 -19.11 -35.03
C VAL B 372 -6.58 -17.74 -34.60
N PRO B 373 -7.49 -17.05 -35.31
CA PRO B 373 -8.01 -15.78 -34.80
C PRO B 373 -8.63 -15.89 -33.42
N VAL B 374 -9.33 -16.99 -33.12
CA VAL B 374 -9.92 -17.13 -31.79
C VAL B 374 -8.83 -17.13 -30.73
N VAL B 375 -7.75 -17.89 -30.95
CA VAL B 375 -6.69 -17.94 -29.95
C VAL B 375 -6.00 -16.59 -29.83
N LEU B 376 -5.79 -15.88 -30.94
CA LEU B 376 -5.14 -14.57 -30.86
C LEU B 376 -6.02 -13.59 -30.08
N LEU B 377 -7.32 -13.60 -30.36
CA LEU B 377 -8.20 -12.72 -29.61
C LEU B 377 -8.24 -13.11 -28.14
N GLY B 378 -8.28 -14.42 -27.86
CA GLY B 378 -8.21 -14.85 -26.48
C GLY B 378 -6.89 -14.48 -25.80
N THR B 379 -5.80 -14.45 -26.56
CA THR B 379 -4.51 -14.03 -26.03
C THR B 379 -4.57 -12.57 -25.62
N PHE B 380 -5.21 -11.73 -26.44
CA PHE B 380 -5.40 -10.34 -26.03
C PHE B 380 -6.23 -10.25 -24.77
N ALA B 381 -7.28 -11.08 -24.67
CA ALA B 381 -8.12 -11.09 -23.47
C ALA B 381 -7.31 -11.47 -22.21
N ILE B 382 -6.47 -12.51 -22.34
CA ILE B 382 -5.61 -12.94 -21.23
C ILE B 382 -4.57 -11.87 -20.90
N MET B 383 -3.99 -11.23 -21.92
CA MET B 383 -3.04 -10.14 -21.70
C MET B 383 -3.67 -9.03 -20.89
N SER B 384 -4.94 -8.73 -21.19
CA SER B 384 -5.64 -7.74 -20.39
C SER B 384 -5.77 -8.19 -18.95
N MET B 385 -6.19 -9.44 -18.73
CA MET B 385 -6.34 -9.93 -17.36
C MET B 385 -5.01 -9.92 -16.59
N VAL B 386 -3.89 -10.20 -17.26
CA VAL B 386 -2.61 -10.40 -16.59
C VAL B 386 -1.87 -9.10 -16.34
N GLY B 387 -2.32 -8.00 -16.92
CA GLY B 387 -1.69 -6.71 -16.75
C GLY B 387 -0.61 -6.35 -17.74
N PHE B 388 -0.46 -7.10 -18.84
CA PHE B 388 0.50 -6.75 -19.88
C PHE B 388 -0.02 -5.56 -20.70
N SER B 389 0.84 -5.04 -21.56
CA SER B 389 0.44 -3.97 -22.46
C SER B 389 0.79 -4.38 -23.88
N ILE B 390 0.24 -3.65 -24.83
CA ILE B 390 0.71 -3.76 -26.20
C ILE B 390 2.00 -2.95 -26.30
N ASN B 391 3.12 -3.66 -26.51
CA ASN B 391 4.43 -3.04 -26.63
C ASN B 391 5.26 -3.93 -27.54
N VAL B 392 6.41 -3.41 -27.99
CA VAL B 392 7.21 -4.12 -28.98
C VAL B 392 7.56 -5.52 -28.50
N LEU B 393 7.86 -5.68 -27.21
CA LEU B 393 8.23 -7.01 -26.71
C LEU B 393 7.04 -7.97 -26.77
N SER B 394 5.88 -7.54 -26.28
CA SER B 394 4.69 -8.42 -26.36
C SER B 394 4.26 -8.66 -27.80
N MET B 395 4.38 -7.63 -28.66
CA MET B 395 3.99 -7.79 -30.05
C MET B 395 4.86 -8.83 -30.76
N PHE B 396 6.17 -8.79 -30.52
CA PHE B 396 7.03 -9.85 -31.03
C PHE B 396 6.68 -11.19 -30.40
N GLY B 397 6.20 -11.19 -29.16
CA GLY B 397 5.73 -12.45 -28.60
C GLY B 397 4.61 -13.08 -29.43
N LEU B 398 3.62 -12.27 -29.83
CA LEU B 398 2.55 -12.79 -30.69
C LEU B 398 3.11 -13.27 -32.02
N VAL B 399 4.04 -12.49 -32.60
CA VAL B 399 4.67 -12.92 -33.86
C VAL B 399 5.30 -14.29 -33.71
N LEU B 400 6.06 -14.49 -32.63
CA LEU B 400 6.70 -15.81 -32.46
C LEU B 400 5.68 -16.88 -32.14
N ALA B 401 4.56 -16.52 -31.53
CA ALA B 401 3.56 -17.49 -31.08
C ALA B 401 2.69 -18.08 -32.21
N ILE B 402 2.53 -17.38 -33.33
CA ILE B 402 1.75 -18.04 -34.40
C ILE B 402 2.38 -19.39 -34.76
N GLY B 403 3.70 -19.51 -34.68
CA GLY B 403 4.32 -20.79 -35.02
C GLY B 403 3.85 -21.93 -34.15
N LEU B 404 3.45 -21.63 -32.91
CA LEU B 404 2.91 -22.68 -32.05
C LEU B 404 1.41 -22.86 -32.28
N LEU B 405 0.67 -21.77 -32.44
CA LEU B 405 -0.77 -22.00 -32.52
C LEU B 405 -1.24 -22.49 -33.89
N VAL B 406 -0.59 -22.11 -35.00
CA VAL B 406 -0.88 -22.79 -36.29
C VAL B 406 -0.43 -24.24 -36.25
N ASP B 407 0.67 -24.57 -35.56
CA ASP B 407 1.04 -25.97 -35.47
C ASP B 407 -0.04 -26.76 -34.78
N ASP B 408 -0.61 -26.22 -33.70
CA ASP B 408 -1.71 -26.91 -33.07
C ASP B 408 -2.89 -27.09 -34.04
N ALA B 409 -3.27 -26.01 -34.75
CA ALA B 409 -4.40 -26.12 -35.67
C ALA B 409 -4.15 -27.18 -36.76
N ILE B 410 -2.96 -27.17 -37.35
CA ILE B 410 -2.65 -28.14 -38.39
C ILE B 410 -2.60 -29.54 -37.80
N VAL B 411 -1.99 -29.74 -36.64
CA VAL B 411 -1.97 -31.09 -36.09
C VAL B 411 -3.40 -31.62 -36.00
N VAL B 412 -4.30 -30.84 -35.39
CA VAL B 412 -5.67 -31.33 -35.21
C VAL B 412 -6.34 -31.63 -36.55
N VAL B 413 -6.43 -30.64 -37.43
CA VAL B 413 -7.25 -30.86 -38.63
C VAL B 413 -6.58 -31.87 -39.56
N GLU B 414 -5.26 -31.78 -39.73
CA GLU B 414 -4.54 -32.70 -40.59
C GLU B 414 -4.66 -34.13 -40.09
N ASN B 415 -4.57 -34.35 -38.77
CA ASN B 415 -4.70 -35.72 -38.27
C ASN B 415 -6.13 -36.24 -38.43
N VAL B 416 -7.12 -35.37 -38.28
CA VAL B 416 -8.49 -35.80 -38.57
C VAL B 416 -8.63 -36.17 -40.05
N GLU B 417 -8.08 -35.34 -40.96
CA GLU B 417 -8.16 -35.62 -42.39
C GLU B 417 -7.46 -36.93 -42.71
N ARG B 418 -6.27 -37.17 -42.14
CA ARG B 418 -5.58 -38.42 -42.43
C ARG B 418 -6.39 -39.61 -41.96
N VAL B 419 -6.87 -39.60 -40.71
CA VAL B 419 -7.65 -40.73 -40.25
C VAL B 419 -8.90 -40.89 -41.11
N MET B 420 -9.53 -39.76 -41.44
CA MET B 420 -10.78 -39.79 -42.19
C MET B 420 -10.58 -40.32 -43.60
N ALA B 421 -9.39 -40.14 -44.18
CA ALA B 421 -9.13 -40.64 -45.53
C ALA B 421 -8.46 -42.01 -45.56
N GLU B 422 -7.33 -42.18 -44.87
CA GLU B 422 -6.62 -43.45 -44.88
C GLU B 422 -7.44 -44.57 -44.20
N GLU B 423 -8.25 -44.24 -43.20
CA GLU B 423 -9.07 -45.23 -42.52
C GLU B 423 -10.55 -45.15 -42.88
N GLY B 424 -10.96 -44.13 -43.63
CA GLY B 424 -12.31 -44.08 -44.16
C GLY B 424 -13.43 -44.04 -43.15
N LEU B 425 -13.40 -43.12 -42.19
CA LEU B 425 -14.45 -43.07 -41.19
C LEU B 425 -15.21 -41.76 -41.33
N PRO B 426 -16.46 -41.70 -40.86
CA PRO B 426 -17.22 -40.44 -40.92
C PRO B 426 -16.72 -39.44 -39.90
N PRO B 427 -17.08 -38.16 -40.03
CA PRO B 427 -16.43 -37.12 -39.19
C PRO B 427 -16.45 -37.32 -37.69
N LYS B 428 -17.57 -37.69 -37.06
CA LYS B 428 -17.53 -37.74 -35.60
C LYS B 428 -16.60 -38.85 -35.12
N GLU B 429 -16.72 -40.03 -35.69
CA GLU B 429 -15.81 -41.11 -35.32
C GLU B 429 -14.38 -40.78 -35.73
N ALA B 430 -14.18 -40.14 -36.89
CA ALA B 430 -12.81 -39.79 -37.30
C ALA B 430 -12.16 -38.80 -36.34
N THR B 431 -12.88 -37.76 -35.92
CA THR B 431 -12.30 -36.79 -35.00
C THR B 431 -12.08 -37.45 -33.63
N ARG B 432 -13.00 -38.33 -33.20
CA ARG B 432 -12.79 -39.02 -31.94
C ARG B 432 -11.54 -39.87 -31.97
N LYS B 433 -11.33 -40.58 -33.07
CA LYS B 433 -10.15 -41.43 -33.18
C LYS B 433 -8.87 -40.61 -33.29
N ALA B 434 -8.89 -39.54 -34.10
CA ALA B 434 -7.74 -38.67 -34.28
C ALA B 434 -7.37 -37.87 -33.03
N MET B 435 -8.35 -37.35 -32.28
CA MET B 435 -8.09 -36.66 -31.02
C MET B 435 -7.93 -37.59 -29.84
N GLY B 436 -8.09 -38.90 -30.01
CA GLY B 436 -7.61 -39.82 -29.00
C GLY B 436 -6.16 -40.27 -29.17
N GLN B 437 -5.54 -39.89 -30.28
CA GLN B 437 -4.13 -40.16 -30.55
C GLN B 437 -3.21 -39.01 -30.20
N ILE B 438 -3.76 -37.83 -29.89
CA ILE B 438 -2.96 -36.63 -29.66
C ILE B 438 -3.30 -35.85 -28.39
N THR B 439 -4.44 -36.13 -27.73
CA THR B 439 -4.84 -35.29 -26.60
C THR B 439 -3.81 -35.32 -25.48
N GLY B 440 -3.41 -36.51 -25.04
CA GLY B 440 -2.35 -36.59 -24.04
C GLY B 440 -1.05 -35.94 -24.49
N ALA B 441 -0.67 -36.13 -25.76
CA ALA B 441 0.52 -35.46 -26.27
C ALA B 441 0.35 -33.94 -26.27
N LEU B 442 -0.87 -33.44 -26.54
CA LEU B 442 -1.08 -32.00 -26.51
C LEU B 442 -0.99 -31.47 -25.08
N VAL B 443 -1.55 -32.21 -24.12
CA VAL B 443 -1.39 -31.79 -22.73
C VAL B 443 0.09 -31.78 -22.39
N GLY B 444 0.80 -32.84 -22.76
CA GLY B 444 2.24 -32.92 -22.54
C GLY B 444 3.00 -31.80 -23.24
N VAL B 445 2.57 -31.43 -24.45
CA VAL B 445 3.21 -30.34 -25.19
C VAL B 445 3.05 -29.02 -24.43
N ALA B 446 1.85 -28.75 -23.93
CA ALA B 446 1.64 -27.54 -23.16
C ALA B 446 2.57 -27.50 -21.96
N LEU B 447 2.60 -28.60 -21.19
CA LEU B 447 3.46 -28.58 -20.01
C LEU B 447 4.94 -28.45 -20.39
N VAL B 448 5.40 -29.21 -21.38
CA VAL B 448 6.82 -29.19 -21.73
C VAL B 448 7.23 -27.81 -22.21
N LEU B 449 6.40 -27.16 -23.04
CA LEU B 449 6.75 -25.84 -23.54
C LEU B 449 6.70 -24.80 -22.44
N SER B 450 5.73 -24.89 -21.53
CA SER B 450 5.72 -23.99 -20.38
C SER B 450 7.02 -24.14 -19.58
N ALA B 451 7.45 -25.39 -19.38
CA ALA B 451 8.73 -25.66 -18.74
C ALA B 451 9.87 -25.03 -19.51
N VAL B 452 9.85 -25.16 -20.83
CA VAL B 452 10.89 -24.56 -21.67
C VAL B 452 10.97 -23.07 -21.38
N PHE B 453 9.81 -22.45 -21.17
CA PHE B 453 9.77 -20.99 -21.09
C PHE B 453 9.86 -20.41 -19.67
N VAL B 454 9.84 -21.22 -18.61
CA VAL B 454 9.93 -20.65 -17.25
C VAL B 454 11.32 -20.11 -16.90
N PRO B 455 12.45 -20.66 -17.37
CA PRO B 455 13.76 -20.02 -17.08
C PRO B 455 13.82 -18.60 -17.55
N VAL B 456 12.94 -18.23 -18.47
CA VAL B 456 12.84 -16.90 -19.02
C VAL B 456 11.93 -16.02 -18.19
N ALA B 457 10.74 -16.52 -17.83
CA ALA B 457 9.82 -15.72 -17.03
C ALA B 457 10.41 -15.39 -15.66
N PHE B 458 11.12 -16.34 -15.06
CA PHE B 458 11.66 -16.22 -13.72
C PHE B 458 13.08 -15.69 -13.69
N SER B 459 13.56 -15.17 -14.81
CA SER B 459 14.85 -14.52 -14.81
C SER B 459 14.81 -13.15 -14.11
N GLY B 460 15.80 -12.88 -13.31
CA GLY B 460 15.81 -11.63 -12.61
C GLY B 460 16.48 -10.49 -13.34
N GLY B 461 16.37 -9.30 -12.76
CA GLY B 461 17.04 -8.16 -13.33
C GLY B 461 16.26 -7.52 -14.45
N SER B 462 16.83 -6.43 -14.97
CA SER B 462 16.25 -5.74 -16.10
C SER B 462 16.20 -6.64 -17.33
N VAL B 463 17.19 -7.53 -17.48
CA VAL B 463 17.15 -8.46 -18.61
C VAL B 463 15.94 -9.37 -18.49
N GLY B 464 15.64 -9.83 -17.27
CA GLY B 464 14.43 -10.58 -17.04
C GLY B 464 13.18 -9.76 -17.32
N ALA B 465 13.24 -8.45 -17.06
CA ALA B 465 12.12 -7.60 -17.43
C ALA B 465 11.90 -7.61 -18.93
N ILE B 466 12.98 -7.56 -19.72
CA ILE B 466 12.85 -7.76 -21.18
C ILE B 466 12.16 -9.08 -21.47
N TYR B 467 12.67 -10.15 -20.85
CA TYR B 467 12.25 -11.49 -21.23
C TYR B 467 10.77 -11.71 -20.97
N ARG B 468 10.28 -11.31 -19.79
CA ARG B 468 9.07 -11.94 -19.27
C ARG B 468 7.80 -11.52 -20.01
N GLN B 469 7.62 -10.23 -20.34
CA GLN B 469 6.49 -9.81 -21.17
C GLN B 469 6.45 -10.69 -22.41
N PHE B 470 7.60 -10.79 -23.06
CA PHE B 470 7.79 -11.54 -24.28
C PHE B 470 7.40 -13.01 -24.10
N SER B 471 8.13 -13.68 -23.20
CA SER B 471 7.96 -15.12 -22.99
C SER B 471 6.60 -15.47 -22.44
N LEU B 472 6.03 -14.63 -21.55
CA LEU B 472 4.74 -14.91 -20.95
C LEU B 472 3.59 -14.64 -21.91
N THR B 473 3.74 -13.68 -22.85
CA THR B 473 2.78 -13.63 -23.95
C THR B 473 2.82 -14.92 -24.77
N ILE B 474 4.02 -15.41 -25.07
CA ILE B 474 4.11 -16.68 -25.82
C ILE B 474 3.43 -17.81 -25.03
N VAL B 475 3.68 -17.88 -23.73
CA VAL B 475 3.13 -18.96 -22.90
C VAL B 475 1.61 -18.87 -22.84
N SER B 476 1.08 -17.65 -22.65
CA SER B 476 -0.37 -17.45 -22.66
C SER B 476 -0.98 -17.93 -23.96
N ALA B 477 -0.42 -17.48 -25.10
CA ALA B 477 -0.95 -17.91 -26.39
C ALA B 477 -0.90 -19.42 -26.52
N MET B 478 0.22 -20.03 -26.12
CA MET B 478 0.42 -21.47 -26.30
C MET B 478 -0.58 -22.27 -25.47
N VAL B 479 -0.74 -21.90 -24.21
CA VAL B 479 -1.66 -22.64 -23.36
C VAL B 479 -3.08 -22.51 -23.89
N LEU B 480 -3.47 -21.30 -24.31
CA LEU B 480 -4.82 -21.15 -24.88
C LEU B 480 -4.93 -21.98 -26.15
N SER B 481 -3.86 -22.04 -26.95
CA SER B 481 -3.89 -22.81 -28.18
C SER B 481 -4.13 -24.27 -27.89
N VAL B 482 -3.50 -24.81 -26.86
CA VAL B 482 -3.74 -26.21 -26.53
C VAL B 482 -5.20 -26.38 -26.08
N LEU B 483 -5.71 -25.45 -25.25
CA LEU B 483 -7.13 -25.55 -24.89
C LEU B 483 -8.02 -25.51 -26.12
N VAL B 484 -7.76 -24.58 -27.05
CA VAL B 484 -8.58 -24.49 -28.26
C VAL B 484 -8.48 -25.75 -29.11
N ALA B 485 -7.28 -26.34 -29.23
CA ALA B 485 -7.12 -27.61 -29.94
C ALA B 485 -7.91 -28.73 -29.28
N LEU B 486 -8.18 -28.63 -27.96
CA LEU B 486 -8.96 -29.66 -27.29
C LEU B 486 -10.41 -29.27 -27.05
N ILE B 487 -10.83 -28.08 -27.46
CA ILE B 487 -12.20 -27.66 -27.24
C ILE B 487 -12.90 -27.32 -28.54
N LEU B 488 -12.37 -26.36 -29.27
CA LEU B 488 -13.10 -25.84 -30.39
C LEU B 488 -12.83 -26.67 -31.64
N THR B 489 -11.55 -26.92 -31.94
CA THR B 489 -11.21 -27.46 -33.26
C THR B 489 -11.66 -28.93 -33.45
N PRO B 490 -11.70 -29.79 -32.43
CA PRO B 490 -12.33 -31.09 -32.63
C PRO B 490 -13.81 -30.97 -32.94
N ALA B 491 -14.54 -30.11 -32.22
CA ALA B 491 -15.95 -29.93 -32.57
C ALA B 491 -16.09 -29.32 -33.96
N LEU B 492 -15.22 -28.36 -34.31
CA LEU B 492 -15.28 -27.83 -35.67
C LEU B 492 -15.00 -28.91 -36.71
N CYS B 493 -14.04 -29.80 -36.45
CA CYS B 493 -13.78 -30.88 -37.39
C CYS B 493 -14.95 -31.84 -37.49
N ALA B 494 -15.58 -32.19 -36.37
CA ALA B 494 -16.65 -33.18 -36.37
C ALA B 494 -17.92 -32.63 -36.98
N THR B 495 -18.10 -31.32 -37.01
CA THR B 495 -19.32 -30.73 -37.57
C THR B 495 -19.13 -30.15 -38.96
N ILE B 496 -17.92 -29.68 -39.28
CA ILE B 496 -17.63 -29.00 -40.53
C ILE B 496 -17.24 -29.99 -41.61
N LEU B 497 -16.25 -30.81 -41.34
CA LEU B 497 -15.71 -31.73 -42.35
C LEU B 497 -16.79 -32.71 -42.85
N LYS B 498 -16.79 -32.97 -44.14
CA LYS B 498 -17.66 -33.99 -44.69
C LYS B 498 -16.86 -35.22 -45.10
N PRO B 499 -17.50 -36.36 -45.33
CA PRO B 499 -16.80 -37.51 -45.92
C PRO B 499 -16.18 -37.17 -47.28
N ILE B 500 -15.36 -38.08 -47.78
CA ILE B 500 -14.60 -37.86 -49.01
C ILE B 500 -14.97 -38.93 -50.04
N PRO B 501 -15.86 -38.61 -50.99
CA PRO B 501 -16.26 -39.58 -52.02
C PRO B 501 -15.51 -39.47 -53.35
N GLN B 502 -15.82 -40.35 -54.29
CA GLN B 502 -15.32 -40.25 -55.67
C GLN B 502 -16.47 -40.26 -56.66
N PHE B 512 -1.36 -29.50 -56.67
CA PHE B 512 -1.71 -30.09 -57.94
C PHE B 512 -1.41 -31.57 -57.94
N GLY B 513 -2.02 -32.30 -58.89
CA GLY B 513 -1.77 -33.73 -59.02
C GLY B 513 -0.30 -34.04 -59.23
N TRP B 514 0.41 -33.15 -59.91
CA TRP B 514 1.87 -33.18 -59.85
C TRP B 514 2.37 -32.95 -58.43
N PHE B 515 1.77 -32.00 -57.70
CA PHE B 515 2.22 -31.80 -56.33
C PHE B 515 1.95 -33.03 -55.47
N ASN B 516 0.77 -33.65 -55.63
CA ASN B 516 0.50 -34.83 -54.83
C ASN B 516 1.49 -35.94 -55.16
N ARG B 517 1.71 -36.17 -56.44
CA ARG B 517 2.71 -37.15 -56.87
C ARG B 517 4.11 -36.80 -56.35
N THR B 518 4.49 -35.53 -56.41
CA THR B 518 5.84 -35.16 -56.02
C THR B 518 6.02 -35.30 -54.50
N PHE B 519 4.98 -34.96 -53.74
CA PHE B 519 5.03 -35.15 -52.29
C PHE B 519 5.06 -36.63 -51.93
N ASN B 520 4.34 -37.49 -52.67
CA ASN B 520 4.36 -38.93 -52.38
C ASN B 520 5.69 -39.58 -52.76
N SER B 521 6.25 -39.19 -53.90
CA SER B 521 7.61 -39.61 -54.25
C SER B 521 8.59 -39.13 -53.19
N SER B 522 8.41 -37.90 -52.74
CA SER B 522 9.31 -37.31 -51.78
C SER B 522 9.24 -38.00 -50.44
N ARG B 523 8.04 -38.34 -49.99
CA ARG B 523 7.92 -38.99 -48.71
C ARG B 523 8.37 -40.43 -48.77
N ASP B 524 8.34 -41.06 -49.96
CA ASP B 524 8.93 -42.38 -50.11
C ASP B 524 10.46 -42.31 -50.06
N LYS B 525 11.05 -41.36 -50.77
CA LYS B 525 12.50 -41.18 -50.64
C LYS B 525 12.89 -40.81 -49.21
N TYR B 526 12.05 -40.00 -48.53
CA TYR B 526 12.28 -39.65 -47.14
C TYR B 526 12.19 -40.88 -46.23
N HIS B 527 11.19 -41.73 -46.48
CA HIS B 527 11.05 -42.97 -45.70
C HIS B 527 12.27 -43.85 -45.85
N VAL B 528 12.76 -43.99 -47.09
CA VAL B 528 13.97 -44.76 -47.31
C VAL B 528 15.17 -44.10 -46.64
N GLY B 529 15.20 -42.76 -46.62
CA GLY B 529 16.27 -42.08 -45.93
C GLY B 529 16.20 -42.27 -44.43
N VAL B 530 14.99 -42.30 -43.87
CA VAL B 530 14.84 -42.57 -42.44
C VAL B 530 15.46 -43.92 -42.13
N HIS B 531 15.14 -44.90 -42.95
CA HIS B 531 15.77 -46.21 -42.77
C HIS B 531 17.28 -46.13 -42.92
N HIS B 532 17.77 -45.37 -43.89
CA HIS B 532 19.22 -45.27 -44.10
C HIS B 532 19.90 -44.80 -42.83
N VAL B 533 19.37 -43.72 -42.25
CA VAL B 533 19.98 -43.17 -41.04
C VAL B 533 19.86 -44.17 -39.90
N ILE B 534 18.75 -44.90 -39.83
CA ILE B 534 18.61 -45.88 -38.74
C ILE B 534 19.70 -46.95 -38.87
N LYS B 535 19.84 -47.52 -40.06
CA LYS B 535 20.84 -48.55 -40.26
C LYS B 535 22.26 -48.01 -40.11
N ARG B 536 22.46 -46.71 -40.38
CA ARG B 536 23.73 -46.03 -40.18
C ARG B 536 23.76 -45.20 -38.89
N SER B 537 23.07 -45.67 -37.85
CA SER B 537 22.90 -44.88 -36.63
C SER B 537 24.23 -44.32 -36.17
N GLY B 538 25.23 -45.19 -35.95
CA GLY B 538 26.50 -44.75 -35.37
C GLY B 538 27.14 -43.61 -36.13
N ARG B 539 27.13 -43.68 -37.47
CA ARG B 539 27.67 -42.57 -38.25
C ARG B 539 26.91 -41.28 -37.94
N TRP B 540 25.58 -41.34 -37.87
CA TRP B 540 24.83 -40.11 -37.63
C TRP B 540 24.80 -39.70 -36.16
N LEU B 541 25.16 -40.59 -35.23
CA LEU B 541 25.38 -40.18 -33.85
C LEU B 541 26.73 -39.47 -33.73
N ILE B 542 27.74 -39.93 -34.48
CA ILE B 542 28.93 -39.10 -34.57
C ILE B 542 28.58 -37.76 -35.21
N ILE B 543 27.74 -37.78 -36.25
CA ILE B 543 27.30 -36.51 -36.85
C ILE B 543 26.54 -35.66 -35.83
N TYR B 544 25.73 -36.29 -34.96
CA TYR B 544 25.01 -35.56 -33.93
C TYR B 544 25.99 -34.85 -32.99
N LEU B 545 27.05 -35.57 -32.57
CA LEU B 545 28.06 -34.91 -31.75
C LEU B 545 28.75 -33.78 -32.52
N ALA B 546 28.93 -33.97 -33.83
CA ALA B 546 29.49 -32.89 -34.63
C ALA B 546 28.59 -31.67 -34.59
N VAL B 547 27.27 -31.86 -34.68
CA VAL B 547 26.36 -30.73 -34.58
C VAL B 547 26.48 -30.06 -33.21
N ILE B 548 26.60 -30.85 -32.14
CA ILE B 548 26.71 -30.26 -30.80
C ILE B 548 27.97 -29.41 -30.70
N VAL B 549 29.09 -29.92 -31.20
CA VAL B 549 30.34 -29.15 -31.16
C VAL B 549 30.22 -27.86 -31.96
N ALA B 550 29.58 -27.93 -33.14
CA ALA B 550 29.34 -26.72 -33.92
C ALA B 550 28.47 -25.73 -33.12
N VAL B 551 27.45 -26.22 -32.43
CA VAL B 551 26.64 -25.32 -31.62
C VAL B 551 27.54 -24.55 -30.65
N GLY B 552 28.42 -25.28 -29.96
CA GLY B 552 29.30 -24.61 -28.99
C GLY B 552 30.19 -23.56 -29.64
N LEU B 553 30.85 -23.93 -30.74
CA LEU B 553 31.82 -22.97 -31.30
C LEU B 553 31.13 -21.77 -31.94
N LEU B 554 30.01 -21.98 -32.63
CA LEU B 554 29.25 -20.84 -33.14
C LEU B 554 28.73 -19.96 -32.01
N PHE B 555 28.26 -20.57 -30.92
CA PHE B 555 27.72 -19.79 -29.80
C PHE B 555 28.78 -18.89 -29.18
N VAL B 556 29.98 -19.44 -28.94
CA VAL B 556 31.05 -18.65 -28.32
C VAL B 556 31.50 -17.54 -29.25
N ARG B 557 31.56 -17.82 -30.54
CA ARG B 557 32.03 -16.80 -31.48
C ARG B 557 30.98 -15.72 -31.76
N LEU B 558 29.69 -15.94 -31.45
CA LEU B 558 28.65 -14.97 -31.85
C LEU B 558 28.53 -13.85 -30.82
N PRO B 559 28.58 -12.57 -31.23
CA PRO B 559 28.63 -11.46 -30.27
C PRO B 559 27.39 -11.39 -29.39
N LYS B 560 27.60 -10.91 -28.17
CA LYS B 560 26.58 -10.67 -27.16
C LYS B 560 25.87 -9.33 -27.35
N SER B 561 24.61 -9.25 -26.88
CA SER B 561 23.84 -8.03 -27.06
C SER B 561 22.53 -8.12 -26.29
N PHE B 562 21.90 -6.95 -26.05
CA PHE B 562 20.57 -6.88 -25.44
C PHE B 562 19.46 -6.64 -26.47
N LEU B 563 19.54 -5.52 -27.19
CA LEU B 563 18.58 -5.22 -28.25
C LEU B 563 19.40 -4.65 -29.39
N PRO B 564 19.02 -4.98 -30.62
CA PRO B 564 19.67 -4.36 -31.77
C PRO B 564 19.33 -2.89 -31.84
N ASP B 565 20.30 -2.12 -32.32
CA ASP B 565 20.18 -0.67 -32.32
C ASP B 565 19.49 -0.22 -33.61
N GLU B 566 18.23 0.19 -33.46
CA GLU B 566 17.42 0.70 -34.55
C GLU B 566 17.77 2.14 -34.89
N ASP B 567 17.52 2.52 -36.14
CA ASP B 567 17.55 3.92 -36.56
C ASP B 567 16.20 4.55 -36.29
N GLN B 568 16.05 5.23 -35.17
CA GLN B 568 14.76 5.75 -34.79
C GLN B 568 14.57 7.19 -35.23
N GLY B 569 15.39 7.69 -36.14
CA GLY B 569 15.27 9.06 -36.55
C GLY B 569 15.91 10.07 -35.63
N LEU B 570 16.75 9.65 -34.67
CA LEU B 570 17.36 10.54 -33.69
C LEU B 570 18.88 10.36 -33.67
N MET B 571 19.57 11.41 -33.27
CA MET B 571 20.97 11.25 -32.92
C MET B 571 21.28 12.21 -31.79
N PHE B 572 22.11 11.74 -30.86
CA PHE B 572 22.49 12.55 -29.73
C PHE B 572 23.97 12.85 -29.88
N VAL B 573 24.37 14.07 -29.53
CA VAL B 573 25.77 14.44 -29.62
C VAL B 573 26.21 14.97 -28.26
N ILE B 574 27.20 14.30 -27.67
CA ILE B 574 27.83 14.76 -26.44
C ILE B 574 28.91 15.76 -26.83
N VAL B 575 28.96 16.90 -26.14
CA VAL B 575 29.93 17.95 -26.39
C VAL B 575 30.62 18.26 -25.09
N GLN B 576 31.94 18.12 -25.07
CA GLN B 576 32.72 18.42 -23.87
C GLN B 576 33.91 19.27 -24.30
N THR B 577 33.93 20.53 -23.91
CA THR B 577 35.00 21.45 -24.23
C THR B 577 36.04 21.45 -23.12
N PRO B 578 37.26 21.97 -23.35
CA PRO B 578 38.28 21.93 -22.29
C PRO B 578 37.82 22.64 -21.01
N SER B 579 38.44 22.23 -19.89
CA SER B 579 38.08 22.75 -18.57
C SER B 579 38.20 24.26 -18.52
N GLY B 580 37.25 24.89 -17.82
CA GLY B 580 37.27 26.32 -17.69
C GLY B 580 36.55 27.06 -18.78
N SER B 581 36.23 26.39 -19.90
CA SER B 581 35.48 26.98 -20.98
C SER B 581 34.21 27.63 -20.43
N THR B 582 33.73 28.64 -21.14
CA THR B 582 32.55 29.36 -20.67
C THR B 582 31.35 28.99 -21.52
N GLN B 583 30.21 29.53 -21.07
CA GLN B 583 28.99 29.39 -21.84
C GLN B 583 29.17 30.01 -23.23
N GLU B 584 29.82 31.17 -23.32
CA GLU B 584 30.03 31.82 -24.61
C GLU B 584 30.90 30.97 -25.54
N THR B 585 31.99 30.41 -24.99
CA THR B 585 32.91 29.66 -25.85
C THR B 585 32.30 28.33 -26.32
N THR B 586 31.68 27.55 -25.40
CA THR B 586 31.07 26.27 -25.78
C THR B 586 29.87 26.48 -26.68
N ALA B 587 29.18 27.62 -26.52
CA ALA B 587 28.07 27.92 -27.38
C ALA B 587 28.53 27.85 -28.83
N ARG B 588 29.81 28.11 -29.10
CA ARG B 588 30.27 28.11 -30.47
C ARG B 588 30.62 26.71 -30.98
N THR B 589 31.04 25.77 -30.14
CA THR B 589 31.07 24.40 -30.63
C THR B 589 29.68 23.89 -30.96
N LEU B 590 28.71 24.18 -30.09
CA LEU B 590 27.34 23.76 -30.37
C LEU B 590 26.76 24.47 -31.59
N ALA B 591 27.06 25.76 -31.74
CA ALA B 591 26.59 26.53 -32.89
C ALA B 591 27.22 26.00 -34.17
N ASN B 592 28.50 25.65 -34.12
CA ASN B 592 29.16 24.99 -35.23
C ASN B 592 28.43 23.70 -35.61
N ILE B 593 28.12 22.88 -34.61
CA ILE B 593 27.47 21.60 -34.92
C ILE B 593 26.08 21.84 -35.51
N SER B 594 25.30 22.76 -34.94
CA SER B 594 23.96 23.00 -35.48
C SER B 594 24.02 23.53 -36.91
N ASP B 595 24.92 24.50 -37.16
CA ASP B 595 25.04 25.05 -38.51
C ASP B 595 25.47 23.95 -39.49
N TYR B 596 26.43 23.13 -39.09
CA TYR B 596 26.86 22.01 -39.92
C TYR B 596 25.69 21.11 -40.25
N LEU B 597 24.89 20.72 -39.24
CA LEU B 597 23.79 19.78 -39.49
C LEU B 597 22.74 20.40 -40.39
N LEU B 598 22.44 21.70 -40.23
CA LEU B 598 21.37 22.31 -41.00
C LEU B 598 21.80 22.81 -42.37
N THR B 599 23.11 22.84 -42.67
CA THR B 599 23.54 23.22 -44.01
C THR B 599 24.09 22.04 -44.78
N GLN B 600 25.07 21.33 -44.23
CA GLN B 600 25.63 20.20 -44.95
C GLN B 600 24.66 19.03 -44.99
N GLU B 601 23.90 18.82 -43.93
CA GLU B 601 22.96 17.72 -43.88
C GLU B 601 21.51 18.20 -44.05
N LYS B 602 21.31 19.26 -44.83
CA LYS B 602 20.01 19.90 -44.93
C LYS B 602 18.93 18.90 -45.34
N ASP B 603 19.29 17.94 -46.17
CA ASP B 603 18.31 17.00 -46.67
C ASP B 603 18.16 15.77 -45.79
N ILE B 604 18.87 15.72 -44.66
CA ILE B 604 18.81 14.54 -43.79
C ILE B 604 18.24 14.92 -42.43
N VAL B 605 18.44 16.18 -42.03
CA VAL B 605 18.20 16.63 -40.67
C VAL B 605 17.01 17.58 -40.66
N GLU B 606 16.09 17.36 -39.73
CA GLU B 606 14.93 18.21 -39.45
C GLU B 606 15.17 19.24 -38.36
N SER B 607 15.76 18.82 -37.24
CA SER B 607 15.97 19.70 -36.11
C SER B 607 17.35 19.43 -35.54
N ALA B 608 17.97 20.47 -35.00
CA ALA B 608 19.16 20.29 -34.18
C ALA B 608 18.88 21.11 -32.92
N PHE B 609 18.67 20.43 -31.80
CA PHE B 609 18.34 21.09 -30.55
C PHE B 609 19.59 21.07 -29.69
N THR B 610 20.04 22.23 -29.26
CA THR B 610 21.28 22.34 -28.52
C THR B 610 20.99 22.82 -27.12
N VAL B 611 21.70 22.26 -26.16
CA VAL B 611 21.70 22.76 -24.80
C VAL B 611 23.16 22.73 -24.35
N ASN B 612 23.69 23.88 -23.92
CA ASN B 612 24.95 23.87 -23.21
C ASN B 612 24.70 24.23 -21.78
N GLY B 613 25.52 23.65 -20.93
CA GLY B 613 25.30 23.59 -19.52
C GLY B 613 25.04 22.20 -19.03
N PHE B 614 24.86 21.24 -19.94
CA PHE B 614 24.50 19.87 -19.57
C PHE B 614 25.20 18.83 -20.43
N SER B 615 25.80 17.85 -19.76
CA SER B 615 26.03 16.55 -20.34
C SER B 615 24.88 15.66 -19.92
N PHE B 616 24.95 14.38 -20.30
CA PHE B 616 23.99 13.41 -19.77
C PHE B 616 24.29 13.02 -18.34
N ALA B 617 25.48 13.33 -17.85
CA ALA B 617 25.90 12.93 -16.53
C ALA B 617 25.95 14.10 -15.55
N GLY B 618 25.53 15.30 -15.93
CA GLY B 618 25.56 16.44 -15.02
C GLY B 618 25.77 17.75 -15.75
N ARG B 619 25.99 18.82 -14.95
CA ARG B 619 26.14 20.15 -15.50
C ARG B 619 27.60 20.58 -15.61
N GLY B 620 27.79 21.75 -16.21
CA GLY B 620 29.09 22.34 -16.41
C GLY B 620 29.05 23.32 -17.56
N GLN B 621 29.71 24.47 -17.45
CA GLN B 621 29.72 25.39 -18.59
C GLN B 621 30.46 24.78 -19.77
N ASN B 622 31.36 23.83 -19.53
CA ASN B 622 32.18 23.22 -20.56
C ASN B 622 31.49 22.05 -21.22
N SER B 623 30.20 21.90 -21.03
CA SER B 623 29.58 20.68 -21.47
C SER B 623 28.23 21.01 -22.08
N GLY B 624 27.87 20.29 -23.15
CA GLY B 624 26.61 20.51 -23.83
C GLY B 624 26.15 19.26 -24.54
N LEU B 625 24.91 19.31 -25.03
CA LEU B 625 24.32 18.22 -25.80
C LEU B 625 23.67 18.80 -27.04
N VAL B 626 23.66 18.00 -28.10
CA VAL B 626 22.90 18.30 -29.31
C VAL B 626 21.89 17.19 -29.55
N PHE B 627 20.63 17.56 -29.66
CA PHE B 627 19.56 16.61 -29.95
C PHE B 627 19.09 16.85 -31.38
N VAL B 628 19.36 15.90 -32.27
CA VAL B 628 19.08 16.11 -33.68
C VAL B 628 18.07 15.08 -34.13
N LYS B 629 16.99 15.56 -34.75
CA LYS B 629 15.93 14.73 -35.30
C LYS B 629 16.11 14.70 -36.81
N LEU B 630 15.90 13.54 -37.40
CA LEU B 630 16.07 13.36 -38.83
C LEU B 630 14.72 13.39 -39.52
N LYS B 631 14.75 13.60 -40.85
CA LYS B 631 13.54 13.78 -41.64
C LYS B 631 12.77 12.47 -41.75
N ASP B 632 11.47 12.61 -42.05
CA ASP B 632 10.55 11.48 -42.07
C ASP B 632 11.19 10.30 -42.80
N TYR B 633 10.95 9.10 -42.28
CA TYR B 633 11.67 7.93 -42.79
C TYR B 633 11.41 7.73 -44.28
N SER B 634 10.26 8.20 -44.79
CA SER B 634 9.94 8.05 -46.20
C SER B 634 10.69 9.01 -47.11
N GLN B 635 11.22 10.09 -46.57
CA GLN B 635 12.03 11.05 -47.33
C GLN B 635 13.52 10.83 -47.08
N ARG B 636 13.88 9.65 -46.61
CA ARG B 636 15.21 9.36 -46.13
C ARG B 636 15.65 8.00 -46.62
N GLN B 637 15.40 7.72 -47.89
CA GLN B 637 15.80 6.48 -48.55
C GLN B 637 17.33 6.43 -48.61
N SER B 638 17.89 5.29 -49.03
CA SER B 638 19.33 5.11 -49.26
C SER B 638 20.08 4.70 -47.99
N SER B 639 21.30 4.15 -48.15
CA SER B 639 22.13 3.86 -46.99
C SER B 639 22.84 5.11 -46.45
N ASP B 640 23.15 6.08 -47.31
CA ASP B 640 23.79 7.31 -46.87
C ASP B 640 22.89 8.15 -46.03
N GLN B 641 21.59 7.94 -46.11
CA GLN B 641 20.67 8.81 -45.43
C GLN B 641 20.27 8.25 -44.05
N LYS B 642 20.85 7.14 -43.61
CA LYS B 642 20.50 6.55 -42.34
C LYS B 642 21.36 7.15 -41.23
N VAL B 643 20.95 6.91 -39.98
CA VAL B 643 21.61 7.55 -38.85
C VAL B 643 23.02 7.00 -38.66
N GLN B 644 23.24 5.70 -38.89
CA GLN B 644 24.58 5.14 -38.65
C GLN B 644 25.62 5.83 -39.52
N ALA B 645 25.30 6.09 -40.79
CA ALA B 645 26.21 6.82 -41.68
C ALA B 645 26.41 8.27 -41.23
N LEU B 646 25.38 8.91 -40.68
CA LEU B 646 25.56 10.27 -40.16
C LEU B 646 26.50 10.27 -38.96
N ILE B 647 26.43 9.23 -38.13
CA ILE B 647 27.38 9.09 -37.03
C ILE B 647 28.80 8.94 -37.56
N GLY B 648 28.98 8.15 -38.63
CA GLY B 648 30.29 8.05 -39.25
C GLY B 648 30.81 9.37 -39.77
N ARG B 649 29.96 10.12 -40.46
CA ARG B 649 30.39 11.42 -41.00
C ARG B 649 30.69 12.41 -39.89
N MET B 650 29.99 12.31 -38.75
CA MET B 650 30.29 13.19 -37.61
C MET B 650 31.63 12.85 -36.96
N PHE B 651 31.93 11.56 -36.75
CA PHE B 651 33.28 11.17 -36.35
C PHE B 651 34.33 11.76 -37.29
N GLY B 652 34.07 11.69 -38.60
CA GLY B 652 35.03 12.26 -39.54
C GLY B 652 35.23 13.75 -39.33
N ARG B 653 34.13 14.52 -39.28
CA ARG B 653 34.26 15.97 -39.19
C ARG B 653 34.93 16.40 -37.88
N TYR B 654 34.55 15.77 -36.77
CA TYR B 654 34.87 16.30 -35.45
C TYR B 654 35.88 15.47 -34.66
N ALA B 655 36.35 14.33 -35.17
CA ALA B 655 37.51 13.71 -34.53
C ALA B 655 38.74 14.59 -34.74
N GLY B 656 38.85 15.20 -35.93
CA GLY B 656 39.88 16.20 -36.13
C GLY B 656 39.41 17.59 -35.78
N TYR B 657 39.13 17.80 -34.49
CA TYR B 657 38.57 19.05 -33.96
C TYR B 657 39.19 19.33 -32.58
N LYS B 658 39.98 20.40 -32.52
CA LYS B 658 40.78 20.78 -31.36
C LYS B 658 39.94 21.40 -30.24
N ASP B 659 38.90 22.18 -30.59
CA ASP B 659 38.17 23.00 -29.60
C ASP B 659 37.29 22.18 -28.63
N ALA B 660 36.83 21.01 -29.03
CA ALA B 660 35.85 20.30 -28.22
C ALA B 660 35.95 18.80 -28.51
N LEU B 661 35.43 18.01 -27.57
CA LEU B 661 35.23 16.58 -27.75
C LEU B 661 33.78 16.34 -28.15
N VAL B 662 33.59 15.79 -29.35
CA VAL B 662 32.25 15.62 -29.92
C VAL B 662 32.02 14.13 -30.15
N ILE B 663 31.01 13.58 -29.50
CA ILE B 663 30.68 12.17 -29.62
C ILE B 663 29.29 12.06 -30.24
N PRO B 664 29.19 11.70 -31.51
CA PRO B 664 27.87 11.37 -32.07
C PRO B 664 27.47 9.93 -31.73
N PHE B 665 26.17 9.72 -31.51
CA PHE B 665 25.75 8.36 -31.22
C PHE B 665 24.25 8.25 -31.37
N ASN B 666 23.80 7.04 -31.74
CA ASN B 666 22.38 6.70 -31.83
C ASN B 666 21.92 6.26 -30.46
N PRO B 667 20.90 6.88 -29.92
CA PRO B 667 20.46 6.53 -28.59
C PRO B 667 20.07 5.06 -28.55
N PRO B 668 20.42 4.34 -27.50
CA PRO B 668 19.91 2.97 -27.34
C PRO B 668 18.41 2.97 -27.10
N SER B 669 17.79 1.88 -27.53
CA SER B 669 16.35 1.72 -27.36
C SER B 669 15.96 1.76 -25.89
N ILE B 670 16.64 0.98 -25.06
CA ILE B 670 16.40 0.94 -23.62
C ILE B 670 17.72 1.28 -22.96
N PRO B 671 17.95 2.57 -22.67
CA PRO B 671 19.26 3.01 -22.18
C PRO B 671 19.67 2.40 -20.87
N GLU B 672 18.70 2.04 -20.02
CA GLU B 672 19.03 1.52 -18.70
C GLU B 672 19.85 0.24 -18.77
N LEU B 673 19.82 -0.45 -19.89
CA LEU B 673 20.58 -1.68 -20.04
C LEU B 673 22.04 -1.43 -20.38
N GLY B 674 22.38 -0.23 -20.85
CA GLY B 674 23.74 0.04 -21.26
C GLY B 674 24.17 -0.94 -22.33
N THR B 675 25.35 -1.50 -22.17
CA THR B 675 25.92 -2.45 -23.11
C THR B 675 26.07 -3.81 -22.44
N ALA B 676 25.83 -4.87 -23.21
CA ALA B 676 25.90 -6.23 -22.68
C ALA B 676 27.31 -6.58 -22.18
N ALA B 677 28.33 -6.00 -22.78
CA ALA B 677 29.70 -6.25 -22.37
C ALA B 677 30.14 -5.34 -21.24
N GLY B 678 29.25 -4.44 -20.77
CA GLY B 678 29.62 -3.36 -19.88
C GLY B 678 29.71 -3.79 -18.43
N PHE B 679 30.52 -3.03 -17.67
CA PHE B 679 30.63 -3.18 -16.22
C PHE B 679 30.61 -1.82 -15.55
N ASP B 680 30.00 -1.77 -14.36
CA ASP B 680 29.85 -0.53 -13.59
C ASP B 680 30.41 -0.72 -12.18
N PHE B 681 31.46 0.03 -11.84
CA PHE B 681 32.31 -0.16 -10.66
C PHE B 681 32.32 1.10 -9.81
N GLU B 682 32.32 0.97 -8.49
CA GLU B 682 32.36 2.12 -7.59
C GLU B 682 33.57 1.99 -6.69
N LEU B 683 34.56 2.85 -6.86
CA LEU B 683 35.73 2.92 -5.99
C LEU B 683 35.43 3.87 -4.85
N THR B 684 35.59 3.41 -3.62
CA THR B 684 35.08 4.12 -2.45
C THR B 684 36.18 4.32 -1.41
N ASP B 685 36.03 5.42 -0.65
CA ASP B 685 36.94 5.81 0.44
C ASP B 685 36.40 5.20 1.74
N ASN B 686 36.89 4.00 2.08
CA ASN B 686 36.38 3.25 3.22
C ASN B 686 37.05 3.56 4.55
N ALA B 687 38.15 4.32 4.56
CA ALA B 687 38.88 4.62 5.79
C ALA B 687 38.95 6.11 6.06
N GLY B 688 38.14 6.91 5.38
CA GLY B 688 38.18 8.36 5.53
C GLY B 688 39.49 8.98 5.08
N LEU B 689 40.05 8.48 3.96
CA LEU B 689 41.37 8.87 3.49
C LEU B 689 41.39 10.12 2.64
N GLY B 690 40.24 10.58 2.15
CA GLY B 690 40.13 11.87 1.50
C GLY B 690 40.05 11.80 -0.02
N HIS B 691 39.60 12.90 -0.60
CA HIS B 691 39.44 13.00 -2.04
C HIS B 691 40.74 12.75 -2.76
N ASP B 692 41.82 13.37 -2.31
CA ASP B 692 43.09 13.23 -3.01
C ASP B 692 43.51 11.76 -3.06
N ALA B 693 43.37 11.05 -1.95
CA ALA B 693 43.74 9.64 -1.90
C ALA B 693 42.84 8.81 -2.79
N LEU B 694 41.55 9.13 -2.81
CA LEU B 694 40.64 8.36 -3.65
C LEU B 694 40.94 8.56 -5.13
N MET B 695 41.25 9.79 -5.55
CA MET B 695 41.58 9.99 -6.97
C MET B 695 42.97 9.48 -7.29
N ALA B 696 43.89 9.50 -6.34
CA ALA B 696 45.15 8.81 -6.55
C ALA B 696 44.89 7.35 -6.84
N ALA B 697 44.01 6.74 -6.04
CA ALA B 697 43.63 5.36 -6.29
C ALA B 697 42.93 5.19 -7.64
N ARG B 698 42.03 6.13 -8.01
CA ARG B 698 41.34 6.06 -9.30
C ARG B 698 42.34 6.02 -10.43
N ASN B 699 43.28 6.95 -10.39
CA ASN B 699 44.25 7.04 -11.47
C ASN B 699 45.15 5.81 -11.49
N GLN B 700 45.52 5.31 -10.31
CA GLN B 700 46.29 4.08 -10.23
C GLN B 700 45.53 2.90 -10.87
N LEU B 701 44.26 2.74 -10.49
CA LEU B 701 43.45 1.65 -11.01
C LEU B 701 43.22 1.78 -12.51
N LEU B 702 42.95 3.00 -12.99
CA LEU B 702 42.72 3.20 -14.41
C LEU B 702 43.96 2.88 -15.20
N GLY B 703 45.12 3.28 -14.69
CA GLY B 703 46.37 2.95 -15.34
C GLY B 703 46.60 1.46 -15.41
N MET B 704 46.22 0.74 -14.35
CA MET B 704 46.30 -0.71 -14.44
C MET B 704 45.30 -1.27 -15.46
N ALA B 705 44.06 -0.79 -15.45
CA ALA B 705 43.03 -1.37 -16.31
C ALA B 705 43.32 -1.14 -17.79
N ALA B 706 43.87 0.03 -18.15
CA ALA B 706 44.18 0.27 -19.55
C ALA B 706 45.29 -0.64 -20.08
N LYS B 707 46.05 -1.29 -19.20
CA LYS B 707 47.03 -2.29 -19.57
C LYS B 707 46.47 -3.70 -19.59
N ASP B 708 45.23 -3.88 -19.13
CA ASP B 708 44.68 -5.21 -18.86
C ASP B 708 43.99 -5.79 -20.10
N PRO B 709 44.46 -6.91 -20.66
CA PRO B 709 43.80 -7.47 -21.84
C PRO B 709 42.37 -7.96 -21.60
N THR B 710 42.00 -8.30 -20.36
CA THR B 710 40.62 -8.72 -20.06
C THR B 710 39.65 -7.55 -20.16
N LEU B 711 40.13 -6.31 -20.15
CA LEU B 711 39.29 -5.14 -20.06
C LEU B 711 39.55 -4.22 -21.25
N ARG B 712 38.53 -3.44 -21.63
CA ARG B 712 38.73 -2.42 -22.64
C ARG B 712 37.86 -1.21 -22.32
N GLY B 713 38.31 -0.04 -22.78
CA GLY B 713 37.52 1.17 -22.65
C GLY B 713 37.26 1.58 -21.21
N VAL B 714 38.10 1.15 -20.28
CA VAL B 714 37.85 1.41 -18.86
C VAL B 714 38.05 2.90 -18.59
N ARG B 715 36.98 3.61 -18.30
CA ARG B 715 37.13 5.04 -18.13
C ARG B 715 36.51 5.44 -16.80
N PRO B 716 37.01 6.51 -16.20
CA PRO B 716 36.38 7.11 -15.01
C PRO B 716 35.15 7.91 -15.41
N ASN B 717 34.01 7.52 -14.86
CA ASN B 717 32.75 8.07 -15.30
C ASN B 717 32.63 9.59 -15.07
N GLY B 718 33.42 10.17 -14.15
CA GLY B 718 33.31 11.57 -13.79
C GLY B 718 34.55 12.38 -14.16
N LEU B 719 34.71 13.52 -13.48
CA LEU B 719 35.68 14.54 -13.86
C LEU B 719 36.97 14.52 -13.05
N ASN B 720 38.07 14.89 -13.69
CA ASN B 720 39.32 15.16 -12.97
C ASN B 720 39.23 16.47 -12.23
N ASP B 721 40.09 16.61 -11.22
CA ASP B 721 40.12 17.86 -10.49
C ASP B 721 40.47 19.00 -11.43
N THR B 722 39.89 20.14 -11.13
CA THR B 722 40.06 21.31 -11.97
C THR B 722 40.55 22.48 -11.11
N PRO B 723 41.29 23.43 -11.68
CA PRO B 723 41.73 24.56 -10.86
C PRO B 723 40.58 25.46 -10.43
N GLN B 724 40.76 26.06 -9.25
CA GLN B 724 39.79 26.92 -8.58
C GLN B 724 40.50 28.06 -7.89
N TYR B 725 39.77 29.13 -7.62
CA TYR B 725 40.36 30.32 -7.02
C TYR B 725 39.80 30.51 -5.61
N LYS B 726 40.71 30.54 -4.63
CA LYS B 726 40.42 30.63 -3.20
C LYS B 726 40.52 32.08 -2.75
N VAL B 727 39.50 32.54 -2.06
CA VAL B 727 39.53 33.83 -1.41
C VAL B 727 39.88 33.60 0.04
N ASP B 728 41.03 34.15 0.47
CA ASP B 728 41.44 34.08 1.87
C ASP B 728 41.16 35.43 2.53
N ILE B 729 40.33 35.41 3.57
CA ILE B 729 40.02 36.61 4.34
C ILE B 729 40.89 36.55 5.58
N ASP B 730 41.63 37.63 5.83
CA ASP B 730 42.48 37.74 7.02
C ASP B 730 41.60 38.26 8.15
N ARG B 731 40.83 37.33 8.75
CA ARG B 731 39.75 37.75 9.63
C ARG B 731 40.25 38.60 10.80
N GLU B 732 41.43 38.32 11.33
CA GLU B 732 41.88 39.12 12.45
C GLU B 732 42.37 40.49 12.01
N LYS B 733 42.94 40.58 10.81
CA LYS B 733 43.24 41.89 10.24
C LYS B 733 41.97 42.67 10.02
N ALA B 734 40.92 42.02 9.53
CA ALA B 734 39.65 42.70 9.35
C ALA B 734 39.04 43.14 10.67
N ASN B 735 39.13 42.28 11.69
CA ASN B 735 38.58 42.62 12.99
C ASN B 735 39.37 43.75 13.64
N ALA B 736 40.68 43.77 13.44
CA ALA B 736 41.45 44.91 13.90
C ALA B 736 40.97 46.18 13.22
N LEU B 737 40.49 46.08 11.99
CA LEU B 737 39.92 47.23 11.30
C LEU B 737 38.47 47.49 11.72
N GLY B 738 37.94 46.69 12.64
CA GLY B 738 36.57 46.89 13.04
C GLY B 738 35.54 46.24 12.16
N VAL B 739 35.92 45.28 11.31
CA VAL B 739 35.06 44.66 10.30
C VAL B 739 34.80 43.22 10.70
N THR B 740 33.53 42.85 10.82
CA THR B 740 33.29 41.53 11.38
C THR B 740 33.15 40.45 10.28
N ALA B 741 33.59 39.23 10.63
CA ALA B 741 33.70 38.16 9.63
C ALA B 741 32.39 37.96 8.89
N ASP B 742 31.27 38.13 9.59
CA ASP B 742 29.96 37.97 8.97
C ASP B 742 29.77 39.00 7.85
N ALA B 743 30.12 40.26 8.10
CA ALA B 743 29.95 41.28 7.08
C ALA B 743 30.78 40.94 5.84
N ILE B 744 32.02 40.48 6.05
CA ILE B 744 32.87 40.14 4.93
C ILE B 744 32.24 39.02 4.11
N ASP B 745 31.96 37.88 4.77
CA ASP B 745 31.50 36.71 4.03
C ASP B 745 30.17 36.95 3.35
N GLN B 746 29.25 37.64 4.02
CA GLN B 746 27.95 37.86 3.40
C GLN B 746 28.05 38.83 2.23
N THR B 747 28.84 39.91 2.36
CA THR B 747 29.04 40.86 1.27
C THR B 747 29.65 40.18 0.05
N PHE B 748 30.71 39.41 0.28
CA PHE B 748 31.35 38.68 -0.79
C PHE B 748 30.37 37.70 -1.45
N SER B 749 29.64 36.96 -0.63
CA SER B 749 28.74 35.93 -1.14
C SER B 749 27.59 36.53 -1.93
N ILE B 750 26.97 37.59 -1.40
CA ILE B 750 25.88 38.20 -2.16
C ILE B 750 26.40 38.73 -3.48
N ALA B 751 27.57 39.38 -3.47
CA ALA B 751 28.09 39.97 -4.69
C ALA B 751 28.41 38.92 -5.72
N TRP B 752 29.08 37.84 -5.32
CA TRP B 752 29.59 36.87 -6.29
C TRP B 752 28.63 35.70 -6.55
N ALA B 753 28.21 34.99 -5.48
CA ALA B 753 27.36 33.82 -5.54
C ALA B 753 25.90 34.17 -5.71
N SER B 754 25.52 35.43 -5.55
CA SER B 754 24.13 35.89 -5.61
C SER B 754 23.35 35.48 -4.37
N LYS B 755 22.19 36.07 -4.16
CA LYS B 755 21.40 35.63 -3.02
C LYS B 755 19.91 35.69 -3.34
N TYR B 756 19.21 34.62 -2.96
CA TYR B 756 17.76 34.60 -3.04
C TYR B 756 17.18 35.34 -1.85
N VAL B 757 16.42 36.40 -2.11
CA VAL B 757 15.91 37.19 -0.99
C VAL B 757 14.50 36.73 -0.64
N ASN B 758 13.55 36.91 -1.54
CA ASN B 758 12.17 36.55 -1.25
C ASN B 758 11.40 36.47 -2.58
N ASN B 759 10.10 36.16 -2.51
CA ASN B 759 9.23 36.05 -3.69
C ASN B 759 8.60 37.39 -4.04
N PHE B 760 8.17 37.52 -5.28
CA PHE B 760 7.41 38.69 -5.72
C PHE B 760 6.32 38.27 -6.67
N LEU B 761 5.35 39.17 -6.88
CA LEU B 761 4.15 38.90 -7.68
C LEU B 761 4.33 39.64 -9.01
N ASP B 762 4.49 38.88 -10.10
CA ASP B 762 4.70 39.48 -11.41
C ASP B 762 3.41 40.10 -11.93
N THR B 763 3.54 40.86 -13.04
CA THR B 763 2.40 41.55 -13.60
C THR B 763 1.37 40.59 -14.18
N ASP B 764 1.74 39.31 -14.35
CA ASP B 764 0.84 38.26 -14.77
C ASP B 764 0.20 37.53 -13.58
N GLY B 765 0.44 37.99 -12.35
CA GLY B 765 -0.17 37.39 -11.18
C GLY B 765 0.54 36.18 -10.64
N ARG B 766 1.72 35.83 -11.16
CA ARG B 766 2.44 34.63 -10.75
C ARG B 766 3.59 34.93 -9.79
N ILE B 767 3.85 33.99 -8.87
CA ILE B 767 4.93 34.15 -7.90
C ILE B 767 6.26 33.74 -8.51
N LYS B 768 7.26 34.59 -8.32
CA LYS B 768 8.60 34.38 -8.86
C LYS B 768 9.61 34.78 -7.79
N LYS B 769 10.90 34.47 -8.03
CA LYS B 769 11.97 34.64 -7.05
C LYS B 769 12.69 35.97 -7.26
N VAL B 770 13.35 36.47 -6.21
CA VAL B 770 14.10 37.72 -6.23
C VAL B 770 15.56 37.40 -5.92
N TYR B 771 16.48 37.85 -6.77
CA TYR B 771 17.91 37.65 -6.49
C TYR B 771 18.65 38.98 -6.47
N VAL B 772 19.60 39.13 -5.56
CA VAL B 772 20.53 40.25 -5.68
C VAL B 772 21.89 39.60 -5.83
N GLN B 773 22.66 40.14 -6.76
CA GLN B 773 24.03 39.75 -7.06
C GLN B 773 24.69 40.99 -7.63
N SER B 774 26.01 41.02 -7.69
CA SER B 774 26.62 42.19 -8.35
C SER B 774 26.30 42.19 -9.82
N ASP B 775 26.27 43.38 -10.40
CA ASP B 775 26.22 43.45 -11.84
C ASP B 775 27.47 42.76 -12.40
N ALA B 776 27.32 42.11 -13.55
CA ALA B 776 28.41 41.29 -14.08
C ALA B 776 29.76 42.01 -14.15
N PRO B 777 29.85 43.29 -14.60
CA PRO B 777 31.19 43.93 -14.75
C PRO B 777 32.03 43.94 -13.47
N PHE B 778 31.44 43.68 -12.30
CA PHE B 778 32.09 43.83 -11.01
C PHE B 778 32.38 42.49 -10.35
N ARG B 779 32.16 41.37 -11.05
CA ARG B 779 32.43 40.05 -10.50
C ARG B 779 33.00 39.11 -11.57
N MET B 780 33.74 39.64 -12.52
CA MET B 780 34.22 38.77 -13.57
C MET B 780 35.60 38.21 -13.29
N THR B 781 36.45 38.98 -12.62
CA THR B 781 37.88 38.77 -12.47
C THR B 781 38.27 38.81 -11.01
N PRO B 782 39.38 38.16 -10.63
CA PRO B 782 39.86 38.30 -9.24
C PRO B 782 40.09 39.74 -8.82
N GLU B 783 40.49 40.60 -9.75
CA GLU B 783 40.69 42.01 -9.44
C GLU B 783 39.41 42.62 -8.88
N ASP B 784 38.27 42.19 -9.42
CA ASP B 784 36.99 42.72 -8.97
C ASP B 784 36.80 42.46 -7.48
N MET B 785 37.39 41.39 -6.95
CA MET B 785 37.23 41.11 -5.53
C MET B 785 37.72 42.27 -4.68
N ASN B 786 38.65 43.08 -5.20
CA ASN B 786 39.20 44.22 -4.47
C ASN B 786 38.40 45.51 -4.62
N ILE B 787 37.44 45.57 -5.55
CA ILE B 787 36.61 46.76 -5.72
C ILE B 787 35.45 46.80 -4.74
N TRP B 788 35.27 45.74 -3.93
CA TRP B 788 34.13 45.56 -3.02
C TRP B 788 34.43 46.09 -1.63
N TYR B 789 33.38 46.63 -0.99
CA TYR B 789 33.54 47.25 0.32
C TYR B 789 32.58 46.65 1.33
N VAL B 790 33.04 46.66 2.58
CA VAL B 790 32.25 46.21 3.72
C VAL B 790 32.44 47.22 4.86
N ARG B 791 31.39 47.47 5.65
CA ARG B 791 31.57 48.48 6.69
C ARG B 791 32.10 47.87 7.98
N ASN B 792 32.74 48.73 8.79
CA ASN B 792 33.22 48.33 10.10
C ASN B 792 32.24 48.78 11.20
N GLY B 793 32.50 48.29 12.43
CA GLY B 793 31.57 48.49 13.54
C GLY B 793 31.35 49.94 13.94
N SER B 794 32.18 50.84 13.45
CA SER B 794 32.07 52.25 13.75
C SER B 794 31.58 53.06 12.55
N GLY B 795 31.04 52.40 11.50
CA GLY B 795 30.68 53.06 10.26
C GLY B 795 31.85 53.11 9.28
N GLY B 796 31.60 53.67 8.10
CA GLY B 796 32.68 53.76 7.14
C GLY B 796 33.08 52.47 6.44
N MET B 797 33.72 52.58 5.28
CA MET B 797 33.92 51.44 4.39
C MET B 797 35.37 50.98 4.39
N VAL B 798 35.57 49.66 4.33
CA VAL B 798 36.89 49.06 4.25
C VAL B 798 36.90 48.23 2.98
N PRO B 799 37.98 48.28 2.19
CA PRO B 799 38.02 47.49 0.96
C PRO B 799 38.48 46.07 1.22
N PHE B 800 38.05 45.16 0.34
CA PHE B 800 38.52 43.79 0.50
C PHE B 800 40.03 43.70 0.40
N SER B 801 40.64 44.59 -0.40
CA SER B 801 42.10 44.65 -0.53
C SER B 801 42.76 44.92 0.81
N ALA B 802 42.01 45.45 1.77
CA ALA B 802 42.59 45.69 3.08
C ALA B 802 42.87 44.39 3.84
N PHE B 803 42.05 43.37 3.62
CA PHE B 803 42.10 42.16 4.45
C PHE B 803 41.92 40.87 3.66
N ALA B 804 41.88 40.93 2.34
CA ALA B 804 41.56 39.76 1.54
C ALA B 804 42.59 39.60 0.43
N THR B 805 43.13 38.40 0.35
CA THR B 805 43.99 38.03 -0.77
C THR B 805 43.35 36.81 -1.42
N GLY B 806 43.90 36.37 -2.54
CA GLY B 806 43.36 35.23 -3.24
C GLY B 806 44.47 34.44 -3.90
N HIS B 807 44.20 33.15 -4.15
CA HIS B 807 45.23 32.32 -4.74
C HIS B 807 44.63 31.12 -5.45
N TRP B 808 45.32 30.60 -6.46
CA TRP B 808 44.79 29.47 -7.23
C TRP B 808 45.18 28.13 -6.61
N THR B 809 44.31 27.15 -6.85
CA THR B 809 44.45 25.80 -6.31
C THR B 809 43.66 24.83 -7.18
N TYR B 810 43.50 23.61 -6.67
CA TYR B 810 42.71 22.58 -7.32
C TYR B 810 41.55 22.11 -6.42
N GLY B 811 40.52 21.59 -7.08
CA GLY B 811 39.43 20.96 -6.39
C GLY B 811 38.51 20.22 -7.34
N SER B 812 37.75 19.30 -6.77
CA SER B 812 36.89 18.59 -7.68
C SER B 812 35.72 19.47 -8.07
N PRO B 813 35.32 19.45 -9.34
CA PRO B 813 34.07 20.10 -9.74
C PRO B 813 32.83 19.22 -9.64
N LYS B 814 33.01 17.91 -9.40
CA LYS B 814 31.94 16.92 -9.27
C LYS B 814 32.38 15.90 -8.23
N LEU B 815 31.63 15.78 -7.15
CA LEU B 815 31.99 14.88 -6.07
C LEU B 815 30.94 13.79 -6.00
N GLU B 816 31.39 12.54 -6.07
CA GLU B 816 30.47 11.40 -6.19
C GLU B 816 30.45 10.61 -4.88
N ARG B 817 29.29 10.11 -4.50
CA ARG B 817 29.20 9.30 -3.29
C ARG B 817 28.37 8.07 -3.58
N TYR B 818 28.80 6.92 -3.06
CA TYR B 818 28.07 5.67 -3.18
C TYR B 818 27.82 5.10 -1.79
N ASN B 819 26.57 4.74 -1.53
CA ASN B 819 26.15 4.26 -0.21
C ASN B 819 26.67 5.14 0.91
N GLY B 820 26.69 6.46 0.65
CA GLY B 820 26.98 7.43 1.66
C GLY B 820 28.44 7.77 1.83
N ILE B 821 29.36 7.04 1.21
CA ILE B 821 30.77 7.41 1.39
C ILE B 821 31.34 7.82 0.03
N SER B 822 32.33 8.72 0.04
CA SER B 822 32.88 9.23 -1.23
C SER B 822 33.33 8.09 -2.11
N ALA B 823 33.08 8.25 -3.40
CA ALA B 823 33.31 7.22 -4.39
C ALA B 823 33.66 7.91 -5.68
N MET B 824 34.11 7.10 -6.63
CA MET B 824 34.40 7.48 -8.00
C MET B 824 34.01 6.29 -8.84
N GLU B 825 33.08 6.50 -9.76
CA GLU B 825 32.53 5.42 -10.57
C GLU B 825 33.43 5.19 -11.78
N ILE B 826 33.80 3.94 -11.99
CA ILE B 826 34.59 3.54 -13.13
C ILE B 826 33.76 2.62 -13.99
N GLN B 827 33.74 2.88 -15.28
CA GLN B 827 32.83 2.15 -16.16
C GLN B 827 33.60 1.65 -17.36
N GLY B 828 33.29 0.44 -17.80
CA GLY B 828 34.05 -0.12 -18.90
C GLY B 828 33.35 -1.27 -19.57
N GLN B 829 34.08 -1.97 -20.44
CA GLN B 829 33.57 -3.14 -21.13
C GLN B 829 34.52 -4.31 -20.94
N ALA B 830 33.94 -5.51 -20.99
CA ALA B 830 34.75 -6.71 -21.11
C ALA B 830 35.37 -6.78 -22.50
N ALA B 831 36.59 -7.29 -22.55
CA ALA B 831 37.31 -7.37 -23.79
C ALA B 831 36.56 -8.28 -24.76
N PRO B 832 36.70 -8.06 -26.06
CA PRO B 832 35.99 -8.90 -27.04
C PRO B 832 36.28 -10.37 -26.77
N GLY B 833 35.22 -11.18 -26.80
CA GLY B 833 35.38 -12.59 -26.53
C GLY B 833 35.44 -12.94 -25.05
N LYS B 834 35.26 -11.99 -24.16
CA LYS B 834 35.40 -12.28 -22.75
C LYS B 834 34.10 -11.93 -22.03
N SER B 835 33.82 -12.63 -20.93
CA SER B 835 32.56 -12.46 -20.24
C SER B 835 32.66 -11.35 -19.17
N THR B 836 31.50 -10.85 -18.75
CA THR B 836 31.47 -9.79 -17.75
C THR B 836 31.94 -10.30 -16.40
N GLY B 837 31.61 -11.55 -16.06
CA GLY B 837 32.00 -12.07 -14.74
C GLY B 837 33.51 -12.12 -14.58
N GLN B 838 34.21 -12.62 -15.59
CA GLN B 838 35.66 -12.67 -15.53
C GLN B 838 36.26 -11.26 -15.57
N ALA B 839 35.60 -10.33 -16.27
CA ALA B 839 36.00 -8.92 -16.22
C ALA B 839 35.91 -8.38 -14.81
N MET B 840 34.83 -8.71 -14.12
CA MET B 840 34.68 -8.27 -12.74
C MET B 840 35.80 -8.84 -11.87
N THR B 841 36.14 -10.11 -12.09
CA THR B 841 37.24 -10.68 -11.30
C THR B 841 38.57 -9.96 -11.58
N ALA B 842 38.85 -9.63 -12.85
CA ALA B 842 40.06 -8.85 -13.17
C ALA B 842 40.08 -7.50 -12.44
N MET B 843 38.95 -6.79 -12.49
CA MET B 843 38.87 -5.51 -11.81
C MET B 843 39.11 -5.68 -10.33
N GLU B 844 38.58 -6.76 -9.74
CA GLU B 844 38.71 -7.01 -8.32
C GLU B 844 40.14 -7.32 -7.92
N THR B 845 40.85 -8.12 -8.72
CA THR B 845 42.25 -8.35 -8.41
C THR B 845 43.07 -7.08 -8.55
N LEU B 846 42.68 -6.18 -9.46
CA LEU B 846 43.35 -4.87 -9.51
C LEU B 846 43.03 -4.04 -8.26
N ALA B 847 41.76 -4.05 -7.83
CA ALA B 847 41.34 -3.25 -6.68
C ALA B 847 42.06 -3.72 -5.42
N LYS B 848 42.29 -5.03 -5.30
CA LYS B 848 43.05 -5.57 -4.17
C LYS B 848 44.42 -4.92 -4.08
N LYS B 849 45.00 -4.54 -5.21
CA LYS B 849 46.34 -3.97 -5.26
C LYS B 849 46.32 -2.45 -5.08
N LEU B 850 45.29 -1.92 -4.42
CA LEU B 850 45.20 -0.51 -4.11
C LEU B 850 45.48 -0.28 -2.63
N PRO B 851 45.85 0.95 -2.23
CA PRO B 851 46.27 1.13 -0.84
C PRO B 851 45.16 0.81 0.14
N THR B 852 45.54 0.39 1.35
CA THR B 852 44.57 0.03 2.38
C THR B 852 43.60 1.17 2.66
N GLY B 853 42.33 0.82 2.85
CA GLY B 853 41.28 1.77 3.11
C GLY B 853 40.47 2.18 1.90
N ILE B 854 40.93 1.88 0.71
CA ILE B 854 40.17 2.09 -0.51
C ILE B 854 39.43 0.81 -0.78
N GLY B 855 38.09 0.87 -0.73
CA GLY B 855 37.26 -0.27 -1.07
C GLY B 855 36.52 -0.08 -2.39
N TYR B 856 35.56 -0.98 -2.64
CA TYR B 856 34.77 -0.83 -3.84
C TYR B 856 33.49 -1.64 -3.75
N SER B 857 32.54 -1.25 -4.59
CA SER B 857 31.25 -1.92 -4.70
C SER B 857 30.89 -2.04 -6.17
N TRP B 858 29.98 -2.97 -6.47
CA TRP B 858 29.45 -3.09 -7.82
C TRP B 858 28.08 -2.46 -7.87
N THR B 859 27.75 -1.82 -9.00
CA THR B 859 26.49 -1.11 -9.11
C THR B 859 25.90 -1.38 -10.48
N GLY B 860 24.61 -1.10 -10.63
CA GLY B 860 23.98 -1.28 -11.92
C GLY B 860 23.89 -2.75 -12.32
N LEU B 861 24.01 -2.99 -13.62
CA LEU B 861 23.78 -4.35 -14.11
C LEU B 861 24.79 -5.35 -13.55
N SER B 862 25.98 -4.91 -13.16
CA SER B 862 26.91 -5.86 -12.52
C SER B 862 26.45 -6.23 -11.12
N PHE B 863 25.86 -5.28 -10.38
CA PHE B 863 25.23 -5.64 -9.11
C PHE B 863 24.11 -6.64 -9.32
N GLN B 864 23.27 -6.41 -10.36
CA GLN B 864 22.18 -7.33 -10.66
C GLN B 864 22.72 -8.73 -10.95
N GLU B 865 23.80 -8.81 -11.71
CA GLU B 865 24.44 -10.09 -12.01
C GLU B 865 24.92 -10.78 -10.73
N ILE B 866 25.52 -10.01 -9.82
CA ILE B 866 26.01 -10.58 -8.56
C ILE B 866 24.87 -11.16 -7.73
N GLN B 867 23.73 -10.46 -7.67
CA GLN B 867 22.65 -10.90 -6.80
C GLN B 867 22.09 -12.24 -7.22
N SER B 868 21.88 -12.43 -8.53
CA SER B 868 21.19 -13.60 -9.07
C SER B 868 22.16 -14.62 -9.64
N GLY B 869 23.41 -14.66 -9.15
CA GLY B 869 24.44 -15.44 -9.80
C GLY B 869 24.08 -16.84 -10.28
N SER B 870 23.76 -17.75 -9.37
CA SER B 870 23.53 -19.13 -9.78
C SER B 870 22.05 -19.38 -10.15
N GLN B 871 21.32 -18.34 -10.55
CA GLN B 871 19.91 -18.50 -10.88
C GLN B 871 19.73 -19.11 -12.25
N ALA B 872 20.47 -18.62 -13.23
CA ALA B 872 20.29 -19.10 -14.60
C ALA B 872 20.49 -20.61 -14.67
N PRO B 873 21.58 -21.18 -14.15
CA PRO B 873 21.72 -22.65 -14.24
C PRO B 873 20.62 -23.37 -13.49
N ILE B 874 20.22 -22.84 -12.33
CA ILE B 874 19.19 -23.52 -11.54
C ILE B 874 17.87 -23.55 -12.29
N LEU B 875 17.50 -22.44 -12.90
CA LEU B 875 16.27 -22.44 -13.68
C LEU B 875 16.32 -23.43 -14.83
N TYR B 876 17.48 -23.53 -15.52
CA TYR B 876 17.56 -24.49 -16.61
C TYR B 876 17.35 -25.90 -16.09
N ALA B 877 17.97 -26.21 -14.94
CA ALA B 877 17.77 -27.56 -14.42
C ALA B 877 16.30 -27.81 -14.11
N ILE B 878 15.62 -26.85 -13.49
CA ILE B 878 14.22 -27.05 -13.19
C ILE B 878 13.45 -27.27 -14.47
N SER B 879 13.71 -26.42 -15.47
CA SER B 879 13.02 -26.58 -16.74
C SER B 879 13.26 -27.97 -17.31
N ILE B 880 14.53 -28.39 -17.37
CA ILE B 880 14.79 -29.67 -17.99
C ILE B 880 14.12 -30.77 -17.22
N LEU B 881 14.20 -30.69 -15.89
CA LEU B 881 13.62 -31.76 -15.10
C LEU B 881 12.12 -31.84 -15.33
N VAL B 882 11.43 -30.70 -15.34
CA VAL B 882 9.99 -30.83 -15.47
C VAL B 882 9.63 -31.24 -16.89
N VAL B 883 10.40 -30.79 -17.89
CA VAL B 883 10.18 -31.32 -19.25
C VAL B 883 10.30 -32.83 -19.24
N PHE B 884 11.40 -33.31 -18.64
CA PHE B 884 11.63 -34.74 -18.58
C PHE B 884 10.51 -35.45 -17.85
N LEU B 885 10.04 -34.87 -16.74
CA LEU B 885 9.01 -35.54 -15.98
C LEU B 885 7.71 -35.53 -16.74
N CYS B 886 7.40 -34.42 -17.40
CA CYS B 886 6.20 -34.44 -18.21
C CYS B 886 6.31 -35.52 -19.28
N LEU B 887 7.47 -35.62 -19.94
CA LEU B 887 7.54 -36.64 -20.97
C LEU B 887 7.52 -38.06 -20.41
N ALA B 888 8.06 -38.30 -19.22
CA ALA B 888 7.94 -39.64 -18.68
C ALA B 888 6.48 -39.99 -18.45
N ALA B 889 5.70 -39.06 -17.92
CA ALA B 889 4.28 -39.35 -17.79
C ALA B 889 3.64 -39.61 -19.14
N LEU B 890 4.01 -38.82 -20.15
CA LEU B 890 3.40 -39.05 -21.45
C LEU B 890 3.74 -40.45 -21.97
N TYR B 891 5.03 -40.82 -21.92
CA TYR B 891 5.46 -42.09 -22.50
C TYR B 891 5.51 -43.25 -21.52
N GLU B 892 5.25 -43.04 -20.24
CA GLU B 892 5.36 -44.11 -19.26
C GLU B 892 6.71 -44.80 -19.34
N SER B 893 7.76 -43.99 -19.42
CA SER B 893 9.10 -44.50 -19.57
C SER B 893 10.11 -43.52 -18.98
N TRP B 894 11.13 -44.06 -18.32
CA TRP B 894 12.23 -43.26 -17.81
C TRP B 894 13.30 -43.04 -18.86
N SER B 895 13.22 -43.74 -19.98
CA SER B 895 14.22 -43.67 -21.03
C SER B 895 13.71 -43.05 -22.32
N ILE B 896 12.42 -43.26 -22.66
CA ILE B 896 11.88 -42.69 -23.91
C ILE B 896 11.99 -41.17 -23.99
N PRO B 897 11.77 -40.40 -22.91
CA PRO B 897 11.93 -38.94 -23.05
C PRO B 897 13.24 -38.56 -23.70
N PHE B 898 14.29 -39.38 -23.56
CA PHE B 898 15.59 -39.02 -24.14
C PHE B 898 15.51 -38.91 -25.66
N SER B 899 14.66 -39.71 -26.30
CA SER B 899 14.48 -39.58 -27.72
C SER B 899 13.85 -38.24 -28.10
N VAL B 900 13.18 -37.56 -27.18
CA VAL B 900 12.64 -36.23 -27.46
C VAL B 900 13.64 -35.15 -27.09
N ILE B 901 14.17 -35.22 -25.86
CA ILE B 901 15.03 -34.16 -25.34
C ILE B 901 16.23 -33.98 -26.25
N MET B 902 16.69 -35.06 -26.93
CA MET B 902 17.87 -34.92 -27.77
C MET B 902 17.64 -34.00 -29.00
N VAL B 903 16.39 -33.64 -29.30
CA VAL B 903 16.11 -32.77 -30.44
C VAL B 903 16.67 -31.36 -30.27
N VAL B 904 17.00 -30.96 -29.04
CA VAL B 904 17.31 -29.56 -28.72
C VAL B 904 18.40 -28.96 -29.62
N PRO B 905 19.63 -29.50 -29.69
CA PRO B 905 20.68 -28.86 -30.53
C PRO B 905 20.34 -28.77 -32.01
N LEU B 906 19.55 -29.72 -32.51
CA LEU B 906 18.97 -29.58 -33.84
C LEU B 906 18.17 -28.29 -33.86
N GLY B 907 18.35 -27.49 -34.91
CA GLY B 907 17.71 -26.18 -34.95
C GLY B 907 18.47 -25.06 -34.28
N VAL B 908 19.05 -25.34 -33.10
CA VAL B 908 19.95 -24.37 -32.47
C VAL B 908 21.13 -24.10 -33.40
N ILE B 909 21.67 -25.18 -33.98
CA ILE B 909 22.74 -25.03 -34.96
C ILE B 909 22.28 -24.14 -36.10
N GLY B 910 21.05 -24.32 -36.59
CA GLY B 910 20.56 -23.51 -37.69
C GLY B 910 20.46 -22.03 -37.34
N ALA B 911 19.96 -21.73 -36.13
CA ALA B 911 19.83 -20.34 -35.71
C ALA B 911 21.20 -19.67 -35.59
N LEU B 912 22.13 -20.36 -34.92
CA LEU B 912 23.49 -19.83 -34.80
C LEU B 912 24.13 -19.64 -36.16
N LEU B 913 23.94 -20.59 -37.07
CA LEU B 913 24.50 -20.49 -38.40
C LEU B 913 23.96 -19.27 -39.14
N ALA B 914 22.62 -19.07 -39.10
CA ALA B 914 22.02 -17.92 -39.78
C ALA B 914 22.51 -16.60 -39.18
N ALA B 915 22.60 -16.53 -37.86
CA ALA B 915 23.03 -15.29 -37.24
C ALA B 915 24.49 -14.99 -37.57
N THR B 916 25.37 -15.98 -37.44
CA THR B 916 26.78 -15.70 -37.73
C THR B 916 26.98 -15.37 -39.21
N LEU B 917 26.32 -16.10 -40.12
CA LEU B 917 26.48 -15.81 -41.53
C LEU B 917 25.85 -14.49 -41.95
N ARG B 918 25.06 -13.86 -41.10
CA ARG B 918 24.51 -12.55 -41.44
C ARG B 918 25.10 -11.46 -40.56
N GLY B 919 25.97 -11.83 -39.63
CA GLY B 919 26.63 -10.86 -38.77
C GLY B 919 25.77 -10.32 -37.67
N LEU B 920 24.63 -10.93 -37.40
CA LEU B 920 23.80 -10.47 -36.30
C LEU B 920 24.35 -11.01 -34.99
N GLU B 921 23.65 -10.74 -33.90
CA GLU B 921 24.22 -11.02 -32.59
C GLU B 921 23.23 -11.82 -31.77
N ASN B 922 23.79 -12.46 -30.75
CA ASN B 922 23.07 -13.24 -29.75
C ASN B 922 22.37 -12.26 -28.80
N ASP B 923 21.32 -11.66 -29.31
CA ASP B 923 20.53 -10.70 -28.54
C ASP B 923 19.27 -11.38 -27.99
N VAL B 924 18.47 -10.59 -27.28
CA VAL B 924 17.27 -11.13 -26.65
C VAL B 924 16.29 -11.65 -27.70
N PHE B 925 16.16 -10.93 -28.82
CA PHE B 925 15.32 -11.38 -29.92
C PHE B 925 15.75 -12.75 -30.45
N PHE B 926 17.05 -12.90 -30.72
CA PHE B 926 17.61 -14.19 -31.10
C PHE B 926 17.24 -15.26 -30.08
N GLN B 927 17.34 -14.96 -28.79
CA GLN B 927 17.15 -15.97 -27.75
C GLN B 927 15.69 -16.40 -27.64
N VAL B 928 14.75 -15.45 -27.64
CA VAL B 928 13.34 -15.85 -27.55
C VAL B 928 12.93 -16.62 -28.80
N GLY B 929 13.37 -16.17 -29.98
CA GLY B 929 13.08 -16.92 -31.18
C GLY B 929 13.64 -18.33 -31.12
N LEU B 930 14.86 -18.48 -30.63
CA LEU B 930 15.45 -19.80 -30.51
C LEU B 930 14.63 -20.68 -29.56
N LEU B 931 14.13 -20.11 -28.48
CA LEU B 931 13.29 -20.92 -27.60
C LEU B 931 12.03 -21.41 -28.30
N THR B 932 11.35 -20.55 -29.07
CA THR B 932 10.15 -21.08 -29.72
C THR B 932 10.51 -22.13 -30.75
N THR B 933 11.61 -21.96 -31.49
CA THR B 933 11.88 -23.01 -32.46
C THR B 933 12.30 -24.30 -31.76
N VAL B 934 13.08 -24.23 -30.68
CA VAL B 934 13.41 -25.45 -29.96
C VAL B 934 12.14 -26.07 -29.39
N GLY B 935 11.20 -25.25 -28.93
CA GLY B 935 9.93 -25.77 -28.48
C GLY B 935 9.18 -26.48 -29.58
N LEU B 936 9.17 -25.90 -30.79
CA LEU B 936 8.49 -26.58 -31.89
C LEU B 936 9.17 -27.89 -32.26
N SER B 937 10.51 -27.93 -32.26
CA SER B 937 11.20 -29.20 -32.56
C SER B 937 10.92 -30.23 -31.48
N ALA B 938 10.85 -29.82 -30.22
CA ALA B 938 10.45 -30.75 -29.18
C ALA B 938 9.05 -31.25 -29.45
N LYS B 939 8.15 -30.36 -29.88
CA LYS B 939 6.79 -30.81 -30.15
C LYS B 939 6.75 -31.80 -31.34
N ASN B 940 7.45 -31.48 -32.42
CA ASN B 940 7.47 -32.37 -33.57
C ASN B 940 8.05 -33.73 -33.15
N ALA B 941 9.15 -33.71 -32.37
CA ALA B 941 9.70 -34.95 -31.86
C ALA B 941 8.73 -35.65 -30.91
N ILE B 942 8.00 -34.89 -30.08
CA ILE B 942 7.04 -35.51 -29.16
C ILE B 942 5.98 -36.28 -29.95
N LEU B 943 5.44 -35.69 -31.02
CA LEU B 943 4.42 -36.42 -31.78
C LEU B 943 5.02 -37.58 -32.59
N ILE B 944 6.23 -37.43 -33.15
CA ILE B 944 6.86 -38.57 -33.82
C ILE B 944 7.01 -39.73 -32.84
N VAL B 945 7.58 -39.47 -31.68
CA VAL B 945 7.82 -40.55 -30.72
C VAL B 945 6.50 -41.08 -30.22
N GLU B 946 5.51 -40.22 -30.03
CA GLU B 946 4.20 -40.66 -29.57
C GLU B 946 3.57 -41.65 -30.54
N PHE B 947 3.61 -41.34 -31.83
CA PHE B 947 3.02 -42.26 -32.79
C PHE B 947 3.86 -43.52 -32.91
N ALA B 948 5.18 -43.41 -32.85
CA ALA B 948 6.02 -44.61 -32.85
C ALA B 948 5.67 -45.50 -31.67
N ARG B 949 5.48 -44.90 -30.49
CA ARG B 949 5.07 -45.64 -29.30
C ARG B 949 3.71 -46.33 -29.51
N GLU B 950 2.72 -45.57 -29.98
CA GLU B 950 1.37 -46.12 -30.11
C GLU B 950 1.32 -47.22 -31.15
N LEU B 951 2.06 -47.07 -32.25
CA LEU B 951 2.16 -48.16 -33.20
C LEU B 951 2.89 -49.34 -32.59
N GLN B 952 3.97 -49.10 -31.83
CA GLN B 952 4.71 -50.23 -31.28
C GLN B 952 3.83 -51.04 -30.32
N GLN B 953 2.82 -50.41 -29.73
CA GLN B 953 2.01 -51.12 -28.75
C GLN B 953 0.60 -51.48 -29.19
N THR B 954 0.09 -50.94 -30.28
CA THR B 954 -1.24 -51.37 -30.73
C THR B 954 -1.17 -52.27 -31.94
N GLU B 955 -0.13 -52.14 -32.77
CA GLU B 955 0.10 -53.06 -33.87
C GLU B 955 1.37 -53.89 -33.66
N ASN B 956 1.83 -54.02 -32.41
CA ASN B 956 2.91 -54.92 -32.00
C ASN B 956 4.09 -54.84 -32.98
N MET B 957 4.58 -53.64 -33.20
CA MET B 957 5.68 -53.44 -34.12
C MET B 957 6.99 -53.43 -33.39
N GLY B 958 8.05 -53.58 -34.16
CA GLY B 958 9.38 -53.37 -33.64
C GLY B 958 9.73 -51.90 -33.63
N PRO B 959 10.81 -51.58 -32.95
CA PRO B 959 11.17 -50.16 -32.86
C PRO B 959 11.42 -49.52 -34.23
N ILE B 960 12.04 -50.25 -35.17
CA ILE B 960 12.37 -49.69 -36.47
C ILE B 960 11.14 -49.58 -37.34
N GLU B 961 10.30 -50.62 -37.34
CA GLU B 961 9.05 -50.52 -38.09
C GLU B 961 8.19 -49.38 -37.54
N ALA B 962 8.06 -49.29 -36.21
CA ALA B 962 7.29 -48.22 -35.59
C ALA B 962 7.88 -46.86 -35.93
N ALA B 963 9.20 -46.74 -35.88
CA ALA B 963 9.83 -45.47 -36.20
C ALA B 963 9.58 -45.06 -37.64
N LEU B 964 9.73 -46.02 -38.56
CA LEU B 964 9.54 -45.70 -39.97
C LEU B 964 8.10 -45.31 -40.27
N GLU B 965 7.14 -46.06 -39.73
CA GLU B 965 5.76 -45.71 -39.98
C GLU B 965 5.37 -44.40 -39.32
N ALA B 966 5.86 -44.14 -38.11
CA ALA B 966 5.53 -42.87 -37.46
C ALA B 966 6.13 -41.71 -38.23
N ALA B 967 7.33 -41.88 -38.78
CA ALA B 967 7.93 -40.85 -39.62
C ALA B 967 7.07 -40.60 -40.86
N ARG B 968 6.59 -41.66 -41.50
CA ARG B 968 5.64 -41.48 -42.61
C ARG B 968 4.42 -40.68 -42.16
N LEU B 969 3.95 -40.95 -40.94
CA LEU B 969 2.72 -40.34 -40.46
C LEU B 969 2.90 -38.87 -40.15
N ARG B 970 4.03 -38.50 -39.54
CA ARG B 970 4.28 -37.13 -39.13
C ARG B 970 4.97 -36.28 -40.19
N LEU B 971 5.49 -36.86 -41.28
CA LEU B 971 6.24 -36.06 -42.23
C LEU B 971 5.40 -34.91 -42.78
N ARG B 972 4.15 -35.18 -43.18
CA ARG B 972 3.35 -34.13 -43.80
C ARG B 972 3.06 -32.97 -42.84
N PRO B 973 2.47 -33.18 -41.67
CA PRO B 973 2.17 -32.02 -40.81
C PRO B 973 3.41 -31.20 -40.42
N ILE B 974 4.54 -31.88 -40.20
CA ILE B 974 5.78 -31.18 -39.89
C ILE B 974 6.14 -30.24 -41.04
N LEU B 975 6.12 -30.75 -42.27
CA LEU B 975 6.45 -29.90 -43.41
C LEU B 975 5.43 -28.79 -43.58
N MET B 976 4.15 -29.07 -43.34
CA MET B 976 3.13 -28.04 -43.46
C MET B 976 3.42 -26.87 -42.53
N THR B 977 3.66 -27.17 -41.24
CA THR B 977 3.96 -26.12 -40.26
C THR B 977 5.22 -25.34 -40.61
N SER B 978 6.30 -26.03 -40.97
CA SER B 978 7.54 -25.32 -41.25
C SER B 978 7.36 -24.40 -42.43
N LEU B 979 6.67 -24.87 -43.46
CA LEU B 979 6.43 -24.00 -44.60
C LEU B 979 5.64 -22.76 -44.19
N ALA B 980 4.54 -22.94 -43.46
CA ALA B 980 3.73 -21.77 -43.07
C ALA B 980 4.55 -20.79 -42.23
N PHE B 981 5.31 -21.31 -41.28
CA PHE B 981 6.04 -20.48 -40.34
C PHE B 981 7.18 -19.74 -41.02
N ILE B 982 7.97 -20.44 -41.85
CA ILE B 982 9.06 -19.77 -42.56
C ILE B 982 8.50 -18.67 -43.43
N LEU B 983 7.42 -18.95 -44.17
CA LEU B 983 6.84 -17.90 -44.99
C LEU B 983 6.31 -16.76 -44.12
N GLY B 984 5.76 -17.07 -42.93
CA GLY B 984 5.21 -16.03 -42.07
C GLY B 984 6.24 -15.04 -41.55
N VAL B 985 7.40 -15.54 -41.11
CA VAL B 985 8.43 -14.62 -40.63
C VAL B 985 9.35 -14.14 -41.76
N MET B 986 9.23 -14.68 -42.97
CA MET B 986 10.10 -14.23 -44.04
C MET B 986 10.08 -12.72 -44.26
N PRO B 987 8.93 -12.05 -44.28
CA PRO B 987 8.96 -10.58 -44.47
C PRO B 987 9.74 -9.83 -43.39
N LEU B 988 9.84 -10.38 -42.18
CA LEU B 988 10.64 -9.72 -41.16
C LEU B 988 12.12 -9.88 -41.45
N ALA B 989 12.54 -11.10 -41.81
CA ALA B 989 13.94 -11.38 -42.10
C ALA B 989 14.47 -10.63 -43.32
N ILE B 990 13.60 -10.18 -44.21
CA ILE B 990 13.98 -9.34 -45.35
C ILE B 990 13.13 -8.09 -45.21
N SER B 991 13.65 -7.08 -44.55
CA SER B 991 12.83 -5.92 -44.25
C SER B 991 13.59 -4.65 -44.56
N ASN B 992 12.88 -3.69 -45.15
CA ASN B 992 13.33 -2.31 -45.28
C ASN B 992 12.46 -1.40 -44.43
N GLY B 993 13.07 -0.45 -43.73
CA GLY B 993 12.33 0.56 -43.02
C GLY B 993 12.54 0.50 -41.52
N ALA B 994 11.71 1.25 -40.80
CA ALA B 994 11.90 1.36 -39.37
C ALA B 994 11.70 0.01 -38.71
N GLY B 995 12.50 -0.25 -37.69
CA GLY B 995 12.43 -1.47 -36.93
C GLY B 995 13.06 -2.67 -37.60
N SER B 996 13.73 -2.48 -38.73
CA SER B 996 14.19 -3.65 -39.47
C SER B 996 15.29 -4.41 -38.74
N ALA B 997 16.05 -3.74 -37.86
CA ALA B 997 17.09 -4.46 -37.13
C ALA B 997 16.51 -5.50 -36.21
N SER B 998 15.43 -5.15 -35.50
CA SER B 998 14.76 -6.10 -34.63
C SER B 998 14.09 -7.20 -35.44
N GLN B 999 13.39 -6.81 -36.50
CA GLN B 999 12.75 -7.80 -37.35
C GLN B 999 13.78 -8.78 -37.89
N HIS B 1000 14.95 -8.29 -38.28
CA HIS B 1000 16.02 -9.18 -38.72
C HIS B 1000 16.50 -10.06 -37.58
N ALA B 1001 16.71 -9.46 -36.39
CA ALA B 1001 17.20 -10.19 -35.22
C ALA B 1001 16.32 -11.40 -34.90
N ILE B 1002 15.01 -11.27 -35.06
CA ILE B 1002 14.14 -12.42 -34.78
C ILE B 1002 14.02 -13.34 -36.01
N GLY B 1003 13.80 -12.76 -37.21
CA GLY B 1003 13.51 -13.56 -38.39
C GLY B 1003 14.67 -14.41 -38.85
N THR B 1004 15.87 -13.83 -38.93
CA THR B 1004 17.02 -14.61 -39.39
C THR B 1004 17.20 -15.84 -38.52
N GLY B 1005 17.20 -15.65 -37.22
CA GLY B 1005 17.39 -16.76 -36.31
C GLY B 1005 16.34 -17.84 -36.49
N VAL B 1006 15.05 -17.44 -36.56
CA VAL B 1006 14.02 -18.51 -36.60
C VAL B 1006 14.02 -19.21 -37.96
N ILE B 1007 14.33 -18.52 -39.06
CA ILE B 1007 14.38 -19.25 -40.32
C ILE B 1007 15.51 -20.26 -40.27
N GLY B 1008 16.71 -19.86 -39.82
CA GLY B 1008 17.79 -20.82 -39.67
C GLY B 1008 17.38 -21.98 -38.77
N GLY B 1009 16.73 -21.66 -37.64
CA GLY B 1009 16.33 -22.70 -36.71
C GLY B 1009 15.32 -23.66 -37.31
N MET B 1010 14.29 -23.14 -37.96
CA MET B 1010 13.27 -24.01 -38.52
C MET B 1010 13.86 -24.91 -39.59
N ILE B 1011 14.70 -24.36 -40.46
CA ILE B 1011 15.30 -25.17 -41.51
C ILE B 1011 16.02 -26.36 -40.89
N THR B 1012 17.05 -26.10 -40.09
CA THR B 1012 17.82 -27.24 -39.61
C THR B 1012 17.00 -28.11 -38.65
N ALA B 1013 16.22 -27.50 -37.75
CA ALA B 1013 15.35 -28.25 -36.84
C ALA B 1013 14.50 -29.28 -37.61
N THR B 1014 13.71 -28.82 -38.57
CA THR B 1014 12.78 -29.76 -39.19
C THR B 1014 13.53 -30.81 -40.02
N PHE B 1015 14.57 -30.43 -40.77
CA PHE B 1015 15.20 -31.46 -41.59
C PHE B 1015 15.98 -32.46 -40.73
N LEU B 1016 16.87 -31.97 -39.87
CA LEU B 1016 17.60 -32.88 -38.99
C LEU B 1016 16.64 -33.69 -38.10
N ALA B 1017 15.52 -33.10 -37.68
CA ALA B 1017 14.58 -33.80 -36.81
C ALA B 1017 13.86 -34.94 -37.54
N ILE B 1018 13.31 -34.67 -38.73
CA ILE B 1018 12.60 -35.73 -39.45
C ILE B 1018 13.55 -36.87 -39.78
N PHE B 1019 14.86 -36.58 -39.92
CA PHE B 1019 15.76 -37.70 -40.17
C PHE B 1019 16.32 -38.36 -38.92
N MET B 1020 16.48 -37.63 -37.83
CA MET B 1020 17.21 -38.21 -36.70
C MET B 1020 16.32 -38.65 -35.55
N ILE B 1021 15.14 -38.03 -35.37
CA ILE B 1021 14.28 -38.40 -34.26
C ILE B 1021 13.89 -39.86 -34.27
N PRO B 1022 13.44 -40.45 -35.40
CA PRO B 1022 13.19 -41.89 -35.38
C PRO B 1022 14.44 -42.70 -35.08
N MET B 1023 15.60 -42.26 -35.57
CA MET B 1023 16.84 -42.97 -35.28
C MET B 1023 17.13 -42.94 -33.78
N PHE B 1024 16.92 -41.78 -33.15
CA PHE B 1024 17.05 -41.69 -31.70
C PHE B 1024 16.02 -42.60 -31.01
N PHE B 1025 14.78 -42.63 -31.49
CA PHE B 1025 13.78 -43.46 -30.84
C PHE B 1025 14.19 -44.92 -30.85
N VAL B 1026 14.55 -45.43 -32.03
CA VAL B 1026 14.98 -46.82 -32.10
C VAL B 1026 16.24 -47.02 -31.28
N LYS B 1027 17.08 -45.98 -31.18
CA LYS B 1027 18.30 -46.16 -30.41
C LYS B 1027 18.02 -46.26 -28.92
N VAL B 1028 17.14 -45.40 -28.39
CA VAL B 1028 16.82 -45.52 -26.96
C VAL B 1028 16.07 -46.81 -26.68
N ARG B 1029 15.20 -47.23 -27.61
CA ARG B 1029 14.50 -48.48 -27.42
C ARG B 1029 15.47 -49.66 -27.39
N ALA B 1030 16.47 -49.63 -28.26
CA ALA B 1030 17.50 -50.67 -28.31
C ALA B 1030 18.38 -50.65 -27.07
N VAL B 1031 18.67 -49.46 -26.54
CA VAL B 1031 19.63 -49.26 -25.46
C VAL B 1031 19.04 -49.45 -24.06
N PHE B 1032 17.77 -49.12 -23.85
CA PHE B 1032 17.17 -49.38 -22.55
C PHE B 1032 15.89 -50.19 -22.74
N SER B 1033 16.02 -51.28 -23.51
CA SER B 1033 14.99 -52.29 -23.65
C SER B 1033 15.58 -53.44 -24.46
N MET C 1 -25.15 -36.65 -11.84
CA MET C 1 -26.23 -35.68 -11.76
C MET C 1 -26.80 -35.53 -10.34
N ALA C 2 -26.13 -36.14 -9.36
CA ALA C 2 -26.40 -36.02 -7.92
C ALA C 2 -27.81 -36.45 -7.52
N LYS C 3 -28.56 -37.05 -8.44
CA LYS C 3 -29.91 -37.50 -8.12
C LYS C 3 -29.89 -38.47 -6.95
N PHE C 4 -28.86 -39.31 -6.88
CA PHE C 4 -28.80 -40.44 -5.96
C PHE C 4 -28.24 -40.01 -4.60
N PHE C 5 -28.80 -38.90 -4.09
CA PHE C 5 -28.90 -38.59 -2.67
C PHE C 5 -30.16 -39.17 -2.07
N ILE C 6 -31.03 -39.73 -2.91
CA ILE C 6 -32.33 -40.20 -2.46
C ILE C 6 -32.17 -41.30 -1.42
N ASP C 7 -31.21 -42.19 -1.63
CA ASP C 7 -30.85 -43.24 -0.66
C ASP C 7 -30.17 -42.69 0.57
N ARG C 8 -29.80 -41.42 0.57
CA ARG C 8 -28.94 -40.83 1.60
C ARG C 8 -29.55 -39.54 2.10
N PRO C 9 -30.66 -39.63 2.87
CA PRO C 9 -31.22 -38.41 3.47
C PRO C 9 -30.31 -37.79 4.52
N ILE C 10 -29.48 -38.61 5.18
CA ILE C 10 -28.59 -38.12 6.23
C ILE C 10 -27.44 -37.31 5.64
N PHE C 11 -26.89 -37.75 4.51
CA PHE C 11 -25.83 -36.98 3.85
C PHE C 11 -26.36 -35.61 3.47
N ALA C 12 -27.55 -35.56 2.88
CA ALA C 12 -28.15 -34.27 2.54
C ALA C 12 -28.45 -33.44 3.80
N TRP C 13 -28.95 -34.07 4.86
CA TRP C 13 -29.16 -33.31 6.09
C TRP C 13 -27.87 -32.72 6.63
N VAL C 14 -26.80 -33.50 6.64
CA VAL C 14 -25.54 -32.99 7.18
C VAL C 14 -25.01 -31.84 6.32
N ILE C 15 -25.06 -31.99 5.00
CA ILE C 15 -24.63 -30.89 4.14
C ILE C 15 -25.43 -29.63 4.45
N ALA C 16 -26.76 -29.77 4.48
CA ALA C 16 -27.60 -28.60 4.72
C ALA C 16 -27.31 -27.96 6.06
N ILE C 17 -27.10 -28.79 7.10
CA ILE C 17 -26.91 -28.26 8.45
C ILE C 17 -25.55 -27.57 8.60
N ILE C 18 -24.48 -28.11 8.01
CA ILE C 18 -23.21 -27.38 8.10
C ILE C 18 -23.33 -26.04 7.41
N LEU C 19 -23.97 -26.02 6.24
CA LEU C 19 -24.16 -24.73 5.57
C LEU C 19 -25.01 -23.78 6.43
N MET C 20 -26.06 -24.30 7.06
CA MET C 20 -26.90 -23.46 7.91
C MET C 20 -26.15 -22.94 9.13
N LEU C 21 -25.34 -23.79 9.77
CA LEU C 21 -24.53 -23.38 10.92
C LEU C 21 -23.51 -22.33 10.55
N ALA C 22 -22.83 -22.52 9.41
CA ALA C 22 -21.91 -21.48 8.96
C ALA C 22 -22.68 -20.18 8.75
N GLY C 23 -23.91 -20.26 8.24
CA GLY C 23 -24.72 -19.07 8.07
C GLY C 23 -25.11 -18.41 9.38
N VAL C 24 -25.38 -19.21 10.40
CA VAL C 24 -25.69 -18.66 11.72
C VAL C 24 -24.47 -17.93 12.27
N ALA C 25 -23.30 -18.57 12.19
CA ALA C 25 -22.07 -17.93 12.61
C ALA C 25 -21.86 -16.63 11.82
N ALA C 26 -22.19 -16.65 10.55
CA ALA C 26 -22.04 -15.49 9.69
C ALA C 26 -23.26 -14.59 9.72
N ILE C 27 -24.19 -14.82 10.61
CA ILE C 27 -25.25 -13.83 10.79
C ILE C 27 -24.90 -13.11 12.10
N PHE C 28 -24.19 -13.79 13.00
CA PHE C 28 -23.77 -13.10 14.22
C PHE C 28 -22.61 -12.14 13.94
N THR C 29 -21.66 -12.52 13.11
CA THR C 29 -20.41 -11.78 13.01
C THR C 29 -20.42 -10.74 11.89
N LEU C 30 -21.55 -10.48 11.30
CA LEU C 30 -21.49 -9.62 10.12
C LEU C 30 -21.69 -8.15 10.47
N PRO C 31 -21.04 -7.27 9.73
CA PRO C 31 -21.30 -5.84 9.87
C PRO C 31 -22.69 -5.48 9.37
N ILE C 32 -23.26 -4.41 9.93
CA ILE C 32 -24.57 -3.90 9.53
C ILE C 32 -24.38 -2.51 8.97
N ALA C 33 -25.06 -2.18 7.87
CA ALA C 33 -24.89 -0.88 7.25
C ALA C 33 -26.15 -0.43 6.51
N GLN C 34 -26.36 0.88 6.43
CA GLN C 34 -27.41 1.41 5.55
C GLN C 34 -27.10 1.09 4.10
N TYR C 35 -25.87 1.41 3.65
CA TYR C 35 -25.40 1.12 2.31
C TYR C 35 -24.01 0.50 2.41
N PRO C 36 -23.62 -0.28 1.43
CA PRO C 36 -22.21 -0.62 1.29
C PRO C 36 -21.47 0.64 0.92
N THR C 37 -20.15 0.56 0.97
CA THR C 37 -19.38 1.70 0.52
C THR C 37 -19.52 1.80 -0.98
N ILE C 38 -20.12 2.90 -1.45
CA ILE C 38 -20.41 3.02 -2.87
C ILE C 38 -19.77 4.29 -3.45
N ALA C 39 -19.55 5.31 -2.60
CA ALA C 39 -19.17 6.64 -3.06
C ALA C 39 -17.70 6.75 -3.55
N PRO C 40 -17.42 7.61 -4.53
CA PRO C 40 -16.01 7.78 -4.99
C PRO C 40 -15.16 8.36 -3.88
N PRO C 41 -13.97 7.79 -3.65
CA PRO C 41 -13.08 8.32 -2.62
C PRO C 41 -12.49 9.65 -3.06
N SER C 42 -12.24 10.54 -2.09
CA SER C 42 -11.60 11.83 -2.35
C SER C 42 -10.40 12.09 -1.46
N ILE C 43 -9.43 12.79 -2.02
CA ILE C 43 -8.19 13.12 -1.33
C ILE C 43 -8.09 14.63 -1.40
N GLN C 44 -7.94 15.27 -0.23
CA GLN C 44 -7.99 16.72 -0.09
C GLN C 44 -6.60 17.27 0.22
N ILE C 45 -6.27 18.38 -0.42
CA ILE C 45 -5.02 19.09 -0.17
C ILE C 45 -5.35 20.50 0.27
N THR C 46 -4.78 20.92 1.39
CA THR C 46 -5.00 22.27 1.88
C THR C 46 -3.65 22.92 2.12
N ALA C 47 -3.60 24.23 1.83
CA ALA C 47 -2.41 25.04 1.99
C ALA C 47 -2.84 26.47 2.34
N ASN C 48 -1.92 27.22 2.94
CA ASN C 48 -2.14 28.62 3.32
C ASN C 48 -1.00 29.54 2.91
N TYR C 49 -1.39 30.67 2.33
CA TYR C 49 -0.49 31.75 1.97
C TYR C 49 -0.91 32.97 2.78
N PRO C 50 -0.36 33.19 3.97
CA PRO C 50 -0.91 34.22 4.86
C PRO C 50 -0.96 35.56 4.15
N GLY C 51 -2.09 36.24 4.27
CA GLY C 51 -2.23 37.56 3.68
C GLY C 51 -2.52 37.59 2.20
N ALA C 52 -2.61 36.45 1.55
CA ALA C 52 -2.86 36.43 0.12
C ALA C 52 -4.35 36.63 -0.15
N SER C 53 -4.65 37.25 -1.29
CA SER C 53 -6.03 37.41 -1.72
C SER C 53 -6.55 36.14 -2.40
N ALA C 54 -7.86 36.11 -2.68
CA ALA C 54 -8.43 34.95 -3.36
C ALA C 54 -7.72 34.70 -4.68
N LYS C 55 -7.50 35.77 -5.46
CA LYS C 55 -6.86 35.62 -6.75
C LYS C 55 -5.42 35.18 -6.61
N THR C 56 -4.68 35.78 -5.66
CA THR C 56 -3.31 35.35 -5.41
C THR C 56 -3.26 33.87 -5.07
N VAL C 57 -4.15 33.43 -4.18
CA VAL C 57 -4.12 32.03 -3.77
C VAL C 57 -4.39 31.12 -4.94
N GLU C 58 -5.44 31.42 -5.72
CA GLU C 58 -5.83 30.57 -6.84
C GLU C 58 -4.74 30.46 -7.88
N ASP C 59 -4.13 31.60 -8.22
CA ASP C 59 -3.18 31.61 -9.31
C ASP C 59 -1.80 31.13 -8.91
N THR C 60 -1.45 31.22 -7.62
CA THR C 60 -0.10 30.93 -7.17
C THR C 60 0.03 29.70 -6.29
N VAL C 61 -1.08 29.22 -5.72
CA VAL C 61 -1.07 28.03 -4.88
C VAL C 61 -1.93 26.96 -5.55
N THR C 62 -3.21 27.27 -5.72
CA THR C 62 -4.18 26.27 -6.18
C THR C 62 -3.84 25.77 -7.58
N GLN C 63 -3.65 26.70 -8.52
CA GLN C 63 -3.36 26.28 -9.89
C GLN C 63 -2.09 25.46 -9.96
N VAL C 64 -1.08 25.86 -9.19
CA VAL C 64 0.21 25.17 -9.17
C VAL C 64 0.03 23.74 -8.66
N ILE C 65 -0.70 23.60 -7.56
CA ILE C 65 -0.93 22.26 -7.03
C ILE C 65 -1.69 21.41 -8.04
N GLU C 66 -2.73 21.99 -8.66
CA GLU C 66 -3.52 21.22 -9.64
C GLU C 66 -2.68 20.79 -10.83
N GLN C 67 -1.81 21.67 -11.34
CA GLN C 67 -0.98 21.34 -12.50
C GLN C 67 -0.19 20.06 -12.28
N GLN C 68 0.22 19.79 -11.06
CA GLN C 68 1.07 18.63 -10.81
C GLN C 68 0.26 17.36 -10.73
N MET C 69 -1.07 17.45 -10.79
CA MET C 69 -1.92 16.30 -10.56
C MET C 69 -2.16 15.48 -11.83
N SER C 70 -1.32 15.61 -12.85
CA SER C 70 -1.42 14.73 -14.00
C SER C 70 -0.89 13.35 -13.64
N GLY C 71 -1.46 12.34 -14.30
CA GLY C 71 -0.99 10.98 -14.13
C GLY C 71 -1.54 10.24 -12.93
N LEU C 72 -2.56 10.76 -12.24
CA LEU C 72 -3.10 10.06 -11.08
C LEU C 72 -3.95 8.87 -11.51
N ASP C 73 -3.66 7.69 -10.97
CA ASP C 73 -4.45 6.52 -11.31
C ASP C 73 -5.89 6.69 -10.84
N ASN C 74 -6.83 6.40 -11.72
CA ASN C 74 -8.26 6.37 -11.43
C ASN C 74 -8.83 7.75 -11.15
N PHE C 75 -8.20 8.77 -11.71
CA PHE C 75 -8.74 10.11 -11.56
C PHE C 75 -10.18 10.20 -12.07
N LEU C 76 -11.07 10.79 -11.28
CA LEU C 76 -12.41 11.04 -11.75
C LEU C 76 -12.63 12.52 -12.06
N TYR C 77 -12.41 13.40 -11.10
CA TYR C 77 -12.40 14.85 -11.37
C TYR C 77 -11.76 15.52 -10.16
N MET C 78 -11.70 16.84 -10.20
CA MET C 78 -11.19 17.58 -9.05
C MET C 78 -11.85 18.94 -9.01
N SER C 79 -12.12 19.37 -7.79
CA SER C 79 -12.74 20.64 -7.52
C SER C 79 -11.98 21.30 -6.40
N SER C 80 -11.84 22.63 -6.48
CA SER C 80 -10.97 23.35 -5.57
C SER C 80 -11.51 24.75 -5.29
N THR C 81 -11.18 25.26 -4.10
CA THR C 81 -11.56 26.58 -3.61
C THR C 81 -10.31 27.37 -3.27
N SER C 82 -10.40 28.71 -3.42
CA SER C 82 -9.33 29.65 -3.05
C SER C 82 -9.96 30.89 -2.42
N ASP C 83 -9.73 31.10 -1.12
CA ASP C 83 -10.45 32.15 -0.41
C ASP C 83 -9.58 33.34 -0.05
N ASP C 84 -10.25 34.47 0.25
CA ASP C 84 -9.55 35.67 0.63
C ASP C 84 -8.91 35.55 2.01
N SER C 85 -9.09 34.43 2.68
CA SER C 85 -8.37 34.09 3.90
C SER C 85 -7.01 33.48 3.62
N GLY C 86 -6.59 33.43 2.35
CA GLY C 86 -5.33 32.81 2.01
C GLY C 86 -5.37 31.30 1.88
N ASN C 87 -6.55 30.69 1.89
CA ASN C 87 -6.69 29.24 1.95
C ASN C 87 -6.88 28.63 0.58
N ALA C 88 -6.13 27.57 0.31
CA ALA C 88 -6.29 26.77 -0.89
C ALA C 88 -6.73 25.36 -0.53
N THR C 89 -7.78 24.88 -1.19
CA THR C 89 -8.29 23.57 -0.88
C THR C 89 -8.59 22.88 -2.19
N ILE C 90 -7.85 21.81 -2.51
CA ILE C 90 -7.97 21.13 -3.80
C ILE C 90 -8.40 19.72 -3.47
N THR C 91 -9.58 19.32 -3.94
CA THR C 91 -10.15 18.01 -3.62
C THR C 91 -10.13 17.17 -4.89
N ILE C 92 -9.42 16.04 -4.84
CA ILE C 92 -9.24 15.11 -5.96
C ILE C 92 -10.13 13.89 -5.73
N THR C 93 -11.06 13.66 -6.65
CA THR C 93 -11.99 12.55 -6.59
C THR C 93 -11.61 11.49 -7.61
N PHE C 94 -11.53 10.25 -7.15
CA PHE C 94 -11.17 9.05 -7.89
C PHE C 94 -12.38 8.16 -8.15
N ALA C 95 -12.17 7.17 -8.99
CA ALA C 95 -13.21 6.26 -9.40
C ALA C 95 -13.76 5.47 -8.20
N PRO C 96 -15.06 5.18 -8.15
CA PRO C 96 -15.56 4.33 -7.06
C PRO C 96 -14.83 3.01 -7.07
N GLY C 97 -14.49 2.54 -5.89
CA GLY C 97 -13.70 1.34 -5.78
C GLY C 97 -12.22 1.57 -5.79
N THR C 98 -11.74 2.77 -6.11
CA THR C 98 -10.30 3.06 -6.03
C THR C 98 -9.83 2.90 -4.58
N ASN C 99 -8.61 2.40 -4.41
CA ASN C 99 -8.04 2.34 -3.07
C ASN C 99 -7.74 3.76 -2.59
N PRO C 100 -8.35 4.23 -1.50
CA PRO C 100 -8.07 5.61 -1.07
C PRO C 100 -6.66 5.74 -0.51
N ASP C 101 -6.07 4.67 0.04
CA ASP C 101 -4.72 4.81 0.57
C ASP C 101 -3.70 4.94 -0.55
N ILE C 102 -3.82 4.11 -1.56
CA ILE C 102 -2.97 4.29 -2.73
C ILE C 102 -3.19 5.67 -3.32
N ALA C 103 -4.45 6.11 -3.39
CA ALA C 103 -4.70 7.42 -3.96
C ALA C 103 -3.96 8.48 -3.18
N GLN C 104 -3.98 8.37 -1.84
CA GLN C 104 -3.29 9.38 -1.04
C GLN C 104 -1.80 9.35 -1.25
N VAL C 105 -1.19 8.16 -1.24
CA VAL C 105 0.25 8.14 -1.47
C VAL C 105 0.58 8.74 -2.84
N GLN C 106 -0.23 8.47 -3.85
CA GLN C 106 0.04 9.01 -5.17
C GLN C 106 -0.11 10.52 -5.21
N VAL C 107 -1.11 11.06 -4.51
CA VAL C 107 -1.27 12.51 -4.49
C VAL C 107 -0.07 13.17 -3.81
N GLN C 108 0.39 12.58 -2.70
CA GLN C 108 1.56 13.14 -2.03
C GLN C 108 2.80 13.07 -2.89
N ASN C 109 3.01 11.94 -3.57
CA ASN C 109 4.16 11.80 -4.45
C ASN C 109 4.09 12.82 -5.58
N LYS C 110 2.89 13.09 -6.11
CA LYS C 110 2.75 14.15 -7.11
C LYS C 110 2.96 15.52 -6.51
N LEU C 111 2.55 15.72 -5.26
CA LEU C 111 2.67 17.04 -4.64
C LEU C 111 4.13 17.46 -4.43
N SER C 112 5.08 16.50 -4.29
CA SER C 112 6.51 16.90 -4.20
C SER C 112 6.92 17.78 -5.37
N LEU C 113 6.36 17.53 -6.55
CA LEU C 113 6.71 18.30 -7.74
C LEU C 113 6.33 19.78 -7.59
N ALA C 114 5.27 20.07 -6.82
CA ALA C 114 4.77 21.44 -6.70
C ALA C 114 5.60 22.32 -5.76
N THR C 115 6.33 21.73 -4.82
CA THR C 115 6.98 22.54 -3.77
C THR C 115 8.01 23.53 -4.32
N PRO C 116 8.90 23.17 -5.27
CA PRO C 116 9.81 24.19 -5.81
C PRO C 116 9.12 25.26 -6.64
N ILE C 117 7.84 25.13 -6.93
CA ILE C 117 7.09 26.12 -7.69
C ILE C 117 6.20 26.93 -6.74
N LEU C 118 5.84 26.34 -5.62
CA LEU C 118 4.93 27.02 -4.71
C LEU C 118 5.63 28.21 -4.08
N PRO C 119 4.87 29.24 -3.67
CA PRO C 119 5.47 30.35 -2.93
C PRO C 119 6.22 29.80 -1.72
N GLN C 120 7.41 30.32 -1.49
CA GLN C 120 8.28 29.76 -0.46
C GLN C 120 7.55 29.61 0.87
N VAL C 121 6.77 30.62 1.27
CA VAL C 121 6.09 30.59 2.58
C VAL C 121 5.10 29.44 2.64
N VAL C 122 4.35 29.21 1.56
CA VAL C 122 3.39 28.11 1.52
C VAL C 122 4.10 26.77 1.62
N GLN C 123 5.19 26.62 0.86
CA GLN C 123 5.96 25.38 0.88
C GLN C 123 6.57 25.10 2.25
N GLN C 124 7.06 26.14 2.91
CA GLN C 124 7.62 25.99 4.25
C GLN C 124 6.53 25.67 5.29
N LEU C 125 5.42 26.45 5.27
CA LEU C 125 4.37 26.30 6.27
C LEU C 125 3.74 24.94 6.19
N GLY C 126 3.87 24.27 5.06
CA GLY C 126 3.32 22.93 4.98
C GLY C 126 1.98 22.84 4.31
N LEU C 127 1.90 21.88 3.40
CA LEU C 127 0.63 21.48 2.82
C LEU C 127 0.13 20.23 3.57
N SER C 128 -1.18 20.12 3.71
CA SER C 128 -1.74 18.99 4.44
C SER C 128 -2.58 18.17 3.48
N VAL C 129 -2.37 16.86 3.50
CA VAL C 129 -3.07 15.93 2.62
C VAL C 129 -3.85 14.94 3.47
N THR C 130 -5.13 14.80 3.16
CA THR C 130 -6.00 13.97 3.97
C THR C 130 -7.00 13.22 3.08
N LYS C 131 -7.51 12.09 3.58
CA LYS C 131 -8.66 11.40 2.97
C LYS C 131 -9.92 12.13 3.43
N SER C 132 -10.66 12.70 2.50
CA SER C 132 -11.74 13.58 2.89
C SER C 132 -13.03 12.80 2.91
N SER C 133 -14.07 13.43 3.46
CA SER C 133 -15.43 12.88 3.50
C SER C 133 -16.38 14.04 3.74
N SER C 134 -17.62 13.91 3.26
CA SER C 134 -18.68 14.82 3.66
C SER C 134 -19.71 14.13 4.53
N SER C 135 -19.43 12.90 4.93
CA SER C 135 -20.37 12.11 5.72
C SER C 135 -20.38 12.73 7.09
N PHE C 136 -21.17 13.79 7.21
CA PHE C 136 -21.22 14.50 8.47
C PHE C 136 -22.02 13.50 9.30
N LEU C 137 -21.32 12.56 9.95
CA LEU C 137 -21.95 11.37 10.54
C LEU C 137 -22.92 11.75 11.67
N LEU C 138 -22.39 12.38 12.71
CA LEU C 138 -23.18 12.83 13.84
C LEU C 138 -22.47 14.05 14.43
N VAL C 139 -23.24 14.90 15.09
CA VAL C 139 -22.77 16.14 15.70
C VAL C 139 -23.13 16.10 17.19
N LEU C 140 -22.16 16.39 18.03
CA LEU C 140 -22.39 16.43 19.46
C LEU C 140 -22.55 17.88 19.86
N ALA C 141 -23.58 18.17 20.64
CA ALA C 141 -23.82 19.49 21.16
C ALA C 141 -23.65 19.38 22.67
N PHE C 142 -22.70 20.11 23.24
CA PHE C 142 -22.43 20.10 24.66
C PHE C 142 -23.05 21.33 25.27
N ASN C 143 -23.88 21.14 26.30
CA ASN C 143 -24.65 22.23 26.88
C ASN C 143 -24.41 22.28 28.38
N SER C 144 -24.47 23.49 28.94
CA SER C 144 -24.35 23.69 30.38
C SER C 144 -25.72 24.15 30.88
N GLU C 145 -26.52 23.20 31.38
CA GLU C 145 -27.89 23.48 31.76
C GLU C 145 -27.98 24.37 33.00
N ASP C 146 -27.02 24.26 33.91
CA ASP C 146 -27.06 25.12 35.10
C ASP C 146 -26.43 26.49 34.84
N GLY C 147 -25.96 26.76 33.63
CA GLY C 147 -25.43 28.05 33.31
C GLY C 147 -24.03 28.32 33.80
N SER C 148 -23.37 27.33 34.41
CA SER C 148 -22.07 27.58 35.00
C SER C 148 -20.98 27.79 33.96
N MET C 149 -21.26 27.49 32.68
CA MET C 149 -20.26 27.61 31.62
C MET C 149 -20.86 28.29 30.38
N ASN C 150 -20.08 29.21 29.77
CA ASN C 150 -20.51 29.85 28.54
C ASN C 150 -19.79 29.25 27.33
N LYS C 151 -20.01 29.87 26.17
CA LYS C 151 -19.48 29.45 24.88
C LYS C 151 -18.03 29.01 25.01
N TYR C 152 -17.16 29.88 25.51
CA TYR C 152 -15.73 29.58 25.51
C TYR C 152 -15.41 28.46 26.51
N ASP C 153 -16.06 28.45 27.69
CA ASP C 153 -15.80 27.41 28.68
C ASP C 153 -16.20 26.04 28.15
N LEU C 154 -17.37 25.97 27.52
CA LEU C 154 -17.82 24.71 26.95
C LEU C 154 -16.87 24.25 25.86
N ALA C 155 -16.51 25.17 24.96
CA ALA C 155 -15.59 24.79 23.89
C ALA C 155 -14.29 24.24 24.45
N ASN C 156 -13.74 24.90 25.45
CA ASN C 156 -12.47 24.46 26.01
C ASN C 156 -12.58 23.12 26.69
N TYR C 157 -13.68 22.88 27.40
CA TYR C 157 -13.82 21.56 28.00
C TYR C 157 -13.81 20.49 26.92
N VAL C 158 -14.57 20.72 25.85
CA VAL C 158 -14.64 19.75 24.76
C VAL C 158 -13.25 19.50 24.21
N ALA C 159 -12.52 20.58 23.94
CA ALA C 159 -11.19 20.48 23.32
C ALA C 159 -10.21 19.77 24.23
N SER C 160 -10.26 20.08 25.54
CA SER C 160 -9.28 19.64 26.51
C SER C 160 -9.55 18.21 26.99
N HIS C 161 -10.78 17.68 26.88
CA HIS C 161 -11.08 16.37 27.45
C HIS C 161 -11.76 15.36 26.54
N VAL C 162 -12.59 15.83 25.61
CA VAL C 162 -13.44 14.95 24.80
C VAL C 162 -12.86 14.76 23.42
N LYS C 163 -12.44 15.86 22.77
CA LYS C 163 -12.17 15.83 21.32
C LYS C 163 -10.99 14.94 20.96
N ASP C 164 -9.87 15.01 21.69
CA ASP C 164 -8.71 14.18 21.36
C ASP C 164 -9.08 12.69 21.38
N PRO C 165 -9.52 12.11 22.52
CA PRO C 165 -9.84 10.66 22.51
C PRO C 165 -10.95 10.25 21.51
N ILE C 166 -11.96 11.10 21.32
CA ILE C 166 -13.04 10.85 20.38
C ILE C 166 -12.52 10.82 18.96
N SER C 167 -11.63 11.75 18.62
CA SER C 167 -11.05 11.82 17.27
C SER C 167 -10.15 10.62 16.97
N ARG C 168 -9.68 9.88 17.98
CA ARG C 168 -8.96 8.64 17.72
C ARG C 168 -9.88 7.42 17.67
N ILE C 169 -11.18 7.59 17.86
CA ILE C 169 -12.08 6.44 17.79
C ILE C 169 -12.02 5.89 16.40
N ASN C 170 -11.95 4.57 16.35
CA ASN C 170 -11.76 3.84 15.11
C ASN C 170 -12.97 4.07 14.19
N GLY C 171 -12.70 4.53 12.98
CA GLY C 171 -13.73 4.91 12.03
C GLY C 171 -14.04 6.38 12.00
N VAL C 172 -13.70 7.11 13.05
CA VAL C 172 -13.90 8.54 13.10
C VAL C 172 -12.82 9.23 12.28
N GLY C 173 -13.25 10.07 11.34
CA GLY C 173 -12.33 10.81 10.50
C GLY C 173 -12.16 12.23 10.99
N THR C 174 -12.76 13.16 10.25
CA THR C 174 -12.68 14.56 10.57
C THR C 174 -13.55 14.90 11.77
N VAL C 175 -12.96 15.58 12.74
CA VAL C 175 -13.69 16.02 13.90
C VAL C 175 -13.54 17.53 13.96
N THR C 176 -14.64 18.25 13.90
CA THR C 176 -14.61 19.71 13.87
C THR C 176 -15.21 20.24 15.16
N LEU C 177 -14.45 21.07 15.86
CA LEU C 177 -14.93 21.82 17.01
C LEU C 177 -15.26 23.22 16.51
N PHE C 178 -16.54 23.58 16.50
CA PHE C 178 -16.92 24.94 16.13
C PHE C 178 -16.59 25.84 17.32
N GLY C 179 -15.29 26.00 17.53
CA GLY C 179 -14.75 26.55 18.75
C GLY C 179 -13.31 26.10 18.87
N SER C 180 -12.73 26.42 20.02
CA SER C 180 -11.35 26.06 20.26
C SER C 180 -11.12 25.87 21.75
N GLN C 181 -10.06 25.11 22.07
CA GLN C 181 -9.54 25.15 23.42
C GLN C 181 -9.21 26.59 23.77
N TYR C 182 -9.06 26.88 25.07
CA TYR C 182 -8.75 28.22 25.51
C TYR C 182 -7.51 28.73 24.81
N ALA C 183 -7.51 30.03 24.55
CA ALA C 183 -6.32 30.74 24.11
C ALA C 183 -6.09 31.92 25.06
N MET C 184 -4.82 32.15 25.40
CA MET C 184 -4.48 33.31 26.21
C MET C 184 -4.56 34.53 25.30
N ARG C 185 -5.65 35.28 25.42
CA ARG C 185 -5.88 36.45 24.59
C ARG C 185 -5.37 37.69 25.30
N ILE C 186 -4.57 38.46 24.58
CA ILE C 186 -4.02 39.72 25.05
C ILE C 186 -4.59 40.79 24.13
N TRP C 187 -5.54 41.61 24.63
CA TRP C 187 -6.25 42.56 23.79
C TRP C 187 -5.60 43.92 23.98
N LEU C 188 -4.85 44.37 22.96
CA LEU C 188 -4.11 45.61 23.08
C LEU C 188 -5.01 46.83 23.00
N ASP C 189 -4.65 47.86 23.77
CA ASP C 189 -5.28 49.17 23.74
C ASP C 189 -4.31 50.19 23.15
N PRO C 190 -4.59 50.73 21.95
CA PRO C 190 -3.62 51.60 21.28
C PRO C 190 -3.32 52.88 22.04
N THR C 191 -4.33 53.45 22.71
CA THR C 191 -4.09 54.68 23.46
C THR C 191 -3.09 54.46 24.58
N LYS C 192 -3.21 53.33 25.29
CA LYS C 192 -2.23 53.03 26.33
C LYS C 192 -0.84 52.78 25.72
N LEU C 193 -0.80 52.08 24.58
CA LEU C 193 0.46 51.85 23.89
C LEU C 193 1.14 53.17 23.51
N THR C 194 0.36 54.14 23.02
CA THR C 194 0.89 55.44 22.66
C THR C 194 1.41 56.15 23.90
N ASN C 195 0.63 56.12 24.99
CA ASN C 195 1.02 56.81 26.21
C ASN C 195 2.41 56.38 26.63
N TYR C 196 2.69 55.09 26.59
CA TYR C 196 3.96 54.68 27.14
C TYR C 196 5.06 54.62 26.09
N GLY C 197 4.74 54.95 24.84
CA GLY C 197 5.74 54.89 23.79
C GLY C 197 5.97 53.50 23.24
N LEU C 198 4.99 52.60 23.37
CA LEU C 198 5.11 51.21 22.95
C LEU C 198 4.26 50.93 21.71
N THR C 199 4.62 49.86 21.03
CA THR C 199 3.89 49.38 19.87
C THR C 199 3.47 47.93 20.09
N PRO C 200 2.57 47.40 19.25
CA PRO C 200 2.25 45.97 19.38
C PRO C 200 3.47 45.08 19.28
N VAL C 201 4.46 45.47 18.47
CA VAL C 201 5.65 44.62 18.30
C VAL C 201 6.41 44.50 19.59
N ASP C 202 6.49 45.59 20.36
CA ASP C 202 7.06 45.53 21.70
C ASP C 202 6.33 44.49 22.55
N VAL C 203 5.01 44.48 22.47
CA VAL C 203 4.21 43.54 23.24
C VAL C 203 4.57 42.10 22.87
N THR C 204 4.56 41.82 21.57
CA THR C 204 4.80 40.44 21.14
C THR C 204 6.22 40.00 21.45
N SER C 205 7.19 40.88 21.25
CA SER C 205 8.57 40.54 21.54
C SER C 205 8.75 40.22 23.01
N ALA C 206 8.12 41.03 23.89
CA ALA C 206 8.17 40.80 25.33
C ALA C 206 7.52 39.48 25.70
N ILE C 207 6.38 39.17 25.09
CA ILE C 207 5.74 37.90 25.41
C ILE C 207 6.68 36.78 25.02
N SER C 208 7.26 36.85 23.83
CA SER C 208 8.11 35.76 23.39
C SER C 208 9.46 35.71 24.09
N ALA C 209 9.82 36.74 24.83
CA ALA C 209 11.03 36.69 25.65
C ALA C 209 10.79 36.21 27.07
N GLN C 210 9.60 36.49 27.62
CA GLN C 210 9.26 36.21 29.01
C GLN C 210 8.32 35.00 29.17
N ASN C 211 7.62 34.59 28.12
CA ASN C 211 6.84 33.38 28.21
C ASN C 211 7.64 32.24 27.58
N VAL C 212 8.67 31.79 28.30
CA VAL C 212 9.67 30.89 27.75
C VAL C 212 9.90 29.70 28.67
N GLN C 213 10.06 28.55 28.07
CA GLN C 213 10.46 27.30 28.72
C GLN C 213 11.89 27.02 28.30
N ILE C 214 12.81 26.91 29.27
CA ILE C 214 14.23 26.88 28.96
C ILE C 214 14.83 25.55 29.41
N ALA C 215 15.65 24.97 28.55
CA ALA C 215 16.46 23.82 28.95
C ALA C 215 17.53 24.26 29.95
N GLY C 216 17.49 23.67 31.15
CA GLY C 216 18.40 24.03 32.21
C GLY C 216 19.49 23.04 32.52
N GLY C 217 19.66 22.01 31.73
CA GLY C 217 20.65 21.04 32.17
C GLY C 217 20.27 20.42 33.51
N GLN C 218 21.30 20.05 34.26
CA GLN C 218 21.06 19.49 35.58
C GLN C 218 22.31 19.63 36.42
N LEU C 219 22.14 19.87 37.72
CA LEU C 219 23.26 19.85 38.65
C LEU C 219 23.95 18.49 38.61
N GLY C 220 25.29 18.53 38.64
CA GLY C 220 26.05 17.31 38.53
C GLY C 220 25.74 16.56 37.26
N GLY C 221 25.41 17.29 36.19
CA GLY C 221 25.06 16.67 34.94
C GLY C 221 26.25 16.09 34.22
N THR C 222 25.96 15.20 33.25
CA THR C 222 27.03 14.58 32.49
C THR C 222 27.54 15.52 31.39
N PRO C 223 28.84 15.48 31.11
CA PRO C 223 29.88 14.74 31.86
C PRO C 223 30.31 15.54 33.13
N ALA C 224 30.36 14.87 34.27
CA ALA C 224 30.62 15.49 35.56
C ALA C 224 32.09 15.40 35.94
N VAL C 225 32.44 16.12 37.00
CA VAL C 225 33.80 15.94 37.51
C VAL C 225 33.88 14.56 38.13
N PRO C 226 34.99 13.84 37.97
CA PRO C 226 35.10 12.51 38.57
C PRO C 226 34.82 12.59 40.06
N GLY C 227 34.04 11.65 40.56
CA GLY C 227 33.67 11.63 41.94
C GLY C 227 32.33 12.26 42.26
N THR C 228 31.71 12.95 41.31
CA THR C 228 30.38 13.52 41.58
C THR C 228 29.42 12.39 41.89
N VAL C 229 28.71 12.51 43.00
CA VAL C 229 27.83 11.42 43.44
C VAL C 229 26.45 11.95 43.79
N LEU C 230 26.08 13.09 43.22
CA LEU C 230 24.73 13.60 43.27
C LEU C 230 24.45 14.29 41.94
N GLN C 231 23.28 14.04 41.38
CA GLN C 231 22.85 14.82 40.22
C GLN C 231 21.40 15.18 40.41
N ALA C 232 20.96 16.22 39.73
CA ALA C 232 19.55 16.57 39.83
C ALA C 232 19.20 17.58 38.78
N THR C 233 18.06 17.38 38.14
CA THR C 233 17.65 18.24 37.05
C THR C 233 17.31 19.65 37.50
N ILE C 234 17.73 20.61 36.69
CA ILE C 234 17.55 22.03 36.96
C ILE C 234 16.42 22.52 36.09
N THR C 235 15.50 23.22 36.70
CA THR C 235 14.42 23.90 36.03
C THR C 235 14.61 25.39 36.15
N GLU C 236 14.89 26.06 35.05
CA GLU C 236 15.03 27.49 35.20
C GLU C 236 13.79 28.30 34.90
N ALA C 237 13.40 28.41 33.67
CA ALA C 237 12.29 29.26 33.31
C ALA C 237 11.20 28.38 32.76
N THR C 238 9.95 28.72 33.06
CA THR C 238 8.82 27.89 32.65
C THR C 238 7.77 28.77 32.01
N LEU C 239 6.97 28.20 31.16
CA LEU C 239 5.93 28.94 30.45
C LEU C 239 5.07 29.67 31.47
N LEU C 240 4.61 30.86 31.11
CA LEU C 240 3.60 31.52 31.95
C LEU C 240 2.31 30.74 31.90
N GLN C 241 1.49 30.83 32.98
CA GLN C 241 0.27 30.03 32.95
C GLN C 241 -1.04 30.83 33.06
N THR C 242 -1.07 31.94 33.78
CA THR C 242 -2.32 32.60 34.12
C THR C 242 -2.35 34.00 33.51
N PRO C 243 -3.55 34.54 33.25
CA PRO C 243 -3.62 35.93 32.73
C PRO C 243 -2.92 36.94 33.60
N GLU C 244 -2.96 36.76 34.91
CA GLU C 244 -2.25 37.68 35.80
C GLU C 244 -0.76 37.60 35.52
N GLN C 245 -0.26 36.39 35.25
CA GLN C 245 1.15 36.28 34.91
C GLN C 245 1.47 37.03 33.63
N PHE C 246 0.61 36.91 32.61
CA PHE C 246 0.84 37.62 31.37
C PHE C 246 0.72 39.11 31.58
N GLY C 247 -0.19 39.54 32.45
CA GLY C 247 -0.36 40.95 32.76
C GLY C 247 0.84 41.57 33.43
N ASN C 248 1.65 40.77 34.10
CA ASN C 248 2.91 41.18 34.71
C ASN C 248 4.09 41.02 33.77
N ILE C 249 3.85 40.78 32.48
CA ILE C 249 4.91 40.93 31.48
C ILE C 249 5.30 42.40 31.40
N LEU C 250 6.57 42.70 31.61
CA LEU C 250 6.98 44.10 31.70
C LEU C 250 7.57 44.56 30.37
N LEU C 251 7.09 45.70 29.91
CA LEU C 251 7.37 46.27 28.60
C LEU C 251 8.41 47.38 28.63
N LYS C 252 8.45 48.17 29.69
CA LYS C 252 9.25 49.39 29.69
C LYS C 252 9.51 49.82 31.13
N VAL C 253 10.66 50.44 31.34
CA VAL C 253 10.94 51.15 32.58
C VAL C 253 10.88 52.63 32.25
N ASN C 254 9.86 53.31 32.77
CA ASN C 254 9.65 54.70 32.44
C ASN C 254 10.65 55.59 33.20
N GLN C 255 10.73 56.87 32.81
CA GLN C 255 11.72 57.77 33.42
C GLN C 255 11.56 57.89 34.93
N ASP C 256 10.35 57.68 35.45
CA ASP C 256 10.10 57.81 36.89
C ASP C 256 10.69 56.65 37.68
N GLY C 257 11.04 55.54 37.02
CA GLY C 257 11.57 54.35 37.66
C GLY C 257 10.59 53.18 37.76
N SER C 258 9.30 53.45 37.92
CA SER C 258 8.31 52.39 37.89
C SER C 258 8.23 51.81 36.49
N GLN C 259 7.61 50.63 36.36
CA GLN C 259 7.62 49.93 35.07
C GLN C 259 6.24 50.01 34.46
N VAL C 260 6.21 49.93 33.13
CA VAL C 260 5.00 49.67 32.38
C VAL C 260 4.92 48.17 32.19
N ARG C 261 3.74 47.59 32.44
CA ARG C 261 3.55 46.15 32.25
C ARG C 261 2.42 45.89 31.24
N LEU C 262 2.35 44.66 30.75
CA LEU C 262 1.36 44.32 29.74
C LEU C 262 -0.04 44.64 30.21
N LYS C 263 -0.34 44.37 31.49
CA LYS C 263 -1.66 44.68 32.05
C LYS C 263 -1.93 46.18 32.01
N ASP C 264 -0.89 47.00 32.05
CA ASP C 264 -1.08 48.43 31.91
C ASP C 264 -1.45 48.83 30.49
N VAL C 265 -1.31 47.93 29.52
CA VAL C 265 -1.52 48.28 28.13
C VAL C 265 -2.48 47.35 27.40
N ALA C 266 -3.02 46.35 28.09
CA ALA C 266 -3.90 45.40 27.42
C ALA C 266 -4.80 44.74 28.44
N GLN C 267 -5.96 44.28 27.97
CA GLN C 267 -6.78 43.36 28.76
C GLN C 267 -6.29 41.94 28.51
N ILE C 268 -6.36 41.09 29.53
CA ILE C 268 -5.81 39.76 29.36
C ILE C 268 -6.81 38.74 29.89
N GLY C 269 -7.08 37.72 29.11
CA GLY C 269 -8.03 36.74 29.58
C GLY C 269 -8.10 35.58 28.62
N LEU C 270 -8.85 34.56 29.03
CA LEU C 270 -8.97 33.34 28.28
C LEU C 270 -10.17 33.40 27.35
N GLY C 271 -9.92 33.10 26.06
CA GLY C 271 -10.96 33.14 25.07
C GLY C 271 -10.75 32.06 24.04
N GLY C 272 -11.14 32.38 22.81
CA GLY C 272 -11.01 31.47 21.68
C GLY C 272 -9.80 31.80 20.85
N GLU C 273 -9.24 30.75 20.22
CA GLU C 273 -8.23 30.94 19.17
C GLU C 273 -8.83 31.66 17.98
N THR C 274 -10.09 31.38 17.72
CA THR C 274 -10.89 32.02 16.68
C THR C 274 -12.27 32.33 17.23
N TYR C 275 -12.84 33.40 16.69
CA TYR C 275 -14.18 33.86 17.03
C TYR C 275 -15.11 33.75 15.82
N ASN C 276 -14.78 32.86 14.86
CA ASN C 276 -15.46 32.81 13.58
C ASN C 276 -16.90 32.34 13.70
N PHE C 277 -17.17 31.36 14.54
CA PHE C 277 -18.50 30.78 14.64
C PHE C 277 -18.97 30.65 16.08
N ASP C 278 -20.30 30.60 16.24
CA ASP C 278 -20.89 30.24 17.52
C ASP C 278 -22.05 29.28 17.26
N THR C 279 -22.32 28.43 18.24
CA THR C 279 -23.22 27.31 18.01
C THR C 279 -24.36 27.33 19.00
N LYS C 280 -25.59 27.16 18.50
CA LYS C 280 -26.77 27.20 19.36
C LYS C 280 -27.48 25.84 19.30
N TYR C 281 -27.87 25.35 20.47
CA TYR C 281 -28.65 24.11 20.62
C TYR C 281 -29.93 24.48 21.33
N ASN C 282 -31.04 24.46 20.60
CA ASN C 282 -32.34 24.86 21.15
C ASN C 282 -32.23 26.23 21.81
N GLY C 283 -31.51 27.14 21.16
CA GLY C 283 -31.32 28.51 21.59
C GLY C 283 -30.26 28.71 22.64
N GLN C 284 -29.63 27.62 23.15
CA GLN C 284 -28.64 27.78 24.22
C GLN C 284 -27.23 27.73 23.66
N PRO C 285 -26.26 28.36 24.32
CA PRO C 285 -24.87 28.26 23.86
C PRO C 285 -24.40 26.80 23.87
N THR C 286 -23.50 26.50 22.92
CA THR C 286 -23.03 25.14 22.76
C THR C 286 -21.57 25.11 22.32
N ALA C 287 -20.92 24.00 22.61
CA ALA C 287 -19.66 23.61 22.00
C ALA C 287 -20.02 22.43 21.12
N ALA C 288 -19.87 22.60 19.80
CA ALA C 288 -20.36 21.61 18.84
C ALA C 288 -19.19 20.78 18.34
N LEU C 289 -19.40 19.48 18.31
CA LEU C 289 -18.35 18.59 17.84
C LEU C 289 -18.96 17.79 16.71
N GLY C 290 -18.61 18.15 15.48
CA GLY C 290 -19.13 17.44 14.32
C GLY C 290 -18.16 16.32 13.95
N ILE C 291 -18.68 15.11 13.87
CA ILE C 291 -17.88 13.93 13.56
C ILE C 291 -18.22 13.51 12.15
N GLN C 292 -17.19 13.29 11.35
CA GLN C 292 -17.30 12.76 10.01
C GLN C 292 -16.69 11.38 9.98
N LEU C 293 -17.24 10.53 9.11
CA LEU C 293 -16.89 9.12 9.06
C LEU C 293 -15.66 8.91 8.18
N ALA C 294 -14.73 8.13 8.70
CA ALA C 294 -13.51 7.81 7.98
C ALA C 294 -13.85 7.03 6.72
N THR C 295 -13.01 7.17 5.69
CA THR C 295 -13.24 6.46 4.44
C THR C 295 -13.32 4.95 4.65
N ASN C 296 -14.41 4.35 4.11
CA ASN C 296 -14.68 2.92 4.08
C ASN C 296 -14.94 2.31 5.45
N ALA C 297 -15.35 3.09 6.42
CA ALA C 297 -15.89 2.56 7.68
C ALA C 297 -17.42 2.63 7.64
N ASN C 298 -18.06 1.94 8.57
CA ASN C 298 -19.52 1.97 8.59
C ASN C 298 -20.02 2.90 9.67
N ALA C 299 -21.02 3.70 9.29
CA ALA C 299 -21.55 4.71 10.19
C ALA C 299 -21.98 4.09 11.50
N LEU C 300 -22.63 2.92 11.45
CA LEU C 300 -23.26 2.36 12.65
C LEU C 300 -22.23 2.02 13.72
N ALA C 301 -21.19 1.26 13.35
CA ALA C 301 -20.20 0.86 14.34
C ALA C 301 -19.47 2.06 14.92
N THR C 302 -19.06 3.00 14.05
CA THR C 302 -18.34 4.20 14.49
C THR C 302 -19.18 5.02 15.45
N ALA C 303 -20.44 5.29 15.10
CA ALA C 303 -21.28 6.12 15.95
C ALA C 303 -21.55 5.43 17.26
N LYS C 304 -21.75 4.12 17.26
CA LYS C 304 -21.93 3.42 18.52
C LYS C 304 -20.68 3.56 19.39
N ALA C 305 -19.50 3.50 18.77
CA ALA C 305 -18.27 3.66 19.53
C ALA C 305 -18.17 5.07 20.15
N VAL C 306 -18.52 6.11 19.38
CA VAL C 306 -18.42 7.47 19.94
C VAL C 306 -19.43 7.65 21.07
N ARG C 307 -20.63 7.06 20.93
CA ARG C 307 -21.58 7.13 22.03
C ARG C 307 -21.07 6.40 23.27
N ALA C 308 -20.47 5.22 23.09
CA ALA C 308 -19.94 4.50 24.24
C ALA C 308 -18.89 5.32 24.94
N LYS C 309 -17.98 5.91 24.16
CA LYS C 309 -16.91 6.73 24.73
C LYS C 309 -17.48 7.95 25.43
N ILE C 310 -18.49 8.60 24.84
CA ILE C 310 -19.09 9.77 25.47
C ILE C 310 -19.77 9.40 26.78
N ASP C 311 -20.50 8.28 26.81
CA ASP C 311 -21.13 7.87 28.07
C ASP C 311 -20.07 7.61 29.12
N GLU C 312 -18.97 6.95 28.73
CA GLU C 312 -17.89 6.71 29.68
C GLU C 312 -17.33 8.03 30.19
N MET C 313 -17.20 9.02 29.31
CA MET C 313 -16.62 10.29 29.71
C MET C 313 -17.56 11.13 30.55
N SER C 314 -18.87 10.83 30.50
CA SER C 314 -19.84 11.57 31.29
C SER C 314 -19.57 11.45 32.78
N ALA C 315 -18.80 10.44 33.20
CA ALA C 315 -18.45 10.31 34.61
C ALA C 315 -17.69 11.49 35.12
N TYR C 316 -17.02 12.22 34.22
CA TYR C 316 -16.14 13.31 34.58
C TYR C 316 -16.72 14.67 34.23
N PHE C 317 -17.94 14.72 33.72
CA PHE C 317 -18.51 16.00 33.32
C PHE C 317 -18.69 16.91 34.54
N PRO C 318 -18.30 18.17 34.46
CA PRO C 318 -18.59 19.12 35.53
C PRO C 318 -20.09 19.24 35.75
N HIS C 319 -20.45 19.81 36.89
CA HIS C 319 -21.86 20.04 37.15
C HIS C 319 -22.46 20.91 36.05
N GLY C 320 -23.63 20.50 35.57
CA GLY C 320 -24.38 21.22 34.57
C GLY C 320 -24.13 20.81 33.14
N LEU C 321 -23.06 20.06 32.86
CA LEU C 321 -22.71 19.73 31.48
C LEU C 321 -23.41 18.45 31.07
N VAL C 322 -24.15 18.54 29.96
CA VAL C 322 -24.79 17.39 29.32
C VAL C 322 -24.41 17.45 27.85
N VAL C 323 -24.57 16.33 27.17
CA VAL C 323 -24.28 16.25 25.74
C VAL C 323 -25.49 15.69 25.02
N LYS C 324 -25.86 16.35 23.94
CA LYS C 324 -26.94 15.91 23.07
C LYS C 324 -26.31 15.61 21.72
N TYR C 325 -27.11 14.97 20.85
CA TYR C 325 -26.67 14.55 19.52
C TYR C 325 -27.65 15.13 18.51
N PRO C 326 -27.56 16.43 18.22
CA PRO C 326 -28.55 17.05 17.32
C PRO C 326 -28.56 16.42 15.94
N TYR C 327 -27.45 15.83 15.51
CA TYR C 327 -27.43 15.18 14.23
C TYR C 327 -26.90 13.77 14.42
N ASP C 328 -27.67 12.80 13.94
CA ASP C 328 -27.26 11.40 14.01
C ASP C 328 -28.11 10.62 13.03
N THR C 329 -27.46 10.05 12.01
CA THR C 329 -28.09 9.16 11.05
C THR C 329 -28.20 7.73 11.57
N THR C 330 -27.60 7.42 12.73
CA THR C 330 -27.50 6.02 13.16
C THR C 330 -28.86 5.40 13.48
N PRO C 331 -29.74 6.03 14.27
CA PRO C 331 -31.00 5.33 14.58
C PRO C 331 -31.81 5.00 13.33
N PHE C 332 -31.83 5.93 12.37
CA PHE C 332 -32.56 5.69 11.12
C PHE C 332 -31.99 4.49 10.39
N VAL C 333 -30.66 4.41 10.30
CA VAL C 333 -30.03 3.28 9.64
C VAL C 333 -30.39 1.98 10.35
N ARG C 334 -30.28 1.99 11.67
CA ARG C 334 -30.53 0.78 12.45
C ARG C 334 -31.97 0.29 12.24
N LEU C 335 -32.94 1.22 12.31
CA LEU C 335 -34.35 0.83 12.13
C LEU C 335 -34.68 0.43 10.68
N SER C 336 -34.03 1.03 9.69
CA SER C 336 -34.25 0.59 8.31
C SER C 336 -33.77 -0.85 8.15
N ILE C 337 -32.64 -1.18 8.78
CA ILE C 337 -32.17 -2.56 8.78
C ILE C 337 -33.20 -3.48 9.42
N GLU C 338 -33.71 -3.08 10.59
CA GLU C 338 -34.70 -3.92 11.28
C GLU C 338 -35.96 -4.07 10.43
N GLU C 339 -36.35 -3.03 9.69
CA GLU C 339 -37.55 -3.13 8.86
C GLU C 339 -37.38 -4.04 7.64
N VAL C 340 -36.24 -3.96 6.96
CA VAL C 340 -36.07 -4.89 5.85
C VAL C 340 -36.01 -6.32 6.38
N VAL C 341 -35.44 -6.54 7.56
CA VAL C 341 -35.49 -7.89 8.13
C VAL C 341 -36.95 -8.30 8.41
N LYS C 342 -37.76 -7.40 8.95
CA LYS C 342 -39.14 -7.75 9.23
C LYS C 342 -39.90 -8.11 7.95
N THR C 343 -39.69 -7.34 6.86
CA THR C 343 -40.35 -7.69 5.60
C THR C 343 -39.81 -9.00 5.03
N LEU C 344 -38.52 -9.28 5.20
CA LEU C 344 -37.99 -10.57 4.78
C LEU C 344 -38.70 -11.72 5.50
N LEU C 345 -38.89 -11.60 6.81
CA LEU C 345 -39.58 -12.66 7.56
C LEU C 345 -41.04 -12.80 7.12
N GLU C 346 -41.72 -11.66 6.93
CA GLU C 346 -43.09 -11.69 6.44
C GLU C 346 -43.16 -12.36 5.08
N GLY C 347 -42.22 -12.05 4.20
CA GLY C 347 -42.21 -12.69 2.90
C GLY C 347 -41.99 -14.18 2.98
N ILE C 348 -41.13 -14.62 3.90
CA ILE C 348 -40.95 -16.06 4.08
C ILE C 348 -42.27 -16.70 4.47
N VAL C 349 -42.97 -16.08 5.42
CA VAL C 349 -44.26 -16.65 5.84
C VAL C 349 -45.22 -16.70 4.66
N LEU C 350 -45.26 -15.63 3.84
CA LEU C 350 -46.19 -15.64 2.72
C LEU C 350 -45.79 -16.64 1.63
N VAL C 351 -44.50 -16.86 1.40
CA VAL C 351 -44.10 -17.92 0.47
C VAL C 351 -44.57 -19.27 1.00
N PHE C 352 -44.36 -19.53 2.29
CA PHE C 352 -44.90 -20.73 2.91
C PHE C 352 -46.40 -20.83 2.63
N LEU C 353 -47.12 -19.71 2.80
CA LEU C 353 -48.58 -19.77 2.65
C LEU C 353 -48.97 -20.05 1.20
N VAL C 354 -48.26 -19.50 0.23
CA VAL C 354 -48.54 -19.79 -1.19
C VAL C 354 -48.32 -21.28 -1.49
N MET C 355 -47.14 -21.79 -1.08
CA MET C 355 -46.81 -23.20 -1.34
C MET C 355 -47.82 -24.14 -0.69
N TYR C 356 -48.24 -23.83 0.53
CA TYR C 356 -49.24 -24.64 1.21
C TYR C 356 -50.58 -24.56 0.50
N LEU C 357 -50.95 -23.39 -0.02
CA LEU C 357 -52.18 -23.28 -0.79
C LEU C 357 -52.18 -24.29 -1.94
N PHE C 358 -51.08 -24.35 -2.69
CA PHE C 358 -51.05 -25.25 -3.85
C PHE C 358 -50.79 -26.72 -3.50
N LEU C 359 -50.24 -27.02 -2.31
CA LEU C 359 -49.96 -28.41 -1.93
C LEU C 359 -51.01 -28.99 -0.99
N GLN C 360 -51.39 -28.27 0.07
CA GLN C 360 -52.38 -28.73 1.05
C GLN C 360 -52.00 -30.08 1.68
N ASN C 361 -50.71 -30.36 1.72
CA ASN C 361 -50.13 -31.55 2.36
C ASN C 361 -48.95 -31.03 3.18
N LEU C 362 -49.18 -30.76 4.47
CA LEU C 362 -48.19 -30.08 5.31
C LEU C 362 -46.84 -30.78 5.27
N ARG C 363 -46.85 -32.12 5.35
CA ARG C 363 -45.59 -32.87 5.27
C ARG C 363 -44.88 -32.59 3.94
N ALA C 364 -45.64 -32.25 2.89
CA ALA C 364 -45.11 -31.88 1.58
C ALA C 364 -44.75 -30.41 1.44
N THR C 365 -45.33 -29.54 2.27
CA THR C 365 -45.00 -28.12 2.25
C THR C 365 -43.77 -27.82 3.08
N ILE C 366 -43.51 -28.63 4.10
CA ILE C 366 -42.34 -28.45 4.93
C ILE C 366 -41.07 -28.65 4.10
N ILE C 367 -41.13 -29.51 3.06
CA ILE C 367 -39.95 -29.74 2.23
C ILE C 367 -39.47 -28.47 1.51
N PRO C 368 -40.30 -27.76 0.74
CA PRO C 368 -39.75 -26.55 0.08
C PRO C 368 -39.52 -25.39 1.02
N THR C 369 -40.34 -25.21 2.07
CA THR C 369 -40.04 -24.11 2.98
C THR C 369 -38.71 -24.31 3.66
N ILE C 370 -38.31 -25.57 3.81
CA ILE C 370 -37.02 -25.87 4.43
C ILE C 370 -35.89 -25.29 3.59
N ALA C 371 -36.15 -25.01 2.30
CA ALA C 371 -35.15 -24.36 1.45
C ALA C 371 -34.75 -22.98 1.98
N VAL C 372 -35.68 -22.28 2.63
CA VAL C 372 -35.42 -20.93 3.08
C VAL C 372 -34.27 -20.96 4.08
N PRO C 373 -34.30 -21.73 5.18
CA PRO C 373 -33.10 -21.74 6.04
C PRO C 373 -31.82 -22.15 5.31
N VAL C 374 -31.81 -23.29 4.60
CA VAL C 374 -30.54 -23.78 4.03
C VAL C 374 -29.98 -22.83 2.96
N VAL C 375 -30.84 -22.29 2.08
CA VAL C 375 -30.35 -21.43 1.01
C VAL C 375 -29.99 -20.06 1.54
N LEU C 376 -30.87 -19.52 2.37
CA LEU C 376 -30.79 -18.18 2.92
C LEU C 376 -29.61 -18.05 3.88
N LEU C 377 -29.45 -19.02 4.78
CA LEU C 377 -28.29 -19.02 5.64
C LEU C 377 -27.00 -19.53 5.00
N GLY C 378 -27.03 -20.33 3.95
CA GLY C 378 -25.81 -20.37 3.16
C GLY C 378 -25.47 -19.10 2.41
N THR C 379 -26.47 -18.30 2.02
CA THR C 379 -26.11 -17.00 1.47
C THR C 379 -25.42 -16.11 2.47
N PHE C 380 -25.85 -16.14 3.75
CA PHE C 380 -25.12 -15.38 4.78
C PHE C 380 -23.69 -15.88 4.96
N ALA C 381 -23.48 -17.20 4.93
CA ALA C 381 -22.12 -17.73 5.06
C ALA C 381 -21.24 -17.24 3.92
N ILE C 382 -21.74 -17.29 2.70
CA ILE C 382 -20.99 -16.75 1.57
C ILE C 382 -20.69 -15.25 1.77
N MET C 383 -21.69 -14.48 2.23
CA MET C 383 -21.49 -13.07 2.48
C MET C 383 -20.32 -12.83 3.43
N SER C 384 -20.25 -13.62 4.50
CA SER C 384 -19.11 -13.46 5.39
C SER C 384 -17.81 -13.79 4.67
N MET C 385 -17.80 -14.86 3.86
CA MET C 385 -16.53 -15.24 3.24
C MET C 385 -16.01 -14.16 2.28
N VAL C 386 -16.90 -13.42 1.61
CA VAL C 386 -16.45 -12.46 0.61
C VAL C 386 -16.30 -11.06 1.16
N GLY C 387 -16.56 -10.84 2.44
CA GLY C 387 -16.42 -9.51 2.99
C GLY C 387 -17.61 -8.60 2.80
N PHE C 388 -18.78 -9.14 2.49
CA PHE C 388 -20.00 -8.36 2.35
C PHE C 388 -20.58 -8.00 3.73
N SER C 389 -21.53 -7.05 3.75
CA SER C 389 -22.14 -6.73 5.03
C SER C 389 -23.63 -6.94 4.88
N ILE C 390 -24.30 -7.09 6.02
CA ILE C 390 -25.74 -7.08 6.05
C ILE C 390 -26.14 -5.62 5.97
N ASN C 391 -26.79 -5.24 4.87
CA ASN C 391 -27.15 -3.85 4.63
C ASN C 391 -28.49 -3.80 3.92
N VAL C 392 -28.99 -2.59 3.69
CA VAL C 392 -30.30 -2.42 3.05
C VAL C 392 -30.33 -3.10 1.69
N LEU C 393 -29.27 -2.89 0.89
CA LEU C 393 -29.26 -3.42 -0.47
C LEU C 393 -29.20 -4.95 -0.50
N SER C 394 -28.31 -5.54 0.31
CA SER C 394 -28.18 -6.99 0.33
C SER C 394 -29.45 -7.63 0.93
N MET C 395 -30.09 -6.99 1.91
CA MET C 395 -31.36 -7.53 2.36
C MET C 395 -32.42 -7.39 1.30
N PHE C 396 -32.39 -6.33 0.49
CA PHE C 396 -33.30 -6.35 -0.66
C PHE C 396 -33.02 -7.55 -1.55
N GLY C 397 -31.75 -7.88 -1.78
CA GLY C 397 -31.41 -9.05 -2.58
C GLY C 397 -31.99 -10.33 -2.02
N LEU C 398 -31.87 -10.54 -0.70
CA LEU C 398 -32.45 -11.75 -0.11
C LEU C 398 -33.96 -11.73 -0.15
N VAL C 399 -34.55 -10.56 0.00
CA VAL C 399 -36.00 -10.44 -0.16
C VAL C 399 -36.41 -10.89 -1.56
N LEU C 400 -35.67 -10.45 -2.58
CA LEU C 400 -35.93 -10.92 -3.93
C LEU C 400 -35.69 -12.41 -4.06
N ALA C 401 -34.74 -12.94 -3.28
CA ALA C 401 -34.35 -14.33 -3.43
C ALA C 401 -35.43 -15.28 -2.90
N ILE C 402 -36.12 -14.92 -1.82
CA ILE C 402 -36.99 -15.93 -1.19
C ILE C 402 -37.96 -16.50 -2.21
N GLY C 403 -38.49 -15.65 -3.08
CA GLY C 403 -39.37 -16.17 -4.11
C GLY C 403 -38.69 -16.88 -5.26
N LEU C 404 -37.38 -16.75 -5.37
CA LEU C 404 -36.67 -17.41 -6.46
C LEU C 404 -35.96 -18.69 -6.04
N LEU C 405 -35.40 -18.71 -4.82
CA LEU C 405 -34.67 -19.86 -4.30
C LEU C 405 -35.56 -21.05 -3.98
N VAL C 406 -36.89 -20.88 -3.95
CA VAL C 406 -37.76 -22.02 -3.69
C VAL C 406 -38.24 -22.65 -4.98
N ASP C 407 -37.98 -22.01 -6.12
CA ASP C 407 -38.60 -22.47 -7.36
C ASP C 407 -38.23 -23.92 -7.66
N ASP C 408 -36.95 -24.26 -7.51
CA ASP C 408 -36.49 -25.61 -7.83
C ASP C 408 -37.01 -26.65 -6.83
N ALA C 409 -37.02 -26.33 -5.54
CA ALA C 409 -37.64 -27.24 -4.57
C ALA C 409 -39.11 -27.44 -4.91
N ILE C 410 -39.78 -26.36 -5.31
CA ILE C 410 -41.18 -26.43 -5.72
C ILE C 410 -41.35 -27.37 -6.90
N VAL C 411 -40.47 -27.26 -7.92
CA VAL C 411 -40.58 -28.13 -9.09
C VAL C 411 -40.37 -29.59 -8.69
N VAL C 412 -39.37 -29.85 -7.83
CA VAL C 412 -39.11 -31.22 -7.38
C VAL C 412 -40.34 -31.79 -6.67
N VAL C 413 -40.89 -31.05 -5.70
CA VAL C 413 -41.99 -31.62 -4.93
C VAL C 413 -43.23 -31.78 -5.81
N GLU C 414 -43.49 -30.81 -6.69
CA GLU C 414 -44.66 -30.93 -7.56
C GLU C 414 -44.53 -32.12 -8.51
N ASN C 415 -43.33 -32.34 -9.07
CA ASN C 415 -43.18 -33.50 -9.95
C ASN C 415 -43.33 -34.81 -9.20
N VAL C 416 -42.86 -34.87 -7.95
CA VAL C 416 -43.01 -36.09 -7.17
C VAL C 416 -44.47 -36.32 -6.78
N GLU C 417 -45.16 -35.27 -6.33
CA GLU C 417 -46.58 -35.40 -6.04
C GLU C 417 -47.37 -35.81 -7.29
N ARG C 418 -47.05 -35.25 -8.46
CA ARG C 418 -47.71 -35.70 -9.69
C ARG C 418 -47.49 -37.18 -9.92
N VAL C 419 -46.22 -37.62 -9.88
CA VAL C 419 -45.92 -39.00 -10.20
C VAL C 419 -46.55 -39.96 -9.19
N MET C 420 -46.59 -39.57 -7.90
CA MET C 420 -47.22 -40.44 -6.91
C MET C 420 -48.74 -40.50 -7.09
N ALA C 421 -49.37 -39.44 -7.60
CA ALA C 421 -50.81 -39.46 -7.85
C ALA C 421 -51.17 -40.21 -9.13
N GLU C 422 -50.41 -39.96 -10.20
CA GLU C 422 -50.64 -40.58 -11.51
C GLU C 422 -50.22 -42.04 -11.53
N GLU C 423 -49.20 -42.40 -10.75
CA GLU C 423 -48.65 -43.75 -10.74
C GLU C 423 -48.55 -44.15 -9.28
N GLY C 424 -48.98 -45.36 -8.94
CA GLY C 424 -48.92 -45.75 -7.54
C GLY C 424 -47.55 -46.23 -7.11
N LEU C 425 -46.61 -45.34 -7.06
CA LEU C 425 -45.24 -45.74 -6.81
C LEU C 425 -44.86 -45.37 -5.39
N PRO C 426 -43.90 -46.10 -4.81
CA PRO C 426 -43.39 -45.74 -3.50
C PRO C 426 -42.67 -44.41 -3.57
N PRO C 427 -42.31 -43.82 -2.42
CA PRO C 427 -41.60 -42.54 -2.43
C PRO C 427 -40.32 -42.57 -3.24
N LYS C 428 -39.39 -43.49 -2.92
CA LYS C 428 -38.10 -43.49 -3.59
C LYS C 428 -38.21 -43.68 -5.11
N GLU C 429 -39.02 -44.64 -5.56
CA GLU C 429 -39.21 -44.82 -7.00
C GLU C 429 -39.72 -43.55 -7.65
N ALA C 430 -40.77 -42.98 -7.05
CA ALA C 430 -41.39 -41.77 -7.57
C ALA C 430 -40.36 -40.65 -7.72
N THR C 431 -39.64 -40.35 -6.64
CA THR C 431 -38.71 -39.23 -6.68
C THR C 431 -37.55 -39.55 -7.62
N ARG C 432 -37.06 -40.79 -7.62
CA ARG C 432 -35.91 -41.16 -8.43
C ARG C 432 -36.19 -40.95 -9.90
N LYS C 433 -37.38 -41.32 -10.34
CA LYS C 433 -37.65 -41.08 -11.75
C LYS C 433 -38.19 -39.68 -12.01
N ALA C 434 -38.67 -39.00 -10.97
CA ALA C 434 -39.07 -37.60 -11.17
C ALA C 434 -37.86 -36.72 -11.38
N MET C 435 -36.78 -36.97 -10.65
CA MET C 435 -35.60 -36.14 -10.78
C MET C 435 -35.05 -36.22 -12.20
N GLY C 436 -35.15 -37.41 -12.81
CA GLY C 436 -34.65 -37.63 -14.14
C GLY C 436 -35.29 -36.75 -15.19
N GLN C 437 -36.51 -36.28 -14.93
CA GLN C 437 -37.25 -35.45 -15.86
C GLN C 437 -37.03 -33.94 -15.66
N ILE C 438 -36.39 -33.53 -14.56
CA ILE C 438 -36.37 -32.13 -14.19
C ILE C 438 -34.99 -31.55 -13.94
N THR C 439 -33.92 -32.35 -13.72
CA THR C 439 -32.63 -31.74 -13.37
C THR C 439 -32.21 -30.70 -14.39
N GLY C 440 -32.42 -30.96 -15.69
CA GLY C 440 -32.11 -29.97 -16.69
C GLY C 440 -32.85 -28.66 -16.48
N ALA C 441 -34.16 -28.73 -16.23
CA ALA C 441 -34.93 -27.50 -15.98
C ALA C 441 -34.49 -26.82 -14.70
N LEU C 442 -34.20 -27.59 -13.66
CA LEU C 442 -33.75 -26.99 -12.41
C LEU C 442 -32.47 -26.19 -12.65
N VAL C 443 -31.49 -26.83 -13.29
CA VAL C 443 -30.23 -26.15 -13.60
C VAL C 443 -30.48 -24.94 -14.46
N GLY C 444 -31.38 -25.05 -15.43
CA GLY C 444 -31.66 -23.92 -16.30
C GLY C 444 -32.24 -22.73 -15.55
N VAL C 445 -33.20 -22.98 -14.67
CA VAL C 445 -33.79 -21.88 -13.90
C VAL C 445 -32.72 -21.18 -13.07
N ALA C 446 -31.93 -21.97 -12.33
CA ALA C 446 -30.87 -21.37 -11.51
C ALA C 446 -29.86 -20.61 -12.37
N LEU C 447 -29.46 -21.20 -13.49
CA LEU C 447 -28.49 -20.58 -14.39
C LEU C 447 -29.02 -19.25 -14.90
N VAL C 448 -30.29 -19.22 -15.30
CA VAL C 448 -30.86 -17.98 -15.84
C VAL C 448 -30.83 -16.87 -14.79
N LEU C 449 -31.36 -17.15 -13.60
CA LEU C 449 -31.48 -16.09 -12.61
C LEU C 449 -30.12 -15.60 -12.16
N SER C 450 -29.13 -16.49 -12.08
CA SER C 450 -27.82 -16.04 -11.63
C SER C 450 -27.00 -15.41 -12.76
N ALA C 451 -27.07 -15.93 -13.97
CA ALA C 451 -26.28 -15.38 -15.06
C ALA C 451 -26.73 -13.99 -15.43
N VAL C 452 -28.03 -13.68 -15.29
CA VAL C 452 -28.49 -12.36 -15.68
C VAL C 452 -27.77 -11.26 -14.88
N PHE C 453 -27.28 -11.58 -13.69
CA PHE C 453 -26.66 -10.60 -12.81
C PHE C 453 -25.14 -10.52 -12.98
N VAL C 454 -24.57 -11.21 -13.96
CA VAL C 454 -23.12 -11.29 -14.15
C VAL C 454 -22.57 -10.03 -14.82
N PRO C 455 -23.18 -9.47 -15.86
CA PRO C 455 -22.55 -8.29 -16.45
C PRO C 455 -22.63 -7.04 -15.56
N VAL C 456 -23.67 -6.89 -14.73
CA VAL C 456 -23.71 -5.74 -13.82
C VAL C 456 -22.72 -5.90 -12.69
N ALA C 457 -22.31 -7.14 -12.37
CA ALA C 457 -21.26 -7.33 -11.38
C ALA C 457 -19.98 -6.63 -11.80
N PHE C 458 -19.81 -6.35 -13.08
CA PHE C 458 -18.65 -5.64 -13.60
C PHE C 458 -18.94 -4.17 -13.93
N SER C 459 -20.08 -3.64 -13.53
CA SER C 459 -20.37 -2.24 -13.80
C SER C 459 -19.41 -1.34 -13.02
N GLY C 460 -19.13 -0.17 -13.60
CA GLY C 460 -18.35 0.83 -12.91
C GLY C 460 -19.27 1.79 -12.17
N GLY C 461 -18.66 2.77 -11.50
CA GLY C 461 -19.40 3.76 -10.74
C GLY C 461 -19.90 3.23 -9.41
N SER C 462 -20.45 4.15 -8.59
CA SER C 462 -21.09 3.72 -7.34
C SER C 462 -22.31 2.84 -7.61
N VAL C 463 -22.89 2.95 -8.81
CA VAL C 463 -23.85 1.95 -9.26
C VAL C 463 -23.00 0.76 -9.66
N GLY C 464 -23.01 -0.26 -8.87
CA GLY C 464 -22.09 -1.32 -9.18
C GLY C 464 -21.52 -1.72 -7.87
N ALA C 465 -21.29 -0.75 -7.01
CA ALA C 465 -21.29 -1.08 -5.60
C ALA C 465 -22.72 -1.39 -5.16
N ILE C 466 -23.69 -0.78 -5.85
CA ILE C 466 -25.07 -1.11 -5.61
C ILE C 466 -25.45 -2.39 -6.35
N TYR C 467 -25.17 -2.44 -7.67
CA TYR C 467 -25.49 -3.65 -8.43
C TYR C 467 -24.90 -4.87 -7.76
N ARG C 468 -23.68 -4.78 -7.21
CA ARG C 468 -23.02 -5.98 -6.71
C ARG C 468 -23.67 -6.54 -5.45
N GLN C 469 -24.34 -5.72 -4.63
CA GLN C 469 -25.07 -6.31 -3.50
C GLN C 469 -26.08 -7.34 -4.00
N PHE C 470 -26.96 -6.91 -4.91
CA PHE C 470 -27.94 -7.82 -5.47
C PHE C 470 -27.26 -8.95 -6.20
N SER C 471 -26.19 -8.62 -6.94
CA SER C 471 -25.48 -9.60 -7.76
C SER C 471 -24.95 -10.76 -6.91
N LEU C 472 -24.17 -10.44 -5.88
CA LEU C 472 -23.67 -11.49 -5.00
C LEU C 472 -24.83 -12.29 -4.41
N THR C 473 -25.78 -11.58 -3.78
CA THR C 473 -26.82 -12.26 -3.01
C THR C 473 -27.65 -13.20 -3.86
N ILE C 474 -28.14 -12.72 -5.01
CA ILE C 474 -29.06 -13.51 -5.83
C ILE C 474 -28.33 -14.66 -6.49
N VAL C 475 -27.12 -14.42 -7.02
CA VAL C 475 -26.41 -15.53 -7.65
C VAL C 475 -26.14 -16.61 -6.60
N SER C 476 -25.71 -16.22 -5.40
CA SER C 476 -25.47 -17.19 -4.35
C SER C 476 -26.75 -17.96 -4.02
N ALA C 477 -27.87 -17.24 -3.89
CA ALA C 477 -29.13 -17.89 -3.57
C ALA C 477 -29.52 -18.91 -4.64
N MET C 478 -29.39 -18.54 -5.92
CA MET C 478 -29.81 -19.42 -7.00
C MET C 478 -28.92 -20.66 -7.09
N VAL C 479 -27.60 -20.46 -6.99
CA VAL C 479 -26.69 -21.61 -7.08
C VAL C 479 -26.91 -22.56 -5.90
N LEU C 480 -27.00 -22.01 -4.67
CA LEU C 480 -27.30 -22.85 -3.52
C LEU C 480 -28.65 -23.53 -3.67
N SER C 481 -29.63 -22.83 -4.24
CA SER C 481 -30.97 -23.37 -4.33
C SER C 481 -31.01 -24.55 -5.26
N VAL C 482 -30.32 -24.48 -6.40
CA VAL C 482 -30.33 -25.65 -7.28
C VAL C 482 -29.60 -26.81 -6.61
N LEU C 483 -28.49 -26.53 -5.90
CA LEU C 483 -27.82 -27.63 -5.20
C LEU C 483 -28.74 -28.27 -4.17
N VAL C 484 -29.51 -27.45 -3.45
CA VAL C 484 -30.45 -27.96 -2.47
C VAL C 484 -31.54 -28.79 -3.15
N ALA C 485 -32.01 -28.35 -4.33
CA ALA C 485 -33.02 -29.07 -5.08
C ALA C 485 -32.51 -30.40 -5.61
N LEU C 486 -31.20 -30.55 -5.74
CA LEU C 486 -30.65 -31.84 -6.19
C LEU C 486 -30.07 -32.66 -5.04
N ILE C 487 -30.05 -32.14 -3.82
CA ILE C 487 -29.39 -32.86 -2.73
C ILE C 487 -30.37 -33.09 -1.60
N LEU C 488 -30.97 -32.03 -1.07
CA LEU C 488 -31.77 -32.19 0.12
C LEU C 488 -33.22 -32.45 -0.27
N THR C 489 -33.80 -31.64 -1.17
CA THR C 489 -35.25 -31.82 -1.36
C THR C 489 -35.63 -33.18 -1.96
N PRO C 490 -34.83 -33.81 -2.84
CA PRO C 490 -35.19 -35.19 -3.25
C PRO C 490 -35.18 -36.17 -2.10
N ALA C 491 -34.12 -36.17 -1.30
CA ALA C 491 -34.05 -37.08 -0.16
C ALA C 491 -35.19 -36.82 0.81
N LEU C 492 -35.52 -35.54 1.04
CA LEU C 492 -36.65 -35.23 1.92
C LEU C 492 -37.98 -35.74 1.36
N CYS C 493 -38.18 -35.65 0.04
CA CYS C 493 -39.40 -36.21 -0.53
C CYS C 493 -39.48 -37.71 -0.29
N ALA C 494 -38.35 -38.41 -0.47
CA ALA C 494 -38.31 -39.85 -0.30
C ALA C 494 -38.46 -40.28 1.16
N THR C 495 -38.11 -39.43 2.11
CA THR C 495 -38.13 -39.88 3.50
C THR C 495 -39.22 -39.23 4.36
N ILE C 496 -39.86 -38.17 3.89
CA ILE C 496 -40.84 -37.42 4.66
C ILE C 496 -42.24 -37.62 4.11
N LEU C 497 -42.38 -37.69 2.79
CA LEU C 497 -43.70 -37.54 2.20
C LEU C 497 -44.60 -38.67 2.66
N LYS C 498 -45.89 -38.40 2.71
CA LYS C 498 -46.89 -39.43 2.91
C LYS C 498 -48.26 -38.94 2.44
N PHE C 515 -62.31 -24.93 -3.01
CA PHE C 515 -60.97 -24.37 -3.11
C PHE C 515 -60.35 -24.81 -4.43
N ASN C 516 -60.12 -26.11 -4.55
CA ASN C 516 -59.40 -26.62 -5.71
C ASN C 516 -60.33 -26.75 -6.91
N ARG C 517 -61.65 -26.71 -6.71
CA ARG C 517 -62.57 -26.58 -7.83
C ARG C 517 -62.02 -25.50 -8.78
N THR C 518 -61.86 -24.28 -8.24
CA THR C 518 -61.38 -23.16 -9.04
C THR C 518 -59.99 -23.42 -9.63
N PHE C 519 -59.18 -24.23 -8.96
CA PHE C 519 -57.90 -24.69 -9.52
C PHE C 519 -58.14 -25.36 -10.87
N ASN C 520 -58.84 -26.50 -10.86
CA ASN C 520 -59.01 -27.30 -12.07
C ASN C 520 -59.73 -26.51 -13.17
N SER C 521 -60.82 -25.81 -12.80
CA SER C 521 -61.60 -25.08 -13.78
C SER C 521 -60.72 -24.13 -14.58
N SER C 522 -59.72 -23.55 -13.93
CA SER C 522 -58.85 -22.59 -14.59
C SER C 522 -57.91 -23.30 -15.57
N ARG C 523 -57.40 -24.47 -15.18
CA ARG C 523 -56.46 -25.21 -16.01
C ARG C 523 -57.03 -25.44 -17.41
N ASP C 524 -58.28 -25.95 -17.49
CA ASP C 524 -58.94 -26.19 -18.78
C ASP C 524 -58.95 -24.93 -19.64
N LYS C 525 -59.33 -23.80 -19.05
CA LYS C 525 -59.37 -22.53 -19.78
C LYS C 525 -57.99 -22.17 -20.34
N TYR C 526 -56.93 -22.43 -19.58
CA TYR C 526 -55.58 -22.18 -20.10
C TYR C 526 -55.38 -22.94 -21.41
N HIS C 527 -55.77 -24.22 -21.46
CA HIS C 527 -55.67 -24.99 -22.69
C HIS C 527 -56.33 -24.26 -23.85
N VAL C 528 -57.51 -23.66 -23.61
CA VAL C 528 -58.21 -22.92 -24.65
C VAL C 528 -57.36 -21.73 -25.09
N GLY C 529 -56.97 -20.89 -24.13
CA GLY C 529 -56.27 -19.66 -24.40
C GLY C 529 -55.07 -19.89 -25.28
N VAL C 530 -54.12 -20.68 -24.76
CA VAL C 530 -52.90 -20.99 -25.50
C VAL C 530 -53.23 -21.55 -26.88
N HIS C 531 -54.17 -22.50 -26.95
CA HIS C 531 -54.54 -23.08 -28.23
C HIS C 531 -54.92 -21.96 -29.19
N HIS C 532 -55.82 -21.07 -28.74
CA HIS C 532 -56.23 -19.90 -29.52
C HIS C 532 -55.02 -19.12 -30.02
N VAL C 533 -54.05 -18.86 -29.14
CA VAL C 533 -52.92 -18.00 -29.47
C VAL C 533 -52.12 -18.58 -30.64
N ILE C 534 -52.04 -19.90 -30.74
CA ILE C 534 -51.30 -20.50 -31.85
C ILE C 534 -52.06 -20.26 -33.16
N LYS C 535 -53.39 -20.37 -33.12
CA LYS C 535 -54.15 -20.17 -34.34
C LYS C 535 -54.02 -18.75 -34.85
N ARG C 536 -54.16 -17.76 -33.98
CA ARG C 536 -54.04 -16.37 -34.42
C ARG C 536 -52.61 -15.87 -34.22
N SER C 537 -51.68 -16.58 -34.85
CA SER C 537 -50.27 -16.23 -34.70
C SER C 537 -49.99 -14.84 -35.25
N GLY C 538 -50.62 -14.47 -36.36
CA GLY C 538 -50.38 -13.16 -36.92
C GLY C 538 -50.85 -12.06 -35.98
N ARG C 539 -52.08 -12.19 -35.48
CA ARG C 539 -52.64 -11.21 -34.55
C ARG C 539 -51.78 -11.10 -33.30
N TRP C 540 -51.34 -12.23 -32.75
CA TRP C 540 -50.59 -12.17 -31.51
C TRP C 540 -49.13 -11.77 -31.71
N LEU C 541 -48.55 -12.02 -32.88
CA LEU C 541 -47.24 -11.45 -33.15
C LEU C 541 -47.34 -9.95 -33.39
N ILE C 542 -48.43 -9.47 -33.99
CA ILE C 542 -48.63 -8.04 -34.09
C ILE C 542 -48.87 -7.41 -32.70
N ILE C 543 -49.62 -8.10 -31.84
CA ILE C 543 -49.79 -7.63 -30.46
C ILE C 543 -48.44 -7.63 -29.74
N TYR C 544 -47.59 -8.63 -30.02
CA TYR C 544 -46.26 -8.68 -29.42
C TYR C 544 -45.39 -7.52 -29.88
N LEU C 545 -45.46 -7.16 -31.17
CA LEU C 545 -44.72 -5.99 -31.62
C LEU C 545 -45.28 -4.71 -31.00
N ALA C 546 -46.61 -4.64 -30.84
CA ALA C 546 -47.21 -3.58 -30.04
C ALA C 546 -46.60 -3.59 -28.64
N VAL C 547 -46.32 -4.78 -28.11
CA VAL C 547 -45.73 -4.88 -26.77
C VAL C 547 -44.30 -4.31 -26.77
N ILE C 548 -43.49 -4.63 -27.78
CA ILE C 548 -42.11 -4.12 -27.73
C ILE C 548 -42.11 -2.61 -27.89
N VAL C 549 -42.95 -2.08 -28.79
CA VAL C 549 -43.00 -0.62 -28.91
C VAL C 549 -43.61 -0.02 -27.65
N ALA C 550 -44.53 -0.75 -27.01
CA ALA C 550 -45.07 -0.29 -25.73
C ALA C 550 -43.96 -0.15 -24.69
N VAL C 551 -43.09 -1.15 -24.60
CA VAL C 551 -41.94 -1.06 -23.70
C VAL C 551 -41.06 0.10 -24.09
N GLY C 552 -40.82 0.27 -25.40
CA GLY C 552 -40.01 1.38 -25.87
C GLY C 552 -40.52 2.72 -25.37
N LEU C 553 -41.77 3.06 -25.70
CA LEU C 553 -42.27 4.38 -25.32
C LEU C 553 -42.45 4.49 -23.82
N LEU C 554 -42.90 3.41 -23.15
CA LEU C 554 -43.04 3.47 -21.70
C LEU C 554 -41.70 3.65 -20.98
N PHE C 555 -40.60 3.10 -21.52
CA PHE C 555 -39.29 3.32 -20.92
C PHE C 555 -38.80 4.74 -21.16
N VAL C 556 -38.89 5.22 -22.40
CA VAL C 556 -38.37 6.56 -22.65
C VAL C 556 -39.18 7.61 -21.89
N ARG C 557 -40.48 7.39 -21.73
CA ARG C 557 -41.32 8.38 -21.06
C ARG C 557 -41.07 8.44 -19.55
N LEU C 558 -40.48 7.39 -18.97
CA LEU C 558 -40.38 7.30 -17.50
C LEU C 558 -39.34 8.25 -16.94
N PRO C 559 -39.68 9.14 -16.01
CA PRO C 559 -38.67 10.04 -15.44
C PRO C 559 -37.54 9.27 -14.77
N LYS C 560 -36.34 9.81 -14.88
CA LYS C 560 -35.15 9.15 -14.37
C LYS C 560 -34.67 9.77 -13.06
N SER C 561 -33.95 8.94 -12.29
CA SER C 561 -33.49 9.32 -10.96
C SER C 561 -32.34 8.38 -10.58
N PHE C 562 -31.64 8.73 -9.50
CA PHE C 562 -30.60 7.85 -8.97
C PHE C 562 -31.11 7.10 -7.75
N LEU C 563 -31.50 7.83 -6.71
CA LEU C 563 -32.00 7.22 -5.49
C LEU C 563 -33.15 8.05 -4.97
N PRO C 564 -34.09 7.43 -4.24
CA PRO C 564 -35.21 8.18 -3.67
C PRO C 564 -34.76 8.95 -2.43
N ASP C 565 -35.53 9.99 -2.11
CA ASP C 565 -35.26 10.82 -0.94
C ASP C 565 -35.98 10.23 0.26
N GLU C 566 -35.25 9.47 1.06
CA GLU C 566 -35.80 8.94 2.28
C GLU C 566 -35.79 9.99 3.38
N ASP C 567 -36.82 9.96 4.22
CA ASP C 567 -36.94 10.79 5.42
C ASP C 567 -36.07 10.20 6.51
N GLN C 568 -34.89 10.78 6.71
CA GLN C 568 -33.95 10.26 7.69
C GLN C 568 -34.19 10.79 9.10
N GLY C 569 -35.25 11.59 9.31
CA GLY C 569 -35.46 12.26 10.57
C GLY C 569 -34.58 13.47 10.78
N LEU C 570 -33.95 13.97 9.72
CA LEU C 570 -33.01 15.06 9.81
C LEU C 570 -33.31 16.04 8.69
N MET C 571 -32.96 17.30 8.90
CA MET C 571 -33.13 18.27 7.81
C MET C 571 -32.11 19.37 8.00
N PHE C 572 -31.72 19.98 6.89
CA PHE C 572 -30.78 21.08 6.85
C PHE C 572 -31.52 22.34 6.40
N VAL C 573 -31.09 23.48 6.92
CA VAL C 573 -31.53 24.78 6.42
C VAL C 573 -30.29 25.64 6.26
N ILE C 574 -29.95 25.96 5.01
CA ILE C 574 -28.75 26.75 4.74
C ILE C 574 -29.16 28.22 4.62
N VAL C 575 -28.42 29.08 5.33
CA VAL C 575 -28.71 30.51 5.41
C VAL C 575 -27.51 31.29 4.89
N GLN C 576 -27.77 32.25 4.02
CA GLN C 576 -26.71 33.05 3.42
C GLN C 576 -27.17 34.51 3.39
N THR C 577 -26.52 35.38 4.17
CA THR C 577 -26.88 36.79 4.28
C THR C 577 -26.06 37.62 3.30
N PRO C 578 -26.45 38.88 3.05
CA PRO C 578 -25.71 39.70 2.08
C PRO C 578 -24.23 39.76 2.40
N SER C 579 -23.42 39.77 1.35
CA SER C 579 -21.97 39.82 1.53
C SER C 579 -21.59 41.08 2.30
N GLY C 580 -20.64 40.89 3.23
CA GLY C 580 -20.24 41.92 4.16
C GLY C 580 -21.00 41.90 5.47
N SER C 581 -22.11 41.16 5.57
CA SER C 581 -22.85 41.06 6.82
C SER C 581 -22.03 40.38 7.90
N THR C 582 -22.46 40.60 9.14
CA THR C 582 -21.73 40.21 10.33
C THR C 582 -22.33 39.01 11.03
N GLN C 583 -21.50 38.42 11.90
CA GLN C 583 -21.92 37.29 12.71
C GLN C 583 -23.22 37.58 13.47
N GLU C 584 -23.38 38.81 13.97
CA GLU C 584 -24.61 39.17 14.69
C GLU C 584 -25.83 39.06 13.77
N THR C 585 -25.70 39.52 12.52
CA THR C 585 -26.83 39.48 11.59
C THR C 585 -27.25 38.04 11.27
N THR C 586 -26.26 37.17 11.02
CA THR C 586 -26.63 35.80 10.67
C THR C 586 -27.15 35.06 11.90
N ALA C 587 -26.59 35.36 13.08
CA ALA C 587 -27.11 34.75 14.30
C ALA C 587 -28.60 35.06 14.41
N ARG C 588 -29.00 36.26 13.97
CA ARG C 588 -30.38 36.64 14.14
C ARG C 588 -31.27 35.89 13.14
N THR C 589 -30.80 35.67 11.91
CA THR C 589 -31.61 34.85 10.99
C THR C 589 -31.66 33.38 11.41
N LEU C 590 -30.55 32.83 11.89
CA LEU C 590 -30.56 31.46 12.40
C LEU C 590 -31.54 31.34 13.57
N ALA C 591 -31.57 32.35 14.45
CA ALA C 591 -32.54 32.36 15.54
C ALA C 591 -33.97 32.44 15.01
N ASN C 592 -34.19 33.21 13.96
CA ASN C 592 -35.51 33.23 13.34
C ASN C 592 -35.92 31.82 12.98
N ILE C 593 -35.03 31.09 12.28
CA ILE C 593 -35.37 29.73 11.86
C ILE C 593 -35.57 28.81 13.07
N SER C 594 -34.68 28.90 14.06
CA SER C 594 -34.80 28.06 15.25
C SER C 594 -36.11 28.33 16.00
N ASP C 595 -36.49 29.61 16.13
CA ASP C 595 -37.74 29.95 16.81
C ASP C 595 -38.93 29.37 16.07
N TYR C 596 -38.97 29.53 14.73
CA TYR C 596 -40.08 28.96 13.97
C TYR C 596 -40.16 27.46 14.16
N LEU C 597 -39.02 26.77 14.02
CA LEU C 597 -39.04 25.31 14.10
C LEU C 597 -39.46 24.85 15.49
N LEU C 598 -39.03 25.57 16.53
CA LEU C 598 -39.26 25.16 17.91
C LEU C 598 -40.57 25.70 18.49
N THR C 599 -41.28 26.58 17.77
CA THR C 599 -42.60 27.05 18.21
C THR C 599 -43.71 26.66 17.25
N GLN C 600 -43.63 27.05 15.96
CA GLN C 600 -44.67 26.73 14.99
C GLN C 600 -44.63 25.28 14.52
N GLU C 601 -43.43 24.70 14.43
CA GLU C 601 -43.28 23.30 14.07
C GLU C 601 -42.99 22.46 15.30
N LYS C 602 -43.43 22.94 16.47
CA LYS C 602 -43.06 22.30 17.73
C LYS C 602 -43.40 20.82 17.76
N ASP C 603 -44.47 20.41 17.07
CA ASP C 603 -44.94 19.03 17.14
C ASP C 603 -44.09 18.04 16.34
N ILE C 604 -43.12 18.51 15.53
CA ILE C 604 -42.35 17.63 14.64
C ILE C 604 -40.84 17.81 14.80
N VAL C 605 -40.40 18.87 15.48
CA VAL C 605 -38.99 19.22 15.66
C VAL C 605 -38.55 18.84 17.07
N GLU C 606 -37.50 17.99 17.17
CA GLU C 606 -36.91 17.61 18.44
C GLU C 606 -35.86 18.60 18.93
N SER C 607 -34.96 19.00 18.05
CA SER C 607 -33.93 19.97 18.41
C SER C 607 -33.50 20.69 17.14
N ALA C 608 -33.14 21.96 17.32
CA ALA C 608 -32.62 22.77 16.24
C ALA C 608 -31.25 23.26 16.65
N PHE C 609 -30.23 22.84 15.91
CA PHE C 609 -28.84 23.21 16.16
C PHE C 609 -28.34 24.06 15.02
N THR C 610 -27.67 25.16 15.36
CA THR C 610 -27.19 26.09 14.35
C THR C 610 -25.69 26.33 14.52
N VAL C 611 -24.96 26.35 13.41
CA VAL C 611 -23.60 26.88 13.36
C VAL C 611 -23.66 28.20 12.62
N ASN C 612 -23.17 29.24 13.26
CA ASN C 612 -23.08 30.56 12.65
C ASN C 612 -21.62 30.84 12.32
N GLY C 613 -21.34 31.09 11.05
CA GLY C 613 -19.97 31.19 10.57
C GLY C 613 -19.52 30.04 9.70
N PHE C 614 -20.41 29.09 9.46
CA PHE C 614 -20.13 27.89 8.68
C PHE C 614 -21.39 27.47 7.96
N SER C 615 -21.21 27.01 6.73
CA SER C 615 -22.27 26.32 6.02
C SER C 615 -21.57 25.43 5.01
N PHE C 616 -22.36 24.61 4.30
CA PHE C 616 -21.80 23.76 3.26
C PHE C 616 -21.24 24.59 2.13
N ALA C 617 -21.71 25.83 1.98
CA ALA C 617 -21.22 26.71 0.94
C ALA C 617 -19.87 27.34 1.31
N GLY C 618 -19.42 27.14 2.55
CA GLY C 618 -18.16 27.68 2.97
C GLY C 618 -18.18 28.32 4.34
N ARG C 619 -17.05 28.89 4.71
CA ARG C 619 -16.88 29.61 5.95
C ARG C 619 -17.05 31.08 5.63
N GLY C 620 -17.52 31.83 6.61
CA GLY C 620 -17.72 33.25 6.45
C GLY C 620 -18.82 33.67 7.39
N GLN C 621 -18.72 34.90 7.88
CA GLN C 621 -19.76 35.31 8.81
C GLN C 621 -21.03 35.74 8.08
N ASN C 622 -21.06 35.73 6.75
CA ASN C 622 -22.31 35.95 6.05
C ASN C 622 -23.01 34.65 5.70
N SER C 623 -22.60 33.54 6.33
CA SER C 623 -23.15 32.24 6.00
C SER C 623 -23.36 31.46 7.29
N GLY C 624 -24.35 30.58 7.27
CA GLY C 624 -24.70 29.75 8.40
C GLY C 624 -25.52 28.56 7.96
N LEU C 625 -25.68 27.61 8.87
CA LEU C 625 -26.37 26.36 8.56
C LEU C 625 -27.14 25.88 9.80
N VAL C 626 -28.25 25.18 9.57
CA VAL C 626 -29.12 24.71 10.62
C VAL C 626 -29.28 23.20 10.45
N PHE C 627 -29.05 22.45 11.53
CA PHE C 627 -29.26 21.02 11.59
C PHE C 627 -30.49 20.81 12.46
N VAL C 628 -31.51 20.16 11.93
CA VAL C 628 -32.70 19.89 12.73
C VAL C 628 -32.84 18.38 12.82
N LYS C 629 -32.96 17.90 14.05
CA LYS C 629 -33.40 16.56 14.35
C LYS C 629 -34.90 16.61 14.54
N LEU C 630 -35.61 15.75 13.84
CA LEU C 630 -37.05 15.82 13.93
C LEU C 630 -37.52 14.80 14.95
N LYS C 631 -38.73 15.02 15.45
CA LYS C 631 -39.34 14.14 16.43
C LYS C 631 -39.33 12.73 15.88
N ASP C 632 -39.38 11.74 16.78
CA ASP C 632 -39.07 10.37 16.42
C ASP C 632 -40.07 9.87 15.38
N TYR C 633 -39.87 8.63 14.92
CA TYR C 633 -40.46 8.14 13.66
C TYR C 633 -41.99 8.19 13.57
N SER C 634 -42.71 8.22 14.68
CA SER C 634 -44.11 7.86 14.71
C SER C 634 -45.13 9.00 14.66
N GLN C 635 -44.75 10.27 14.56
CA GLN C 635 -45.64 11.36 14.95
C GLN C 635 -45.79 12.49 13.92
N ARG C 636 -45.78 12.24 12.60
CA ARG C 636 -45.74 13.44 11.76
C ARG C 636 -46.62 13.49 10.50
N GLN C 637 -47.23 12.41 10.04
CA GLN C 637 -47.90 12.42 8.74
C GLN C 637 -49.21 13.21 8.77
N SER C 638 -49.49 13.93 7.68
CA SER C 638 -50.78 14.59 7.42
C SER C 638 -50.71 15.28 6.06
N SER C 639 -51.87 15.81 5.62
CA SER C 639 -51.89 16.60 4.39
C SER C 639 -50.97 17.82 4.49
N ASP C 640 -50.73 18.31 5.71
CA ASP C 640 -49.93 19.50 5.93
C ASP C 640 -48.58 19.22 6.60
N GLN C 641 -48.42 18.07 7.26
CA GLN C 641 -47.39 17.89 8.30
C GLN C 641 -46.23 16.96 7.92
N LYS C 642 -46.00 16.63 6.65
CA LYS C 642 -44.89 15.76 6.27
C LYS C 642 -43.55 16.48 6.02
N VAL C 643 -42.46 15.70 6.00
CA VAL C 643 -41.11 16.25 5.78
C VAL C 643 -41.03 17.03 4.47
N GLN C 644 -41.55 16.47 3.37
CA GLN C 644 -41.58 17.27 2.16
C GLN C 644 -42.49 18.47 2.36
N ALA C 645 -43.55 18.30 3.17
CA ALA C 645 -44.42 19.41 3.52
C ALA C 645 -43.70 20.39 4.45
N LEU C 646 -42.86 19.90 5.37
CA LEU C 646 -42.09 20.83 6.20
C LEU C 646 -41.14 21.64 5.32
N ILE C 647 -40.48 20.98 4.37
CA ILE C 647 -39.59 21.69 3.45
C ILE C 647 -40.39 22.67 2.61
N GLY C 648 -41.57 22.26 2.14
CA GLY C 648 -42.44 23.14 1.38
C GLY C 648 -42.91 24.32 2.20
N ARG C 649 -43.27 24.08 3.45
CA ARG C 649 -43.71 25.16 4.32
C ARG C 649 -42.58 26.12 4.62
N MET C 650 -41.35 25.62 4.74
CA MET C 650 -40.28 26.57 4.98
C MET C 650 -39.87 27.32 3.72
N PHE C 651 -39.99 26.71 2.55
CA PHE C 651 -39.87 27.46 1.30
C PHE C 651 -40.94 28.53 1.22
N GLY C 652 -42.17 28.18 1.60
CA GLY C 652 -43.26 29.14 1.53
C GLY C 652 -43.07 30.25 2.52
N ARG C 653 -42.63 29.91 3.74
CA ARG C 653 -42.44 30.90 4.80
C ARG C 653 -41.34 31.89 4.43
N TYR C 654 -40.25 31.39 3.83
CA TYR C 654 -39.09 32.21 3.50
C TYR C 654 -39.08 32.69 2.06
N ALA C 655 -40.16 32.44 1.31
CA ALA C 655 -40.30 33.02 -0.02
C ALA C 655 -40.43 34.53 0.09
N GLY C 656 -39.38 35.25 -0.30
CA GLY C 656 -39.36 36.69 -0.21
C GLY C 656 -38.68 37.24 1.03
N TYR C 657 -38.11 36.37 1.88
CA TYR C 657 -37.43 36.80 3.08
C TYR C 657 -36.13 37.46 2.64
N LYS C 658 -36.17 38.78 2.45
CA LYS C 658 -35.08 39.53 1.83
C LYS C 658 -33.86 39.62 2.74
N ASP C 659 -33.98 39.28 4.02
CA ASP C 659 -32.85 39.39 4.92
C ASP C 659 -31.77 38.35 4.62
N ALA C 660 -32.16 37.19 4.12
CA ALA C 660 -31.19 36.13 3.86
C ALA C 660 -31.81 35.09 2.93
N LEU C 661 -30.95 34.36 2.25
CA LEU C 661 -31.40 33.21 1.46
C LEU C 661 -31.50 32.01 2.40
N VAL C 662 -32.69 31.44 2.49
CA VAL C 662 -32.97 30.32 3.39
C VAL C 662 -33.53 29.15 2.59
N ILE C 663 -32.79 28.05 2.58
CA ILE C 663 -33.20 26.88 1.82
C ILE C 663 -33.28 25.65 2.72
N PRO C 664 -34.45 25.03 2.87
CA PRO C 664 -34.50 23.71 3.51
C PRO C 664 -34.20 22.59 2.52
N PHE C 665 -33.56 21.55 3.02
CA PHE C 665 -33.33 20.38 2.19
C PHE C 665 -33.09 19.14 3.05
N ASN C 666 -33.22 17.99 2.41
CA ASN C 666 -33.12 16.67 3.00
C ASN C 666 -31.67 16.19 2.94
N PRO C 667 -31.25 15.32 3.86
CA PRO C 667 -29.90 14.80 3.79
C PRO C 667 -29.69 14.02 2.51
N PRO C 668 -28.47 14.00 2.00
CA PRO C 668 -28.17 13.14 0.86
C PRO C 668 -28.44 11.69 1.19
N SER C 669 -29.00 10.97 0.22
CA SER C 669 -29.23 9.55 0.48
C SER C 669 -27.91 8.81 0.68
N ILE C 670 -26.83 9.35 0.11
CA ILE C 670 -25.47 8.85 0.32
C ILE C 670 -24.62 9.96 0.95
N PRO C 671 -24.60 10.11 2.27
CA PRO C 671 -23.76 11.15 2.86
C PRO C 671 -22.30 10.91 2.54
N GLU C 672 -21.94 9.67 2.21
CA GLU C 672 -20.57 9.40 1.79
C GLU C 672 -20.23 10.11 0.48
N LEU C 673 -21.24 10.62 -0.25
CA LEU C 673 -21.03 11.20 -1.59
C LEU C 673 -21.50 12.64 -1.72
N GLY C 674 -22.64 12.99 -1.13
CA GLY C 674 -23.20 14.32 -1.27
C GLY C 674 -23.30 15.02 0.08
N THR C 675 -23.82 16.25 0.02
CA THR C 675 -24.13 17.02 1.22
C THR C 675 -25.60 17.37 1.35
N ALA C 676 -26.36 17.37 0.24
CA ALA C 676 -27.78 17.67 0.20
C ALA C 676 -28.51 16.73 -0.74
N ALA C 677 -29.85 16.84 -0.75
CA ALA C 677 -30.73 15.89 -1.44
C ALA C 677 -30.82 16.08 -2.95
N GLY C 678 -30.48 17.25 -3.49
CA GLY C 678 -30.83 17.54 -4.88
C GLY C 678 -29.79 17.20 -5.94
N PHE C 679 -29.63 18.07 -6.92
CA PHE C 679 -28.71 17.93 -8.04
C PHE C 679 -27.55 18.86 -7.80
N ASP C 680 -26.42 18.53 -8.42
CA ASP C 680 -25.13 19.17 -8.14
C ASP C 680 -24.49 19.56 -9.47
N PHE C 681 -24.44 20.84 -9.76
CA PHE C 681 -24.13 21.37 -11.07
C PHE C 681 -22.91 22.27 -10.98
N GLU C 682 -22.02 22.25 -11.98
CA GLU C 682 -20.82 23.09 -11.99
C GLU C 682 -20.89 23.99 -13.21
N LEU C 683 -20.99 25.30 -13.01
CA LEU C 683 -20.96 26.22 -14.13
C LEU C 683 -19.52 26.64 -14.35
N THR C 684 -19.04 26.52 -15.58
CA THR C 684 -17.61 26.68 -15.85
C THR C 684 -17.37 27.73 -16.91
N ASP C 685 -16.29 28.48 -16.71
CA ASP C 685 -15.78 29.46 -17.66
C ASP C 685 -14.82 28.77 -18.63
N ASN C 686 -15.41 28.04 -19.60
CA ASN C 686 -14.61 27.26 -20.53
C ASN C 686 -13.80 28.15 -21.47
N ALA C 687 -14.36 29.30 -21.85
CA ALA C 687 -13.75 30.15 -22.85
C ALA C 687 -12.89 31.23 -22.27
N GLY C 688 -12.69 31.24 -20.96
CA GLY C 688 -11.90 32.27 -20.31
C GLY C 688 -12.46 33.68 -20.33
N LEU C 689 -13.77 33.85 -20.13
CA LEU C 689 -14.39 35.17 -20.17
C LEU C 689 -14.10 35.99 -18.92
N GLY C 690 -13.80 35.35 -17.80
CA GLY C 690 -13.49 36.09 -16.59
C GLY C 690 -14.51 35.87 -15.50
N HIS C 691 -14.08 36.20 -14.27
CA HIS C 691 -14.93 36.01 -13.09
C HIS C 691 -16.19 36.87 -13.19
N ASP C 692 -16.06 38.10 -13.65
CA ASP C 692 -17.24 38.95 -13.73
C ASP C 692 -18.26 38.35 -14.69
N ALA C 693 -17.80 37.88 -15.87
CA ALA C 693 -18.69 37.25 -16.85
C ALA C 693 -19.28 35.95 -16.30
N LEU C 694 -18.47 35.17 -15.60
CA LEU C 694 -18.92 33.92 -15.00
C LEU C 694 -20.04 34.21 -13.99
N MET C 695 -19.87 35.25 -13.19
CA MET C 695 -20.90 35.61 -12.22
C MET C 695 -22.12 36.21 -12.88
N ALA C 696 -21.95 36.91 -14.00
CA ALA C 696 -23.13 37.38 -14.72
C ALA C 696 -23.97 36.21 -15.21
N ALA C 697 -23.30 35.19 -15.77
CA ALA C 697 -24.01 33.99 -16.19
C ALA C 697 -24.64 33.27 -15.00
N ARG C 698 -23.94 33.23 -13.86
CA ARG C 698 -24.50 32.60 -12.66
C ARG C 698 -25.77 33.31 -12.21
N ASN C 699 -25.73 34.64 -12.19
CA ASN C 699 -26.88 35.42 -11.81
C ASN C 699 -28.03 35.17 -12.78
N GLN C 700 -27.71 35.13 -14.08
CA GLN C 700 -28.73 34.87 -15.09
C GLN C 700 -29.38 33.50 -14.90
N LEU C 701 -28.56 32.47 -14.65
CA LEU C 701 -29.09 31.12 -14.45
C LEU C 701 -29.95 31.02 -13.21
N LEU C 702 -29.54 31.69 -12.12
CA LEU C 702 -30.34 31.68 -10.89
C LEU C 702 -31.68 32.38 -11.11
N GLY C 703 -31.65 33.53 -11.80
CA GLY C 703 -32.90 34.19 -12.13
C GLY C 703 -33.80 33.33 -13.00
N MET C 704 -33.20 32.59 -13.94
CA MET C 704 -33.98 31.69 -14.78
C MET C 704 -34.56 30.55 -13.97
N ALA C 705 -33.77 29.96 -13.07
CA ALA C 705 -34.28 28.86 -12.26
C ALA C 705 -35.40 29.32 -11.35
N ALA C 706 -35.37 30.59 -10.92
CA ALA C 706 -36.42 31.07 -10.03
C ALA C 706 -37.79 31.00 -10.68
N LYS C 707 -37.84 31.06 -12.02
CA LYS C 707 -39.09 30.98 -12.74
C LYS C 707 -39.36 29.61 -13.35
N ASP C 708 -38.41 28.68 -13.26
CA ASP C 708 -38.63 27.39 -13.91
C ASP C 708 -39.48 26.55 -12.96
N PRO C 709 -40.71 26.21 -13.31
CA PRO C 709 -41.56 25.45 -12.36
C PRO C 709 -41.06 24.05 -12.10
N THR C 710 -40.12 23.55 -12.91
CA THR C 710 -39.56 22.21 -12.76
C THR C 710 -38.79 22.04 -11.44
N LEU C 711 -38.22 23.11 -10.91
CA LEU C 711 -37.23 22.98 -9.85
C LEU C 711 -37.45 24.00 -8.76
N ARG C 712 -36.81 23.75 -7.61
CA ARG C 712 -36.95 24.61 -6.45
C ARG C 712 -35.64 24.61 -5.67
N GLY C 713 -35.42 25.71 -4.93
CA GLY C 713 -34.26 25.83 -4.05
C GLY C 713 -32.91 25.86 -4.73
N VAL C 714 -32.82 26.51 -5.89
CA VAL C 714 -31.54 26.65 -6.58
C VAL C 714 -30.75 27.79 -5.96
N ARG C 715 -29.54 27.48 -5.53
CA ARG C 715 -28.72 28.39 -4.77
C ARG C 715 -27.29 28.19 -5.21
N PRO C 716 -26.47 29.23 -5.15
CA PRO C 716 -25.03 29.04 -5.38
C PRO C 716 -24.36 28.48 -4.14
N ASN C 717 -23.52 27.49 -4.35
CA ASN C 717 -22.68 26.90 -3.33
C ASN C 717 -21.38 27.68 -3.15
N GLY C 718 -21.33 28.91 -3.65
CA GLY C 718 -20.16 29.75 -3.46
C GLY C 718 -20.51 30.98 -2.66
N LEU C 719 -19.91 32.13 -3.00
CA LEU C 719 -20.11 33.38 -2.28
C LEU C 719 -20.12 34.52 -3.27
N ASN C 720 -21.03 35.48 -3.08
CA ASN C 720 -21.08 36.64 -3.96
C ASN C 720 -19.83 37.48 -3.75
N ASP C 721 -19.56 38.39 -4.69
CA ASP C 721 -18.51 39.37 -4.43
C ASP C 721 -18.85 40.19 -3.20
N THR C 722 -17.84 40.41 -2.39
CA THR C 722 -17.93 41.15 -1.16
C THR C 722 -17.22 42.50 -1.31
N PRO C 723 -17.68 43.54 -0.62
CA PRO C 723 -16.88 44.74 -0.54
C PRO C 723 -15.58 44.45 0.18
N GLN C 724 -14.53 45.11 -0.28
CA GLN C 724 -13.19 44.94 0.26
C GLN C 724 -12.57 46.30 0.53
N TYR C 725 -11.66 46.33 1.49
CA TYR C 725 -11.04 47.57 1.91
C TYR C 725 -9.53 47.45 1.80
N LYS C 726 -8.91 48.35 1.03
CA LYS C 726 -7.47 48.43 0.86
C LYS C 726 -6.89 49.61 1.64
N VAL C 727 -5.74 49.36 2.28
CA VAL C 727 -4.98 50.35 3.04
C VAL C 727 -3.71 50.69 2.27
N ASP C 728 -3.61 51.94 1.81
CA ASP C 728 -2.48 52.39 1.02
C ASP C 728 -1.50 53.12 1.94
N ILE C 729 -0.28 52.61 2.06
CA ILE C 729 0.72 53.27 2.88
C ILE C 729 1.62 54.10 1.98
N ASP C 730 1.78 55.36 2.35
CA ASP C 730 2.67 56.29 1.67
C ASP C 730 4.03 56.11 2.34
N ARG C 731 4.83 55.17 1.81
CA ARG C 731 6.08 54.80 2.47
C ARG C 731 7.11 55.93 2.48
N GLU C 732 7.02 56.86 1.51
CA GLU C 732 7.95 57.98 1.49
C GLU C 732 7.71 58.92 2.66
N LYS C 733 6.45 59.21 2.97
CA LYS C 733 6.16 60.01 4.15
C LYS C 733 6.70 59.33 5.39
N ALA C 734 6.46 58.03 5.50
CA ALA C 734 6.89 57.28 6.67
C ALA C 734 8.41 57.31 6.81
N ASN C 735 9.14 57.10 5.71
CA ASN C 735 10.59 57.18 5.76
C ASN C 735 11.04 58.58 6.15
N ALA C 736 10.38 59.60 5.59
CA ALA C 736 10.70 60.98 5.95
C ALA C 736 10.40 61.25 7.43
N LEU C 737 9.40 60.57 8.00
CA LEU C 737 9.01 60.75 9.39
C LEU C 737 9.68 59.76 10.34
N GLY C 738 10.59 58.92 9.85
CA GLY C 738 11.47 58.17 10.71
C GLY C 738 11.02 56.77 11.04
N VAL C 739 10.01 56.25 10.33
CA VAL C 739 9.54 54.88 10.55
C VAL C 739 9.86 54.05 9.33
N THR C 740 10.35 52.85 9.57
CA THR C 740 10.61 51.90 8.52
C THR C 740 9.31 51.23 8.11
N ALA C 741 9.25 50.76 6.85
CA ALA C 741 8.05 50.08 6.37
C ALA C 741 7.74 48.86 7.22
N ASP C 742 8.78 48.19 7.74
CA ASP C 742 8.55 46.99 8.55
C ASP C 742 7.72 47.30 9.78
N ALA C 743 8.03 48.40 10.47
CA ALA C 743 7.35 48.73 11.71
C ALA C 743 5.86 48.91 11.47
N ILE C 744 5.49 49.68 10.46
CA ILE C 744 4.07 49.92 10.21
C ILE C 744 3.40 48.62 9.79
N ASP C 745 4.05 47.86 8.90
CA ASP C 745 3.49 46.57 8.48
C ASP C 745 3.15 45.71 9.70
N GLN C 746 4.13 45.54 10.60
CA GLN C 746 3.95 44.60 11.70
C GLN C 746 2.95 45.13 12.71
N THR C 747 2.99 46.42 13.01
CA THR C 747 2.01 46.92 13.97
C THR C 747 0.60 46.72 13.41
N PHE C 748 0.37 47.06 12.15
CA PHE C 748 -1.01 46.95 11.69
C PHE C 748 -1.44 45.48 11.61
N SER C 749 -0.53 44.55 11.27
CA SER C 749 -0.96 43.16 11.30
C SER C 749 -1.23 42.67 12.73
N ILE C 750 -0.32 42.92 13.68
CA ILE C 750 -0.55 42.45 15.04
C ILE C 750 -1.84 43.03 15.57
N ALA C 751 -2.08 44.30 15.31
CA ALA C 751 -3.29 44.95 15.81
C ALA C 751 -4.57 44.34 15.21
N TRP C 752 -4.64 44.21 13.89
CA TRP C 752 -5.90 43.82 13.24
C TRP C 752 -6.03 42.30 13.03
N ALA C 753 -5.05 41.68 12.38
CA ALA C 753 -5.11 40.27 12.06
C ALA C 753 -4.84 39.39 13.26
N SER C 754 -4.24 39.94 14.33
CA SER C 754 -3.81 39.20 15.50
C SER C 754 -2.54 38.43 15.18
N LYS C 755 -1.87 37.94 16.22
CA LYS C 755 -0.68 37.14 16.03
C LYS C 755 -0.71 36.01 17.03
N TYR C 756 -0.35 34.83 16.56
CA TYR C 756 -0.08 33.70 17.43
C TYR C 756 1.39 33.80 17.84
N VAL C 757 1.66 34.07 19.12
CA VAL C 757 3.03 34.38 19.49
C VAL C 757 3.73 33.11 19.91
N ASN C 758 3.25 32.44 20.94
CA ASN C 758 3.84 31.18 21.38
C ASN C 758 2.83 30.47 22.28
N ASN C 759 3.23 29.30 22.82
CA ASN C 759 2.31 28.54 23.65
C ASN C 759 2.46 28.91 25.11
N PHE C 760 1.36 28.74 25.84
CA PHE C 760 1.36 28.79 27.28
C PHE C 760 0.80 27.48 27.82
N LEU C 761 1.04 27.23 29.10
CA LEU C 761 0.58 26.02 29.74
C LEU C 761 -0.60 26.38 30.64
N ASP C 762 -1.80 25.92 30.26
CA ASP C 762 -3.00 26.28 30.99
C ASP C 762 -3.03 25.65 32.39
N THR C 763 -3.97 26.09 33.22
CA THR C 763 -4.08 25.57 34.57
C THR C 763 -4.51 24.10 34.59
N ASP C 764 -5.00 23.56 33.47
CA ASP C 764 -5.35 22.15 33.39
C ASP C 764 -4.21 21.27 32.91
N GLY C 765 -3.02 21.84 32.64
CA GLY C 765 -1.90 21.05 32.19
C GLY C 765 -1.87 20.81 30.69
N ARG C 766 -2.71 21.51 29.93
CA ARG C 766 -2.75 21.35 28.49
C ARG C 766 -2.05 22.52 27.81
N ILE C 767 -1.22 22.23 26.79
CA ILE C 767 -0.57 23.31 26.04
C ILE C 767 -1.59 23.97 25.15
N LYS C 768 -1.61 25.30 25.14
CA LYS C 768 -2.55 26.04 24.31
C LYS C 768 -1.82 27.26 23.77
N LYS C 769 -2.47 28.05 22.92
CA LYS C 769 -1.80 29.12 22.19
C LYS C 769 -1.92 30.49 22.90
N VAL C 770 -1.03 31.42 22.52
CA VAL C 770 -1.05 32.80 22.99
C VAL C 770 -1.27 33.71 21.79
N TYR C 771 -2.33 34.51 21.83
CA TYR C 771 -2.71 35.43 20.77
C TYR C 771 -2.70 36.90 21.24
N VAL C 772 -2.20 37.80 20.39
CA VAL C 772 -2.19 39.24 20.62
C VAL C 772 -2.97 39.95 19.52
N GLN C 773 -3.97 40.73 19.90
CA GLN C 773 -4.74 41.48 18.91
C GLN C 773 -5.28 42.73 19.58
N SER C 774 -5.68 43.70 18.76
CA SER C 774 -6.32 44.89 19.31
C SER C 774 -7.67 44.54 19.91
N ASP C 775 -8.00 45.18 21.03
CA ASP C 775 -9.34 45.06 21.58
C ASP C 775 -10.34 45.56 20.55
N ALA C 776 -11.52 44.95 20.57
CA ALA C 776 -12.51 45.17 19.52
C ALA C 776 -12.84 46.63 19.21
N PRO C 777 -13.00 47.54 20.18
CA PRO C 777 -13.44 48.90 19.83
C PRO C 777 -12.51 49.64 18.89
N PHE C 778 -11.25 49.20 18.80
CA PHE C 778 -10.22 49.93 18.08
C PHE C 778 -9.94 49.36 16.69
N ARG C 779 -10.65 48.34 16.25
CA ARG C 779 -10.34 47.69 14.98
C ARG C 779 -11.60 47.35 14.18
N MET C 780 -12.59 48.22 14.19
CA MET C 780 -13.92 47.86 13.71
C MET C 780 -14.30 48.54 12.41
N THR C 781 -13.95 49.80 12.23
CA THR C 781 -14.31 50.58 11.06
C THR C 781 -13.06 51.23 10.49
N PRO C 782 -13.06 51.62 9.20
CA PRO C 782 -11.88 52.31 8.65
C PRO C 782 -11.51 53.50 9.51
N GLU C 783 -12.52 54.19 10.03
CA GLU C 783 -12.31 55.39 10.82
C GLU C 783 -11.45 55.10 12.05
N ASP C 784 -11.37 53.83 12.46
CA ASP C 784 -10.59 53.40 13.62
C ASP C 784 -9.08 53.40 13.32
N MET C 785 -8.69 53.10 12.08
CA MET C 785 -7.28 52.91 11.75
C MET C 785 -6.42 54.13 12.08
N ASN C 786 -7.05 55.24 12.45
CA ASN C 786 -6.34 56.46 12.82
C ASN C 786 -5.61 56.32 14.16
N ILE C 787 -6.21 55.63 15.14
CA ILE C 787 -5.64 55.71 16.50
C ILE C 787 -4.31 54.99 16.65
N TRP C 788 -3.88 54.19 15.70
CA TRP C 788 -2.66 53.41 15.88
C TRP C 788 -1.40 54.23 15.59
N TYR C 789 -0.49 54.28 16.57
CA TYR C 789 0.76 55.01 16.49
C TYR C 789 1.93 54.02 16.32
N VAL C 790 2.98 54.47 15.65
CA VAL C 790 4.23 53.72 15.51
C VAL C 790 5.36 54.66 15.92
N ARG C 791 6.31 54.19 16.74
CA ARG C 791 7.38 55.09 17.16
C ARG C 791 8.51 54.99 16.14
N ASN C 792 9.12 56.15 15.85
CA ASN C 792 10.07 56.27 14.77
C ASN C 792 11.49 56.04 15.28
N GLY C 793 12.48 56.27 14.42
CA GLY C 793 13.87 55.98 14.77
C GLY C 793 14.44 56.83 15.90
N SER C 794 13.79 57.95 16.25
CA SER C 794 14.28 58.79 17.35
C SER C 794 13.53 58.51 18.64
N GLY C 795 12.66 57.52 18.66
CA GLY C 795 11.89 57.27 19.85
C GLY C 795 10.58 58.02 19.93
N GLY C 796 10.30 58.92 18.96
CA GLY C 796 9.06 59.64 18.97
C GLY C 796 7.96 58.85 18.30
N MET C 797 6.72 59.24 18.54
CA MET C 797 5.58 58.48 18.04
C MET C 797 5.03 59.24 16.84
N VAL C 798 4.60 58.52 15.81
CA VAL C 798 3.93 59.17 14.69
C VAL C 798 2.66 58.36 14.47
N PRO C 799 1.53 58.98 14.15
CA PRO C 799 0.31 58.20 13.97
C PRO C 799 0.13 57.74 12.52
N PHE C 800 -0.68 56.71 12.39
CA PHE C 800 -1.09 56.18 11.10
C PHE C 800 -1.71 57.23 10.20
N SER C 801 -2.50 58.15 10.77
CA SER C 801 -3.17 59.14 9.95
C SER C 801 -2.17 60.00 9.20
N ALA C 802 -0.92 60.06 9.67
CA ALA C 802 0.12 60.87 9.05
C ALA C 802 0.59 60.30 7.71
N PHE C 803 0.41 58.97 7.45
CA PHE C 803 0.99 58.38 6.26
C PHE C 803 0.17 57.31 5.53
N ALA C 804 -1.13 57.12 5.81
CA ALA C 804 -1.90 56.03 5.20
C ALA C 804 -3.28 56.49 4.77
N THR C 805 -3.84 55.84 3.75
CA THR C 805 -5.12 56.20 3.16
C THR C 805 -6.00 54.96 2.99
N GLY C 806 -7.30 55.17 2.94
CA GLY C 806 -8.26 54.10 2.77
C GLY C 806 -8.83 54.05 1.36
N HIS C 807 -9.27 52.88 0.94
CA HIS C 807 -9.75 52.75 -0.43
C HIS C 807 -10.76 51.61 -0.49
N TRP C 808 -11.99 51.91 -0.88
CA TRP C 808 -12.98 50.84 -1.03
C TRP C 808 -12.97 50.23 -2.43
N THR C 809 -13.31 48.94 -2.49
CA THR C 809 -13.41 48.22 -3.74
C THR C 809 -14.36 47.04 -3.56
N TYR C 810 -14.48 46.20 -4.59
CA TYR C 810 -15.30 44.99 -4.51
C TYR C 810 -14.49 43.84 -5.08
N GLY C 811 -14.70 42.64 -4.55
CA GLY C 811 -13.92 41.53 -5.07
C GLY C 811 -14.49 40.19 -4.66
N SER C 812 -13.87 39.14 -5.14
CA SER C 812 -14.36 37.80 -4.82
C SER C 812 -13.84 37.34 -3.46
N PRO C 813 -14.70 36.78 -2.61
CA PRO C 813 -14.22 36.12 -1.38
C PRO C 813 -13.71 34.69 -1.56
N LYS C 814 -14.09 33.99 -2.63
CA LYS C 814 -13.55 32.66 -2.94
C LYS C 814 -13.77 32.35 -4.42
N LEU C 815 -12.77 31.71 -5.01
CA LEU C 815 -12.79 31.31 -6.41
C LEU C 815 -12.79 29.80 -6.50
N GLU C 816 -13.62 29.26 -7.39
CA GLU C 816 -13.78 27.83 -7.56
C GLU C 816 -13.17 27.36 -8.87
N ARG C 817 -12.56 26.18 -8.86
CA ARG C 817 -12.05 25.59 -10.09
C ARG C 817 -12.52 24.16 -10.16
N TYR C 818 -13.07 23.77 -11.30
CA TYR C 818 -13.48 22.40 -11.53
C TYR C 818 -12.62 21.90 -12.68
N ASN C 819 -11.81 20.89 -12.40
CA ASN C 819 -10.85 20.37 -13.36
C ASN C 819 -10.05 21.51 -14.00
N GLY C 820 -9.65 22.46 -13.17
CA GLY C 820 -8.80 23.52 -13.65
C GLY C 820 -9.49 24.67 -14.32
N ILE C 821 -10.81 24.64 -14.43
CA ILE C 821 -11.54 25.72 -15.09
C ILE C 821 -12.27 26.51 -14.01
N SER C 822 -12.12 27.84 -14.04
CA SER C 822 -12.87 28.68 -13.11
C SER C 822 -14.36 28.35 -13.19
N ALA C 823 -15.02 28.34 -12.04
CA ALA C 823 -16.35 27.79 -11.98
C ALA C 823 -17.10 28.36 -10.78
N MET C 824 -18.39 28.01 -10.73
CA MET C 824 -19.26 28.30 -9.61
C MET C 824 -20.24 27.13 -9.49
N GLU C 825 -20.32 26.58 -8.29
CA GLU C 825 -21.14 25.41 -8.01
C GLU C 825 -22.56 25.80 -7.66
N ILE C 826 -23.50 25.05 -8.19
CA ILE C 826 -24.91 25.29 -7.94
C ILE C 826 -25.54 23.98 -7.48
N GLN C 827 -26.45 24.08 -6.53
CA GLN C 827 -27.15 22.93 -6.01
C GLN C 827 -28.64 23.24 -6.04
N GLY C 828 -29.42 22.17 -6.12
CA GLY C 828 -30.85 22.39 -6.17
C GLY C 828 -31.62 21.13 -5.84
N GLN C 829 -32.93 21.26 -5.90
CA GLN C 829 -33.81 20.16 -5.62
C GLN C 829 -34.77 20.01 -6.78
N ALA C 830 -35.27 18.80 -6.95
CA ALA C 830 -36.33 18.57 -7.92
C ALA C 830 -37.63 19.03 -7.30
N ALA C 831 -38.42 19.79 -8.06
CA ALA C 831 -39.67 20.27 -7.51
C ALA C 831 -40.57 19.10 -7.16
N PRO C 832 -41.47 19.27 -6.19
CA PRO C 832 -42.37 18.17 -5.89
C PRO C 832 -43.09 17.76 -7.17
N GLY C 833 -43.13 16.46 -7.42
CA GLY C 833 -43.64 15.97 -8.67
C GLY C 833 -42.63 15.80 -9.79
N LYS C 834 -41.37 16.17 -9.59
CA LYS C 834 -40.31 16.00 -10.58
C LYS C 834 -39.19 15.16 -10.00
N SER C 835 -38.48 14.45 -10.86
CA SER C 835 -37.36 13.61 -10.48
C SER C 835 -36.09 14.41 -10.50
N THR C 836 -35.03 13.83 -9.96
CA THR C 836 -33.72 14.48 -10.04
C THR C 836 -33.30 14.65 -11.50
N GLY C 837 -33.57 13.63 -12.32
CA GLY C 837 -33.22 13.71 -13.73
C GLY C 837 -33.95 14.81 -14.49
N GLN C 838 -35.25 14.99 -14.22
CA GLN C 838 -35.98 16.04 -14.90
C GLN C 838 -35.47 17.41 -14.54
N ALA C 839 -35.11 17.60 -13.27
CA ALA C 839 -34.49 18.84 -12.85
C ALA C 839 -33.17 19.07 -13.60
N MET C 840 -32.38 18.02 -13.79
CA MET C 840 -31.14 18.19 -14.55
C MET C 840 -31.40 18.56 -16.02
N THR C 841 -32.43 17.96 -16.62
CA THR C 841 -32.76 18.37 -18.00
C THR C 841 -33.19 19.83 -18.06
N ALA C 842 -33.98 20.29 -17.07
CA ALA C 842 -34.34 21.70 -17.02
C ALA C 842 -33.11 22.58 -16.84
N MET C 843 -32.17 22.14 -16.01
CA MET C 843 -30.96 22.91 -15.80
C MET C 843 -30.14 23.02 -17.08
N GLU C 844 -30.02 21.92 -17.84
CA GLU C 844 -29.31 22.00 -19.12
C GLU C 844 -30.04 22.88 -20.13
N THR C 845 -31.37 22.82 -20.17
CA THR C 845 -32.12 23.71 -21.06
C THR C 845 -31.84 25.18 -20.72
N LEU C 846 -31.81 25.52 -19.42
CA LEU C 846 -31.56 26.91 -19.05
C LEU C 846 -30.11 27.30 -19.32
N ALA C 847 -29.16 26.41 -19.02
CA ALA C 847 -27.75 26.70 -19.29
C ALA C 847 -27.51 26.91 -20.77
N LYS C 848 -28.26 26.20 -21.63
CA LYS C 848 -28.15 26.40 -23.08
C LYS C 848 -28.37 27.85 -23.46
N LYS C 849 -29.16 28.59 -22.68
CA LYS C 849 -29.53 29.95 -22.99
C LYS C 849 -28.57 30.98 -22.39
N LEU C 850 -27.45 30.54 -21.81
CA LEU C 850 -26.45 31.43 -21.20
C LEU C 850 -25.47 31.91 -22.26
N PRO C 851 -24.66 32.94 -21.97
CA PRO C 851 -23.75 33.46 -22.98
C PRO C 851 -22.79 32.39 -23.48
N THR C 852 -22.41 32.53 -24.74
CA THR C 852 -21.45 31.63 -25.36
C THR C 852 -20.15 31.63 -24.56
N GLY C 853 -19.58 30.44 -24.35
CA GLY C 853 -18.38 30.29 -23.58
C GLY C 853 -18.60 29.84 -22.15
N ILE C 854 -19.81 29.98 -21.63
CA ILE C 854 -20.16 29.47 -20.32
C ILE C 854 -20.68 28.05 -20.50
N GLY C 855 -19.90 27.07 -20.06
CA GLY C 855 -20.29 25.68 -20.14
C GLY C 855 -20.65 25.11 -18.77
N TYR C 856 -20.76 23.80 -18.75
CA TYR C 856 -21.14 23.21 -17.48
C TYR C 856 -20.72 21.76 -17.42
N SER C 857 -20.64 21.25 -16.19
CA SER C 857 -20.42 19.85 -15.94
C SER C 857 -21.33 19.46 -14.80
N TRP C 858 -21.52 18.16 -14.63
CA TRP C 858 -22.26 17.61 -13.51
C TRP C 858 -21.27 16.87 -12.63
N THR C 859 -21.47 16.92 -11.32
CA THR C 859 -20.53 16.30 -10.42
C THR C 859 -21.24 15.62 -9.26
N GLY C 860 -20.50 14.79 -8.54
CA GLY C 860 -21.10 14.19 -7.35
C GLY C 860 -22.28 13.32 -7.71
N LEU C 861 -23.38 13.47 -6.95
CA LEU C 861 -24.57 12.67 -7.22
C LEU C 861 -25.02 12.79 -8.65
N SER C 862 -24.92 13.98 -9.24
CA SER C 862 -25.42 14.16 -10.60
C SER C 862 -24.63 13.31 -11.60
N PHE C 863 -23.31 13.32 -11.47
CA PHE C 863 -22.40 12.54 -12.31
C PHE C 863 -22.67 11.05 -12.17
N GLN C 864 -22.80 10.58 -10.93
CA GLN C 864 -23.07 9.17 -10.70
C GLN C 864 -24.46 8.79 -11.24
N GLU C 865 -25.41 9.72 -11.13
CA GLU C 865 -26.75 9.47 -11.67
C GLU C 865 -26.71 9.29 -13.17
N ILE C 866 -25.93 10.15 -13.84
CA ILE C 866 -25.76 10.06 -15.28
C ILE C 866 -25.13 8.72 -15.67
N GLN C 867 -24.12 8.30 -14.92
CA GLN C 867 -23.53 6.97 -15.15
C GLN C 867 -24.59 5.89 -15.06
N SER C 868 -25.35 5.87 -13.96
CA SER C 868 -26.41 4.90 -13.76
C SER C 868 -27.37 4.86 -14.94
N GLY C 869 -27.99 6.00 -15.22
CA GLY C 869 -29.06 6.06 -16.20
C GLY C 869 -28.59 5.70 -17.60
N SER C 870 -27.40 6.18 -17.98
CA SER C 870 -26.92 5.90 -19.32
C SER C 870 -26.31 4.51 -19.47
N GLN C 871 -25.81 3.91 -18.38
CA GLN C 871 -25.26 2.57 -18.52
C GLN C 871 -26.31 1.47 -18.45
N ALA C 872 -27.46 1.72 -17.81
CA ALA C 872 -28.44 0.65 -17.70
C ALA C 872 -28.83 -0.04 -19.01
N PRO C 873 -29.19 0.68 -20.09
CA PRO C 873 -29.56 -0.05 -21.33
C PRO C 873 -28.45 -0.92 -21.87
N ILE C 874 -27.20 -0.48 -21.81
CA ILE C 874 -26.09 -1.31 -22.29
C ILE C 874 -25.98 -2.57 -21.44
N LEU C 875 -26.15 -2.43 -20.12
CA LEU C 875 -26.09 -3.59 -19.24
C LEU C 875 -27.26 -4.55 -19.48
N TYR C 876 -28.45 -4.01 -19.79
CA TYR C 876 -29.57 -4.88 -20.17
C TYR C 876 -29.21 -5.68 -21.43
N ALA C 877 -28.65 -5.00 -22.42
CA ALA C 877 -28.26 -5.68 -23.66
C ALA C 877 -27.24 -6.77 -23.37
N ILE C 878 -26.20 -6.45 -22.58
CA ILE C 878 -25.18 -7.45 -22.29
C ILE C 878 -25.80 -8.61 -21.51
N SER C 879 -26.72 -8.31 -20.59
CA SER C 879 -27.40 -9.35 -19.81
C SER C 879 -28.24 -10.28 -20.70
N ILE C 880 -28.98 -9.73 -21.66
CA ILE C 880 -29.75 -10.55 -22.59
C ILE C 880 -28.79 -11.45 -23.39
N LEU C 881 -27.68 -10.86 -23.88
CA LEU C 881 -26.69 -11.64 -24.61
C LEU C 881 -26.13 -12.77 -23.77
N VAL C 882 -25.84 -12.51 -22.48
CA VAL C 882 -25.25 -13.56 -21.65
C VAL C 882 -26.27 -14.66 -21.36
N VAL C 883 -27.51 -14.30 -21.06
CA VAL C 883 -28.50 -15.34 -20.85
C VAL C 883 -28.63 -16.18 -22.09
N PHE C 884 -28.66 -15.54 -23.26
CA PHE C 884 -28.72 -16.27 -24.52
C PHE C 884 -27.59 -17.30 -24.63
N LEU C 885 -26.35 -16.85 -24.44
CA LEU C 885 -25.20 -17.74 -24.59
C LEU C 885 -25.20 -18.83 -23.52
N CYS C 886 -25.60 -18.50 -22.28
CA CYS C 886 -25.61 -19.50 -21.22
C CYS C 886 -26.59 -20.62 -21.52
N LEU C 887 -27.82 -20.26 -21.95
CA LEU C 887 -28.78 -21.30 -22.30
C LEU C 887 -28.36 -22.01 -23.57
N ALA C 888 -27.71 -21.30 -24.49
CA ALA C 888 -27.20 -21.97 -25.67
C ALA C 888 -26.20 -23.06 -25.28
N ALA C 889 -25.32 -22.77 -24.34
CA ALA C 889 -24.36 -23.78 -23.91
C ALA C 889 -25.06 -24.91 -23.16
N LEU C 890 -25.92 -24.56 -22.18
CA LEU C 890 -26.56 -25.54 -21.30
C LEU C 890 -27.40 -26.52 -22.10
N TYR C 891 -28.16 -26.03 -23.08
CA TYR C 891 -29.13 -26.84 -23.79
C TYR C 891 -28.69 -27.21 -25.22
N GLU C 892 -27.46 -26.91 -25.62
CA GLU C 892 -26.90 -27.31 -26.91
C GLU C 892 -27.90 -27.04 -28.03
N SER C 893 -28.32 -25.79 -28.11
CA SER C 893 -29.32 -25.35 -29.08
C SER C 893 -29.22 -23.85 -29.27
N TRP C 894 -29.37 -23.40 -30.51
CA TRP C 894 -29.57 -21.97 -30.72
C TRP C 894 -31.04 -21.58 -30.73
N SER C 895 -31.96 -22.55 -30.71
CA SER C 895 -33.39 -22.30 -30.78
C SER C 895 -34.00 -22.17 -29.39
N ILE C 896 -33.56 -22.97 -28.42
CA ILE C 896 -34.01 -22.78 -27.03
C ILE C 896 -33.69 -21.39 -26.51
N PRO C 897 -32.43 -20.91 -26.54
CA PRO C 897 -32.18 -19.57 -26.00
C PRO C 897 -32.96 -18.50 -26.74
N PHE C 898 -33.15 -18.63 -28.05
CA PHE C 898 -33.91 -17.61 -28.76
C PHE C 898 -35.37 -17.63 -28.31
N SER C 899 -35.99 -18.80 -28.28
CA SER C 899 -37.38 -18.87 -27.84
C SER C 899 -37.53 -18.40 -26.39
N VAL C 900 -36.45 -18.42 -25.61
CA VAL C 900 -36.51 -17.88 -24.26
C VAL C 900 -36.37 -16.35 -24.26
N ILE C 901 -35.35 -15.84 -24.97
CA ILE C 901 -35.03 -14.41 -25.00
C ILE C 901 -36.22 -13.59 -25.47
N MET C 902 -36.95 -14.11 -26.45
CA MET C 902 -38.05 -13.28 -26.95
C MET C 902 -39.15 -13.07 -25.93
N VAL C 903 -39.15 -13.82 -24.83
CA VAL C 903 -40.16 -13.59 -23.78
C VAL C 903 -39.85 -12.35 -22.94
N VAL C 904 -38.61 -11.86 -22.99
CA VAL C 904 -38.17 -10.80 -22.07
C VAL C 904 -39.07 -9.56 -22.11
N PRO C 905 -39.44 -9.00 -23.28
CA PRO C 905 -40.32 -7.83 -23.25
C PRO C 905 -41.64 -8.11 -22.55
N LEU C 906 -42.10 -9.38 -22.57
CA LEU C 906 -43.35 -9.73 -21.89
C LEU C 906 -43.26 -9.56 -20.39
N GLY C 907 -42.07 -9.59 -19.79
CA GLY C 907 -41.93 -9.34 -18.37
C GLY C 907 -41.57 -7.89 -18.11
N VAL C 908 -40.73 -7.35 -18.99
CA VAL C 908 -40.35 -5.94 -18.87
C VAL C 908 -41.60 -5.07 -18.89
N ILE C 909 -42.49 -5.29 -19.87
CA ILE C 909 -43.73 -4.52 -19.95
C ILE C 909 -44.41 -4.45 -18.59
N GLY C 910 -44.54 -5.59 -17.91
CA GLY C 910 -45.15 -5.57 -16.59
C GLY C 910 -44.37 -4.73 -15.60
N ALA C 911 -43.03 -4.87 -15.60
CA ALA C 911 -42.19 -4.14 -14.66
C ALA C 911 -42.36 -2.63 -14.82
N LEU C 912 -42.05 -2.12 -16.02
CA LEU C 912 -42.11 -0.67 -16.22
C LEU C 912 -43.54 -0.15 -16.30
N LEU C 913 -44.50 -0.99 -16.66
CA LEU C 913 -45.88 -0.56 -16.58
C LEU C 913 -46.31 -0.35 -15.13
N ALA C 914 -45.96 -1.28 -14.24
CA ALA C 914 -46.26 -1.08 -12.82
C ALA C 914 -45.54 0.15 -12.29
N ALA C 915 -44.29 0.37 -12.72
CA ALA C 915 -43.56 1.56 -12.33
C ALA C 915 -44.30 2.82 -12.75
N THR C 916 -44.76 2.86 -14.00
CA THR C 916 -45.48 4.03 -14.49
C THR C 916 -46.76 4.25 -13.72
N LEU C 917 -47.51 3.17 -13.45
CA LEU C 917 -48.77 3.28 -12.72
C LEU C 917 -48.55 3.86 -11.33
N ARG C 918 -47.59 3.29 -10.59
CA ARG C 918 -47.34 3.74 -9.22
C ARG C 918 -46.78 5.15 -9.16
N GLY C 919 -46.31 5.68 -10.29
CA GLY C 919 -45.66 6.98 -10.30
C GLY C 919 -44.20 6.97 -9.91
N LEU C 920 -43.55 5.82 -9.89
CA LEU C 920 -42.16 5.73 -9.51
C LEU C 920 -41.29 6.05 -10.72
N GLU C 921 -39.97 5.95 -10.54
CA GLU C 921 -39.05 6.52 -11.51
C GLU C 921 -37.93 5.55 -11.82
N ASN C 922 -37.31 5.75 -12.98
CA ASN C 922 -36.27 4.87 -13.51
C ASN C 922 -34.98 5.13 -12.74
N ASP C 923 -34.90 4.50 -11.58
CA ASP C 923 -33.78 4.69 -10.68
C ASP C 923 -32.99 3.39 -10.53
N VAL C 924 -32.00 3.44 -9.64
CA VAL C 924 -31.12 2.30 -9.43
C VAL C 924 -31.92 1.07 -9.07
N PHE C 925 -32.86 1.22 -8.13
CA PHE C 925 -33.68 0.10 -7.68
C PHE C 925 -34.52 -0.45 -8.81
N PHE C 926 -35.13 0.43 -9.60
CA PHE C 926 -35.86 -0.01 -10.78
C PHE C 926 -34.92 -0.68 -11.75
N GLN C 927 -33.65 -0.29 -11.78
CA GLN C 927 -32.74 -0.91 -12.74
C GLN C 927 -32.40 -2.34 -12.31
N VAL C 928 -32.09 -2.56 -11.02
CA VAL C 928 -31.95 -3.96 -10.59
C VAL C 928 -33.27 -4.68 -10.77
N GLY C 929 -34.39 -3.96 -10.65
CA GLY C 929 -35.66 -4.57 -10.96
C GLY C 929 -35.74 -5.05 -12.41
N LEU C 930 -35.27 -4.24 -13.35
CA LEU C 930 -35.31 -4.66 -14.74
C LEU C 930 -34.41 -5.88 -14.98
N LEU C 931 -33.20 -5.86 -14.41
CA LEU C 931 -32.37 -7.07 -14.46
C LEU C 931 -33.12 -8.28 -13.93
N THR C 932 -33.71 -8.10 -12.75
CA THR C 932 -34.41 -9.20 -12.09
C THR C 932 -35.55 -9.74 -12.93
N THR C 933 -36.35 -8.88 -13.57
CA THR C 933 -37.49 -9.41 -14.32
C THR C 933 -37.01 -10.06 -15.61
N VAL C 934 -35.88 -9.60 -16.17
CA VAL C 934 -35.27 -10.36 -17.27
C VAL C 934 -35.02 -11.80 -16.81
N GLY C 935 -34.38 -11.95 -15.64
CA GLY C 935 -34.17 -13.28 -15.09
C GLY C 935 -35.48 -14.04 -14.92
N LEU C 936 -36.50 -13.36 -14.37
CA LEU C 936 -37.77 -14.01 -14.06
C LEU C 936 -38.50 -14.46 -15.30
N SER C 937 -38.60 -13.58 -16.30
CA SER C 937 -39.30 -13.94 -17.52
C SER C 937 -38.56 -15.06 -18.27
N ALA C 938 -37.22 -15.03 -18.25
CA ALA C 938 -36.48 -16.15 -18.83
C ALA C 938 -36.73 -17.43 -18.04
N LYS C 939 -36.89 -17.33 -16.72
CA LYS C 939 -37.23 -18.49 -15.89
C LYS C 939 -38.54 -19.11 -16.35
N ASN C 940 -39.57 -18.28 -16.50
CA ASN C 940 -40.86 -18.82 -16.93
C ASN C 940 -40.79 -19.39 -18.35
N ALA C 941 -40.04 -18.75 -19.25
CA ALA C 941 -39.91 -19.29 -20.60
C ALA C 941 -39.25 -20.65 -20.56
N ILE C 942 -38.15 -20.78 -19.81
CA ILE C 942 -37.39 -22.02 -19.81
C ILE C 942 -38.21 -23.19 -19.29
N LEU C 943 -39.00 -22.98 -18.22
CA LEU C 943 -39.78 -24.10 -17.68
C LEU C 943 -40.63 -24.79 -18.76
N ILE C 944 -41.19 -24.01 -19.69
CA ILE C 944 -41.98 -24.61 -20.76
C ILE C 944 -41.08 -25.17 -21.85
N VAL C 945 -40.11 -24.37 -22.31
CA VAL C 945 -39.42 -24.68 -23.56
C VAL C 945 -38.53 -25.92 -23.41
N GLU C 946 -37.77 -26.03 -22.30
CA GLU C 946 -36.91 -27.20 -22.19
C GLU C 946 -37.72 -28.49 -22.26
N PHE C 947 -38.81 -28.56 -21.48
CA PHE C 947 -39.58 -29.80 -21.42
C PHE C 947 -40.30 -30.06 -22.73
N ALA C 948 -40.74 -29.02 -23.44
CA ALA C 948 -41.33 -29.23 -24.75
C ALA C 948 -40.31 -29.87 -25.70
N ARG C 949 -39.07 -29.37 -25.69
CA ARG C 949 -38.03 -30.00 -26.52
C ARG C 949 -37.76 -31.45 -26.08
N GLU C 950 -37.65 -31.69 -24.77
CA GLU C 950 -37.34 -33.02 -24.28
C GLU C 950 -38.51 -33.98 -24.49
N LEU C 951 -39.72 -33.47 -24.69
CA LEU C 951 -40.84 -34.31 -25.07
C LEU C 951 -40.85 -34.57 -26.57
N GLN C 952 -40.55 -33.55 -27.37
CA GLN C 952 -40.67 -33.68 -28.81
C GLN C 952 -39.78 -34.80 -29.32
N GLN C 953 -38.66 -35.07 -28.65
CA GLN C 953 -37.70 -36.04 -29.18
C GLN C 953 -37.48 -37.25 -28.28
N THR C 954 -38.12 -37.34 -27.12
CA THR C 954 -38.11 -38.58 -26.32
C THR C 954 -39.42 -39.33 -26.42
N GLU C 955 -40.54 -38.62 -26.37
CA GLU C 955 -41.84 -39.15 -26.75
C GLU C 955 -42.23 -38.37 -28.00
N ASN C 956 -41.89 -38.92 -29.16
CA ASN C 956 -41.91 -38.13 -30.39
C ASN C 956 -43.26 -37.46 -30.61
N MET C 957 -43.26 -36.13 -30.54
CA MET C 957 -44.45 -35.32 -30.69
C MET C 957 -44.21 -34.25 -31.73
N GLY C 958 -45.30 -33.74 -32.29
CA GLY C 958 -45.20 -32.59 -33.16
C GLY C 958 -44.87 -31.40 -32.29
N PRO C 959 -44.26 -30.36 -32.86
CA PRO C 959 -43.96 -29.18 -32.04
C PRO C 959 -45.18 -28.61 -31.33
N ILE C 960 -46.33 -28.56 -32.00
CA ILE C 960 -47.50 -27.91 -31.41
C ILE C 960 -48.01 -28.72 -30.20
N GLU C 961 -47.95 -30.04 -30.28
CA GLU C 961 -48.46 -30.82 -29.17
C GLU C 961 -47.42 -31.06 -28.10
N ALA C 962 -46.12 -31.10 -28.47
CA ALA C 962 -45.09 -31.15 -27.44
C ALA C 962 -45.18 -29.91 -26.59
N ALA C 963 -45.31 -28.75 -27.25
CA ALA C 963 -45.44 -27.48 -26.55
C ALA C 963 -46.64 -27.48 -25.63
N LEU C 964 -47.78 -27.98 -26.11
CA LEU C 964 -48.96 -27.89 -25.27
C LEU C 964 -48.92 -28.88 -24.11
N GLU C 965 -48.37 -30.09 -24.31
CA GLU C 965 -48.17 -31.03 -23.19
C GLU C 965 -47.20 -30.49 -22.15
N ALA C 966 -46.08 -29.90 -22.58
CA ALA C 966 -45.16 -29.31 -21.61
C ALA C 966 -45.86 -28.20 -20.84
N ALA C 967 -46.65 -27.39 -21.54
CA ALA C 967 -47.40 -26.33 -20.88
C ALA C 967 -48.40 -26.90 -19.88
N ARG C 968 -49.13 -27.93 -20.29
CA ARG C 968 -50.13 -28.52 -19.40
C ARG C 968 -49.49 -29.06 -18.13
N LEU C 969 -48.34 -29.73 -18.25
CA LEU C 969 -47.76 -30.31 -17.03
C LEU C 969 -47.13 -29.25 -16.14
N ARG C 970 -46.48 -28.23 -16.74
CA ARG C 970 -45.70 -27.24 -16.01
C ARG C 970 -46.49 -26.04 -15.49
N LEU C 971 -47.73 -25.81 -15.97
CA LEU C 971 -48.44 -24.62 -15.51
C LEU C 971 -48.54 -24.53 -14.00
N ARG C 972 -48.87 -25.65 -13.33
CA ARG C 972 -49.02 -25.62 -11.88
C ARG C 972 -47.74 -25.17 -11.18
N PRO C 973 -46.55 -25.75 -11.42
CA PRO C 973 -45.35 -25.23 -10.77
C PRO C 973 -44.95 -23.83 -11.23
N ILE C 974 -45.20 -23.45 -12.49
CA ILE C 974 -44.91 -22.08 -12.91
C ILE C 974 -45.71 -21.11 -12.05
N LEU C 975 -47.00 -21.40 -11.87
CA LEU C 975 -47.84 -20.53 -11.04
C LEU C 975 -47.38 -20.53 -9.59
N MET C 976 -47.04 -21.71 -9.04
CA MET C 976 -46.51 -21.74 -7.67
C MET C 976 -45.30 -20.82 -7.52
N THR C 977 -44.32 -20.96 -8.40
CA THR C 977 -43.08 -20.21 -8.26
C THR C 977 -43.32 -18.72 -8.45
N SER C 978 -44.10 -18.36 -9.47
CA SER C 978 -44.36 -16.96 -9.74
C SER C 978 -45.07 -16.29 -8.58
N LEU C 979 -46.09 -16.94 -8.02
CA LEU C 979 -46.79 -16.30 -6.91
C LEU C 979 -45.96 -16.36 -5.64
N ALA C 980 -45.10 -17.36 -5.47
CA ALA C 980 -44.16 -17.33 -4.35
C ALA C 980 -43.28 -16.08 -4.42
N PHE C 981 -42.72 -15.77 -5.59
CA PHE C 981 -41.91 -14.56 -5.71
C PHE C 981 -42.74 -13.32 -5.44
N ILE C 982 -43.91 -13.22 -6.07
CA ILE C 982 -44.72 -12.00 -5.94
C ILE C 982 -45.10 -11.78 -4.48
N LEU C 983 -45.52 -12.84 -3.77
CA LEU C 983 -45.92 -12.61 -2.39
C LEU C 983 -44.74 -12.42 -1.44
N GLY C 984 -43.63 -13.14 -1.65
CA GLY C 984 -42.47 -12.90 -0.82
C GLY C 984 -41.93 -11.49 -0.95
N VAL C 985 -42.08 -10.89 -2.14
CA VAL C 985 -41.63 -9.53 -2.38
C VAL C 985 -42.71 -8.50 -2.06
N MET C 986 -43.97 -8.92 -1.93
CA MET C 986 -45.05 -7.98 -1.68
C MET C 986 -44.83 -7.14 -0.42
N PRO C 987 -44.39 -7.70 0.73
CA PRO C 987 -44.25 -6.85 1.93
C PRO C 987 -43.20 -5.76 1.71
N LEU C 988 -42.54 -5.73 0.55
CA LEU C 988 -41.73 -4.59 0.18
C LEU C 988 -42.53 -3.57 -0.62
N ALA C 989 -43.29 -4.02 -1.62
CA ALA C 989 -44.07 -3.09 -2.43
C ALA C 989 -45.03 -2.26 -1.58
N ILE C 990 -45.44 -2.78 -0.42
CA ILE C 990 -46.14 -2.01 0.60
C ILE C 990 -45.32 -2.05 1.86
N SER C 991 -45.28 -0.95 2.61
CA SER C 991 -44.51 -0.89 3.84
C SER C 991 -44.88 0.36 4.61
N ASN C 992 -44.88 0.25 5.93
CA ASN C 992 -45.16 1.36 6.85
C ASN C 992 -44.01 1.57 7.82
N GLY C 993 -42.78 1.55 7.30
CA GLY C 993 -41.57 1.67 8.09
C GLY C 993 -40.43 2.48 7.47
N ALA C 994 -39.27 2.44 8.10
CA ALA C 994 -38.11 3.18 7.63
C ALA C 994 -37.57 2.63 6.31
N GLY C 995 -37.24 3.53 5.39
CA GLY C 995 -36.75 3.11 4.09
C GLY C 995 -37.82 2.77 3.08
N SER C 996 -39.00 3.38 3.21
CA SER C 996 -40.19 3.00 2.42
C SER C 996 -39.99 3.22 0.93
N ALA C 997 -39.43 4.37 0.53
CA ALA C 997 -39.27 4.69 -0.87
C ALA C 997 -38.33 3.71 -1.55
N SER C 998 -37.27 3.29 -0.85
CA SER C 998 -36.33 2.32 -1.39
C SER C 998 -37.02 0.98 -1.67
N GLN C 999 -37.73 0.46 -0.65
CA GLN C 999 -38.44 -0.80 -0.78
C GLN C 999 -39.48 -0.71 -1.89
N HIS C 1000 -40.15 0.44 -2.00
CA HIS C 1000 -41.11 0.64 -3.09
C HIS C 1000 -40.44 0.60 -4.45
N ALA C 1001 -39.39 1.42 -4.61
CA ALA C 1001 -38.69 1.54 -5.88
C ALA C 1001 -38.19 0.21 -6.36
N ILE C 1002 -37.74 -0.65 -5.43
CA ILE C 1002 -37.25 -1.95 -5.85
C ILE C 1002 -38.38 -2.96 -6.04
N GLY C 1003 -39.36 -2.99 -5.14
CA GLY C 1003 -40.36 -4.03 -5.17
C GLY C 1003 -41.32 -3.90 -6.32
N THR C 1004 -41.77 -2.68 -6.61
CA THR C 1004 -42.85 -2.50 -7.58
C THR C 1004 -42.48 -3.05 -8.95
N GLY C 1005 -41.26 -2.74 -9.42
CA GLY C 1005 -40.86 -3.18 -10.75
C GLY C 1005 -40.86 -4.69 -10.90
N VAL C 1006 -40.30 -5.40 -9.91
CA VAL C 1006 -40.24 -6.85 -10.03
C VAL C 1006 -41.62 -7.47 -9.80
N ILE C 1007 -42.46 -6.83 -8.97
CA ILE C 1007 -43.83 -7.33 -8.84
C ILE C 1007 -44.50 -7.32 -10.22
N GLY C 1008 -44.43 -6.18 -10.91
CA GLY C 1008 -45.01 -6.11 -12.25
C GLY C 1008 -44.36 -7.08 -13.23
N GLY C 1009 -43.03 -7.19 -13.16
CA GLY C 1009 -42.32 -8.07 -14.07
C GLY C 1009 -42.75 -9.52 -13.92
N MET C 1010 -42.81 -10.00 -12.68
CA MET C 1010 -43.26 -11.38 -12.45
C MET C 1010 -44.70 -11.56 -12.85
N ILE C 1011 -45.56 -10.57 -12.57
CA ILE C 1011 -46.97 -10.72 -12.92
C ILE C 1011 -47.16 -10.94 -14.41
N THR C 1012 -46.57 -10.08 -15.25
CA THR C 1012 -46.79 -10.26 -16.68
C THR C 1012 -45.87 -11.29 -17.33
N ALA C 1013 -44.78 -11.68 -16.65
CA ALA C 1013 -43.95 -12.78 -17.13
C ALA C 1013 -44.58 -14.12 -16.83
N THR C 1014 -45.56 -14.13 -15.94
CA THR C 1014 -46.33 -15.33 -15.68
C THR C 1014 -47.64 -15.31 -16.45
N PHE C 1015 -48.41 -14.24 -16.32
CA PHE C 1015 -49.78 -14.24 -16.79
C PHE C 1015 -49.95 -13.75 -18.23
N LEU C 1016 -48.95 -13.08 -18.80
CA LEU C 1016 -48.92 -12.86 -20.25
C LEU C 1016 -48.03 -13.83 -21.00
N ALA C 1017 -46.91 -14.27 -20.41
CA ALA C 1017 -45.99 -15.14 -21.13
C ALA C 1017 -46.57 -16.54 -21.35
N ILE C 1018 -47.24 -17.10 -20.35
CA ILE C 1018 -47.68 -18.48 -20.49
C ILE C 1018 -48.62 -18.65 -21.69
N PHE C 1019 -49.24 -17.57 -22.17
CA PHE C 1019 -50.01 -17.67 -23.40
C PHE C 1019 -49.11 -17.56 -24.62
N MET C 1020 -47.99 -16.85 -24.51
CA MET C 1020 -47.15 -16.57 -25.66
C MET C 1020 -46.04 -17.60 -25.85
N ILE C 1021 -45.65 -18.31 -24.79
CA ILE C 1021 -44.51 -19.22 -24.89
C ILE C 1021 -44.76 -20.39 -25.83
N PRO C 1022 -45.91 -21.08 -25.78
CA PRO C 1022 -46.10 -22.18 -26.74
C PRO C 1022 -45.93 -21.73 -28.18
N MET C 1023 -46.59 -20.63 -28.54
CA MET C 1023 -46.51 -20.14 -29.90
C MET C 1023 -45.08 -19.72 -30.24
N PHE C 1024 -44.39 -19.07 -29.31
CA PHE C 1024 -42.98 -18.76 -29.53
C PHE C 1024 -42.19 -20.02 -29.84
N PHE C 1025 -42.38 -21.07 -29.04
CA PHE C 1025 -41.60 -22.29 -29.23
C PHE C 1025 -41.89 -22.89 -30.60
N VAL C 1026 -43.17 -23.00 -30.96
CA VAL C 1026 -43.49 -23.63 -32.24
C VAL C 1026 -42.94 -22.78 -33.38
N LYS C 1027 -43.10 -21.45 -33.31
CA LYS C 1027 -42.61 -20.59 -34.38
C LYS C 1027 -41.11 -20.76 -34.55
N VAL C 1028 -40.37 -20.70 -33.45
CA VAL C 1028 -38.92 -20.79 -33.52
C VAL C 1028 -38.49 -22.17 -33.98
N ARG C 1029 -39.13 -23.23 -33.48
CA ARG C 1029 -38.78 -24.57 -33.93
C ARG C 1029 -38.94 -24.69 -35.44
N ALA C 1030 -40.10 -24.25 -35.95
CA ALA C 1030 -40.35 -24.35 -37.38
C ALA C 1030 -39.34 -23.55 -38.20
N VAL C 1031 -39.07 -22.30 -37.79
CA VAL C 1031 -38.21 -21.50 -38.66
C VAL C 1031 -36.72 -21.81 -38.48
N PHE C 1032 -36.30 -22.31 -37.32
CA PHE C 1032 -34.88 -22.63 -37.12
C PHE C 1032 -34.52 -24.02 -37.62
N SER C 1033 -35.41 -25.01 -37.47
CA SER C 1033 -35.07 -26.37 -37.89
C SER C 1033 -36.28 -27.10 -38.50
N GLY C 1034 -37.15 -26.38 -39.21
CA GLY C 1034 -38.30 -27.01 -39.82
C GLY C 1034 -38.88 -26.27 -41.01
#